data_7UTS
#
_entry.id   7UTS
#
_cell.length_a   1.00
_cell.length_b   1.00
_cell.length_c   1.00
_cell.angle_alpha   90.00
_cell.angle_beta   90.00
_cell.angle_gamma   90.00
#
_symmetry.space_group_name_H-M   'P 1'
#
loop_
_entity.id
_entity.type
_entity.pdbx_description
1 polymer 'Capsid protein VP1'
2 polymer 'Light chain antibody fragment'
3 polymer 'Heavy chain antibody fragment'
#
loop_
_entity_poly.entity_id
_entity_poly.type
_entity_poly.pdbx_seq_one_letter_code
_entity_poly.pdbx_strand_id
1 'polypeptide(L)'
;GVGISTGTFNNQTEFKFLENGWVEITANSSRLVHLNMPESENYRRVVVNNMDKTAVNGNMALDDIHAQIVTPWSLVDANA
WGVWFNPGDWQLIVNTMSELHLVSFEQEIFNVVLKTVSESATQPPTKVYNNDLTASLMVALDSNNTMPFTPAAMRSETLG
FYPWKPTIPTPWRYYFQWDRTLIPSHTGTSGTPTNIYHGTDPDDVQFYTIENSVPVHLLRTGDEFATGTFFFDCKPCRLT
HTWQTNRALGLPPFLNSLPQSEGATNFGDIGVQQDKRRGVTQMGNTNYITEATIMRPAEVGYSAPYYSFEASTQGPFKTP
IAAGRGGAQTDENQAADGNPRYAFGRQHGQKTTTTGETPERFTYIAHQDTGRYPEGDWIQNINFNLPVTNDNVLLPTDPI
GGKTGINYTNIFNTYGPLTALNNVPPVYPNGQIWDKEFDTDLKPRLHVNAPFVCQNNCPGQLFVKVAPNLTNEYDPDASA
NMSRIVTYSDFWWKGKLVFKAKLRASHTWNPIQQMSINVDNQFNYVPSNIGGMKIVYEKSQLAPRKLY
;
G,A,B,E,I,F,C,D
2 'polypeptide(L)'
;(UNK)(UNK)(UNK)(UNK)(UNK)(UNK)(UNK)(UNK)(UNK)(UNK)(UNK)(UNK)(UNK)(UNK)(UNK)(UNK)
(UNK)(UNK)(UNK)(UNK)(UNK)(UNK)(UNK)(UNK)(UNK)(UNK)(UNK)(UNK)(UNK)(UNK)(UNK)(UNK)
(UNK)(UNK)(UNK)(UNK)(UNK)(UNK)(UNK)(UNK)(UNK)(UNK)(UNK)(UNK)(UNK)(UNK)(UNK)(UNK)
(UNK)(UNK)(UNK)(UNK)(UNK)(UNK)(UNK)(UNK)(UNK)(UNK)(UNK)(UNK)(UNK)(UNK)(UNK)(UNK)
(UNK)(UNK)(UNK)(UNK)(UNK)(UNK)(UNK)(UNK)(UNK)(UNK)(UNK)(UNK)(UNK)(UNK)(UNK)(UNK)
(UNK)(UNK)(UNK)(UNK)(UNK)(UNK)(UNK)(UNK)(UNK)(UNK)(UNK)(UNK)(UNK)
;
L
3 'polypeptide(L)'
;(UNK)(UNK)(UNK)(UNK)(UNK)(UNK)(UNK)(UNK)(UNK)(UNK)(UNK)(UNK)(UNK)(UNK)(UNK)(UNK)
(UNK)(UNK)(UNK)(UNK)(UNK)(UNK)(UNK)(UNK)(UNK)(UNK)(UNK)(UNK)(UNK)(UNK)(UNK)(UNK)
(UNK)(UNK)(UNK)(UNK)(UNK)(UNK)(UNK)(UNK)(UNK)(UNK)(UNK)(UNK)(UNK)(UNK)(UNK)(UNK)
(UNK)(UNK)(UNK)(UNK)(UNK)(UNK)(UNK)(UNK)(UNK)(UNK)(UNK)(UNK)(UNK)(UNK)(UNK)(UNK)
(UNK)(UNK)(UNK)(UNK)(UNK)(UNK)(UNK)(UNK)(UNK)(UNK)(UNK)(UNK)(UNK)(UNK)(UNK)(UNK)
(UNK)(UNK)(UNK)(UNK)(UNK)(UNK)(UNK)(UNK)(UNK)(UNK)(UNK)(UNK)(UNK)(UNK)(UNK)(UNK)
(UNK)(UNK)(UNK)(UNK)(UNK)(UNK)(UNK)(UNK)(UNK)(UNK)(UNK)(UNK)(UNK)(UNK)
;
H
#
# COMPACT_ATOMS: atom_id res chain seq x y z
N GLY A 1 -40.62 30.36 -28.71
CA GLY A 1 -40.35 30.13 -30.17
C GLY A 1 -39.07 30.78 -30.64
N VAL A 2 -38.87 30.78 -31.96
CA VAL A 2 -37.65 31.35 -32.52
C VAL A 2 -37.62 32.86 -32.38
N GLY A 3 -38.76 33.51 -32.39
CA GLY A 3 -38.75 34.95 -32.55
C GLY A 3 -38.30 35.76 -31.35
N ILE A 4 -38.09 35.12 -30.20
CA ILE A 4 -37.93 35.82 -28.93
C ILE A 4 -36.51 35.62 -28.43
N SER A 5 -35.80 36.73 -28.25
CA SER A 5 -34.51 36.69 -27.55
C SER A 5 -34.76 36.44 -26.08
N THR A 6 -33.75 35.88 -25.41
CA THR A 6 -33.91 35.30 -24.08
C THR A 6 -33.13 36.00 -22.98
N GLY A 7 -31.93 36.52 -23.26
CA GLY A 7 -31.07 37.09 -22.24
C GLY A 7 -30.56 38.45 -22.65
N THR A 8 -30.00 39.17 -21.67
CA THR A 8 -29.59 40.56 -21.81
C THR A 8 -28.08 40.73 -21.68
N PHE A 9 -27.51 41.41 -22.67
CA PHE A 9 -26.11 41.81 -22.65
C PHE A 9 -25.84 42.74 -21.47
N ASN A 10 -24.70 42.57 -20.84
CA ASN A 10 -24.37 43.35 -19.66
C ASN A 10 -22.88 43.25 -19.38
N ASN A 11 -22.19 44.39 -19.42
CA ASN A 11 -20.86 44.52 -18.85
C ASN A 11 -20.81 45.44 -17.64
N GLN A 12 -21.96 45.94 -17.18
CA GLN A 12 -21.97 47.03 -16.22
C GLN A 12 -21.48 46.53 -14.87
N THR A 13 -20.21 46.74 -14.58
CA THR A 13 -19.65 46.30 -13.31
C THR A 13 -19.97 47.30 -12.22
N GLU A 14 -20.37 46.78 -11.06
CA GLU A 14 -20.93 47.59 -9.99
C GLU A 14 -20.25 47.26 -8.67
N PHE A 15 -20.18 48.26 -7.81
CA PHE A 15 -19.51 48.19 -6.52
C PHE A 15 -20.56 48.36 -5.43
N LYS A 16 -20.78 47.32 -4.63
CA LYS A 16 -21.66 47.39 -3.47
C LYS A 16 -20.79 47.58 -2.24
N PHE A 17 -20.80 48.79 -1.67
CA PHE A 17 -19.99 49.11 -0.50
C PHE A 17 -20.71 48.64 0.75
N LEU A 18 -20.55 47.36 1.07
CA LEU A 18 -21.25 46.77 2.20
C LEU A 18 -20.57 47.19 3.51
N GLU A 19 -21.06 46.62 4.61
CA GLU A 19 -20.74 47.09 5.95
C GLU A 19 -19.33 46.72 6.40
N ASN A 20 -18.74 47.62 7.19
CA ASN A 20 -17.48 47.39 7.90
C ASN A 20 -16.33 47.14 6.94
N GLY A 21 -16.17 48.03 5.97
CA GLY A 21 -14.93 48.07 5.22
C GLY A 21 -14.73 46.98 4.22
N TRP A 22 -15.79 46.46 3.62
CA TRP A 22 -15.71 45.48 2.55
C TRP A 22 -16.62 45.89 1.41
N VAL A 23 -16.18 45.62 0.18
CA VAL A 23 -16.90 45.99 -1.03
C VAL A 23 -17.07 44.75 -1.88
N GLU A 24 -18.30 44.46 -2.28
CA GLU A 24 -18.62 43.34 -3.16
C GLU A 24 -18.69 43.85 -4.58
N ILE A 25 -17.86 43.31 -5.45
CA ILE A 25 -17.63 43.82 -6.78
C ILE A 25 -18.20 42.79 -7.75
N THR A 26 -19.34 43.13 -8.37
CA THR A 26 -19.99 42.23 -9.31
C THR A 26 -19.49 42.56 -10.71
N ALA A 27 -18.49 41.82 -11.16
CA ALA A 27 -17.97 42.00 -12.51
C ALA A 27 -18.87 41.24 -13.47
N ASN A 28 -19.94 41.89 -13.91
CA ASN A 28 -20.68 41.39 -15.05
C ASN A 28 -19.82 41.53 -16.30
N SER A 29 -19.97 40.61 -17.23
CA SER A 29 -19.29 40.71 -18.51
C SER A 29 -20.11 39.99 -19.56
N SER A 30 -20.01 40.45 -20.81
CA SER A 30 -20.74 39.84 -21.90
C SER A 30 -19.96 40.02 -23.19
N ARG A 31 -20.08 39.04 -24.09
CA ARG A 31 -19.40 39.09 -25.37
C ARG A 31 -20.26 38.38 -26.40
N LEU A 32 -20.00 38.68 -27.67
CA LEU A 32 -20.47 37.87 -28.78
C LEU A 32 -19.34 36.93 -29.18
N VAL A 33 -19.66 35.66 -29.30
CA VAL A 33 -18.69 34.59 -29.51
C VAL A 33 -19.04 33.91 -30.81
N HIS A 34 -18.05 33.75 -31.68
CA HIS A 34 -18.24 33.23 -33.03
C HIS A 34 -17.52 31.90 -33.17
N LEU A 35 -18.24 30.88 -33.62
CA LEU A 35 -17.73 29.54 -33.84
C LEU A 35 -17.84 29.20 -35.31
N ASN A 36 -16.79 28.65 -35.87
CA ASN A 36 -16.93 27.88 -37.08
C ASN A 36 -17.14 26.42 -36.69
N MET A 37 -17.55 25.61 -37.64
CA MET A 37 -17.65 24.20 -37.37
C MET A 37 -16.26 23.64 -37.16
N PRO A 38 -16.11 22.47 -36.53
CA PRO A 38 -14.78 21.91 -36.38
C PRO A 38 -14.17 21.55 -37.72
N GLU A 39 -12.85 21.47 -37.73
CA GLU A 39 -12.17 21.07 -38.95
C GLU A 39 -12.55 19.65 -39.33
N SER A 40 -12.67 18.77 -38.35
CA SER A 40 -13.27 17.46 -38.57
C SER A 40 -13.72 16.96 -37.21
N GLU A 41 -14.76 16.14 -37.22
CA GLU A 41 -15.32 15.73 -35.94
C GLU A 41 -14.43 14.74 -35.23
N ASN A 42 -13.57 14.02 -35.93
CA ASN A 42 -12.80 12.96 -35.31
C ASN A 42 -11.77 13.52 -34.34
N TYR A 43 -11.67 12.89 -33.18
CA TYR A 43 -10.53 13.14 -32.32
C TYR A 43 -9.27 12.66 -33.00
N ARG A 44 -8.24 13.51 -33.04
CA ARG A 44 -6.97 13.21 -33.65
C ARG A 44 -5.89 13.23 -32.59
N ARG A 45 -5.02 12.22 -32.58
CA ARG A 45 -3.80 12.25 -31.80
C ARG A 45 -2.67 12.71 -32.68
N VAL A 46 -2.07 13.84 -32.35
CA VAL A 46 -1.00 14.44 -33.13
C VAL A 46 0.21 14.53 -32.23
N VAL A 47 1.39 14.42 -32.83
CA VAL A 47 2.65 14.52 -32.13
C VAL A 47 3.54 15.45 -32.91
N VAL A 48 4.22 16.36 -32.22
CA VAL A 48 5.02 17.41 -32.84
C VAL A 48 6.48 17.12 -32.55
N ASN A 49 7.35 17.38 -33.52
CA ASN A 49 8.77 17.05 -33.39
C ASN A 49 9.56 18.07 -34.18
N ASN A 50 10.06 19.11 -33.51
CA ASN A 50 10.89 20.11 -34.16
C ASN A 50 12.36 19.70 -34.15
N MET A 51 12.61 18.53 -34.74
CA MET A 51 13.96 18.03 -34.94
C MET A 51 14.82 19.00 -35.74
N ASP A 52 14.20 19.78 -36.62
CA ASP A 52 14.96 20.73 -37.42
C ASP A 52 15.67 21.76 -36.55
N LYS A 53 14.96 22.39 -35.61
CA LYS A 53 15.55 23.47 -34.83
C LYS A 53 16.26 23.00 -33.58
N THR A 54 16.20 21.72 -33.23
CA THR A 54 16.89 21.19 -32.06
C THR A 54 17.86 20.06 -32.36
N ALA A 55 18.10 19.75 -33.64
CA ALA A 55 19.28 18.98 -33.98
C ALA A 55 20.52 19.85 -33.98
N VAL A 56 20.40 21.11 -34.38
CA VAL A 56 21.49 22.05 -34.26
C VAL A 56 21.86 22.21 -32.80
N ASN A 57 23.15 22.09 -32.51
CA ASN A 57 23.61 22.08 -31.13
C ASN A 57 23.36 23.42 -30.49
N GLY A 58 23.26 23.41 -29.17
CA GLY A 58 23.07 24.63 -28.41
C GLY A 58 21.67 25.18 -28.40
N ASN A 59 20.76 24.62 -29.17
CA ASN A 59 19.37 25.04 -29.22
C ASN A 59 18.47 24.22 -28.31
N MET A 60 18.96 23.85 -27.13
CA MET A 60 18.18 22.98 -26.26
C MET A 60 16.86 23.63 -25.84
N ALA A 61 16.86 24.93 -25.60
CA ALA A 61 15.65 25.56 -25.12
C ALA A 61 14.56 25.68 -26.16
N LEU A 62 14.87 25.51 -27.43
CA LEU A 62 13.88 25.68 -28.47
C LEU A 62 12.91 24.50 -28.58
N ASP A 63 13.10 23.45 -27.80
CA ASP A 63 12.32 22.23 -27.89
C ASP A 63 10.82 22.43 -27.74
N ASP A 64 10.05 21.81 -28.63
CA ASP A 64 8.59 21.90 -28.68
C ASP A 64 7.90 20.55 -28.75
N ILE A 65 8.61 19.44 -28.53
CA ILE A 65 8.07 18.12 -28.77
C ILE A 65 7.00 17.81 -27.74
N HIS A 66 5.87 17.29 -28.21
CA HIS A 66 4.76 16.89 -27.35
C HIS A 66 3.76 16.12 -28.19
N ALA A 67 2.80 15.52 -27.52
CA ALA A 67 1.65 14.87 -28.14
C ALA A 67 0.38 15.44 -27.55
N GLN A 68 -0.66 15.56 -28.37
CA GLN A 68 -1.90 16.16 -27.92
C GLN A 68 -3.06 15.60 -28.72
N ILE A 69 -4.24 15.61 -28.11
CA ILE A 69 -5.46 15.03 -28.69
C ILE A 69 -6.24 16.20 -29.26
N VAL A 70 -6.05 16.47 -30.54
CA VAL A 70 -6.81 17.54 -31.18
C VAL A 70 -8.26 17.12 -31.23
N THR A 71 -9.12 17.98 -30.72
CA THR A 71 -10.47 17.64 -30.32
C THR A 71 -11.47 18.48 -31.10
N PRO A 72 -12.61 17.92 -31.51
CA PRO A 72 -13.59 18.76 -32.22
C PRO A 72 -14.12 19.91 -31.42
N TRP A 73 -14.23 19.78 -30.11
CA TRP A 73 -14.81 20.82 -29.31
C TRP A 73 -13.91 22.06 -29.23
N SER A 74 -14.51 23.19 -28.89
CA SER A 74 -13.82 24.42 -28.57
C SER A 74 -14.14 24.81 -27.14
N LEU A 75 -13.24 25.59 -26.53
CA LEU A 75 -13.29 25.95 -25.12
C LEU A 75 -13.59 27.42 -24.97
N VAL A 76 -14.52 27.75 -24.09
CA VAL A 76 -14.92 29.14 -23.83
C VAL A 76 -14.41 29.46 -22.43
N ASP A 77 -13.22 30.08 -22.35
CA ASP A 77 -12.51 30.30 -21.10
C ASP A 77 -12.43 31.79 -20.80
N ALA A 78 -12.95 32.20 -19.64
CA ALA A 78 -12.93 33.57 -19.19
C ALA A 78 -11.86 33.85 -18.15
N ASN A 79 -10.98 32.91 -17.87
CA ASN A 79 -10.06 33.04 -16.75
C ASN A 79 -8.93 34.01 -17.07
N ALA A 80 -9.27 35.28 -17.21
CA ALA A 80 -8.26 36.33 -17.29
C ALA A 80 -8.90 37.62 -16.84
N TRP A 81 -8.13 38.48 -16.16
CA TRP A 81 -8.68 39.70 -15.59
C TRP A 81 -9.26 40.60 -16.66
N GLY A 82 -8.65 40.62 -17.83
CA GLY A 82 -9.10 41.51 -18.88
C GLY A 82 -10.50 41.20 -19.36
N VAL A 83 -10.97 39.97 -19.17
CA VAL A 83 -12.31 39.61 -19.61
C VAL A 83 -13.36 40.27 -18.75
N TRP A 84 -13.02 40.78 -17.58
CA TRP A 84 -13.97 41.20 -16.59
C TRP A 84 -13.93 42.67 -16.25
N PHE A 85 -12.74 43.25 -16.05
CA PHE A 85 -12.58 44.61 -15.57
C PHE A 85 -11.91 45.46 -16.64
N ASN A 86 -12.37 46.68 -16.80
CA ASN A 86 -11.79 47.64 -17.73
C ASN A 86 -10.74 48.46 -17.01
N PRO A 87 -9.96 49.29 -17.73
CA PRO A 87 -8.90 50.03 -17.05
C PRO A 87 -9.38 51.00 -16.00
N GLY A 88 -10.57 51.57 -16.14
CA GLY A 88 -11.08 52.43 -15.09
C GLY A 88 -11.35 51.65 -13.83
N ASP A 89 -11.91 50.46 -13.98
CA ASP A 89 -12.15 49.60 -12.84
C ASP A 89 -10.85 49.24 -12.16
N TRP A 90 -9.83 48.95 -12.95
CA TRP A 90 -8.58 48.47 -12.36
C TRP A 90 -7.85 49.60 -11.68
N GLN A 91 -7.91 50.79 -12.26
CA GLN A 91 -7.43 52.00 -11.60
C GLN A 91 -8.06 52.14 -10.23
N LEU A 92 -9.38 52.00 -10.18
CA LEU A 92 -10.09 52.14 -8.91
C LEU A 92 -9.65 51.08 -7.92
N ILE A 93 -9.65 49.82 -8.32
CA ILE A 93 -9.43 48.75 -7.36
C ILE A 93 -8.00 48.73 -6.87
N VAL A 94 -7.03 49.05 -7.73
CA VAL A 94 -5.64 49.05 -7.29
C VAL A 94 -5.37 50.25 -6.41
N ASN A 95 -5.99 51.39 -6.68
CA ASN A 95 -5.74 52.56 -5.86
C ASN A 95 -6.45 52.51 -4.52
N THR A 96 -7.62 51.87 -4.42
CA THR A 96 -8.49 51.99 -3.26
C THR A 96 -8.63 50.74 -2.41
N MET A 97 -8.22 49.56 -2.86
CA MET A 97 -8.39 48.31 -2.12
C MET A 97 -7.04 47.75 -1.69
N SER A 98 -7.03 47.11 -0.52
CA SER A 98 -5.83 46.47 0.03
C SER A 98 -5.77 44.99 -0.24
N GLU A 99 -6.88 44.28 -0.04
CA GLU A 99 -6.94 42.83 -0.08
C GLU A 99 -8.21 42.43 -0.80
N LEU A 100 -8.18 41.27 -1.43
CA LEU A 100 -9.17 40.88 -2.42
C LEU A 100 -9.44 39.39 -2.34
N HIS A 101 -10.71 39.02 -2.41
CA HIS A 101 -11.18 37.63 -2.38
C HIS A 101 -11.91 37.34 -3.67
N LEU A 102 -12.16 36.07 -3.91
CA LEU A 102 -12.92 35.58 -5.04
C LEU A 102 -14.09 34.79 -4.49
N VAL A 103 -15.31 35.20 -4.83
CA VAL A 103 -16.51 34.70 -4.16
C VAL A 103 -17.24 33.69 -5.03
N SER A 104 -17.75 34.11 -6.18
CA SER A 104 -18.55 33.20 -6.99
C SER A 104 -18.49 33.59 -8.46
N PHE A 105 -18.91 32.65 -9.28
CA PHE A 105 -18.77 32.71 -10.73
C PHE A 105 -19.99 32.06 -11.36
N GLU A 106 -20.46 32.63 -12.46
CA GLU A 106 -21.63 32.14 -13.16
C GLU A 106 -21.41 32.32 -14.65
N GLN A 107 -22.10 31.49 -15.42
CA GLN A 107 -22.11 31.63 -16.87
C GLN A 107 -23.47 31.27 -17.41
N GLU A 108 -23.85 31.93 -18.49
CA GLU A 108 -24.94 31.42 -19.29
C GLU A 108 -24.73 31.84 -20.73
N ILE A 109 -25.13 30.94 -21.63
CA ILE A 109 -25.16 31.19 -23.07
C ILE A 109 -26.61 31.48 -23.43
N PHE A 110 -26.81 32.54 -24.22
CA PHE A 110 -28.14 32.88 -24.70
C PHE A 110 -28.06 33.44 -26.11
N ASN A 111 -29.24 33.61 -26.69
CA ASN A 111 -29.43 34.25 -27.99
C ASN A 111 -28.62 33.57 -29.07
N VAL A 112 -28.61 32.24 -29.04
CA VAL A 112 -27.83 31.47 -29.97
C VAL A 112 -28.45 31.50 -31.35
N VAL A 113 -27.62 31.74 -32.36
CA VAL A 113 -28.01 31.83 -33.76
C VAL A 113 -27.06 30.94 -34.54
N LEU A 114 -27.58 30.31 -35.58
CA LEU A 114 -26.86 29.30 -36.35
C LEU A 114 -27.19 29.50 -37.80
N LYS A 115 -26.16 29.58 -38.64
CA LYS A 115 -26.30 29.95 -40.04
C LYS A 115 -25.49 29.02 -40.91
N THR A 116 -25.91 28.90 -42.17
CA THR A 116 -25.26 28.08 -43.17
C THR A 116 -25.05 28.90 -44.43
N VAL A 117 -24.13 28.44 -45.27
CA VAL A 117 -23.71 29.17 -46.47
C VAL A 117 -24.33 28.51 -47.70
N SER A 118 -24.92 29.33 -48.57
CA SER A 118 -25.37 28.92 -49.88
C SER A 118 -24.77 29.85 -50.93
N GLU A 119 -24.72 29.37 -52.16
CA GLU A 119 -24.19 30.15 -53.28
C GLU A 119 -25.01 31.41 -53.52
N THR A 126 -21.14 34.12 -55.48
CA THR A 126 -20.66 34.63 -54.16
C THR A 126 -21.41 33.94 -53.02
N LYS A 127 -20.88 34.08 -51.81
CA LYS A 127 -21.46 33.42 -50.65
C LYS A 127 -22.69 34.19 -50.16
N VAL A 128 -23.74 33.44 -49.86
CA VAL A 128 -25.00 33.99 -49.38
C VAL A 128 -25.42 33.16 -48.18
N TYR A 129 -25.87 33.83 -47.13
CA TYR A 129 -26.00 33.27 -45.81
C TYR A 129 -27.44 33.30 -45.35
N ASN A 130 -27.86 32.22 -44.68
CA ASN A 130 -29.23 32.04 -44.24
C ASN A 130 -29.23 31.40 -42.87
N ASN A 131 -30.35 31.55 -42.18
CA ASN A 131 -30.50 30.92 -40.88
C ASN A 131 -30.99 29.50 -41.05
N ASP A 132 -30.39 28.59 -40.28
CA ASP A 132 -30.87 27.21 -40.12
C ASP A 132 -31.59 27.09 -38.78
N LEU A 133 -32.86 27.48 -38.77
CA LEU A 133 -33.62 27.56 -37.52
C LEU A 133 -33.81 26.22 -36.82
N THR A 134 -33.65 25.10 -37.52
CA THR A 134 -33.89 23.80 -36.93
C THR A 134 -32.67 23.19 -36.25
N ALA A 135 -31.45 23.56 -36.67
CA ALA A 135 -30.24 22.85 -36.28
C ALA A 135 -29.72 23.39 -34.94
N SER A 136 -28.62 22.83 -34.45
CA SER A 136 -28.29 22.86 -33.04
C SER A 136 -26.83 23.22 -32.75
N LEU A 137 -26.62 23.71 -31.54
CA LEU A 137 -25.31 23.93 -30.94
C LEU A 137 -25.18 23.03 -29.73
N MET A 138 -24.09 22.29 -29.67
CA MET A 138 -23.83 21.39 -28.54
C MET A 138 -23.04 22.15 -27.49
N VAL A 139 -23.45 22.02 -26.24
CA VAL A 139 -22.84 22.72 -25.12
C VAL A 139 -22.67 21.74 -23.99
N ALA A 140 -21.56 21.85 -23.26
CA ALA A 140 -21.21 20.86 -22.25
C ALA A 140 -20.40 21.52 -21.15
N LEU A 141 -20.83 21.33 -19.92
CA LEU A 141 -20.15 21.81 -18.73
C LEU A 141 -19.53 20.63 -18.00
N ASP A 142 -18.23 20.70 -17.76
CA ASP A 142 -17.52 19.69 -16.97
C ASP A 142 -17.59 20.08 -15.50
N SER A 143 -18.80 19.95 -14.94
CA SER A 143 -19.05 20.44 -13.60
C SER A 143 -18.31 19.65 -12.52
N ASN A 144 -17.79 18.46 -12.83
CA ASN A 144 -17.01 17.67 -11.90
C ASN A 144 -15.50 17.72 -12.18
N ASN A 145 -15.06 18.48 -13.17
CA ASN A 145 -13.65 18.56 -13.55
C ASN A 145 -13.10 17.18 -13.89
N THR A 146 -13.86 16.44 -14.69
CA THR A 146 -13.35 15.18 -15.25
C THR A 146 -12.30 15.41 -16.32
N MET A 147 -12.39 16.52 -17.05
CA MET A 147 -11.42 16.83 -18.10
C MET A 147 -10.19 17.51 -17.49
N PRO A 148 -9.02 17.43 -18.13
CA PRO A 148 -7.85 18.09 -17.57
C PRO A 148 -7.96 19.59 -17.69
N PHE A 149 -7.61 20.30 -16.63
CA PHE A 149 -7.77 21.74 -16.59
C PHE A 149 -6.77 22.39 -17.53
N THR A 150 -7.28 23.24 -18.41
CA THR A 150 -6.51 23.84 -19.49
C THR A 150 -6.76 25.34 -19.48
N PRO A 151 -6.05 26.11 -18.66
CA PRO A 151 -6.34 27.54 -18.59
C PRO A 151 -5.80 28.25 -19.82
N ALA A 152 -6.68 28.97 -20.51
CA ALA A 152 -6.32 29.50 -21.81
C ALA A 152 -5.42 30.73 -21.74
N ALA A 153 -5.25 31.33 -20.56
CA ALA A 153 -4.43 32.53 -20.47
C ALA A 153 -2.97 32.26 -20.79
N MET A 154 -2.49 31.05 -20.54
CA MET A 154 -1.08 30.74 -20.77
C MET A 154 -0.69 30.82 -22.23
N ARG A 155 -1.65 30.71 -23.15
CA ARG A 155 -1.43 30.96 -24.56
C ARG A 155 -2.05 32.25 -25.05
N SER A 156 -2.59 33.07 -24.15
CA SER A 156 -3.40 34.22 -24.51
C SER A 156 -4.52 33.82 -25.46
N GLU A 157 -5.33 32.88 -24.99
CA GLU A 157 -6.44 32.33 -25.74
C GLU A 157 -7.77 32.48 -25.01
N THR A 158 -7.88 33.37 -24.03
CA THR A 158 -9.16 33.63 -23.40
C THR A 158 -10.05 34.40 -24.35
N LEU A 159 -11.27 34.67 -23.91
CA LEU A 159 -12.13 35.58 -24.65
C LEU A 159 -11.48 36.95 -24.74
N GLY A 160 -11.91 37.73 -25.70
CA GLY A 160 -11.32 39.03 -25.90
C GLY A 160 -11.66 40.00 -24.79
N PHE A 161 -10.76 40.97 -24.58
CA PHE A 161 -10.86 41.86 -23.45
C PHE A 161 -11.63 43.14 -23.75
N TYR A 162 -12.20 43.28 -24.94
CA TYR A 162 -13.01 44.43 -25.32
C TYR A 162 -14.48 44.04 -25.35
N PRO A 163 -15.41 44.79 -24.75
CA PRO A 163 -16.82 44.44 -24.91
C PRO A 163 -17.34 44.48 -26.33
N TRP A 164 -16.98 45.50 -27.09
CA TRP A 164 -17.70 45.75 -28.34
C TRP A 164 -17.23 44.85 -29.46
N LYS A 165 -15.95 44.57 -29.53
CA LYS A 165 -15.46 43.74 -30.60
C LYS A 165 -15.83 42.28 -30.34
N PRO A 166 -16.39 41.55 -31.31
CA PRO A 166 -16.58 40.11 -31.14
C PRO A 166 -15.36 39.30 -30.74
N THR A 167 -15.60 38.07 -30.31
CA THR A 167 -14.61 37.17 -29.76
C THR A 167 -14.74 35.81 -30.45
N ILE A 168 -13.64 35.06 -30.49
CA ILE A 168 -13.61 33.70 -31.05
C ILE A 168 -13.04 32.77 -29.99
N PRO A 169 -13.66 31.62 -29.70
CA PRO A 169 -13.13 30.76 -28.64
C PRO A 169 -12.10 29.77 -29.13
N THR A 170 -11.24 29.34 -28.23
CA THR A 170 -10.04 28.61 -28.62
C THR A 170 -10.40 27.15 -28.95
N PRO A 171 -9.87 26.57 -30.04
CA PRO A 171 -10.05 25.13 -30.23
C PRO A 171 -9.31 24.34 -29.16
N TRP A 172 -9.94 23.30 -28.64
CA TRP A 172 -9.44 22.63 -27.45
C TRP A 172 -8.52 21.48 -27.77
N ARG A 173 -7.59 21.23 -26.87
CA ARG A 173 -6.60 20.19 -27.01
C ARG A 173 -6.01 19.98 -25.64
N TYR A 174 -5.43 18.80 -25.42
CA TYR A 174 -4.85 18.49 -24.13
C TYR A 174 -3.74 17.49 -24.30
N TYR A 175 -2.85 17.46 -23.31
CA TYR A 175 -1.64 16.67 -23.43
C TYR A 175 -1.92 15.19 -23.26
N PHE A 176 -1.17 14.39 -24.00
CA PHE A 176 -1.26 12.94 -24.04
C PHE A 176 0.16 12.44 -23.93
N GLN A 177 0.40 11.42 -23.11
CA GLN A 177 1.73 11.15 -22.58
C GLN A 177 2.75 10.81 -23.66
N TRP A 178 3.99 11.25 -23.46
CA TRP A 178 5.08 10.93 -24.35
C TRP A 178 6.38 10.80 -23.57
N ASP A 179 7.33 10.11 -24.16
CA ASP A 179 8.68 9.96 -23.64
C ASP A 179 9.66 10.67 -24.58
N ARG A 180 10.64 11.36 -24.00
CA ARG A 180 11.74 11.86 -24.80
C ARG A 180 12.90 12.24 -23.91
N THR A 181 14.10 11.87 -24.33
CA THR A 181 15.34 12.40 -23.80
C THR A 181 15.97 13.29 -24.83
N LEU A 182 16.37 14.49 -24.41
CA LEU A 182 17.17 15.40 -25.22
C LEU A 182 18.39 15.75 -24.39
N ILE A 183 19.53 15.22 -24.75
CA ILE A 183 20.76 15.44 -24.01
C ILE A 183 21.34 16.79 -24.43
N PRO A 184 21.72 17.68 -23.53
CA PRO A 184 22.18 18.99 -23.98
C PRO A 184 23.54 18.95 -24.63
N SER A 185 23.80 19.94 -25.45
CA SER A 185 25.10 20.10 -26.09
C SER A 185 25.28 21.56 -26.48
N HIS A 186 26.54 21.99 -26.54
CA HIS A 186 26.90 23.36 -26.93
C HIS A 186 27.41 23.40 -28.36
N THR A 187 27.46 24.61 -28.90
CA THR A 187 28.06 24.86 -30.20
C THR A 187 29.51 24.44 -30.16
N GLY A 188 29.87 23.46 -30.97
CA GLY A 188 31.19 22.88 -30.96
C GLY A 188 31.32 21.55 -30.24
N THR A 189 30.25 21.06 -29.63
CA THR A 189 30.22 19.67 -29.21
C THR A 189 30.19 18.79 -30.44
N SER A 190 31.04 17.77 -30.47
CA SER A 190 31.06 16.86 -31.60
C SER A 190 29.95 15.82 -31.54
N GLY A 191 29.56 15.41 -30.34
CA GLY A 191 28.86 14.14 -30.12
C GLY A 191 27.54 13.97 -30.84
N THR A 192 26.90 15.08 -31.28
CA THR A 192 25.60 15.02 -31.95
C THR A 192 24.58 14.29 -31.07
N PRO A 193 24.08 14.94 -30.03
CA PRO A 193 23.54 14.20 -28.88
C PRO A 193 22.23 13.49 -29.17
N THR A 194 21.92 12.54 -28.30
CA THR A 194 20.75 11.71 -28.46
C THR A 194 19.49 12.53 -28.31
N ASN A 195 18.56 12.38 -29.25
CA ASN A 195 17.32 13.12 -29.25
C ASN A 195 16.28 12.25 -29.94
N ILE A 196 15.46 11.57 -29.14
CA ILE A 196 14.58 10.50 -29.61
C ILE A 196 13.14 10.83 -29.22
N TYR A 197 12.26 10.79 -30.19
CA TYR A 197 10.99 11.50 -30.14
C TYR A 197 9.85 10.64 -29.66
N HIS A 198 10.16 9.46 -29.15
CA HIS A 198 9.24 8.34 -29.23
C HIS A 198 9.07 7.59 -27.92
N GLY A 199 7.85 7.08 -27.76
CA GLY A 199 7.43 6.31 -26.62
C GLY A 199 6.14 6.86 -26.07
N THR A 200 5.17 5.97 -25.89
CA THR A 200 4.02 6.20 -25.04
C THR A 200 3.84 4.96 -24.19
N ASP A 201 3.82 5.13 -22.86
CA ASP A 201 3.74 3.95 -22.02
C ASP A 201 2.30 3.46 -21.93
N PRO A 202 2.04 2.15 -21.83
CA PRO A 202 0.67 1.74 -21.53
C PRO A 202 0.23 2.14 -20.14
N ASP A 203 1.18 2.37 -19.23
CA ASP A 203 0.83 2.72 -17.85
C ASP A 203 0.04 4.01 -17.77
N ASP A 204 0.24 4.92 -18.73
CA ASP A 204 -0.09 6.31 -18.58
C ASP A 204 -1.11 6.82 -19.60
N VAL A 205 -1.71 5.95 -20.40
CA VAL A 205 -2.58 6.43 -21.47
C VAL A 205 -3.88 6.93 -20.87
N GLN A 206 -4.30 8.12 -21.28
CA GLN A 206 -5.57 8.68 -20.86
C GLN A 206 -6.18 9.43 -22.04
N PHE A 207 -7.17 8.82 -22.67
CA PHE A 207 -7.91 9.41 -23.77
C PHE A 207 -9.27 9.82 -23.23
N TYR A 208 -9.51 11.11 -23.14
CA TYR A 208 -10.74 11.65 -22.61
C TYR A 208 -11.56 12.17 -23.78
N THR A 209 -12.87 11.93 -23.74
CA THR A 209 -13.77 12.43 -24.75
C THR A 209 -14.95 13.11 -24.10
N ILE A 210 -15.32 14.27 -24.64
CA ILE A 210 -16.41 15.04 -24.07
C ILE A 210 -17.71 14.26 -24.13
N GLU A 211 -17.90 13.48 -25.20
CA GLU A 211 -19.20 12.86 -25.39
C GLU A 211 -19.50 11.82 -24.32
N ASN A 212 -18.48 11.16 -23.81
CA ASN A 212 -18.66 10.11 -22.81
C ASN A 212 -18.53 10.63 -21.40
N SER A 213 -17.70 11.64 -21.17
CA SER A 213 -17.33 12.01 -19.83
C SER A 213 -18.30 12.96 -19.16
N VAL A 214 -19.12 13.69 -19.92
CA VAL A 214 -20.03 14.69 -19.36
C VAL A 214 -21.35 14.64 -20.11
N PRO A 215 -22.44 15.09 -19.48
CA PRO A 215 -23.68 15.25 -20.24
C PRO A 215 -23.60 16.46 -21.14
N VAL A 216 -24.40 16.44 -22.19
CA VAL A 216 -24.36 17.43 -23.26
C VAL A 216 -25.79 17.89 -23.54
N HIS A 217 -25.96 19.18 -23.78
CA HIS A 217 -27.23 19.76 -24.19
C HIS A 217 -27.16 20.15 -25.65
N LEU A 218 -28.25 19.94 -26.38
CA LEU A 218 -28.35 20.30 -27.80
C LEU A 218 -29.22 21.54 -27.91
N LEU A 219 -28.60 22.71 -27.77
CA LEU A 219 -29.36 23.95 -27.81
C LEU A 219 -29.87 24.20 -29.22
N ARG A 220 -30.88 25.05 -29.30
CA ARG A 220 -31.46 25.53 -30.55
C ARG A 220 -31.68 27.03 -30.44
N THR A 221 -31.91 27.68 -31.57
CA THR A 221 -32.08 29.12 -31.54
C THR A 221 -33.41 29.42 -30.88
N GLY A 222 -33.35 29.65 -29.58
CA GLY A 222 -34.55 29.83 -28.79
C GLY A 222 -34.47 29.37 -27.35
N ASP A 223 -33.37 28.75 -26.91
CA ASP A 223 -33.27 28.30 -25.52
C ASP A 223 -31.86 28.51 -25.00
N GLU A 224 -31.74 28.43 -23.67
CA GLU A 224 -30.61 28.90 -22.89
C GLU A 224 -29.95 27.78 -22.10
N PHE A 225 -28.70 28.00 -21.75
CA PHE A 225 -27.98 27.16 -20.80
C PHE A 225 -27.38 28.09 -19.76
N ALA A 226 -27.46 27.68 -18.51
CA ALA A 226 -26.94 28.49 -17.40
C ALA A 226 -26.22 27.59 -16.42
N THR A 227 -24.93 27.81 -16.26
CA THR A 227 -24.18 27.21 -15.16
C THR A 227 -24.62 27.89 -13.88
N GLY A 228 -25.04 27.10 -12.91
CA GLY A 228 -25.42 27.68 -11.64
C GLY A 228 -24.24 28.27 -10.90
N THR A 229 -24.55 29.05 -9.86
CA THR A 229 -23.53 29.74 -9.09
C THR A 229 -22.55 28.78 -8.44
N PHE A 230 -21.32 28.80 -8.93
CA PHE A 230 -20.21 28.06 -8.34
C PHE A 230 -19.49 28.97 -7.35
N PHE A 231 -19.21 28.47 -6.16
CA PHE A 231 -18.60 29.25 -5.09
C PHE A 231 -17.14 28.87 -4.91
N PHE A 232 -16.25 29.85 -4.98
CA PHE A 232 -14.85 29.61 -4.66
C PHE A 232 -14.66 29.56 -3.16
N ASP A 233 -13.47 29.14 -2.76
CA ASP A 233 -13.09 29.00 -1.36
C ASP A 233 -11.81 29.74 -1.02
N CYS A 234 -11.23 30.46 -1.97
CA CYS A 234 -9.80 30.73 -1.99
C CYS A 234 -9.33 31.59 -0.82
N LYS A 235 -8.01 31.65 -0.69
CA LYS A 235 -7.35 32.52 0.25
C LYS A 235 -7.34 33.95 -0.27
N PRO A 236 -7.04 34.94 0.58
CA PRO A 236 -6.95 36.32 0.10
C PRO A 236 -5.76 36.54 -0.82
N CYS A 237 -5.87 37.58 -1.64
CA CYS A 237 -4.78 38.14 -2.41
C CYS A 237 -4.50 39.54 -1.91
N ARG A 238 -3.22 39.87 -1.73
CA ARG A 238 -2.82 41.18 -1.23
C ARG A 238 -2.52 42.08 -2.39
N LEU A 239 -3.13 43.27 -2.37
CA LEU A 239 -2.86 44.31 -3.36
C LEU A 239 -1.78 45.28 -2.90
N THR A 240 -0.85 44.82 -2.08
CA THR A 240 0.18 45.64 -1.46
C THR A 240 1.46 44.84 -1.40
N HIS A 241 2.60 45.54 -1.40
CA HIS A 241 3.92 44.91 -1.55
C HIS A 241 4.85 45.27 -0.41
N THR A 242 5.80 44.37 -0.16
CA THR A 242 6.70 44.46 0.99
C THR A 242 8.08 44.86 0.52
N TRP A 243 8.65 45.85 1.20
CA TRP A 243 9.94 46.43 0.83
C TRP A 243 11.10 45.90 1.65
N GLN A 244 10.86 45.40 2.84
CA GLN A 244 11.93 45.00 3.74
C GLN A 244 12.54 43.71 3.27
N THR A 245 13.67 43.80 2.59
CA THR A 245 14.58 42.67 2.54
C THR A 245 15.31 42.60 3.87
N ASN A 246 16.11 41.55 4.02
CA ASN A 246 16.52 41.10 5.34
C ASN A 246 17.32 42.13 6.11
N ARG A 247 17.98 43.06 5.43
CA ARG A 247 18.74 44.08 6.14
C ARG A 247 17.85 45.02 6.91
N ALA A 248 16.63 45.24 6.45
CA ALA A 248 15.75 46.25 7.00
C ALA A 248 14.76 45.70 8.03
N LEU A 249 14.99 44.51 8.56
CA LEU A 249 14.11 43.90 9.54
C LEU A 249 14.63 44.15 10.94
N GLY A 250 13.71 44.39 11.87
CA GLY A 250 14.07 44.51 13.26
C GLY A 250 14.55 45.90 13.63
N LEU A 251 15.22 45.99 14.79
CA LEU A 251 15.65 47.28 15.33
C LEU A 251 16.97 47.72 14.69
N PRO A 252 17.06 48.93 14.11
CA PRO A 252 18.36 49.40 13.59
C PRO A 252 19.33 49.69 14.72
N PRO A 253 20.62 49.87 14.40
CA PRO A 253 21.59 50.22 15.46
C PRO A 253 21.45 51.66 15.93
N PHE A 254 21.85 51.90 17.18
CA PHE A 254 21.80 53.24 17.75
C PHE A 254 22.95 54.10 17.21
N LEU A 255 22.64 55.38 16.98
CA LEU A 255 23.59 56.35 16.42
C LEU A 255 24.04 57.31 17.51
N ASN A 256 25.35 57.48 17.64
CA ASN A 256 25.94 58.38 18.61
C ASN A 256 26.13 59.79 18.08
N SER A 257 26.34 59.94 16.77
CA SER A 257 26.64 61.23 16.13
C SER A 257 25.66 61.44 14.98
N LEU A 258 24.61 62.22 15.23
CA LEU A 258 23.67 62.54 14.18
C LEU A 258 24.26 63.61 13.26
N PRO A 259 23.86 63.65 11.98
CA PRO A 259 24.40 64.68 11.09
C PRO A 259 23.88 66.05 11.47
N GLN A 260 24.79 67.01 11.58
CA GLN A 260 24.44 68.35 12.02
C GLN A 260 23.98 69.24 10.86
N SER A 261 24.48 69.02 9.66
CA SER A 261 24.07 69.78 8.49
C SER A 261 22.76 69.22 7.91
N GLU A 262 22.13 70.03 7.06
CA GLU A 262 20.90 69.62 6.38
C GLU A 262 21.17 68.82 5.11
N GLY A 263 22.36 68.93 4.52
CA GLY A 263 22.62 68.35 3.22
C GLY A 263 22.73 66.84 3.26
N ALA A 264 22.21 66.19 2.21
CA ALA A 264 22.27 64.74 2.10
C ALA A 264 23.68 64.20 1.89
N THR A 265 24.63 65.04 1.48
CA THR A 265 26.00 64.56 1.28
C THR A 265 26.67 64.12 2.58
N ASN A 266 26.19 64.58 3.74
CA ASN A 266 26.69 64.17 5.04
C ASN A 266 25.86 63.02 5.60
N PHE A 267 26.46 62.30 6.56
CA PHE A 267 25.91 61.04 7.07
C PHE A 267 26.05 60.99 8.58
N GLY A 268 25.20 60.14 9.19
CA GLY A 268 25.33 59.85 10.61
C GLY A 268 26.26 58.66 10.85
N ASP A 269 26.78 58.58 12.07
CA ASP A 269 27.81 57.62 12.45
C ASP A 269 27.37 56.81 13.66
N ILE A 270 27.56 55.50 13.60
CA ILE A 270 27.60 54.69 14.80
C ILE A 270 28.93 54.94 15.49
N GLY A 271 28.89 55.24 16.78
CA GLY A 271 30.11 55.54 17.50
C GLY A 271 30.91 54.32 17.87
N VAL A 272 30.22 53.25 18.28
CA VAL A 272 30.88 52.09 18.86
C VAL A 272 31.60 51.30 17.77
N GLN A 273 32.87 50.95 18.04
CA GLN A 273 33.65 50.19 17.09
C GLN A 273 33.04 48.81 16.87
N GLN A 274 33.31 48.25 15.69
CA GLN A 274 32.53 47.12 15.19
C GLN A 274 32.64 45.88 16.07
N ASP A 275 33.75 45.71 16.79
CA ASP A 275 33.92 44.60 17.72
C ASP A 275 33.47 44.94 19.14
N LYS A 276 33.31 46.22 19.47
CA LYS A 276 32.77 46.62 20.77
C LYS A 276 31.26 46.62 20.83
N ARG A 277 30.57 46.45 19.70
CA ARG A 277 29.11 46.56 19.68
C ARG A 277 28.45 45.39 20.38
N ARG A 278 27.28 45.65 20.96
CA ARG A 278 26.41 44.64 21.54
C ARG A 278 25.45 44.11 20.47
N GLY A 279 25.00 42.89 20.65
CA GLY A 279 24.00 42.31 19.76
C GLY A 279 24.07 40.79 19.73
N VAL A 280 23.12 40.22 19.00
CA VAL A 280 22.98 38.77 18.80
C VAL A 280 23.37 38.43 17.37
N THR A 281 24.12 37.35 17.20
CA THR A 281 24.68 36.97 15.90
C THR A 281 24.55 35.46 15.69
N GLN A 282 24.78 35.04 14.44
CA GLN A 282 24.84 33.64 14.05
C GLN A 282 26.24 33.32 13.54
N MET A 283 27.27 33.81 14.25
CA MET A 283 28.68 33.59 13.93
C MET A 283 29.38 33.16 15.22
N GLY A 284 29.45 31.85 15.43
CA GLY A 284 29.94 31.28 16.68
C GLY A 284 31.39 31.53 17.01
N ASN A 285 32.20 31.91 16.02
CA ASN A 285 33.64 32.05 16.16
C ASN A 285 34.17 33.45 15.85
N THR A 286 33.29 34.44 15.67
CA THR A 286 33.66 35.78 15.23
C THR A 286 32.93 36.81 16.06
N ASN A 287 33.60 37.94 16.33
CA ASN A 287 33.15 38.90 17.33
C ASN A 287 32.50 40.16 16.75
N TYR A 288 32.69 40.46 15.47
CA TYR A 288 32.19 41.71 14.92
C TYR A 288 30.69 41.66 14.68
N ILE A 289 30.01 42.76 15.01
CA ILE A 289 28.59 42.97 14.72
C ILE A 289 28.53 44.04 13.63
N THR A 290 27.94 43.67 12.48
CA THR A 290 27.69 44.61 11.39
C THR A 290 26.36 44.25 10.75
N GLU A 291 25.75 45.23 10.09
CA GLU A 291 24.38 45.05 9.58
C GLU A 291 24.29 43.92 8.59
N ALA A 292 25.36 43.65 7.85
CA ALA A 292 25.41 42.47 6.99
C ALA A 292 25.54 41.18 7.79
N THR A 293 25.84 41.25 9.08
CA THR A 293 26.10 40.07 9.90
C THR A 293 25.17 39.91 11.07
N ILE A 294 24.52 40.98 11.53
CA ILE A 294 23.63 40.88 12.67
C ILE A 294 22.50 39.94 12.35
N MET A 295 22.07 39.16 13.33
CA MET A 295 20.97 38.23 13.12
C MET A 295 19.71 38.99 12.78
N ARG A 296 18.80 38.27 12.16
CA ARG A 296 17.48 38.75 11.78
C ARG A 296 16.54 37.59 12.05
N PRO A 297 15.24 37.84 12.19
CA PRO A 297 14.36 36.75 12.61
C PRO A 297 14.28 35.60 11.64
N ALA A 298 14.29 35.88 10.34
CA ALA A 298 14.21 34.82 9.34
C ALA A 298 14.49 35.45 8.00
N GLU A 299 14.64 34.61 6.99
CA GLU A 299 15.03 35.09 5.68
C GLU A 299 13.80 35.43 4.86
N VAL A 300 13.86 36.57 4.18
CA VAL A 300 12.85 37.00 3.25
C VAL A 300 13.38 36.79 1.85
N GLY A 301 12.61 36.14 1.00
CA GLY A 301 13.04 35.81 -0.34
C GLY A 301 13.98 34.62 -0.36
N TYR A 302 14.18 34.03 -1.53
CA TYR A 302 15.09 32.89 -1.64
C TYR A 302 15.75 32.92 -3.00
N SER A 303 17.02 32.54 -3.02
CA SER A 303 17.77 32.46 -4.26
C SER A 303 17.52 31.10 -4.86
N ALA A 304 17.59 31.03 -6.18
CA ALA A 304 17.32 29.81 -6.91
C ALA A 304 18.23 29.77 -8.11
N PRO A 305 18.52 28.61 -8.64
CA PRO A 305 19.49 28.55 -9.73
C PRO A 305 18.90 29.14 -10.99
N TYR A 306 19.41 30.29 -11.42
CA TYR A 306 18.69 31.04 -12.43
C TYR A 306 19.03 30.53 -13.82
N TYR A 307 17.98 30.38 -14.63
CA TYR A 307 18.02 29.73 -15.94
C TYR A 307 18.49 28.28 -15.83
N SER A 308 17.94 27.58 -14.85
CA SER A 308 18.07 26.13 -14.75
C SER A 308 17.00 25.45 -15.55
N PHE A 309 17.40 24.55 -16.44
CA PHE A 309 16.51 23.63 -17.12
C PHE A 309 16.74 22.25 -16.54
N GLU A 310 15.67 21.53 -16.25
CA GLU A 310 15.74 20.16 -15.78
C GLU A 310 14.81 19.28 -16.57
N ALA A 311 15.11 17.98 -16.58
CA ALA A 311 14.47 17.03 -17.47
C ALA A 311 13.83 15.91 -16.67
N SER A 312 12.58 15.61 -17.01
CA SER A 312 11.92 14.40 -16.57
C SER A 312 11.39 13.75 -17.82
N THR A 313 10.51 12.76 -17.67
CA THR A 313 10.22 11.81 -18.74
C THR A 313 9.72 12.47 -20.00
N GLN A 314 9.03 13.61 -19.88
CA GLN A 314 8.42 14.30 -21.00
C GLN A 314 9.25 15.46 -21.52
N GLY A 315 10.56 15.47 -21.25
CA GLY A 315 11.45 16.44 -21.84
C GLY A 315 11.86 17.53 -20.90
N PRO A 316 12.72 18.44 -21.34
CA PRO A 316 13.27 19.44 -20.44
C PRO A 316 12.31 20.57 -20.20
N PHE A 317 12.46 21.20 -19.04
CA PHE A 317 11.59 22.30 -18.67
C PHE A 317 12.29 23.29 -17.76
N LYS A 318 11.82 24.51 -17.82
CA LYS A 318 12.34 25.61 -17.03
C LYS A 318 11.87 25.50 -15.60
N THR A 319 12.78 25.58 -14.65
CA THR A 319 12.39 25.51 -13.25
C THR A 319 11.79 26.84 -12.83
N PRO A 320 10.54 26.90 -12.36
CA PRO A 320 9.97 28.20 -12.01
C PRO A 320 10.65 28.79 -10.78
N ILE A 321 10.51 30.09 -10.65
CA ILE A 321 11.09 30.88 -9.55
C ILE A 321 9.98 31.74 -9.00
N ALA A 322 9.95 31.92 -7.69
CA ALA A 322 8.79 32.54 -7.06
C ALA A 322 8.79 34.05 -7.15
N ALA A 323 9.95 34.67 -7.29
CA ALA A 323 10.06 36.13 -7.28
C ALA A 323 11.23 36.54 -8.15
N GLY A 324 11.20 37.81 -8.57
CA GLY A 324 12.25 38.40 -9.38
C GLY A 324 12.79 39.66 -8.71
N ARG A 325 13.88 40.17 -9.26
CA ARG A 325 14.50 41.38 -8.74
C ARG A 325 13.56 42.56 -8.86
N ALA A 336 16.11 41.95 -16.59
CA ALA A 336 15.04 41.13 -15.94
C ALA A 336 15.29 39.64 -16.17
N ASP A 337 15.35 38.90 -15.07
CA ASP A 337 15.80 37.51 -15.03
C ASP A 337 14.93 36.65 -14.12
N GLY A 338 13.63 36.69 -14.29
CA GLY A 338 12.73 35.95 -13.42
C GLY A 338 11.33 36.53 -13.37
N ASN A 339 11.19 37.81 -13.65
CA ASN A 339 9.88 38.40 -13.71
C ASN A 339 9.16 37.91 -14.97
N PRO A 340 7.86 37.66 -14.92
CA PRO A 340 7.20 37.05 -16.07
C PRO A 340 7.12 37.99 -17.26
N ARG A 341 7.22 37.41 -18.44
CA ARG A 341 7.11 38.13 -19.70
C ARG A 341 5.91 37.62 -20.46
N TYR A 342 5.11 38.55 -20.96
CA TYR A 342 3.82 38.26 -21.53
C TYR A 342 3.85 38.61 -23.00
N ALA A 343 3.04 37.93 -23.79
CA ALA A 343 2.96 38.16 -25.22
C ALA A 343 1.54 37.91 -25.65
N PHE A 344 1.01 38.79 -26.49
CA PHE A 344 -0.43 38.81 -26.71
C PHE A 344 -0.76 39.50 -28.03
N GLY A 345 -1.94 39.21 -28.56
CA GLY A 345 -2.35 39.66 -29.87
C GLY A 345 -3.37 40.79 -29.86
N ARG A 346 -3.97 41.00 -31.05
CA ARG A 346 -4.94 42.09 -31.24
C ARG A 346 -6.11 41.96 -30.29
N GLN A 347 -6.62 40.74 -30.13
CA GLN A 347 -7.80 40.51 -29.34
C GLN A 347 -7.57 40.71 -27.86
N HIS A 348 -6.32 40.83 -27.40
CA HIS A 348 -6.00 40.84 -25.98
C HIS A 348 -5.23 42.06 -25.52
N GLY A 349 -5.05 43.08 -26.36
CA GLY A 349 -4.55 44.36 -25.91
C GLY A 349 -3.59 45.07 -26.85
N GLN A 350 -3.11 44.40 -27.88
CA GLN A 350 -2.29 45.08 -28.86
C GLN A 350 -3.15 46.10 -29.60
N LYS A 351 -2.51 47.17 -30.07
CA LYS A 351 -3.24 48.21 -30.77
C LYS A 351 -3.91 47.65 -32.00
N THR A 352 -5.24 47.58 -31.96
CA THR A 352 -5.99 46.72 -32.87
C THR A 352 -5.87 47.12 -34.33
N THR A 353 -5.46 48.34 -34.63
CA THR A 353 -5.25 48.78 -36.00
C THR A 353 -3.84 48.48 -36.51
N THR A 354 -2.99 47.85 -35.72
CA THR A 354 -1.64 47.60 -36.20
C THR A 354 -1.63 46.47 -37.21
N THR A 355 -0.86 46.64 -38.27
CA THR A 355 -0.56 45.54 -39.14
C THR A 355 0.42 44.60 -38.45
N GLY A 356 0.69 43.49 -39.08
CA GLY A 356 1.82 42.67 -38.70
C GLY A 356 1.50 41.65 -37.63
N GLU A 357 2.40 40.71 -37.48
CA GLU A 357 2.19 39.51 -36.68
C GLU A 357 2.86 39.55 -35.32
N THR A 358 3.79 40.45 -35.09
CA THR A 358 4.56 40.42 -33.86
C THR A 358 3.67 40.71 -32.67
N PRO A 359 3.54 39.82 -31.68
CA PRO A 359 2.75 40.17 -30.51
C PRO A 359 3.39 41.30 -29.73
N GLU A 360 2.56 42.16 -29.19
CA GLU A 360 3.02 43.12 -28.19
C GLU A 360 3.54 42.35 -27.00
N ARG A 361 4.50 42.94 -26.31
CA ARG A 361 5.20 42.26 -25.23
C ARG A 361 5.50 43.19 -24.09
N PHE A 362 5.37 42.69 -22.87
CA PHE A 362 5.87 43.38 -21.71
C PHE A 362 6.46 42.39 -20.74
N THR A 363 7.27 42.91 -19.83
CA THR A 363 7.79 42.16 -18.69
C THR A 363 7.34 42.85 -17.44
N TYR A 364 6.71 42.12 -16.54
CA TYR A 364 6.05 42.71 -15.38
C TYR A 364 7.09 42.89 -14.29
N ILE A 365 7.64 44.10 -14.19
CA ILE A 365 8.69 44.35 -13.22
C ILE A 365 8.02 44.60 -11.89
N ALA A 366 7.81 43.54 -11.12
CA ALA A 366 7.00 43.62 -9.91
C ALA A 366 7.66 44.48 -8.86
N HIS A 367 6.85 45.21 -8.12
CA HIS A 367 7.38 46.04 -7.06
C HIS A 367 7.79 45.24 -5.83
N GLN A 368 7.48 43.95 -5.76
CA GLN A 368 7.80 43.18 -4.57
C GLN A 368 9.30 43.07 -4.47
N ASP A 369 9.87 43.81 -3.52
CA ASP A 369 11.31 43.95 -3.40
C ASP A 369 11.99 42.70 -2.86
N THR A 370 11.26 41.64 -2.55
CA THR A 370 11.85 40.42 -2.00
C THR A 370 12.42 39.54 -3.10
N GLY A 371 13.32 40.09 -3.90
CA GLY A 371 14.10 39.36 -4.87
C GLY A 371 15.53 39.24 -4.42
N ARG A 372 16.40 38.94 -5.38
CA ARG A 372 17.82 38.78 -5.14
C ARG A 372 18.58 39.40 -6.29
N TYR A 373 19.87 39.67 -6.04
CA TYR A 373 20.74 40.32 -7.00
C TYR A 373 21.97 39.44 -7.14
N PRO A 374 21.99 38.51 -8.10
CA PRO A 374 23.09 37.53 -8.11
C PRO A 374 24.48 38.04 -8.42
N GLU A 375 24.68 39.34 -8.64
CA GLU A 375 26.03 39.90 -8.72
C GLU A 375 26.50 40.47 -7.39
N GLY A 376 25.73 40.30 -6.32
CA GLY A 376 25.95 41.02 -5.08
C GLY A 376 26.42 40.18 -3.91
N ASP A 377 26.60 38.88 -4.12
CA ASP A 377 26.68 37.92 -3.03
C ASP A 377 27.90 37.02 -3.17
N TRP A 378 28.36 36.51 -2.03
CA TRP A 378 29.61 35.77 -1.97
C TRP A 378 29.57 34.79 -0.82
N ILE A 379 30.55 33.89 -0.80
CA ILE A 379 30.75 32.90 0.25
C ILE A 379 32.20 33.04 0.71
N GLN A 380 32.43 32.89 2.01
CA GLN A 380 33.79 32.95 2.52
C GLN A 380 33.98 31.96 3.65
N ASN A 381 35.24 31.56 3.80
CA ASN A 381 35.65 30.41 4.58
C ASN A 381 35.28 30.61 6.05
N ILE A 382 35.10 29.49 6.75
CA ILE A 382 34.71 29.51 8.15
C ILE A 382 35.71 30.28 9.00
N ASN A 383 36.98 30.28 8.63
CA ASN A 383 37.95 31.02 9.42
C ASN A 383 37.66 32.51 9.42
N PHE A 384 37.07 33.03 8.35
CA PHE A 384 36.51 34.37 8.32
C PHE A 384 37.57 35.43 8.60
N ASN A 385 38.63 35.42 7.79
CA ASN A 385 39.52 36.57 7.74
C ASN A 385 38.75 37.76 7.17
N LEU A 386 38.86 38.92 7.82
CA LEU A 386 38.09 40.08 7.36
C LEU A 386 38.58 40.54 5.99
N PRO A 387 39.83 41.04 5.83
CA PRO A 387 40.30 41.26 4.45
C PRO A 387 40.64 39.94 3.78
N VAL A 388 39.61 39.33 3.17
CA VAL A 388 39.73 38.01 2.58
C VAL A 388 40.83 37.94 1.54
N THR A 389 41.68 36.92 1.67
CA THR A 389 42.57 36.52 0.60
C THR A 389 41.78 35.79 -0.47
N ASN A 390 42.33 35.75 -1.68
CA ASN A 390 41.57 35.26 -2.82
C ASN A 390 41.18 33.80 -2.65
N ASP A 391 42.03 33.00 -2.01
CA ASP A 391 41.69 31.61 -1.82
C ASP A 391 40.61 31.36 -0.77
N ASN A 392 40.25 32.36 0.03
CA ASN A 392 39.28 32.20 1.13
C ASN A 392 37.92 32.84 0.85
N VAL A 393 37.63 33.22 -0.39
CA VAL A 393 36.36 33.85 -0.72
C VAL A 393 35.98 33.45 -2.12
N LEU A 394 34.68 33.31 -2.36
CA LEU A 394 34.13 32.92 -3.65
C LEU A 394 33.25 34.07 -4.12
N LEU A 395 33.81 34.91 -4.96
CA LEU A 395 33.13 36.07 -5.48
C LEU A 395 32.16 35.62 -6.54
N PRO A 396 31.15 36.42 -6.88
CA PRO A 396 30.24 36.00 -7.94
C PRO A 396 30.83 36.07 -9.33
N THR A 397 32.04 36.62 -9.50
CA THR A 397 32.71 36.64 -10.79
C THR A 397 33.59 35.42 -11.04
N ASP A 398 33.78 34.55 -10.06
CA ASP A 398 34.73 33.46 -10.21
C ASP A 398 34.16 32.35 -11.09
N PRO A 399 34.99 31.59 -11.81
CA PRO A 399 34.46 30.45 -12.55
C PRO A 399 33.99 29.34 -11.63
N ILE A 400 33.15 28.47 -12.18
CA ILE A 400 32.84 27.18 -11.58
C ILE A 400 32.82 26.16 -12.70
N GLY A 401 33.45 25.02 -12.46
CA GLY A 401 33.58 24.03 -13.51
C GLY A 401 34.39 24.49 -14.70
N GLY A 402 35.21 25.51 -14.53
CA GLY A 402 36.00 26.07 -15.61
C GLY A 402 35.24 26.99 -16.54
N LYS A 403 33.93 27.08 -16.44
CA LYS A 403 33.17 27.95 -17.32
C LYS A 403 33.26 29.38 -16.85
N THR A 404 33.37 30.31 -17.80
CA THR A 404 33.65 31.71 -17.51
C THR A 404 32.39 32.51 -17.24
N GLY A 405 31.31 32.23 -17.95
CA GLY A 405 30.07 32.94 -17.76
C GLY A 405 29.16 32.39 -16.70
N ILE A 406 29.42 31.19 -16.22
CA ILE A 406 28.62 30.56 -15.18
C ILE A 406 29.37 30.75 -13.88
N ASN A 407 28.67 31.22 -12.86
CA ASN A 407 29.25 31.50 -11.56
C ASN A 407 28.45 30.77 -10.51
N TYR A 408 28.87 30.91 -9.24
CA TYR A 408 28.33 30.05 -8.19
C TYR A 408 26.84 30.28 -7.99
N THR A 409 26.37 31.49 -8.23
CA THR A 409 24.98 31.80 -8.00
C THR A 409 24.05 31.08 -8.95
N ASN A 410 24.56 30.54 -10.06
CA ASN A 410 23.74 29.75 -10.96
C ASN A 410 23.44 28.35 -10.42
N ILE A 411 24.24 27.85 -9.49
CA ILE A 411 24.04 26.53 -8.90
C ILE A 411 23.37 26.64 -7.53
N PHE A 412 23.31 27.84 -6.95
CA PHE A 412 23.03 28.02 -5.53
C PHE A 412 21.56 27.88 -5.20
N ASN A 413 21.28 27.57 -3.95
CA ASN A 413 19.91 27.47 -3.46
C ASN A 413 19.93 27.72 -1.97
N THR A 414 19.17 28.70 -1.52
CA THR A 414 19.10 29.06 -0.11
C THR A 414 17.79 28.70 0.55
N TYR A 415 16.89 28.03 -0.17
CA TYR A 415 15.58 27.74 0.38
C TYR A 415 15.74 26.84 1.59
N GLY A 416 14.92 27.08 2.59
CA GLY A 416 15.14 26.47 3.86
C GLY A 416 13.89 26.45 4.70
N PRO A 417 14.00 25.98 5.93
CA PRO A 417 12.90 26.17 6.87
C PRO A 417 12.60 27.62 7.15
N LEU A 418 13.54 28.54 6.91
CA LEU A 418 13.42 29.92 7.33
C LEU A 418 12.88 30.88 6.28
N THR A 419 12.69 30.46 5.04
CA THR A 419 12.50 31.40 3.94
C THR A 419 11.03 31.77 3.78
N ALA A 420 10.71 33.04 4.04
CA ALA A 420 9.37 33.58 3.82
C ALA A 420 9.26 34.14 2.41
N LEU A 421 8.05 34.09 1.86
CA LEU A 421 7.82 34.49 0.48
C LEU A 421 6.43 35.09 0.34
N ASN A 422 6.29 35.99 -0.62
CA ASN A 422 5.01 36.57 -0.98
C ASN A 422 4.38 35.81 -2.14
N ASN A 423 3.08 36.02 -2.31
CA ASN A 423 2.36 35.41 -3.41
C ASN A 423 2.64 36.16 -4.69
N VAL A 424 2.36 35.51 -5.81
CA VAL A 424 2.55 36.19 -7.09
C VAL A 424 1.54 37.32 -7.22
N PRO A 425 1.89 38.47 -7.79
CA PRO A 425 0.93 39.55 -7.88
C PRO A 425 -0.09 39.28 -8.96
N PRO A 426 -1.26 39.93 -8.92
CA PRO A 426 -2.09 39.98 -10.12
C PRO A 426 -1.36 40.73 -11.21
N VAL A 427 -1.69 40.43 -12.45
CA VAL A 427 -1.17 41.19 -13.58
C VAL A 427 -2.30 41.38 -14.58
N TYR A 428 -2.55 42.64 -14.95
CA TYR A 428 -3.64 43.04 -15.78
C TYR A 428 -3.12 43.37 -17.17
N PRO A 429 -3.84 43.04 -18.25
CA PRO A 429 -5.03 42.24 -18.41
C PRO A 429 -4.79 40.74 -18.60
N ASN A 430 -3.56 40.33 -18.88
CA ASN A 430 -3.31 39.01 -19.43
C ASN A 430 -3.18 37.91 -18.40
N GLY A 431 -3.19 38.21 -17.11
CA GLY A 431 -2.95 37.20 -16.11
C GLY A 431 -4.19 36.42 -15.72
N GLN A 432 -3.96 35.26 -15.11
CA GLN A 432 -5.04 34.41 -14.66
C GLN A 432 -5.62 34.91 -13.35
N ILE A 433 -6.84 34.43 -13.05
CA ILE A 433 -7.53 34.76 -11.82
C ILE A 433 -7.38 33.57 -10.90
N TRP A 434 -7.93 32.44 -11.31
CA TRP A 434 -7.91 31.21 -10.53
C TRP A 434 -7.06 30.17 -11.22
N ASP A 435 -6.55 29.24 -10.43
CA ASP A 435 -5.93 28.01 -10.92
C ASP A 435 -6.37 26.89 -9.99
N LYS A 436 -6.25 25.64 -10.44
CA LYS A 436 -6.66 24.49 -9.64
C LYS A 436 -5.47 23.95 -8.86
N GLU A 437 -5.75 23.45 -7.67
CA GLU A 437 -4.72 22.77 -6.90
C GLU A 437 -4.23 21.55 -7.66
N PHE A 438 -2.95 21.29 -7.53
CA PHE A 438 -2.42 20.02 -8.00
C PHE A 438 -3.05 18.90 -7.19
N ASP A 439 -3.27 17.76 -7.85
CA ASP A 439 -3.86 16.60 -7.17
C ASP A 439 -2.77 15.73 -6.53
N THR A 440 -1.59 16.30 -6.30
CA THR A 440 -0.56 15.62 -5.53
C THR A 440 -1.03 15.37 -4.11
N ASP A 441 -0.34 14.48 -3.42
CA ASP A 441 -0.60 14.28 -2.00
C ASP A 441 0.02 15.41 -1.18
N LEU A 442 1.18 15.91 -1.61
CA LEU A 442 1.83 17.06 -1.00
C LEU A 442 1.67 18.25 -1.93
N LYS A 443 1.02 19.29 -1.45
CA LYS A 443 0.67 20.42 -2.28
C LYS A 443 1.83 21.42 -2.36
N PRO A 444 1.98 22.14 -3.47
CA PRO A 444 2.93 23.25 -3.49
C PRO A 444 2.38 24.44 -2.73
N ARG A 445 3.29 25.31 -2.30
CA ARG A 445 2.93 26.40 -1.43
C ARG A 445 2.34 27.58 -2.18
N LEU A 446 2.72 27.79 -3.43
CA LEU A 446 2.14 28.83 -4.25
C LEU A 446 2.16 28.38 -5.69
N HIS A 447 1.37 29.05 -6.51
CA HIS A 447 1.35 28.83 -7.95
C HIS A 447 1.91 30.05 -8.63
N VAL A 448 2.79 29.85 -9.61
CA VAL A 448 3.42 31.00 -10.23
C VAL A 448 2.52 31.73 -11.20
N ASN A 449 1.40 31.15 -11.60
CA ASN A 449 0.62 31.61 -12.74
C ASN A 449 -0.62 32.41 -12.38
N ALA A 450 -1.21 32.17 -11.21
CA ALA A 450 -2.46 32.80 -10.82
C ALA A 450 -2.37 33.20 -9.36
N PRO A 451 -3.10 34.23 -8.92
CA PRO A 451 -3.04 34.55 -7.49
C PRO A 451 -3.86 33.62 -6.62
N PHE A 452 -5.05 33.25 -7.05
CA PHE A 452 -5.95 32.40 -6.27
C PHE A 452 -5.88 30.97 -6.77
N VAL A 453 -5.89 30.02 -5.84
CA VAL A 453 -5.89 28.60 -6.14
C VAL A 453 -7.15 27.99 -5.57
N CYS A 454 -7.94 27.34 -6.43
CA CYS A 454 -9.10 26.61 -5.96
C CYS A 454 -8.62 25.41 -5.15
N GLN A 455 -9.02 25.33 -3.88
CA GLN A 455 -8.66 24.18 -3.07
C GLN A 455 -9.49 22.97 -3.44
N ASN A 456 -10.82 23.11 -3.40
CA ASN A 456 -11.69 21.96 -3.59
C ASN A 456 -11.88 21.63 -5.08
N ASN A 457 -12.57 22.52 -5.81
CA ASN A 457 -12.74 22.40 -7.24
C ASN A 457 -12.77 23.80 -7.83
N CYS A 458 -12.37 23.91 -9.11
CA CYS A 458 -12.55 25.13 -9.87
C CYS A 458 -13.86 25.07 -10.63
N PRO A 459 -14.33 26.19 -11.17
CA PRO A 459 -15.51 26.15 -12.02
C PRO A 459 -15.30 25.26 -13.23
N GLY A 460 -16.37 24.60 -13.63
CA GLY A 460 -16.27 23.68 -14.75
C GLY A 460 -15.91 24.41 -16.03
N GLN A 461 -14.96 23.84 -16.75
CA GLN A 461 -14.68 24.35 -18.08
C GLN A 461 -15.89 24.12 -18.95
N LEU A 462 -16.20 25.10 -19.79
CA LEU A 462 -17.37 25.08 -20.66
C LEU A 462 -16.92 24.86 -22.08
N PHE A 463 -17.52 23.90 -22.76
CA PHE A 463 -17.15 23.50 -24.11
C PHE A 463 -18.33 23.64 -25.05
N VAL A 464 -18.03 23.94 -26.32
CA VAL A 464 -19.06 24.16 -27.34
C VAL A 464 -18.60 23.60 -28.68
N LYS A 465 -19.56 23.31 -29.55
CA LYS A 465 -19.34 22.55 -30.77
C LYS A 465 -20.58 22.67 -31.62
N VAL A 466 -20.42 23.05 -32.88
CA VAL A 466 -21.56 23.14 -33.78
C VAL A 466 -22.05 21.72 -34.05
N ALA A 467 -23.35 21.51 -33.91
CA ALA A 467 -23.90 20.17 -34.07
C ALA A 467 -23.74 19.77 -35.53
N PRO A 468 -23.42 18.51 -35.84
CA PRO A 468 -23.22 18.14 -37.25
C PRO A 468 -24.49 18.36 -38.07
N ASN A 469 -24.35 19.19 -39.09
CA ASN A 469 -25.43 19.52 -40.01
C ASN A 469 -25.17 18.71 -41.27
N LEU A 470 -25.53 17.43 -41.20
CA LEU A 470 -25.22 16.50 -42.27
C LEU A 470 -25.93 16.84 -43.56
N THR A 471 -25.24 16.67 -44.67
CA THR A 471 -25.88 16.55 -45.97
C THR A 471 -26.61 15.21 -46.07
N ASN A 472 -27.14 14.91 -47.24
CA ASN A 472 -27.64 13.57 -47.53
C ASN A 472 -26.53 12.52 -47.72
N GLU A 473 -25.25 12.92 -47.71
CA GLU A 473 -24.12 12.03 -48.01
C GLU A 473 -23.41 11.63 -46.73
N TYR A 474 -23.86 10.52 -46.14
CA TYR A 474 -23.15 9.84 -45.07
C TYR A 474 -23.41 8.35 -45.21
N ASP A 475 -22.44 7.53 -44.85
CA ASP A 475 -22.68 6.10 -44.82
C ASP A 475 -21.70 5.46 -43.86
N PRO A 476 -21.97 4.24 -43.40
CA PRO A 476 -21.02 3.56 -42.50
C PRO A 476 -19.66 3.33 -43.10
N ASP A 477 -19.56 3.20 -44.42
CA ASP A 477 -18.37 2.68 -45.05
C ASP A 477 -17.39 3.73 -45.54
N ALA A 478 -17.82 4.98 -45.66
CA ALA A 478 -16.95 6.00 -46.24
C ALA A 478 -15.74 6.23 -45.35
N SER A 479 -14.56 6.11 -45.94
CA SER A 479 -13.36 6.39 -45.16
C SER A 479 -13.28 7.85 -44.78
N ALA A 480 -13.74 8.74 -45.67
CA ALA A 480 -13.74 10.15 -45.34
C ALA A 480 -14.79 10.45 -44.29
N ASN A 481 -14.59 11.56 -43.59
CA ASN A 481 -15.58 12.03 -42.65
C ASN A 481 -16.89 12.39 -43.36
N MET A 482 -17.89 12.73 -42.55
CA MET A 482 -19.19 13.11 -43.08
C MET A 482 -19.12 14.43 -43.85
N SER A 483 -19.87 14.50 -44.94
CA SER A 483 -19.94 15.69 -45.78
C SER A 483 -20.80 16.72 -45.09
N ARG A 484 -20.17 17.72 -44.50
CA ARG A 484 -20.86 18.68 -43.67
C ARG A 484 -21.32 19.87 -44.49
N ILE A 485 -22.54 20.31 -44.25
CA ILE A 485 -22.98 21.62 -44.71
C ILE A 485 -22.18 22.64 -43.94
N VAL A 486 -21.55 23.57 -44.65
CA VAL A 486 -20.74 24.57 -43.99
C VAL A 486 -21.65 25.45 -43.13
N THR A 487 -21.37 25.46 -41.83
CA THR A 487 -22.27 25.99 -40.83
C THR A 487 -21.45 26.73 -39.79
N TYR A 488 -21.99 27.84 -39.28
CA TYR A 488 -21.33 28.59 -38.24
C TYR A 488 -22.36 29.11 -37.28
N SER A 489 -21.91 29.40 -36.07
CA SER A 489 -22.77 29.78 -34.97
C SER A 489 -22.20 30.99 -34.27
N ASP A 490 -23.09 31.84 -33.81
CA ASP A 490 -22.74 32.95 -32.96
C ASP A 490 -23.69 32.96 -31.79
N PHE A 491 -23.15 33.11 -30.59
CA PHE A 491 -23.94 33.11 -29.37
C PHE A 491 -23.39 34.14 -28.41
N TRP A 492 -24.27 34.66 -27.56
CA TRP A 492 -23.90 35.69 -26.60
C TRP A 492 -23.61 35.05 -25.25
N TRP A 493 -22.35 35.10 -24.85
CA TRP A 493 -21.91 34.61 -23.55
C TRP A 493 -22.12 35.70 -22.53
N LYS A 494 -22.52 35.33 -21.32
CA LYS A 494 -22.60 36.26 -20.20
C LYS A 494 -22.00 35.61 -18.98
N GLY A 495 -21.19 36.37 -18.24
CA GLY A 495 -20.57 35.90 -17.02
C GLY A 495 -20.76 36.88 -15.88
N LYS A 496 -20.67 36.37 -14.67
CA LYS A 496 -20.83 37.17 -13.46
C LYS A 496 -19.83 36.68 -12.43
N LEU A 497 -18.74 37.40 -12.28
CA LEU A 497 -17.68 37.08 -11.34
C LEU A 497 -17.74 38.08 -10.20
N VAL A 498 -17.87 37.57 -8.99
CA VAL A 498 -18.16 38.37 -7.81
C VAL A 498 -16.94 38.33 -6.91
N PHE A 499 -16.38 39.49 -6.65
CA PHE A 499 -15.23 39.63 -5.77
C PHE A 499 -15.69 40.24 -4.46
N LYS A 500 -14.77 40.24 -3.51
CA LYS A 500 -14.98 40.84 -2.21
C LYS A 500 -13.63 41.39 -1.78
N ALA A 501 -13.60 42.62 -1.25
CA ALA A 501 -12.35 43.31 -1.07
C ALA A 501 -12.43 44.34 0.05
N LYS A 502 -11.36 44.46 0.81
CA LYS A 502 -11.23 45.46 1.86
C LYS A 502 -10.60 46.74 1.30
N LEU A 503 -11.01 47.89 1.83
CA LEU A 503 -10.47 49.16 1.40
C LEU A 503 -9.10 49.41 2.01
N ARG A 504 -8.38 50.36 1.42
CA ARG A 504 -7.02 50.63 1.87
C ARG A 504 -7.05 51.42 3.16
N ALA A 505 -5.86 51.76 3.64
CA ALA A 505 -5.67 52.48 4.89
C ALA A 505 -4.55 53.50 4.68
N SER A 506 -4.33 54.32 5.70
CA SER A 506 -3.52 55.53 5.58
C SER A 506 -2.64 55.71 6.80
N HIS A 507 -1.87 54.68 7.15
CA HIS A 507 -1.06 54.75 8.36
C HIS A 507 0.08 55.75 8.22
N THR A 508 0.81 55.70 7.12
CA THR A 508 2.02 56.48 6.97
C THR A 508 1.72 57.97 6.95
N TRP A 509 2.75 58.76 7.28
CA TRP A 509 2.63 60.20 7.18
C TRP A 509 2.55 60.66 5.74
N ASN A 510 3.24 59.98 4.82
CA ASN A 510 3.44 60.48 3.47
C ASN A 510 2.75 59.60 2.43
N PRO A 511 2.27 60.16 1.32
CA PRO A 511 1.34 59.40 0.48
C PRO A 511 1.98 58.27 -0.28
N ILE A 512 1.24 57.19 -0.42
CA ILE A 512 1.68 56.02 -1.17
C ILE A 512 1.71 56.33 -2.65
N GLN A 513 2.22 55.38 -3.42
CA GLN A 513 2.12 55.44 -4.87
C GLN A 513 0.72 55.03 -5.31
N GLN A 514 0.24 55.66 -6.37
CA GLN A 514 -1.08 55.38 -6.93
C GLN A 514 -0.99 55.42 -8.44
N MET A 515 -1.88 54.68 -9.09
CA MET A 515 -1.94 54.75 -10.53
C MET A 515 -2.54 56.07 -10.94
N SER A 516 -2.10 56.60 -12.07
CA SER A 516 -2.66 57.84 -12.57
C SER A 516 -2.44 57.97 -14.06
N ILE A 517 -3.26 58.79 -14.68
CA ILE A 517 -3.17 59.08 -16.11
C ILE A 517 -2.25 60.28 -16.29
N ASN A 518 -0.94 60.04 -16.25
CA ASN A 518 0.00 61.10 -16.56
C ASN A 518 -0.05 61.40 -18.05
N VAL A 519 0.33 62.63 -18.41
CA VAL A 519 0.04 63.16 -19.75
C VAL A 519 0.69 62.32 -20.83
N ASP A 520 1.81 61.68 -20.53
CA ASP A 520 2.47 60.84 -21.51
C ASP A 520 1.69 59.56 -21.78
N ASN A 521 1.23 58.88 -20.73
CA ASN A 521 0.55 57.60 -20.93
C ASN A 521 -0.89 57.76 -21.42
N GLN A 522 -1.39 58.99 -21.53
CA GLN A 522 -2.81 59.25 -21.71
C GLN A 522 -3.36 58.60 -22.96
N PHE A 523 -2.65 58.74 -24.06
CA PHE A 523 -3.10 58.22 -25.33
C PHE A 523 -2.73 56.74 -25.54
N ASN A 524 -2.44 56.01 -24.46
CA ASN A 524 -2.53 54.57 -24.44
C ASN A 524 -3.89 54.06 -24.02
N TYR A 525 -4.79 54.93 -23.58
CA TYR A 525 -6.13 54.55 -23.13
C TYR A 525 -7.22 55.09 -24.06
N VAL A 526 -7.28 56.39 -24.26
CA VAL A 526 -8.37 57.02 -25.03
C VAL A 526 -8.28 56.56 -26.48
N PRO A 527 -9.37 56.19 -27.15
CA PRO A 527 -9.26 55.47 -28.42
C PRO A 527 -8.62 56.30 -29.52
N SER A 528 -7.59 55.74 -30.13
CA SER A 528 -7.00 56.33 -31.31
C SER A 528 -8.06 56.27 -32.39
N ASN A 529 -8.72 57.39 -32.63
CA ASN A 529 -9.96 57.41 -33.40
C ASN A 529 -9.80 57.03 -34.88
N ILE A 530 -8.59 56.68 -35.31
CA ILE A 530 -8.36 55.90 -36.52
C ILE A 530 -9.09 54.55 -36.45
N GLY A 531 -9.42 54.06 -35.26
CA GLY A 531 -10.24 52.89 -35.07
C GLY A 531 -9.73 52.01 -33.95
N GLY A 532 -8.48 52.21 -33.55
CA GLY A 532 -7.84 51.28 -32.66
C GLY A 532 -8.11 51.56 -31.19
N MET A 533 -7.89 50.52 -30.40
CA MET A 533 -7.77 50.62 -28.96
C MET A 533 -6.60 49.74 -28.54
N LYS A 534 -6.01 50.06 -27.40
CA LYS A 534 -5.03 49.20 -26.77
C LYS A 534 -5.38 49.08 -25.30
N ILE A 535 -4.72 48.16 -24.62
CA ILE A 535 -4.86 47.97 -23.20
C ILE A 535 -3.45 47.80 -22.67
N VAL A 536 -2.87 48.86 -22.13
CA VAL A 536 -1.52 48.76 -21.61
C VAL A 536 -1.56 48.10 -20.24
N TYR A 537 -0.49 47.41 -19.90
CA TYR A 537 -0.43 46.72 -18.64
C TYR A 537 -0.31 47.70 -17.49
N GLU A 538 -0.86 47.34 -16.35
CA GLU A 538 -0.85 48.16 -15.13
C GLU A 538 -0.22 47.37 -14.01
N LYS A 539 0.56 48.04 -13.19
CA LYS A 539 1.04 47.41 -11.98
C LYS A 539 -0.14 47.17 -11.06
N SER A 540 -0.17 46.01 -10.43
CA SER A 540 -1.31 45.60 -9.61
C SER A 540 -1.10 45.89 -8.14
N GLN A 541 0.12 45.81 -7.64
CA GLN A 541 0.44 46.10 -6.26
C GLN A 541 1.15 47.42 -6.22
N LEU A 542 0.55 48.39 -5.53
CA LEU A 542 1.08 49.73 -5.44
C LEU A 542 1.50 50.08 -4.03
N ALA A 543 0.67 49.93 -3.08
CA ALA A 543 0.95 50.46 -1.76
C ALA A 543 2.03 49.63 -1.06
N PRO A 544 2.84 50.22 -0.17
CA PRO A 544 3.71 49.41 0.67
C PRO A 544 3.01 48.81 1.87
N ARG A 545 3.50 47.65 2.29
CA ARG A 545 2.96 46.85 3.38
C ARG A 545 4.12 46.45 4.29
N LYS A 546 3.97 46.66 5.60
CA LYS A 546 5.10 46.37 6.48
C LYS A 546 5.17 44.88 6.75
N LEU A 547 6.37 44.33 6.65
CA LEU A 547 6.58 42.89 6.76
C LEU A 547 6.82 42.47 8.21
N TYR A 548 7.41 43.34 9.01
CA TYR A 548 7.78 42.98 10.36
C TYR A 548 8.24 44.21 11.12
N UNK B 1 20.62 10.09 -51.40
CA UNK B 1 21.12 9.61 -50.08
C UNK B 1 22.51 9.05 -50.24
N UNK B 2 22.63 7.87 -50.85
CA UNK B 2 23.92 7.27 -51.17
C UNK B 2 24.83 7.03 -49.95
N UNK B 3 24.24 6.93 -48.77
CA UNK B 3 24.98 6.69 -47.53
C UNK B 3 26.02 7.77 -47.25
N UNK B 4 25.76 8.99 -47.73
CA UNK B 4 26.69 10.12 -47.61
C UNK B 4 28.03 9.93 -48.34
N UNK B 5 28.13 8.93 -49.22
CA UNK B 5 29.29 8.70 -50.07
C UNK B 5 30.62 8.63 -49.32
N UNK B 6 30.78 7.60 -48.48
CA UNK B 6 31.97 7.47 -47.65
C UNK B 6 33.23 7.27 -48.48
N UNK B 7 34.38 7.34 -47.81
CA UNK B 7 35.65 7.09 -48.46
C UNK B 7 35.71 5.65 -48.95
N UNK B 8 36.07 5.46 -50.20
CA UNK B 8 36.16 4.13 -50.79
C UNK B 8 37.49 3.48 -50.45
N UNK B 9 37.57 2.93 -49.23
CA UNK B 9 38.79 2.28 -48.70
C UNK B 9 39.91 3.29 -48.44
N UNK B 10 40.81 2.95 -47.51
CA UNK B 10 41.87 3.87 -47.10
C UNK B 10 43.08 3.19 -46.46
N UNK B 11 44.25 3.63 -46.88
CA UNK B 11 45.51 3.07 -46.40
C UNK B 11 45.80 3.56 -45.00
N UNK B 12 46.77 2.94 -44.33
CA UNK B 12 47.08 3.30 -42.95
C UNK B 12 48.52 3.01 -42.56
N UNK B 13 48.89 3.55 -41.41
CA UNK B 13 50.21 3.37 -40.81
C UNK B 13 50.08 3.47 -39.30
N UNK B 14 51.21 3.37 -38.60
CA UNK B 14 51.20 3.34 -37.14
C UNK B 14 50.88 4.72 -36.55
N UNK B 15 49.99 4.72 -35.56
CA UNK B 15 49.74 5.91 -34.74
C UNK B 15 49.14 7.09 -35.48
N UNK B 16 48.54 6.85 -36.65
CA UNK B 16 47.89 7.94 -37.37
C UNK B 16 47.00 7.41 -38.49
N UNK B 17 45.82 8.00 -38.65
CA UNK B 17 44.90 7.59 -39.71
C UNK B 17 43.77 8.60 -39.87
N UNK B 18 43.43 8.89 -41.12
CA UNK B 18 42.34 9.81 -41.44
C UNK B 18 41.00 9.08 -41.33
N UNK B 19 39.93 9.84 -41.23
CA UNK B 19 38.61 9.28 -40.95
C UNK B 19 37.97 8.66 -42.19
N UNK B 20 36.91 7.87 -41.98
CA UNK B 20 36.12 7.39 -43.10
C UNK B 20 35.36 8.57 -43.68
N UNK B 21 34.78 9.36 -42.79
CA UNK B 21 34.32 10.71 -43.09
C UNK B 21 33.19 10.84 -44.12
N UNK B 22 32.27 9.90 -44.16
CA UNK B 22 31.13 10.02 -45.07
C UNK B 22 30.26 11.20 -44.65
N UNK B 23 29.73 11.96 -45.60
CA UNK B 23 29.01 13.17 -45.24
C UNK B 23 28.16 13.74 -46.37
N UNK B 24 27.58 14.91 -46.10
CA UNK B 24 26.81 15.68 -47.07
C UNK B 24 25.47 15.06 -47.46
N UNK B 25 25.06 14.00 -46.78
CA UNK B 25 23.73 13.44 -46.96
C UNK B 25 22.81 14.17 -46.00
N UNK B 26 21.52 14.19 -46.30
CA UNK B 26 20.55 14.79 -45.39
C UNK B 26 20.47 13.97 -44.10
N UNK B 27 20.69 12.66 -44.20
CA UNK B 27 20.68 11.80 -43.03
C UNK B 27 21.74 12.21 -42.02
N UNK B 28 22.88 12.67 -42.52
CA UNK B 28 23.97 13.16 -41.67
C UNK B 28 23.62 14.47 -40.97
N UNK B 29 22.53 15.13 -41.36
CA UNK B 29 22.05 16.32 -40.66
C UNK B 29 21.27 16.00 -39.39
N UNK B 30 20.96 14.73 -39.14
CA UNK B 30 20.14 14.33 -38.01
C UNK B 30 20.58 13.03 -37.32
N UNK B 31 21.70 12.44 -37.72
CA UNK B 31 22.20 11.25 -37.05
C UNK B 31 23.62 10.86 -37.44
N UNK B 32 24.25 10.04 -36.59
CA UNK B 32 25.62 9.59 -36.80
C UNK B 32 25.90 8.28 -36.06
N UNK B 33 26.36 7.27 -36.80
CA UNK B 33 26.69 5.97 -36.23
C UNK B 33 27.49 5.14 -37.23
N UNK B 34 28.20 4.15 -36.74
CA UNK B 34 29.07 3.34 -37.59
C UNK B 34 29.27 1.96 -36.99
N UNK B 35 29.68 1.00 -37.81
CA UNK B 35 29.86 -0.37 -37.38
C UNK B 35 31.10 -1.00 -38.01
N UNK B 36 31.58 -2.10 -37.45
CA UNK B 36 32.84 -2.73 -37.87
C UNK B 36 32.73 -4.23 -37.90
N UNK B 37 33.38 -4.86 -38.87
CA UNK B 37 33.29 -6.31 -39.04
C UNK B 37 34.57 -6.92 -39.60
N UNK B 38 35.02 -8.00 -39.01
CA UNK B 38 36.18 -8.72 -39.50
C UNK B 38 35.80 -9.50 -40.74
N UNK B 39 36.78 -10.04 -41.42
CA UNK B 39 36.55 -10.70 -42.70
C UNK B 39 35.70 -11.96 -42.57
N UNK B 40 34.47 -11.89 -43.08
CA UNK B 40 33.59 -13.05 -43.14
C UNK B 40 33.29 -13.69 -41.78
N UNK B 41 32.95 -12.89 -40.77
CA UNK B 41 32.64 -13.48 -39.47
C UNK B 41 32.09 -12.51 -38.44
N UNK B 42 31.47 -11.40 -38.83
CA UNK B 42 30.93 -10.49 -37.82
C UNK B 42 30.01 -9.41 -38.37
N UNK B 43 29.60 -8.51 -37.49
CA UNK B 43 28.75 -7.39 -37.85
C UNK B 43 28.52 -6.52 -36.62
N UNK B 44 29.60 -6.14 -35.94
CA UNK B 44 29.50 -5.38 -34.68
C UNK B 44 29.53 -3.87 -34.89
N UNK B 45 29.18 -3.14 -33.84
CA UNK B 45 29.02 -1.69 -33.94
C UNK B 45 30.34 -0.99 -33.75
N UNK B 46 30.30 0.34 -33.66
CA UNK B 46 31.50 1.14 -33.45
C UNK B 46 31.18 2.52 -32.90
N UNK B 47 30.54 3.35 -33.71
CA UNK B 47 30.27 4.74 -33.34
C UNK B 47 28.96 4.91 -32.58
N UNK B 48 28.78 6.09 -31.97
CA UNK B 48 27.55 6.44 -31.26
C UNK B 48 27.23 5.48 -30.11
N UNK B 49 28.26 4.97 -29.45
CA UNK B 49 28.10 4.01 -28.37
C UNK B 49 29.47 3.66 -27.77
N UNK B 50 29.57 2.52 -27.09
CA UNK B 50 30.85 2.05 -26.56
C UNK B 50 30.79 0.56 -26.24
N UNK B 51 31.96 -0.05 -26.11
CA UNK B 51 32.08 -1.48 -25.81
C UNK B 51 33.55 -1.88 -25.62
N UNK B 52 34.40 -1.42 -26.53
CA UNK B 52 35.83 -1.68 -26.49
C UNK B 52 36.53 -0.44 -27.04
N UNK B 53 36.19 0.71 -26.46
CA UNK B 53 36.49 2.01 -27.04
C UNK B 53 37.97 2.33 -27.20
N UNK B 54 38.24 3.18 -28.19
CA UNK B 54 39.59 3.70 -28.45
C UNK B 54 39.54 5.00 -29.26
N UNK B 55 38.70 5.03 -30.30
CA UNK B 55 38.49 6.21 -31.14
C UNK B 55 37.01 6.36 -31.46
N UNK B 56 36.59 7.58 -31.81
CA UNK B 56 35.17 7.83 -32.11
C UNK B 56 34.91 9.19 -32.78
N UNK B 57 33.63 9.55 -32.90
CA UNK B 57 33.18 10.86 -33.38
C UNK B 57 33.42 11.05 -34.87
N UNK B 58 33.05 12.23 -35.38
CA UNK B 58 33.26 12.57 -36.79
C UNK B 58 33.73 14.04 -36.99
N UNK B 59 32.97 15.12 -36.71
CA UNK B 59 31.59 15.16 -36.20
C UNK B 59 30.60 15.64 -37.26
N UNK B 60 31.09 16.29 -38.32
CA UNK B 60 30.26 16.69 -39.45
C UNK B 60 30.20 15.64 -40.56
N UNK B 61 30.70 14.43 -40.32
CA UNK B 61 30.69 13.37 -41.32
C UNK B 61 30.64 11.99 -40.64
N UNK B 62 31.76 11.27 -40.53
CA UNK B 62 31.74 9.88 -40.04
C UNK B 62 33.02 9.48 -39.30
N UNK B 63 33.08 8.19 -38.94
CA UNK B 63 34.05 7.62 -37.98
C UNK B 63 35.49 8.05 -38.12
N UNK B 64 36.15 8.24 -36.98
CA UNK B 64 37.56 8.61 -36.90
C UNK B 64 38.40 7.41 -36.47
N UNK B 65 39.71 7.59 -36.32
CA UNK B 65 40.61 6.51 -35.94
C UNK B 65 41.81 7.01 -35.15
N UNK B 66 42.69 6.11 -34.74
CA UNK B 66 43.88 6.47 -33.96
C UNK B 66 45.01 5.45 -34.15
N UNK B 67 45.00 4.35 -33.39
CA UNK B 67 46.07 3.36 -33.44
C UNK B 67 45.59 2.00 -32.93
N UNK B 68 46.06 0.91 -33.55
CA UNK B 68 45.53 -0.43 -33.26
C UNK B 68 46.26 -1.52 -34.07
N UNK B 69 45.58 -2.63 -34.38
CA UNK B 69 46.08 -3.65 -35.31
C UNK B 69 44.93 -4.47 -35.87
N UNK B 70 43.97 -3.81 -36.51
CA UNK B 70 42.79 -4.46 -37.09
C UNK B 70 42.29 -3.68 -38.30
N UNK B 71 41.37 -4.25 -39.09
CA UNK B 71 40.99 -3.68 -40.39
C UNK B 71 39.49 -3.60 -40.66
N UNK B 72 39.16 -2.90 -41.76
CA UNK B 72 37.79 -2.76 -42.28
C UNK B 72 36.90 -1.89 -41.39
N UNK B 73 35.87 -1.31 -41.99
CA UNK B 73 34.90 -0.50 -41.27
C UNK B 73 33.77 -0.07 -42.21
N UNK B 74 32.66 0.38 -41.64
CA UNK B 74 31.49 0.74 -42.43
C UNK B 74 30.56 1.67 -41.66
N UNK B 75 30.30 2.86 -42.19
CA UNK B 75 29.45 3.85 -41.55
C UNK B 75 28.00 3.62 -41.90
N UNK B 76 27.07 4.11 -41.07
CA UNK B 76 25.65 3.75 -41.22
C UNK B 76 24.69 4.67 -40.47
N UNK B 77 24.83 5.97 -40.69
CA UNK B 77 23.97 6.94 -40.04
C UNK B 77 22.61 7.04 -40.71
N UNK B 78 21.76 6.04 -40.46
CA UNK B 78 20.43 5.99 -41.07
C UNK B 78 19.43 6.83 -40.30
N UNK B 79 19.54 8.15 -40.45
CA UNK B 79 18.52 9.04 -39.93
C UNK B 79 17.28 8.83 -40.78
N UNK B 80 17.50 8.71 -42.09
CA UNK B 80 16.45 8.31 -43.00
C UNK B 80 16.16 6.83 -42.73
N UNK B 81 14.99 6.37 -43.19
CA UNK B 81 14.51 5.04 -42.83
C UNK B 81 15.40 3.93 -43.37
N UNK B 82 16.34 3.51 -42.52
CA UNK B 82 17.20 2.37 -42.80
C UNK B 82 18.12 2.66 -43.98
N UNK B 83 18.79 1.61 -44.46
CA UNK B 83 19.54 1.63 -45.72
C UNK B 83 20.83 2.44 -45.71
N UNK B 84 21.15 3.15 -44.63
CA UNK B 84 22.41 3.82 -44.53
C UNK B 84 23.46 2.75 -44.31
N UNK B 85 24.34 2.57 -45.29
CA UNK B 85 25.32 1.52 -45.19
C UNK B 85 26.42 1.68 -46.22
N UNK B 86 27.59 2.11 -45.76
CA UNK B 86 28.77 2.29 -46.60
C UNK B 86 29.76 1.13 -46.43
N UNK B 87 30.97 1.30 -46.94
CA UNK B 87 32.01 0.27 -46.80
C UNK B 87 33.37 0.81 -47.25
N UNK B 88 34.43 0.31 -46.63
CA UNK B 88 35.79 0.74 -46.98
C UNK B 88 36.81 -0.31 -46.54
N UNK B 89 37.65 -0.73 -47.47
CA UNK B 89 38.57 -1.83 -47.24
C UNK B 89 39.86 -1.40 -46.56
N UNK B 90 39.76 -0.71 -45.44
CA UNK B 90 40.93 -0.08 -44.85
C UNK B 90 41.91 -1.07 -44.25
N UNK B 91 43.20 -0.70 -44.25
CA UNK B 91 44.24 -1.50 -43.62
C UNK B 91 45.59 -0.78 -43.63
N UNK B 92 46.52 -1.27 -42.81
CA UNK B 92 47.81 -0.63 -42.64
C UNK B 92 48.88 -1.20 -43.57
N UNK B 93 49.89 -0.39 -43.85
CA UNK B 93 50.98 -0.74 -44.75
C UNK B 93 52.29 -0.87 -44.00
N UNK C 1 24.46 -8.50 -24.72
CA UNK C 1 24.02 -9.52 -23.73
C UNK C 1 23.22 -10.62 -24.41
N UNK C 2 22.01 -10.29 -24.85
CA UNK C 2 21.12 -11.29 -25.42
C UNK C 2 21.62 -11.74 -26.78
N UNK C 3 21.02 -12.79 -27.32
CA UNK C 3 21.40 -13.31 -28.63
C UNK C 3 20.18 -13.87 -29.34
N UNK C 4 20.36 -14.29 -30.59
CA UNK C 4 19.25 -14.79 -31.41
C UNK C 4 19.58 -16.13 -32.05
N UNK C 5 18.53 -16.88 -32.32
CA UNK C 5 18.66 -18.24 -32.81
C UNK C 5 18.90 -18.27 -34.33
N UNK C 6 18.71 -19.44 -34.94
CA UNK C 6 19.03 -19.65 -36.35
C UNK C 6 17.96 -19.09 -37.30
N UNK C 7 18.01 -19.51 -38.56
CA UNK C 7 17.04 -19.08 -39.56
C UNK C 7 16.94 -20.11 -40.70
N UNK C 8 16.36 -19.70 -41.83
CA UNK C 8 16.23 -20.57 -42.99
C UNK C 8 17.47 -20.49 -43.90
N UNK C 9 17.66 -21.52 -44.70
CA UNK C 9 18.77 -21.59 -45.64
C UNK C 9 18.39 -20.97 -46.97
N UNK C 10 19.31 -21.00 -47.94
CA UNK C 10 19.06 -20.42 -49.24
C UNK C 10 18.08 -21.29 -50.01
N UNK C 11 17.53 -20.74 -51.09
CA UNK C 11 16.32 -21.27 -51.69
C UNK C 11 16.58 -22.33 -52.73
N UNK C 12 15.55 -22.61 -53.55
CA UNK C 12 15.70 -23.43 -54.73
C UNK C 12 14.74 -22.99 -55.84
N UNK C 13 14.32 -21.73 -55.81
CA UNK C 13 13.31 -21.26 -56.76
C UNK C 13 13.25 -19.73 -56.79
N UNK C 14 12.10 -19.18 -57.15
CA UNK C 14 11.85 -17.75 -57.07
C UNK C 14 10.46 -17.54 -56.49
N UNK C 15 10.21 -18.16 -55.34
CA UNK C 15 8.87 -18.22 -54.76
C UNK C 15 8.40 -16.93 -54.09
N UNK C 16 9.34 -16.01 -53.82
CA UNK C 16 9.03 -14.75 -53.15
C UNK C 16 8.43 -14.99 -51.77
N UNK C 17 8.87 -16.05 -51.09
CA UNK C 17 8.41 -16.36 -49.73
C UNK C 17 9.21 -17.50 -49.12
N UNK C 18 9.59 -17.35 -47.85
CA UNK C 18 10.38 -18.37 -47.17
C UNK C 18 10.30 -18.34 -45.64
N UNK C 19 9.42 -17.51 -45.06
CA UNK C 19 9.29 -17.38 -43.60
C UNK C 19 10.58 -16.83 -42.98
N UNK C 20 10.58 -16.68 -41.66
CA UNK C 20 11.72 -16.11 -40.95
C UNK C 20 11.77 -16.66 -39.53
N UNK C 21 12.87 -16.40 -38.83
CA UNK C 21 13.08 -16.92 -37.49
C UNK C 21 13.90 -15.91 -36.67
N UNK C 22 15.09 -16.26 -36.17
CA UNK C 22 15.90 -15.34 -35.38
C UNK C 22 15.20 -14.87 -34.09
N UNK C 23 14.48 -15.77 -33.45
CA UNK C 23 13.92 -15.49 -32.13
C UNK C 23 15.08 -15.34 -31.16
N UNK C 24 14.92 -14.52 -30.12
CA UNK C 24 16.06 -14.08 -29.31
C UNK C 24 15.73 -13.89 -27.85
N UNK C 25 16.76 -13.50 -27.10
CA UNK C 25 16.73 -13.53 -25.64
C UNK C 25 16.37 -12.16 -25.04
N UNK C 26 17.02 -11.73 -23.94
CA UNK C 26 16.54 -10.65 -23.08
C UNK C 26 16.33 -9.30 -23.77
N UNK C 27 15.71 -8.37 -23.05
CA UNK C 27 15.31 -7.08 -23.60
C UNK C 27 14.36 -7.27 -24.78
N UNK C 28 13.32 -8.07 -24.56
CA UNK C 28 12.47 -8.55 -25.65
C UNK C 28 11.50 -7.53 -26.23
N UNK C 29 11.34 -6.37 -25.58
CA UNK C 29 10.36 -5.35 -25.98
C UNK C 29 10.98 -3.96 -26.18
N UNK C 30 12.15 -3.89 -26.80
CA UNK C 30 12.77 -2.62 -27.22
C UNK C 30 12.56 -2.43 -28.72
N UNK C 31 13.43 -3.01 -29.55
CA UNK C 31 13.29 -2.89 -30.99
C UNK C 31 14.26 -3.80 -31.75
N UNK C 32 13.99 -4.05 -33.02
CA UNK C 32 14.81 -4.96 -33.82
C UNK C 32 14.64 -4.72 -35.30
N UNK C 33 15.44 -5.41 -36.11
CA UNK C 33 15.45 -5.18 -37.55
C UNK C 33 16.17 -6.29 -38.28
N UNK C 34 15.86 -6.44 -39.57
CA UNK C 34 16.46 -7.47 -40.44
C UNK C 34 17.43 -6.82 -41.41
N UNK C 35 18.62 -7.39 -41.52
CA UNK C 35 19.69 -6.80 -42.30
C UNK C 35 19.63 -7.21 -43.76
N UNK C 36 20.71 -6.93 -44.50
CA UNK C 36 20.81 -7.29 -45.90
C UNK C 36 22.26 -7.59 -46.26
N UNK C 37 22.67 -8.85 -46.12
CA UNK C 37 24.03 -9.27 -46.46
C UNK C 37 24.18 -9.41 -47.96
N UNK C 38 25.16 -8.72 -48.53
CA UNK C 38 25.30 -8.64 -49.99
C UNK C 38 26.00 -9.84 -50.61
N UNK C 39 26.64 -10.68 -49.81
CA UNK C 39 27.25 -11.93 -50.25
C UNK C 39 28.53 -11.82 -51.07
N UNK C 40 28.84 -10.64 -51.59
CA UNK C 40 30.03 -10.45 -52.41
C UNK C 40 30.40 -8.98 -52.52
N UNK C 41 30.13 -8.18 -51.50
CA UNK C 41 30.45 -6.76 -51.54
C UNK C 41 30.40 -6.08 -50.18
N UNK C 42 29.25 -6.13 -49.50
CA UNK C 42 29.09 -5.42 -48.23
C UNK C 42 27.75 -5.77 -47.56
N UNK C 43 27.00 -4.79 -47.05
CA UNK C 43 25.62 -5.00 -46.62
C UNK C 43 24.84 -3.71 -46.81
N UNK C 44 23.50 -3.78 -46.82
CA UNK C 44 22.67 -2.64 -47.21
C UNK C 44 21.33 -2.52 -46.48
N UNK C 45 21.09 -3.36 -45.48
CA UNK C 45 19.96 -3.21 -44.56
C UNK C 45 18.60 -3.46 -45.19
N UNK C 46 17.57 -3.32 -44.39
CA UNK C 46 16.20 -3.53 -44.82
C UNK C 46 15.25 -3.07 -43.72
N UNK C 47 14.01 -3.55 -43.72
CA UNK C 47 13.00 -3.05 -42.80
C UNK C 47 13.31 -3.33 -41.34
N UNK C 48 12.57 -2.64 -40.47
CA UNK C 48 12.70 -2.79 -39.01
C UNK C 48 11.54 -3.58 -38.45
N UNK C 49 10.35 -2.97 -38.46
CA UNK C 49 9.14 -3.58 -37.91
C UNK C 49 9.32 -3.87 -36.44
N UNK C 50 9.96 -2.95 -35.73
CA UNK C 50 10.25 -3.12 -34.32
C UNK C 50 8.97 -3.17 -33.52
N UNK C 51 8.13 -2.17 -33.74
CA UNK C 51 6.80 -2.14 -33.17
C UNK C 51 5.94 -1.27 -34.07
N UNK C 52 4.65 -1.55 -34.13
CA UNK C 52 3.72 -0.83 -35.01
C UNK C 52 4.11 -1.03 -36.48
N UNK C 53 5.11 -0.30 -36.97
CA UNK C 53 5.52 -0.44 -38.36
C UNK C 53 6.82 0.26 -38.71
N UNK C 54 7.50 -0.26 -39.74
CA UNK C 54 8.71 0.33 -40.30
C UNK C 54 9.20 -0.52 -41.48
N UNK C 55 8.48 -0.51 -42.58
CA UNK C 55 8.74 -1.43 -43.70
C UNK C 55 9.98 -1.05 -44.50
N UNK C 56 10.38 -1.94 -45.40
CA UNK C 56 11.62 -1.81 -46.16
C UNK C 56 11.39 -1.15 -47.52
N UNK C 57 12.21 -1.48 -48.51
CA UNK C 57 11.94 -1.15 -49.92
C UNK C 57 12.00 -2.44 -50.75
N UNK C 58 10.91 -2.74 -51.44
CA UNK C 58 10.75 -3.98 -52.21
C UNK C 58 10.74 -5.20 -51.30
N UNK C 59 9.66 -5.98 -51.37
CA UNK C 59 9.41 -7.10 -50.45
C UNK C 59 9.46 -6.61 -49.01
N UNK C 60 8.83 -5.47 -48.76
CA UNK C 60 9.09 -4.63 -47.59
C UNK C 60 8.31 -4.97 -46.30
N UNK C 61 7.41 -5.96 -46.35
CA UNK C 61 6.54 -6.28 -45.22
C UNK C 61 7.13 -7.37 -44.35
N UNK C 62 7.54 -6.99 -43.14
CA UNK C 62 8.16 -7.91 -42.18
C UNK C 62 7.10 -8.44 -41.22
N UNK C 63 7.50 -8.93 -40.05
CA UNK C 63 6.54 -9.34 -39.06
C UNK C 63 7.19 -9.42 -37.69
N UNK C 64 6.38 -9.55 -36.64
CA UNK C 64 6.89 -9.59 -35.28
C UNK C 64 5.96 -10.35 -34.35
N UNK C 65 6.42 -10.55 -33.11
CA UNK C 65 5.63 -11.22 -32.09
C UNK C 65 6.20 -10.86 -30.71
N UNK C 66 5.62 -11.45 -29.66
CA UNK C 66 6.08 -11.22 -28.29
C UNK C 66 6.15 -12.50 -27.45
N UNK C 67 6.00 -13.67 -28.07
CA UNK C 67 6.38 -14.93 -27.45
C UNK C 67 7.88 -15.07 -27.64
N UNK C 68 8.64 -14.27 -26.88
CA UNK C 68 10.03 -13.93 -27.18
C UNK C 68 10.07 -13.16 -28.50
N UNK C 69 11.24 -13.01 -29.09
CA UNK C 69 11.35 -12.35 -30.38
C UNK C 69 10.84 -13.28 -31.46
N UNK C 70 10.85 -12.83 -32.71
CA UNK C 70 10.37 -13.66 -33.81
C UNK C 70 10.65 -13.01 -35.15
N UNK C 71 9.98 -13.47 -36.20
CA UNK C 71 10.08 -12.86 -37.54
C UNK C 71 9.13 -13.50 -38.53
N UNK C 72 9.09 -12.90 -39.73
CA UNK C 72 8.39 -13.44 -40.89
C UNK C 72 8.65 -12.52 -42.07
N UNK C 73 8.63 -13.04 -43.30
CA UNK C 73 8.99 -12.23 -44.46
C UNK C 73 8.59 -12.84 -45.80
N UNK C 74 8.64 -12.01 -46.84
CA UNK C 74 8.33 -12.44 -48.21
C UNK C 74 9.59 -13.03 -48.83
N UNK C 75 10.00 -12.65 -50.04
CA UNK C 75 11.36 -12.94 -50.53
C UNK C 75 11.71 -12.15 -51.79
N UNK C 76 12.94 -12.31 -52.27
CA UNK C 76 13.45 -11.56 -53.42
C UNK C 76 14.47 -12.35 -54.25
N UNK C 77 14.84 -11.81 -55.41
CA UNK C 77 15.68 -12.53 -56.38
C UNK C 77 17.19 -12.50 -56.09
N UNK C 78 17.61 -11.69 -55.14
CA UNK C 78 19.02 -11.66 -54.74
C UNK C 78 19.23 -10.81 -53.50
N UNK C 79 18.90 -11.36 -52.34
CA UNK C 79 19.09 -10.68 -51.06
C UNK C 79 19.12 -11.67 -49.89
N UNK C 80 20.08 -11.50 -48.99
CA UNK C 80 20.31 -12.43 -47.87
C UNK C 80 19.60 -11.95 -46.59
N UNK C 81 20.12 -12.31 -45.41
CA UNK C 81 19.51 -11.88 -44.16
C UNK C 81 20.43 -11.95 -42.96
N UNK C 82 20.09 -11.14 -41.95
CA UNK C 82 20.76 -11.10 -40.65
C UNK C 82 19.83 -10.38 -39.69
N UNK C 83 20.17 -10.36 -38.40
CA UNK C 83 19.30 -9.76 -37.38
C UNK C 83 20.11 -9.00 -36.33
N UNK C 84 19.50 -7.96 -35.76
CA UNK C 84 20.19 -7.07 -34.83
C UNK C 84 19.22 -6.31 -33.95
N UNK C 85 19.61 -6.09 -32.70
CA UNK C 85 18.80 -5.38 -31.73
C UNK C 85 19.12 -3.90 -31.78
N UNK C 86 18.17 -3.07 -31.38
CA UNK C 86 18.32 -1.62 -31.51
C UNK C 86 18.78 -0.98 -30.21
N UNK C 87 19.18 0.28 -30.30
CA UNK C 87 19.55 1.11 -29.15
C UNK C 87 18.63 2.33 -29.01
N UNK C 88 17.46 2.26 -29.60
CA UNK C 88 16.52 3.38 -29.59
C UNK C 88 15.71 3.40 -28.31
N UNK C 89 15.49 2.22 -27.74
CA UNK C 89 14.87 2.08 -26.43
C UNK C 89 13.42 2.53 -26.45
N UNK C 90 12.75 2.33 -27.59
CA UNK C 90 11.34 2.66 -27.68
C UNK C 90 10.73 2.17 -28.98
N UNK C 91 9.41 2.30 -29.05
CA UNK C 91 8.63 1.95 -30.23
C UNK C 91 8.72 3.06 -31.27
N UNK C 92 9.93 3.33 -31.74
CA UNK C 92 10.23 4.60 -32.41
C UNK C 92 10.17 4.59 -33.93
N UNK C 93 9.83 5.75 -34.48
CA UNK C 93 9.87 5.99 -35.91
C UNK C 93 11.30 6.29 -36.35
N UNK C 94 12.04 6.98 -35.50
CA UNK C 94 13.46 7.28 -35.74
C UNK C 94 14.40 6.24 -35.13
N UNK C 95 13.93 5.01 -34.97
CA UNK C 95 14.76 3.92 -34.48
C UNK C 95 15.55 3.30 -35.64
N UNK C 96 16.86 3.19 -35.47
CA UNK C 96 17.72 2.66 -36.53
C UNK C 96 19.10 2.20 -36.06
N UNK C 97 19.65 2.84 -35.03
CA UNK C 97 21.02 2.55 -34.58
C UNK C 97 21.12 1.17 -33.96
N UNK C 98 21.89 0.30 -34.61
CA UNK C 98 22.07 -1.07 -34.14
C UNK C 98 22.87 -1.06 -32.84
N UNK C 99 22.64 -2.06 -31.98
CA UNK C 99 23.28 -2.12 -30.65
C UNK C 99 23.79 -3.50 -30.24
N UNK C 100 23.43 -4.54 -30.98
CA UNK C 100 23.98 -5.85 -30.74
C UNK C 100 23.59 -6.75 -31.89
N UNK C 101 24.36 -6.70 -32.96
CA UNK C 101 24.04 -7.49 -34.15
C UNK C 101 24.61 -8.89 -33.99
N UNK C 102 23.78 -9.81 -33.53
CA UNK C 102 24.19 -11.20 -33.36
C UNK C 102 24.42 -11.85 -34.72
N UNK C 103 24.90 -13.09 -34.72
CA UNK C 103 25.25 -13.81 -35.95
C UNK C 103 24.04 -13.93 -36.85
N UNK C 104 24.25 -13.68 -38.14
CA UNK C 104 23.17 -13.50 -39.11
C UNK C 104 22.25 -14.69 -39.21
N UNK C 105 22.80 -15.88 -39.03
CA UNK C 105 22.05 -17.12 -39.05
C UNK C 105 21.44 -17.44 -40.41
N UNK C 106 21.87 -16.78 -41.47
CA UNK C 106 21.29 -17.03 -42.79
C UNK C 106 22.02 -16.38 -43.96
N UNK C 107 22.07 -17.15 -45.05
CA UNK C 107 22.55 -16.68 -46.33
C UNK C 107 21.54 -17.15 -47.36
N UNK C 108 20.97 -16.19 -48.10
CA UNK C 108 19.84 -16.45 -49.00
C UNK C 108 20.11 -15.95 -50.40
N UNK C 109 19.87 -16.83 -51.37
CA UNK C 109 19.99 -16.51 -52.79
C UNK C 109 19.23 -17.56 -53.61
N UNK C 110 19.05 -17.27 -54.90
CA UNK C 110 18.24 -18.15 -55.75
C UNK C 110 19.03 -19.37 -56.19
N PHE D 9 -8.81 -19.15 15.53
CA PHE D 9 -7.94 -18.91 14.34
C PHE D 9 -8.79 -18.26 13.26
N ASN D 10 -8.24 -17.27 12.56
CA ASN D 10 -8.84 -16.88 11.30
C ASN D 10 -7.77 -16.27 10.42
N ASN D 11 -7.93 -16.45 9.11
CA ASN D 11 -7.14 -15.74 8.10
C ASN D 11 -8.01 -15.34 6.91
N GLN D 12 -9.32 -15.44 7.02
CA GLN D 12 -10.22 -14.97 5.98
C GLN D 12 -10.17 -13.46 5.89
N THR D 13 -10.33 -12.95 4.68
CA THR D 13 -10.53 -11.55 4.40
C THR D 13 -11.93 -11.36 3.89
N GLU D 14 -12.67 -10.43 4.48
CA GLU D 14 -14.06 -10.16 4.18
C GLU D 14 -14.19 -8.77 3.59
N PHE D 15 -14.93 -8.66 2.50
CA PHE D 15 -15.14 -7.40 1.80
C PHE D 15 -16.58 -6.98 2.04
N LYS D 16 -16.84 -6.30 3.14
CA LYS D 16 -18.14 -5.72 3.40
C LYS D 16 -18.27 -4.44 2.61
N PHE D 17 -19.46 -4.23 2.04
CA PHE D 17 -19.72 -3.10 1.15
C PHE D 17 -20.61 -2.09 1.86
N LEU D 18 -20.30 -0.81 1.69
CA LEU D 18 -21.01 0.29 2.34
C LEU D 18 -21.74 1.14 1.31
N GLU D 19 -22.45 2.14 1.81
CA GLU D 19 -23.15 3.06 0.93
C GLU D 19 -22.16 3.86 0.09
N ASN D 20 -22.60 4.23 -1.10
CA ASN D 20 -21.87 5.15 -1.97
C ASN D 20 -20.49 4.63 -2.36
N GLY D 21 -20.30 3.32 -2.37
CA GLY D 21 -19.12 2.77 -2.99
C GLY D 21 -17.87 2.74 -2.16
N TRP D 22 -17.95 3.01 -0.86
CA TRP D 22 -16.88 2.62 0.03
C TRP D 22 -16.99 1.14 0.34
N VAL D 23 -15.86 0.52 0.64
CA VAL D 23 -15.77 -0.89 0.96
C VAL D 23 -14.90 -1.02 2.19
N GLU D 24 -15.26 -1.92 3.08
CA GLU D 24 -14.51 -2.19 4.32
C GLU D 24 -13.87 -3.55 4.20
N ILE D 25 -12.56 -3.60 4.37
CA ILE D 25 -11.77 -4.83 4.24
C ILE D 25 -11.37 -5.26 5.62
N THR D 26 -11.96 -6.32 6.13
CA THR D 26 -11.60 -6.90 7.41
C THR D 26 -10.55 -7.97 7.16
N ALA D 27 -9.29 -7.62 7.32
CA ALA D 27 -8.18 -8.54 7.10
C ALA D 27 -7.82 -9.21 8.41
N ASN D 28 -7.95 -10.53 8.45
CA ASN D 28 -7.54 -11.34 9.59
C ASN D 28 -6.27 -12.09 9.24
N SER D 29 -5.36 -12.17 10.20
CA SER D 29 -4.13 -12.93 10.01
C SER D 29 -3.81 -13.64 11.31
N SER D 30 -3.41 -14.91 11.20
CA SER D 30 -3.01 -15.67 12.36
C SER D 30 -1.78 -16.50 12.04
N ARG D 31 -1.05 -16.86 13.10
CA ARG D 31 0.24 -17.53 13.00
C ARG D 31 0.45 -18.45 14.20
N LEU D 32 1.29 -19.46 14.01
CA LEU D 32 1.86 -20.24 15.10
C LEU D 32 3.26 -19.72 15.38
N VAL D 33 3.48 -19.22 16.59
CA VAL D 33 4.68 -18.45 16.93
C VAL D 33 5.52 -19.28 17.88
N HIS D 34 6.82 -19.37 17.60
CA HIS D 34 7.78 -20.16 18.36
C HIS D 34 8.75 -19.23 19.06
N LEU D 35 9.09 -19.53 20.32
CA LEU D 35 10.00 -18.70 21.09
C LEU D 35 10.84 -19.54 22.03
N ASN D 36 12.16 -19.56 21.81
CA ASN D 36 13.09 -20.09 22.79
C ASN D 36 13.35 -19.07 23.89
N MET D 37 13.84 -19.54 25.02
CA MET D 37 14.19 -18.63 26.10
C MET D 37 15.42 -17.81 25.72
N PRO D 38 15.67 -16.68 26.39
CA PRO D 38 16.83 -15.86 26.04
C PRO D 38 18.15 -16.58 26.29
N GLU D 39 19.17 -16.12 25.57
CA GLU D 39 20.53 -16.57 25.86
C GLU D 39 20.92 -16.20 27.28
N SER D 40 20.59 -14.98 27.69
CA SER D 40 20.69 -14.58 29.08
C SER D 40 19.69 -13.48 29.33
N GLU D 41 19.33 -13.31 30.60
CA GLU D 41 18.48 -12.19 30.99
C GLU D 41 19.26 -10.88 31.12
N ASN D 42 20.57 -10.89 30.88
CA ASN D 42 21.37 -9.67 31.01
C ASN D 42 21.05 -8.68 29.90
N TYR D 43 20.61 -7.48 30.26
CA TYR D 43 20.73 -6.35 29.35
C TYR D 43 22.20 -6.07 29.12
N ARG D 44 22.56 -5.80 27.86
CA ARG D 44 23.96 -5.58 27.45
C ARG D 44 24.07 -4.30 26.64
N ARG D 45 25.02 -3.45 27.00
CA ARG D 45 25.42 -2.31 26.17
C ARG D 45 26.56 -2.79 25.28
N VAL D 46 26.26 -3.00 24.00
CA VAL D 46 27.20 -3.55 23.03
C VAL D 46 27.57 -2.46 22.06
N VAL D 47 28.87 -2.15 21.97
CA VAL D 47 29.40 -1.32 20.90
C VAL D 47 29.84 -2.26 19.77
N VAL D 48 29.48 -1.90 18.55
CA VAL D 48 29.57 -2.77 17.38
C VAL D 48 30.44 -2.08 16.36
N ASN D 49 31.34 -2.83 15.73
CA ASN D 49 32.46 -2.22 14.99
C ASN D 49 32.85 -3.06 13.78
N ASN D 50 33.36 -2.37 12.75
CA ASN D 50 34.02 -3.00 11.60
C ASN D 50 35.28 -2.18 11.25
N MET D 51 36.11 -1.95 12.28
CA MET D 51 37.14 -0.91 12.28
C MET D 51 38.09 -0.99 11.09
N ASP D 52 38.55 -2.20 10.74
CA ASP D 52 39.54 -2.30 9.66
C ASP D 52 38.94 -1.95 8.31
N LYS D 53 37.73 -2.45 8.02
CA LYS D 53 37.15 -2.23 6.70
C LYS D 53 36.83 -0.75 6.46
N THR D 54 36.31 -0.08 7.47
CA THR D 54 36.07 1.35 7.37
C THR D 54 37.35 2.18 7.51
N ALA D 55 38.45 1.58 7.93
CA ALA D 55 39.75 2.26 8.02
C ALA D 55 40.59 2.07 6.78
N VAL D 56 40.29 1.09 5.95
CA VAL D 56 40.81 1.10 4.59
C VAL D 56 40.26 2.33 3.88
N ASN D 57 41.14 3.03 3.17
CA ASN D 57 40.74 4.25 2.50
C ASN D 57 39.71 3.98 1.43
N GLY D 58 38.71 4.86 1.34
CA GLY D 58 37.68 4.77 0.34
C GLY D 58 36.48 3.92 0.71
N ASN D 59 36.46 3.35 1.91
CA ASN D 59 35.40 2.46 2.35
C ASN D 59 34.45 3.13 3.33
N MET D 60 34.26 4.45 3.21
CA MET D 60 33.43 5.17 4.17
C MET D 60 31.99 4.70 4.15
N ALA D 61 31.47 4.30 3.00
CA ALA D 61 30.07 3.96 2.91
C ALA D 61 29.71 2.74 3.73
N LEU D 62 30.66 1.86 4.02
CA LEU D 62 30.41 0.64 4.75
C LEU D 62 30.52 0.82 6.25
N ASP D 63 30.45 2.05 6.74
CA ASP D 63 30.77 2.35 8.13
C ASP D 63 29.64 1.89 9.03
N ASP D 64 29.88 0.83 9.79
CA ASP D 64 28.85 0.16 10.58
C ASP D 64 28.86 0.51 12.06
N ILE D 65 29.66 1.48 12.48
CA ILE D 65 29.91 1.64 13.92
C ILE D 65 28.67 2.15 14.62
N HIS D 66 28.29 1.47 15.70
CA HIS D 66 27.14 1.90 16.47
C HIS D 66 27.15 1.24 17.83
N ALA D 67 26.22 1.68 18.67
CA ALA D 67 26.01 1.17 20.02
C ALA D 67 24.54 0.87 20.19
N GLN D 68 24.23 -0.26 20.82
CA GLN D 68 22.86 -0.72 20.99
C GLN D 68 22.71 -1.41 22.33
N ILE D 69 21.49 -1.41 22.85
CA ILE D 69 21.13 -2.09 24.08
C ILE D 69 20.48 -3.40 23.69
N VAL D 70 21.20 -4.51 23.84
CA VAL D 70 20.62 -5.83 23.62
C VAL D 70 19.77 -6.20 24.84
N THR D 71 18.59 -6.75 24.58
CA THR D 71 17.51 -6.88 25.55
C THR D 71 17.10 -8.34 25.66
N PRO D 72 16.68 -8.83 26.86
CA PRO D 72 16.17 -10.19 26.96
C PRO D 72 14.69 -10.33 26.60
N TRP D 73 14.30 -9.81 25.44
CA TRP D 73 12.92 -9.88 24.99
C TRP D 73 12.90 -10.07 23.49
N SER D 74 11.74 -10.49 22.98
CA SER D 74 11.48 -10.59 21.56
C SER D 74 10.28 -9.72 21.21
N LEU D 75 10.22 -9.28 19.95
CA LEU D 75 9.20 -8.36 19.47
C LEU D 75 8.25 -9.08 18.51
N VAL D 76 6.95 -8.97 18.77
CA VAL D 76 5.91 -9.42 17.85
C VAL D 76 5.46 -8.19 17.06
N ASP D 77 5.79 -8.16 15.76
CA ASP D 77 5.56 -7.01 14.89
C ASP D 77 4.84 -7.48 13.63
N ALA D 78 3.69 -6.87 13.34
CA ALA D 78 2.84 -7.21 12.20
C ALA D 78 2.85 -6.14 11.14
N ASN D 79 3.86 -5.30 11.12
CA ASN D 79 3.80 -3.99 10.50
C ASN D 79 4.06 -4.01 8.99
N ALA D 80 4.03 -5.19 8.35
CA ALA D 80 4.29 -5.32 6.92
C ALA D 80 3.07 -5.91 6.23
N TRP D 81 2.93 -5.60 4.93
CA TRP D 81 1.71 -5.94 4.21
C TRP D 81 1.54 -7.44 4.07
N GLY D 82 2.62 -8.18 3.85
CA GLY D 82 2.50 -9.60 3.62
C GLY D 82 1.95 -10.39 4.78
N VAL D 83 1.99 -9.83 5.99
CA VAL D 83 1.38 -10.49 7.13
C VAL D 83 -0.11 -10.60 6.95
N TRP D 84 -0.73 -9.62 6.31
CA TRP D 84 -2.15 -9.43 6.35
C TRP D 84 -2.89 -9.81 5.08
N PHE D 85 -2.29 -9.58 3.92
CA PHE D 85 -2.92 -9.88 2.64
C PHE D 85 -2.07 -10.86 1.86
N ASN D 86 -2.74 -11.73 1.14
CA ASN D 86 -2.13 -12.73 0.29
C ASN D 86 -2.18 -12.24 -1.14
N PRO D 87 -1.48 -12.89 -2.08
CA PRO D 87 -1.44 -12.34 -3.43
C PRO D 87 -2.77 -12.26 -4.12
N GLY D 88 -3.67 -13.20 -3.87
CA GLY D 88 -4.98 -13.11 -4.49
C GLY D 88 -5.78 -11.92 -4.01
N ASP D 89 -5.75 -11.67 -2.71
CA ASP D 89 -6.53 -10.58 -2.16
C ASP D 89 -5.93 -9.24 -2.53
N TRP D 90 -4.60 -9.17 -2.56
CA TRP D 90 -3.95 -7.91 -2.91
C TRP D 90 -4.25 -7.51 -4.33
N GLN D 91 -4.51 -8.47 -5.20
CA GLN D 91 -4.90 -8.13 -6.57
C GLN D 91 -6.21 -7.37 -6.56
N LEU D 92 -7.20 -7.89 -5.85
CA LEU D 92 -8.50 -7.24 -5.85
C LEU D 92 -8.41 -5.88 -5.17
N ILE D 93 -7.55 -5.75 -4.17
CA ILE D 93 -7.36 -4.47 -3.49
C ILE D 93 -6.73 -3.46 -4.44
N VAL D 94 -5.75 -3.90 -5.22
CA VAL D 94 -5.05 -2.96 -6.09
C VAL D 94 -5.92 -2.56 -7.26
N ASN D 95 -6.56 -3.52 -7.92
CA ASN D 95 -7.08 -3.29 -9.25
C ASN D 95 -8.49 -2.75 -9.30
N THR D 96 -9.23 -2.80 -8.19
CA THR D 96 -10.60 -2.32 -8.14
C THR D 96 -10.76 -1.03 -7.38
N MET D 97 -9.76 -0.60 -6.61
CA MET D 97 -9.91 0.47 -5.63
C MET D 97 -8.91 1.58 -5.91
N SER D 98 -9.33 2.81 -5.62
CA SER D 98 -8.54 4.00 -5.88
C SER D 98 -7.88 4.57 -4.65
N GLU D 99 -8.52 4.50 -3.50
CA GLU D 99 -8.05 5.10 -2.27
C GLU D 99 -8.21 4.10 -1.15
N LEU D 100 -7.44 4.31 -0.09
CA LEU D 100 -7.37 3.35 1.01
C LEU D 100 -7.11 4.12 2.29
N HIS D 101 -7.77 3.73 3.37
CA HIS D 101 -7.58 4.31 4.70
C HIS D 101 -7.46 3.18 5.71
N LEU D 102 -6.59 3.36 6.69
CA LEU D 102 -6.58 2.44 7.82
C LEU D 102 -7.73 2.80 8.75
N VAL D 103 -8.32 1.78 9.37
CA VAL D 103 -9.45 1.98 10.27
C VAL D 103 -9.03 1.58 11.68
N SER D 104 -8.68 0.33 11.89
CA SER D 104 -8.45 -0.13 13.25
C SER D 104 -7.64 -1.41 13.26
N PHE D 105 -7.04 -1.69 14.41
CA PHE D 105 -6.11 -2.79 14.59
C PHE D 105 -6.25 -3.35 15.99
N GLU D 106 -6.28 -4.68 16.10
CA GLU D 106 -6.18 -5.32 17.39
C GLU D 106 -5.44 -6.63 17.23
N GLN D 107 -4.84 -7.06 18.34
CA GLN D 107 -4.16 -8.34 18.43
C GLN D 107 -4.82 -9.20 19.49
N GLU D 108 -4.61 -10.51 19.38
CA GLU D 108 -4.87 -11.41 20.51
C GLU D 108 -4.07 -12.69 20.33
N ILE D 109 -3.75 -13.33 21.47
CA ILE D 109 -2.89 -14.51 21.54
C ILE D 109 -3.65 -15.60 22.30
N PHE D 110 -3.47 -16.86 21.86
CA PHE D 110 -4.26 -17.97 22.38
C PHE D 110 -3.48 -19.28 22.27
N ASN D 111 -3.94 -20.28 23.01
CA ASN D 111 -3.39 -21.65 23.03
C ASN D 111 -1.88 -21.65 23.24
N VAL D 112 -1.46 -21.08 24.37
CA VAL D 112 -0.05 -21.04 24.71
C VAL D 112 0.46 -22.44 25.04
N VAL D 113 1.71 -22.69 24.68
CA VAL D 113 2.41 -23.94 24.97
C VAL D 113 3.73 -23.57 25.65
N LEU D 114 4.16 -24.40 26.60
CA LEU D 114 5.40 -24.17 27.32
C LEU D 114 6.01 -25.52 27.68
N LYS D 115 7.29 -25.71 27.34
CA LYS D 115 7.94 -27.02 27.39
C LYS D 115 9.39 -26.87 27.83
N THR D 116 9.99 -28.01 28.21
CA THR D 116 11.42 -28.10 28.47
C THR D 116 11.98 -29.36 27.84
N VAL D 117 13.31 -29.40 27.75
CA VAL D 117 14.06 -30.46 27.10
C VAL D 117 14.85 -31.23 28.15
N SER D 118 14.89 -32.55 28.02
CA SER D 118 15.70 -33.40 28.89
C SER D 118 16.24 -34.57 28.10
N GLU D 119 17.26 -35.21 28.65
CA GLU D 119 17.84 -36.45 28.09
C GLU D 119 18.10 -37.45 29.20
N THR D 126 17.43 -40.49 23.63
CA THR D 126 17.11 -39.32 22.82
C THR D 126 16.40 -38.27 23.70
N LYS D 127 16.20 -37.07 23.14
CA LYS D 127 15.62 -35.99 23.90
C LYS D 127 14.16 -36.27 24.26
N VAL D 128 13.78 -35.84 25.46
CA VAL D 128 12.39 -35.85 25.93
C VAL D 128 11.94 -34.41 26.06
N TYR D 129 10.76 -34.11 25.49
CA TYR D 129 10.19 -32.76 25.46
C TYR D 129 9.06 -32.69 26.47
N ASN D 130 9.38 -32.19 27.66
CA ASN D 130 8.42 -32.19 28.76
C ASN D 130 7.42 -31.07 28.60
N ASN D 131 6.27 -31.21 29.27
CA ASN D 131 5.34 -30.12 29.47
C ASN D 131 5.57 -29.49 30.84
N ASP D 132 5.39 -28.16 30.90
CA ASP D 132 5.77 -27.34 32.05
C ASP D 132 4.63 -26.35 32.35
N LEU D 133 3.45 -26.90 32.63
CA LEU D 133 2.28 -26.08 32.93
C LEU D 133 2.48 -25.16 34.14
N THR D 134 3.44 -25.46 35.01
CA THR D 134 3.71 -24.63 36.18
C THR D 134 4.34 -23.28 35.83
N ALA D 135 5.16 -23.21 34.78
CA ALA D 135 5.88 -21.98 34.43
C ALA D 135 4.96 -21.02 33.67
N SER D 136 5.51 -19.92 33.12
CA SER D 136 4.70 -18.88 32.49
C SER D 136 5.44 -18.25 31.32
N LEU D 137 4.64 -17.82 30.33
CA LEU D 137 5.11 -16.94 29.26
C LEU D 137 4.84 -15.49 29.67
N MET D 138 5.77 -14.60 29.31
CA MET D 138 5.73 -13.20 29.70
C MET D 138 5.41 -12.35 28.49
N VAL D 139 4.45 -11.43 28.62
CA VAL D 139 3.94 -10.62 27.52
C VAL D 139 3.76 -9.18 28.01
N ALA D 140 4.05 -8.22 27.13
CA ALA D 140 3.97 -6.79 27.46
C ALA D 140 3.47 -6.01 26.24
N LEU D 141 2.26 -5.48 26.34
CA LEU D 141 1.70 -4.57 25.32
C LEU D 141 2.08 -3.15 25.66
N ASP D 142 2.82 -2.49 24.79
CA ASP D 142 3.20 -1.08 24.97
C ASP D 142 2.10 -0.15 24.45
N SER D 143 0.94 -0.23 25.09
CA SER D 143 -0.14 0.70 24.78
C SER D 143 0.22 2.13 25.09
N ASN D 144 1.14 2.35 26.02
CA ASN D 144 1.57 3.69 26.38
C ASN D 144 2.61 4.28 25.43
N ASN D 145 2.96 3.58 24.34
CA ASN D 145 4.03 3.94 23.39
C ASN D 145 5.34 4.35 24.06
N THR D 146 5.66 3.76 25.20
CA THR D 146 6.92 4.09 25.87
C THR D 146 8.12 3.76 25.01
N MET D 147 8.24 2.51 24.57
CA MET D 147 9.49 2.04 24.01
C MET D 147 9.73 2.72 22.66
N PRO D 148 10.99 2.99 22.28
CA PRO D 148 11.23 3.62 20.99
C PRO D 148 10.77 2.74 19.86
N PHE D 149 10.18 3.36 18.86
CA PHE D 149 9.56 2.58 17.81
C PHE D 149 10.66 1.92 17.00
N THR D 150 10.48 0.64 16.75
CA THR D 150 11.52 -0.20 16.16
C THR D 150 10.88 -1.13 15.15
N PRO D 151 10.37 -0.59 14.05
CA PRO D 151 9.57 -1.40 13.12
C PRO D 151 10.42 -2.43 12.41
N ALA D 152 9.99 -3.68 12.47
CA ALA D 152 10.79 -4.78 11.96
C ALA D 152 10.88 -4.82 10.44
N ALA D 153 10.11 -4.01 9.73
CA ALA D 153 10.09 -4.09 8.28
C ALA D 153 11.44 -3.71 7.69
N MET D 154 12.12 -2.74 8.29
CA MET D 154 13.36 -2.26 7.73
C MET D 154 14.47 -3.29 7.80
N ARG D 155 14.37 -4.26 8.69
CA ARG D 155 15.31 -5.38 8.73
C ARG D 155 14.72 -6.69 8.22
N SER D 156 13.48 -6.69 7.76
CA SER D 156 12.84 -7.89 7.22
C SER D 156 12.74 -8.97 8.29
N GLU D 157 12.18 -8.58 9.44
CA GLU D 157 12.07 -9.45 10.60
C GLU D 157 10.64 -9.48 11.16
N THR D 158 9.63 -9.19 10.34
CA THR D 158 8.25 -9.23 10.82
C THR D 158 7.83 -10.69 11.01
N LEU D 159 6.62 -10.89 11.52
CA LEU D 159 6.03 -12.22 11.48
C LEU D 159 5.92 -12.68 10.04
N GLY D 160 6.05 -13.97 9.83
CA GLY D 160 6.20 -14.49 8.49
C GLY D 160 4.94 -14.34 7.65
N PHE D 161 5.16 -14.27 6.34
CA PHE D 161 4.12 -13.97 5.38
C PHE D 161 3.47 -15.22 4.82
N TYR D 162 3.25 -16.23 5.63
CA TYR D 162 2.42 -17.34 5.26
C TYR D 162 1.66 -17.68 6.53
N PRO D 163 0.42 -18.19 6.43
CA PRO D 163 -0.22 -18.66 7.66
C PRO D 163 0.36 -19.96 8.18
N TRP D 164 0.74 -20.88 7.30
CA TRP D 164 0.84 -22.29 7.70
C TRP D 164 2.10 -22.56 8.52
N LYS D 165 3.27 -22.31 7.94
CA LYS D 165 4.49 -22.67 8.64
C LYS D 165 4.67 -21.79 9.87
N PRO D 166 5.33 -22.27 10.93
CA PRO D 166 5.56 -21.41 12.09
C PRO D 166 6.56 -20.30 11.79
N THR D 167 6.62 -19.35 12.71
CA THR D 167 7.45 -18.16 12.60
C THR D 167 7.97 -17.80 13.98
N ILE D 168 9.06 -17.04 14.02
CA ILE D 168 9.78 -16.70 15.26
C ILE D 168 9.74 -15.19 15.45
N PRO D 169 9.51 -14.68 16.67
CA PRO D 169 9.56 -13.22 16.86
C PRO D 169 10.99 -12.78 17.14
N THR D 170 11.39 -11.68 16.52
CA THR D 170 12.81 -11.32 16.47
C THR D 170 13.31 -10.86 17.85
N PRO D 171 14.57 -11.15 18.21
CA PRO D 171 15.13 -10.54 19.44
C PRO D 171 15.22 -9.03 19.32
N TRP D 172 14.80 -8.32 20.37
CA TRP D 172 14.65 -6.88 20.34
C TRP D 172 15.91 -6.16 20.82
N ARG D 173 16.13 -4.98 20.26
CA ARG D 173 17.26 -4.12 20.58
C ARG D 173 16.94 -2.72 20.07
N TYR D 174 17.64 -1.72 20.61
CA TYR D 174 17.47 -0.34 20.15
C TYR D 174 18.80 0.40 20.22
N TYR D 175 18.94 1.42 19.39
CA TYR D 175 20.19 2.17 19.30
C TYR D 175 20.43 2.96 20.57
N PHE D 176 21.65 2.84 21.09
CA PHE D 176 22.18 3.72 22.11
C PHE D 176 22.74 4.96 21.42
N GLN D 177 23.19 5.93 22.21
CA GLN D 177 23.88 7.08 21.63
C GLN D 177 25.33 6.75 21.36
N TRP D 178 25.90 7.41 20.36
CA TRP D 178 27.33 7.32 20.17
C TRP D 178 27.85 8.57 19.50
N ASP D 179 29.16 8.69 19.53
CA ASP D 179 29.90 9.77 18.90
C ASP D 179 30.88 9.13 17.94
N ARG D 180 30.89 9.60 16.71
CA ARG D 180 31.87 9.12 15.74
C ARG D 180 32.14 10.18 14.70
N THR D 181 33.39 10.26 14.27
CA THR D 181 33.80 11.06 13.14
C THR D 181 34.54 10.16 12.18
N LEU D 182 34.37 10.40 10.89
CA LEU D 182 35.02 9.60 9.86
C LEU D 182 35.31 10.53 8.70
N ILE D 183 36.52 11.08 8.67
CA ILE D 183 36.88 12.03 7.64
C ILE D 183 37.07 11.24 6.35
N PRO D 184 36.35 11.48 5.26
CA PRO D 184 36.48 10.60 4.10
C PRO D 184 37.80 10.76 3.38
N SER D 185 38.19 9.72 2.66
CA SER D 185 39.40 9.75 1.86
C SER D 185 39.25 8.81 0.68
N HIS D 186 39.91 9.17 -0.42
CA HIS D 186 39.84 8.39 -1.65
C HIS D 186 40.94 7.36 -1.69
N THR D 187 40.81 6.44 -2.64
CA THR D 187 41.86 5.48 -2.91
C THR D 187 43.16 6.21 -3.22
N GLY D 188 44.22 5.83 -2.51
CA GLY D 188 45.51 6.43 -2.72
C GLY D 188 45.77 7.72 -1.97
N THR D 189 44.84 8.19 -1.15
CA THR D 189 45.18 9.27 -0.24
C THR D 189 46.23 8.80 0.74
N SER D 190 47.08 9.73 1.18
CA SER D 190 48.10 9.37 2.14
C SER D 190 47.49 9.08 3.50
N GLY D 191 48.08 8.14 4.22
CA GLY D 191 47.70 7.90 5.59
C GLY D 191 46.29 7.36 5.72
N THR D 192 45.81 7.36 6.98
CA THR D 192 44.45 6.99 7.33
C THR D 192 43.75 8.25 7.83
N PRO D 193 42.64 8.71 7.25
CA PRO D 193 42.01 9.92 7.77
C PRO D 193 41.35 9.64 9.10
N THR D 194 41.08 10.74 9.81
CA THR D 194 40.63 10.72 11.20
C THR D 194 39.36 9.89 11.35
N ASN D 195 39.52 8.73 12.01
CA ASN D 195 38.52 7.67 12.03
C ASN D 195 38.48 7.13 13.46
N ILE D 196 37.64 7.75 14.30
CA ILE D 196 37.68 7.62 15.76
C ILE D 196 36.26 7.45 16.27
N TYR D 197 36.11 6.65 17.33
CA TYR D 197 34.89 6.56 18.12
C TYR D 197 35.18 7.20 19.48
N HIS D 198 34.43 8.24 19.82
CA HIS D 198 34.70 9.07 21.00
C HIS D 198 33.86 8.69 22.21
N GLY D 199 33.23 7.52 22.22
CA GLY D 199 32.41 7.13 23.35
C GLY D 199 31.01 7.70 23.24
N THR D 200 30.51 8.25 24.35
CA THR D 200 29.14 8.77 24.42
C THR D 200 29.12 10.02 25.30
N ASP D 201 28.13 10.91 25.03
CA ASP D 201 27.89 12.10 25.87
C ASP D 201 26.96 11.73 27.02
N PRO D 202 27.24 12.15 28.27
CA PRO D 202 26.34 11.76 29.38
C PRO D 202 24.94 12.35 29.28
N ASP D 203 24.81 13.53 28.69
CA ASP D 203 23.52 14.22 28.63
C ASP D 203 22.50 13.45 27.78
N ASP D 204 22.98 12.67 26.82
CA ASP D 204 22.12 11.99 25.85
C ASP D 204 21.66 10.61 26.29
N VAL D 205 22.14 10.11 27.43
CA VAL D 205 22.01 8.69 27.77
C VAL D 205 20.55 8.32 28.00
N GLN D 206 20.13 7.19 27.43
CA GLN D 206 18.79 6.64 27.60
C GLN D 206 18.92 5.12 27.71
N PHE D 207 18.86 4.61 28.94
CA PHE D 207 18.74 3.18 29.19
C PHE D 207 17.33 2.90 29.66
N TYR D 208 16.65 1.99 28.96
CA TYR D 208 15.30 1.57 29.28
C TYR D 208 15.28 0.07 29.52
N THR D 209 14.35 -0.37 30.37
CA THR D 209 14.06 -1.78 30.56
C THR D 209 12.56 -1.96 30.43
N ILE D 210 12.15 -3.05 29.79
CA ILE D 210 10.74 -3.37 29.64
C ILE D 210 10.08 -3.47 30.99
N GLU D 211 10.78 -4.05 31.96
CA GLU D 211 10.22 -4.34 33.27
C GLU D 211 9.78 -3.10 34.02
N ASN D 212 10.33 -1.93 33.68
CA ASN D 212 9.94 -0.66 34.28
C ASN D 212 9.37 0.31 33.25
N SER D 213 9.07 -0.14 32.04
CA SER D 213 8.39 0.64 31.03
C SER D 213 6.94 0.25 30.84
N VAL D 214 6.64 -1.04 30.94
CA VAL D 214 5.33 -1.62 30.62
C VAL D 214 4.96 -2.62 31.72
N PRO D 215 3.73 -2.68 32.22
CA PRO D 215 3.33 -3.83 33.03
C PRO D 215 3.29 -5.10 32.20
N VAL D 216 3.67 -6.22 32.81
CA VAL D 216 3.92 -7.48 32.11
C VAL D 216 2.83 -8.47 32.52
N HIS D 217 2.18 -9.08 31.53
CA HIS D 217 1.25 -10.17 31.78
C HIS D 217 1.99 -11.49 31.81
N LEU D 218 1.53 -12.41 32.64
CA LEU D 218 1.99 -13.80 32.64
C LEU D 218 0.89 -14.69 32.09
N LEU D 219 1.26 -15.59 31.18
CA LEU D 219 0.32 -16.46 30.49
C LEU D 219 0.76 -17.91 30.64
N ARG D 220 -0.22 -18.80 30.50
CA ARG D 220 -0.03 -20.24 30.68
C ARG D 220 -0.87 -21.00 29.66
N THR D 221 -0.59 -22.30 29.55
CA THR D 221 -1.45 -23.19 28.78
C THR D 221 -2.80 -23.23 29.49
N GLY D 222 -3.80 -22.54 28.93
CA GLY D 222 -5.13 -22.45 29.50
C GLY D 222 -5.74 -21.06 29.59
N ASP D 223 -5.00 -20.02 29.19
CA ASP D 223 -5.50 -18.65 29.23
C ASP D 223 -5.03 -17.90 27.99
N GLU D 224 -5.56 -16.68 27.81
CA GLU D 224 -5.45 -15.93 26.56
C GLU D 224 -5.21 -14.46 26.87
N PHE D 225 -4.81 -13.74 25.82
CA PHE D 225 -4.50 -12.31 25.86
C PHE D 225 -5.20 -11.64 24.67
N ALA D 226 -5.68 -10.41 24.87
CA ALA D 226 -6.27 -9.63 23.79
C ALA D 226 -6.08 -8.14 24.07
N THR D 227 -5.93 -7.38 22.99
CA THR D 227 -5.75 -5.93 23.09
C THR D 227 -7.09 -5.23 23.04
N GLY D 228 -7.06 -3.94 23.25
CA GLY D 228 -8.10 -3.08 22.73
C GLY D 228 -7.84 -2.76 21.28
N THR D 229 -8.86 -2.23 20.61
CA THR D 229 -8.72 -1.81 19.23
C THR D 229 -8.06 -0.45 19.16
N PHE D 230 -6.86 -0.38 18.61
CA PHE D 230 -6.29 0.88 18.22
C PHE D 230 -7.09 1.43 17.04
N PHE D 231 -7.36 2.73 17.05
CA PHE D 231 -8.05 3.39 15.94
C PHE D 231 -7.13 4.38 15.28
N PHE D 232 -7.00 4.28 13.96
CA PHE D 232 -6.10 5.14 13.22
C PHE D 232 -6.76 6.46 12.88
N ASP D 233 -5.93 7.48 12.70
CA ASP D 233 -6.34 8.83 12.35
C ASP D 233 -5.86 9.23 10.96
N CYS D 234 -5.40 8.28 10.16
CA CYS D 234 -4.54 8.60 9.02
C CYS D 234 -5.31 9.21 7.86
N LYS D 235 -4.57 9.95 7.04
CA LYS D 235 -5.04 10.51 5.79
C LYS D 235 -4.90 9.47 4.67
N PRO D 236 -5.67 9.59 3.59
CA PRO D 236 -5.68 8.54 2.56
C PRO D 236 -4.34 8.32 1.90
N CYS D 237 -4.05 7.05 1.62
CA CYS D 237 -3.10 6.67 0.60
C CYS D 237 -3.86 6.50 -0.70
N ARG D 238 -3.18 6.73 -1.82
CA ARG D 238 -3.76 6.57 -3.14
C ARG D 238 -3.12 5.39 -3.86
N LEU D 239 -3.96 4.59 -4.49
CA LEU D 239 -3.53 3.46 -5.28
C LEU D 239 -3.40 3.81 -6.76
N THR D 240 -3.24 5.10 -7.07
CA THR D 240 -3.15 5.59 -8.44
C THR D 240 -1.94 6.50 -8.57
N HIS D 241 -1.39 6.61 -9.78
CA HIS D 241 -0.15 7.32 -10.03
C HIS D 241 -0.35 8.49 -10.98
N THR D 242 0.46 9.53 -10.76
CA THR D 242 0.43 10.76 -11.55
C THR D 242 1.47 10.70 -12.63
N TRP D 243 1.05 10.85 -13.87
CA TRP D 243 1.95 10.73 -15.01
C TRP D 243 2.43 12.05 -15.56
N GLN D 244 1.68 13.12 -15.38
CA GLN D 244 2.05 14.40 -15.93
C GLN D 244 3.23 14.99 -15.19
N THR D 245 4.26 15.40 -15.93
CA THR D 245 5.32 16.25 -15.42
C THR D 245 5.00 17.66 -15.88
N ASN D 246 5.96 18.57 -15.66
CA ASN D 246 5.74 19.97 -16.00
C ASN D 246 5.37 20.17 -17.45
N ARG D 247 6.00 19.41 -18.34
CA ARG D 247 5.80 19.66 -19.75
C ARG D 247 4.39 19.38 -20.24
N ALA D 248 3.63 18.56 -19.51
CA ALA D 248 2.29 18.15 -19.92
C ALA D 248 1.18 18.85 -19.16
N LEU D 249 1.48 19.86 -18.36
CA LEU D 249 0.46 20.61 -17.66
C LEU D 249 -0.04 21.73 -18.56
N GLY D 250 -1.31 22.08 -18.40
CA GLY D 250 -1.85 23.21 -19.11
C GLY D 250 -2.29 22.86 -20.52
N LEU D 251 -2.39 23.90 -21.34
CA LEU D 251 -3.03 23.81 -22.63
C LEU D 251 -1.99 23.65 -23.73
N PRO D 252 -2.02 22.63 -24.59
CA PRO D 252 -1.04 22.51 -25.64
C PRO D 252 -1.09 23.64 -26.63
N PRO D 253 -0.02 23.90 -27.36
CA PRO D 253 -0.07 24.93 -28.39
C PRO D 253 -0.94 24.49 -29.54
N PHE D 254 -1.59 25.44 -30.18
CA PHE D 254 -2.52 25.13 -31.25
C PHE D 254 -1.78 24.80 -32.53
N LEU D 255 -2.05 23.64 -33.09
CA LEU D 255 -1.35 23.18 -34.28
C LEU D 255 -2.08 23.70 -35.51
N ASN D 256 -1.46 24.66 -36.19
CA ASN D 256 -2.09 25.24 -37.36
C ASN D 256 -2.10 24.29 -38.55
N SER D 257 -1.12 23.39 -38.64
CA SER D 257 -0.92 22.52 -39.80
C SER D 257 -1.01 21.08 -39.35
N LEU D 258 -2.22 20.53 -39.32
CA LEU D 258 -2.43 19.19 -38.83
C LEU D 258 -2.07 18.18 -39.92
N PRO D 259 -1.74 16.95 -39.56
CA PRO D 259 -1.30 15.98 -40.57
C PRO D 259 -2.42 15.57 -41.51
N GLN D 260 -2.04 14.86 -42.57
CA GLN D 260 -2.98 14.36 -43.58
C GLN D 260 -2.86 12.86 -43.84
N SER D 261 -2.03 12.13 -43.10
CA SER D 261 -1.88 10.69 -43.31
C SER D 261 -1.57 10.02 -41.98
N GLU D 262 -1.87 8.73 -41.91
CA GLU D 262 -1.45 7.93 -40.78
C GLU D 262 0.06 7.72 -40.82
N GLY D 263 0.57 7.03 -39.80
CA GLY D 263 1.99 6.70 -39.73
C GLY D 263 2.79 7.74 -38.99
N ALA D 264 3.69 7.29 -38.10
CA ALA D 264 4.42 8.20 -37.24
C ALA D 264 5.36 9.13 -37.99
N THR D 265 5.71 8.81 -39.24
CA THR D 265 6.57 9.72 -40.00
C THR D 265 5.89 11.05 -40.29
N ASN D 266 4.55 11.07 -40.34
CA ASN D 266 3.79 12.29 -40.59
C ASN D 266 3.49 13.01 -39.27
N PHE D 267 4.50 13.71 -38.77
CA PHE D 267 4.33 14.55 -37.60
C PHE D 267 3.46 15.74 -37.92
N GLY D 268 3.00 16.43 -36.87
CA GLY D 268 2.33 17.70 -37.01
C GLY D 268 3.27 18.87 -36.77
N ASP D 269 2.94 20.01 -37.37
CA ASP D 269 3.79 21.20 -37.36
C ASP D 269 3.06 22.36 -36.69
N ILE D 270 3.54 22.77 -35.52
CA ILE D 270 3.09 24.02 -34.91
C ILE D 270 3.38 25.17 -35.85
N GLY D 271 2.45 26.10 -35.96
CA GLY D 271 2.50 27.05 -37.06
C GLY D 271 3.53 28.16 -37.05
N VAL D 272 3.34 29.20 -36.24
CA VAL D 272 4.14 30.41 -36.43
C VAL D 272 5.48 30.27 -35.72
N GLN D 273 6.48 30.96 -36.26
CA GLN D 273 7.86 30.80 -35.85
C GLN D 273 8.07 31.11 -34.37
N GLN D 274 9.23 30.65 -33.87
CA GLN D 274 9.50 30.61 -32.44
C GLN D 274 9.45 31.97 -31.78
N ASP D 275 10.04 32.97 -32.41
CA ASP D 275 10.17 34.28 -31.80
C ASP D 275 8.89 35.10 -31.86
N LYS D 276 7.85 34.61 -32.53
CA LYS D 276 6.62 35.36 -32.76
C LYS D 276 5.38 34.67 -32.20
N ARG D 277 5.53 33.66 -31.36
CA ARG D 277 4.39 33.02 -30.73
C ARG D 277 3.92 33.80 -29.52
N ARG D 278 2.69 33.51 -29.12
CA ARG D 278 2.02 34.14 -28.01
C ARG D 278 2.20 33.31 -26.76
N GLY D 279 2.03 33.94 -25.59
CA GLY D 279 2.06 33.23 -24.32
C GLY D 279 2.75 33.94 -23.18
N VAL D 280 3.18 33.16 -22.19
CA VAL D 280 3.82 33.66 -20.98
C VAL D 280 5.07 32.84 -20.72
N THR D 281 6.15 33.49 -20.28
CA THR D 281 7.39 32.82 -19.90
C THR D 281 7.91 33.39 -18.60
N GLN D 282 8.39 32.52 -17.72
CA GLN D 282 8.81 32.98 -16.40
C GLN D 282 10.03 33.87 -16.47
N MET D 283 10.87 33.71 -17.49
CA MET D 283 12.11 34.46 -17.60
C MET D 283 12.15 35.16 -18.95
N GLY D 284 12.46 36.44 -18.89
CA GLY D 284 11.99 37.39 -19.86
C GLY D 284 12.96 38.44 -20.35
N ASN D 285 14.24 38.15 -20.37
CA ASN D 285 15.17 38.97 -21.14
C ASN D 285 15.26 38.54 -22.58
N THR D 286 14.54 37.51 -23.00
CA THR D 286 14.51 37.11 -24.41
C THR D 286 13.12 36.57 -24.73
N ASN D 287 12.77 36.61 -26.02
CA ASN D 287 11.39 36.55 -26.46
C ASN D 287 10.83 35.15 -26.64
N TYR D 288 11.67 34.13 -26.76
CA TYR D 288 11.25 32.84 -27.29
C TYR D 288 10.28 32.14 -26.36
N ILE D 289 9.07 31.86 -26.84
CA ILE D 289 8.07 31.10 -26.11
C ILE D 289 8.04 29.70 -26.71
N THR D 290 8.52 28.72 -25.95
CA THR D 290 8.68 27.34 -26.37
C THR D 290 8.17 26.47 -25.25
N GLU D 291 7.95 25.19 -25.53
CA GLU D 291 7.43 24.30 -24.51
C GLU D 291 8.40 24.13 -23.35
N ALA D 292 9.68 24.35 -23.56
CA ALA D 292 10.62 24.31 -22.45
C ALA D 292 10.52 25.55 -21.59
N THR D 293 10.11 26.68 -22.15
CA THR D 293 10.15 27.97 -21.49
C THR D 293 8.80 28.53 -21.09
N ILE D 294 7.71 27.97 -21.60
CA ILE D 294 6.39 28.49 -21.26
C ILE D 294 6.15 28.29 -19.77
N MET D 295 5.50 29.26 -19.16
CA MET D 295 5.18 29.18 -17.75
C MET D 295 4.22 28.03 -17.50
N ARG D 296 4.51 27.26 -16.47
CA ARG D 296 3.69 26.19 -15.98
C ARG D 296 3.31 26.52 -14.56
N PRO D 297 2.21 25.99 -14.02
CA PRO D 297 1.77 26.43 -12.69
C PRO D 297 2.76 26.20 -11.58
N ALA D 298 3.45 25.07 -11.56
CA ALA D 298 4.33 24.72 -10.46
C ALA D 298 5.33 23.72 -10.98
N GLU D 299 6.05 23.06 -10.08
CA GLU D 299 7.06 22.07 -10.43
C GLU D 299 6.69 20.75 -9.81
N VAL D 300 6.84 19.67 -10.56
CA VAL D 300 6.57 18.32 -10.09
C VAL D 300 7.91 17.67 -9.78
N GLY D 301 8.06 17.23 -8.55
CA GLY D 301 9.31 16.61 -8.15
C GLY D 301 10.37 17.67 -7.93
N TYR D 302 11.59 17.19 -7.69
CA TYR D 302 12.70 18.10 -7.50
C TYR D 302 14.01 17.34 -7.63
N SER D 303 15.04 18.04 -8.09
CA SER D 303 16.37 17.46 -8.13
C SER D 303 16.92 17.46 -6.71
N ALA D 304 17.12 16.30 -6.17
CA ALA D 304 17.82 16.11 -4.92
C ALA D 304 19.30 15.88 -5.22
N PRO D 305 20.19 16.14 -4.28
CA PRO D 305 21.60 15.92 -4.57
C PRO D 305 21.96 14.45 -4.49
N TYR D 306 22.20 13.78 -5.61
CA TYR D 306 22.17 12.32 -5.58
C TYR D 306 23.47 11.75 -5.04
N TYR D 307 23.30 10.77 -4.17
CA TYR D 307 24.36 10.10 -3.41
C TYR D 307 25.20 11.11 -2.65
N SER D 308 24.50 12.02 -1.99
CA SER D 308 25.08 12.82 -0.94
C SER D 308 25.05 12.04 0.35
N PHE D 309 26.18 11.97 1.02
CA PHE D 309 26.30 11.46 2.37
C PHE D 309 26.63 12.62 3.27
N GLU D 310 25.96 12.71 4.42
CA GLU D 310 26.13 13.78 5.37
C GLU D 310 26.54 13.19 6.71
N ALA D 311 27.33 13.95 7.44
CA ALA D 311 27.93 13.51 8.69
C ALA D 311 27.15 14.10 9.84
N SER D 312 26.73 13.24 10.75
CA SER D 312 26.15 13.63 12.02
C SER D 312 27.18 13.46 13.12
N THR D 313 26.76 13.73 14.34
CA THR D 313 27.56 13.33 15.48
C THR D 313 27.76 11.83 15.52
N GLN D 314 26.75 11.07 15.11
CA GLN D 314 26.76 9.62 15.14
C GLN D 314 27.24 9.00 13.83
N GLY D 315 28.02 9.72 13.03
CA GLY D 315 28.62 9.17 11.84
C GLY D 315 27.84 9.43 10.57
N PRO D 316 28.33 8.94 9.45
CA PRO D 316 27.74 9.30 8.16
C PRO D 316 26.44 8.58 7.87
N PHE D 317 25.61 9.23 7.04
CA PHE D 317 24.34 8.65 6.62
C PHE D 317 23.96 9.16 5.24
N LYS D 318 23.10 8.41 4.55
CA LYS D 318 22.64 8.80 3.23
C LYS D 318 21.51 9.80 3.33
N THR D 319 21.62 10.90 2.61
CA THR D 319 20.54 11.87 2.62
C THR D 319 19.40 11.30 1.79
N PRO D 320 18.23 11.00 2.34
CA PRO D 320 17.22 10.30 1.55
C PRO D 320 16.60 11.18 0.49
N ILE D 321 15.96 10.51 -0.46
CA ILE D 321 15.40 11.11 -1.66
C ILE D 321 13.91 10.78 -1.69
N ALA D 322 13.13 11.68 -2.30
CA ALA D 322 11.68 11.54 -2.23
C ALA D 322 11.13 10.59 -3.29
N ALA D 323 11.69 10.59 -4.49
CA ALA D 323 11.22 9.73 -5.56
C ALA D 323 12.34 9.52 -6.56
N GLY D 324 12.38 8.32 -7.14
CA GLY D 324 13.43 7.94 -8.06
C GLY D 324 13.06 8.23 -9.49
N ARG D 325 14.04 7.99 -10.36
CA ARG D 325 13.84 8.10 -11.79
C ARG D 325 12.76 7.14 -12.25
N ALA D 336 19.58 2.76 -11.85
CA ALA D 336 18.52 3.29 -10.99
C ALA D 336 19.09 3.87 -9.70
N ASP D 337 18.56 5.01 -9.27
CA ASP D 337 18.94 5.65 -8.00
C ASP D 337 17.71 6.27 -7.37
N GLY D 338 17.68 6.24 -6.04
CA GLY D 338 16.54 6.70 -5.29
C GLY D 338 15.36 5.75 -5.15
N ASN D 339 15.21 4.79 -6.06
CA ASN D 339 14.12 3.83 -5.94
C ASN D 339 14.47 2.79 -4.88
N PRO D 340 13.52 2.37 -4.05
CA PRO D 340 13.88 1.50 -2.94
C PRO D 340 14.15 0.08 -3.36
N ARG D 341 15.19 -0.51 -2.77
CA ARG D 341 15.60 -1.89 -3.02
C ARG D 341 15.43 -2.66 -1.72
N TYR D 342 14.66 -3.74 -1.77
CA TYR D 342 14.33 -4.56 -0.61
C TYR D 342 15.11 -5.85 -0.69
N ALA D 343 15.67 -6.27 0.44
CA ALA D 343 16.33 -7.56 0.57
C ALA D 343 15.61 -8.31 1.67
N PHE D 344 15.24 -9.57 1.39
CA PHE D 344 14.28 -10.29 2.21
C PHE D 344 14.59 -11.77 2.12
N GLY D 345 14.08 -12.52 3.11
CA GLY D 345 14.45 -13.90 3.31
C GLY D 345 13.33 -14.90 3.03
N ARG D 346 13.58 -16.14 3.44
CA ARG D 346 12.66 -17.23 3.15
C ARG D 346 11.35 -17.08 3.90
N GLN D 347 11.42 -16.70 5.17
CA GLN D 347 10.22 -16.46 5.95
C GLN D 347 9.37 -15.32 5.41
N HIS D 348 9.92 -14.45 4.56
CA HIS D 348 9.23 -13.27 4.02
C HIS D 348 9.27 -13.20 2.51
N GLY D 349 9.45 -14.32 1.81
CA GLY D 349 9.03 -14.40 0.42
C GLY D 349 10.01 -15.02 -0.55
N GLN D 350 11.27 -15.16 -0.16
CA GLN D 350 12.18 -15.93 -0.98
C GLN D 350 11.68 -17.37 -1.02
N LYS D 351 11.82 -17.99 -2.19
CA LYS D 351 11.35 -19.35 -2.43
C LYS D 351 11.88 -20.29 -1.38
N THR D 352 10.98 -20.84 -0.57
CA THR D 352 11.37 -21.50 0.66
C THR D 352 12.13 -22.81 0.43
N THR D 353 12.06 -23.37 -0.78
CA THR D 353 12.86 -24.55 -1.10
C THR D 353 14.35 -24.23 -1.26
N THR D 354 14.71 -22.97 -1.39
CA THR D 354 16.11 -22.60 -1.63
C THR D 354 16.97 -22.88 -0.41
N THR D 355 18.23 -23.21 -0.67
CA THR D 355 19.24 -23.43 0.35
C THR D 355 20.33 -22.38 0.17
N GLY D 356 20.97 -22.03 1.29
CA GLY D 356 21.96 -20.97 1.31
C GLY D 356 21.38 -19.68 1.79
N GLU D 357 22.28 -18.69 1.89
CA GLU D 357 22.05 -17.48 2.65
C GLU D 357 22.00 -16.22 1.83
N THR D 358 22.02 -16.30 0.52
CA THR D 358 21.90 -15.10 -0.28
C THR D 358 20.44 -14.64 -0.27
N PRO D 359 20.11 -13.44 0.21
CA PRO D 359 18.72 -13.03 0.18
C PRO D 359 18.28 -12.67 -1.21
N GLU D 360 17.00 -12.85 -1.46
CA GLU D 360 16.38 -12.40 -2.69
C GLU D 360 16.24 -10.89 -2.65
N ARG D 361 16.28 -10.27 -3.82
CA ARG D 361 16.27 -8.82 -3.92
C ARG D 361 15.47 -8.34 -5.11
N PHE D 362 14.69 -7.27 -4.91
CA PHE D 362 14.06 -6.54 -6.00
C PHE D 362 14.23 -5.05 -5.75
N THR D 363 14.31 -4.29 -6.84
CA THR D 363 14.22 -2.84 -6.80
C THR D 363 12.87 -2.44 -7.35
N TYR D 364 12.14 -1.66 -6.59
CA TYR D 364 10.77 -1.29 -6.92
C TYR D 364 10.82 -0.08 -7.82
N ILE D 365 10.73 -0.31 -9.13
CA ILE D 365 10.75 0.79 -10.07
C ILE D 365 9.34 1.36 -10.06
N ALA D 366 9.12 2.36 -9.23
CA ALA D 366 7.77 2.87 -8.98
C ALA D 366 7.19 3.48 -10.25
N HIS D 367 5.86 3.46 -10.34
CA HIS D 367 5.23 3.96 -11.55
C HIS D 367 5.31 5.47 -11.68
N GLN D 368 5.53 6.19 -10.59
CA GLN D 368 5.35 7.64 -10.61
C GLN D 368 6.40 8.31 -11.47
N ASP D 369 5.95 9.20 -12.34
CA ASP D 369 6.81 10.04 -13.16
C ASP D 369 7.26 11.30 -12.44
N THR D 370 7.20 11.34 -11.11
CA THR D 370 7.61 12.50 -10.34
C THR D 370 9.12 12.61 -10.17
N GLY D 371 9.90 11.79 -10.86
CA GLY D 371 11.33 11.78 -10.72
C GLY D 371 12.00 12.77 -11.64
N ARG D 372 13.30 12.60 -11.76
CA ARG D 372 14.14 13.56 -12.46
C ARG D 372 15.30 12.81 -13.09
N TYR D 373 15.77 13.33 -14.22
CA TYR D 373 16.67 12.62 -15.13
C TYR D 373 17.92 13.47 -15.31
N PRO D 374 18.97 13.26 -14.49
CA PRO D 374 20.08 14.22 -14.48
C PRO D 374 20.81 14.40 -15.79
N GLU D 375 20.82 13.42 -16.68
CA GLU D 375 21.56 13.58 -17.91
C GLU D 375 20.98 14.63 -18.84
N GLY D 376 19.75 15.10 -18.61
CA GLY D 376 19.13 16.17 -19.37
C GLY D 376 19.13 17.54 -18.74
N ASP D 377 19.78 17.71 -17.58
CA ASP D 377 19.79 18.97 -16.88
C ASP D 377 20.84 19.88 -17.49
N TRP D 378 20.54 21.18 -17.59
CA TRP D 378 21.57 22.12 -18.03
C TRP D 378 21.25 23.50 -17.50
N ILE D 379 22.30 24.29 -17.34
CA ILE D 379 22.22 25.66 -16.84
C ILE D 379 22.87 26.52 -17.90
N GLN D 380 22.33 27.72 -18.11
CA GLN D 380 22.96 28.65 -19.03
C GLN D 380 22.82 30.08 -18.55
N ASN D 381 23.76 30.90 -18.99
CA ASN D 381 23.95 32.24 -18.47
C ASN D 381 22.75 33.12 -18.81
N ILE D 382 22.50 34.08 -17.91
CA ILE D 382 21.41 35.05 -17.96
C ILE D 382 21.16 35.65 -19.33
N ASN D 383 22.23 35.94 -20.07
CA ASN D 383 22.09 36.67 -21.33
C ASN D 383 21.25 35.91 -22.35
N PHE D 384 21.33 34.59 -22.34
CA PHE D 384 20.48 33.75 -23.19
C PHE D 384 20.70 34.02 -24.67
N ASN D 385 21.95 34.15 -25.07
CA ASN D 385 22.25 34.12 -26.49
C ASN D 385 21.94 32.73 -27.02
N LEU D 386 21.14 32.65 -28.08
CA LEU D 386 20.28 31.48 -28.28
C LEU D 386 21.06 30.20 -28.59
N PRO D 387 21.79 30.07 -29.71
CA PRO D 387 22.66 28.90 -29.82
C PRO D 387 23.85 29.11 -28.91
N VAL D 388 23.89 28.38 -27.79
CA VAL D 388 24.76 28.78 -26.70
C VAL D 388 26.20 28.35 -26.98
N THR D 389 27.15 29.18 -26.55
CA THR D 389 28.58 28.91 -26.67
C THR D 389 29.11 28.33 -25.37
N ASN D 390 30.21 27.57 -25.47
CA ASN D 390 30.71 26.72 -24.39
C ASN D 390 30.96 27.49 -23.11
N ASP D 391 31.43 28.72 -23.23
CA ASP D 391 31.72 29.51 -22.04
C ASP D 391 30.48 30.02 -21.33
N ASN D 392 29.27 29.78 -21.86
CA ASN D 392 28.03 30.28 -21.27
C ASN D 392 27.02 29.19 -20.97
N VAL D 393 27.46 27.96 -20.72
CA VAL D 393 26.54 26.87 -20.41
C VAL D 393 27.25 25.88 -19.52
N LEU D 394 26.48 25.19 -18.68
CA LEU D 394 27.00 24.14 -17.81
C LEU D 394 26.14 22.92 -17.99
N LEU D 395 26.78 21.78 -18.21
CA LEU D 395 26.17 20.54 -18.64
C LEU D 395 26.53 19.44 -17.67
N PRO D 396 25.87 18.29 -17.74
CA PRO D 396 26.31 17.17 -16.91
C PRO D 396 27.67 16.64 -17.31
N THR D 397 28.13 16.90 -18.52
CA THR D 397 29.44 16.45 -18.95
C THR D 397 30.60 17.19 -18.28
N ASP D 398 30.32 18.29 -17.62
CA ASP D 398 31.35 19.25 -17.24
C ASP D 398 31.82 19.00 -15.82
N PRO D 399 33.12 19.03 -15.50
CA PRO D 399 33.53 18.79 -14.12
C PRO D 399 33.08 19.87 -13.16
N ILE D 400 33.10 19.52 -11.88
CA ILE D 400 33.14 20.47 -10.79
C ILE D 400 34.30 20.08 -9.90
N GLY D 401 35.04 21.07 -9.42
CA GLY D 401 36.10 20.82 -8.47
C GLY D 401 37.23 19.97 -9.01
N GLY D 402 37.43 19.97 -10.32
CA GLY D 402 38.44 19.14 -10.95
C GLY D 402 38.12 17.67 -11.03
N LYS D 403 37.08 17.19 -10.35
CA LYS D 403 36.75 15.77 -10.38
C LYS D 403 36.06 15.43 -11.70
N THR D 404 36.66 14.56 -12.48
CA THR D 404 36.12 14.28 -13.81
C THR D 404 34.83 13.48 -13.76
N GLY D 405 34.53 12.83 -12.66
CA GLY D 405 33.28 12.10 -12.54
C GLY D 405 32.15 12.97 -12.07
N ILE D 406 32.35 13.60 -10.91
CA ILE D 406 31.30 14.36 -10.28
C ILE D 406 31.02 15.61 -11.10
N ASN D 407 29.75 15.88 -11.35
CA ASN D 407 29.30 17.05 -12.10
C ASN D 407 28.24 17.75 -11.28
N TYR D 408 27.82 18.91 -11.77
CA TYR D 408 27.01 19.82 -10.95
C TYR D 408 25.68 19.23 -10.55
N THR D 409 25.16 18.28 -11.31
CA THR D 409 23.86 17.70 -10.96
C THR D 409 23.91 16.91 -9.66
N ASN D 410 25.09 16.58 -9.16
CA ASN D 410 25.20 15.94 -7.86
C ASN D 410 25.01 16.94 -6.73
N ILE D 411 25.59 18.13 -6.85
CA ILE D 411 25.47 19.15 -5.81
C ILE D 411 24.25 20.04 -5.95
N PHE D 412 23.42 19.80 -6.95
CA PHE D 412 22.29 20.67 -7.25
C PHE D 412 21.11 20.35 -6.35
N ASN D 413 20.38 21.38 -5.96
CA ASN D 413 19.15 21.18 -5.22
C ASN D 413 18.16 22.22 -5.69
N THR D 414 16.96 21.77 -6.05
CA THR D 414 15.91 22.65 -6.52
C THR D 414 14.61 22.40 -5.78
N TYR D 415 14.68 21.92 -4.55
CA TYR D 415 13.53 22.01 -3.69
C TYR D 415 13.22 23.47 -3.51
N GLY D 416 11.96 23.80 -3.71
CA GLY D 416 11.53 25.16 -3.67
C GLY D 416 10.07 25.18 -3.33
N PRO D 417 9.51 26.37 -3.16
CA PRO D 417 8.12 26.45 -2.75
C PRO D 417 7.15 25.91 -3.78
N LEU D 418 7.55 25.77 -5.03
CA LEU D 418 6.68 25.31 -6.09
C LEU D 418 6.72 23.80 -6.31
N THR D 419 7.51 23.05 -5.55
CA THR D 419 7.67 21.63 -5.79
C THR D 419 6.54 20.84 -5.14
N ALA D 420 6.03 19.86 -5.87
CA ALA D 420 4.91 19.04 -5.46
C ALA D 420 5.27 17.57 -5.61
N LEU D 421 4.84 16.76 -4.65
CA LEU D 421 5.32 15.39 -4.48
C LEU D 421 4.16 14.47 -4.18
N ASN D 422 4.37 13.18 -4.44
CA ASN D 422 3.42 12.13 -4.12
C ASN D 422 4.05 11.18 -3.10
N ASN D 423 3.33 10.94 -2.01
CA ASN D 423 3.76 10.06 -0.94
C ASN D 423 4.08 8.67 -1.48
N VAL D 424 4.90 7.94 -0.73
CA VAL D 424 5.55 6.71 -1.22
C VAL D 424 4.48 5.65 -1.52
N PRO D 425 4.60 4.87 -2.60
CA PRO D 425 3.62 3.83 -2.83
C PRO D 425 3.67 2.76 -1.75
N PRO D 426 2.61 1.97 -1.61
CA PRO D 426 2.78 0.70 -0.91
C PRO D 426 3.69 -0.23 -1.69
N VAL D 427 4.57 -0.92 -0.97
CA VAL D 427 5.34 -2.03 -1.52
C VAL D 427 4.82 -3.31 -0.89
N TYR D 428 4.26 -4.20 -1.69
CA TYR D 428 3.83 -5.52 -1.25
C TYR D 428 4.89 -6.55 -1.59
N PRO D 429 5.18 -7.57 -0.78
CA PRO D 429 4.76 -7.87 0.59
C PRO D 429 5.68 -7.31 1.65
N ASN D 430 6.87 -6.86 1.30
CA ASN D 430 7.85 -6.48 2.30
C ASN D 430 7.67 -5.08 2.84
N GLY D 431 6.87 -4.24 2.24
CA GLY D 431 6.82 -2.85 2.65
C GLY D 431 6.07 -2.65 3.95
N GLN D 432 6.43 -1.59 4.66
CA GLN D 432 5.84 -1.27 5.94
C GLN D 432 4.51 -0.56 5.74
N ILE D 433 3.56 -0.79 6.64
CA ILE D 433 2.21 -0.26 6.48
C ILE D 433 2.14 1.11 7.14
N TRP D 434 2.27 1.14 8.46
CA TRP D 434 2.18 2.37 9.26
C TRP D 434 3.52 2.70 9.86
N ASP D 435 3.73 3.98 10.19
CA ASP D 435 4.96 4.41 10.83
C ASP D 435 4.69 5.65 11.65
N LYS D 436 5.54 5.91 12.63
CA LYS D 436 5.29 6.99 13.57
C LYS D 436 5.82 8.32 13.08
N GLU D 437 5.06 9.38 13.32
CA GLU D 437 5.53 10.72 13.04
C GLU D 437 6.64 11.08 14.02
N PHE D 438 7.71 11.63 13.49
CA PHE D 438 8.83 12.07 14.31
C PHE D 438 8.36 13.09 15.32
N ASP D 439 8.94 13.06 16.48
CA ASP D 439 8.57 13.95 17.59
C ASP D 439 9.06 15.37 17.41
N THR D 440 9.73 15.71 16.31
CA THR D 440 10.34 17.02 16.13
C THR D 440 9.29 18.11 16.08
N ASP D 441 9.74 19.34 16.32
CA ASP D 441 8.82 20.47 16.28
C ASP D 441 8.33 20.73 14.86
N LEU D 442 9.24 20.77 13.90
CA LEU D 442 8.90 20.88 12.49
C LEU D 442 8.99 19.49 11.89
N LYS D 443 7.85 18.98 11.43
CA LYS D 443 7.75 17.58 11.11
C LYS D 443 7.90 17.34 9.61
N PRO D 444 8.46 16.23 9.16
CA PRO D 444 8.66 16.06 7.72
C PRO D 444 7.34 15.86 7.00
N ARG D 445 7.37 16.19 5.72
CA ARG D 445 6.16 16.16 4.92
C ARG D 445 5.77 14.77 4.46
N LEU D 446 6.74 13.90 4.20
CA LEU D 446 6.46 12.51 3.91
C LEU D 446 7.55 11.64 4.51
N HIS D 447 7.21 10.38 4.71
CA HIS D 447 8.15 9.36 5.16
C HIS D 447 8.55 8.50 3.99
N VAL D 448 9.78 7.99 4.03
CA VAL D 448 10.28 7.21 2.91
C VAL D 448 9.73 5.80 2.95
N ASN D 449 9.39 5.29 4.14
CA ASN D 449 9.24 3.85 4.31
C ASN D 449 7.81 3.35 4.31
N ALA D 450 6.85 4.10 4.87
CA ALA D 450 5.49 3.63 5.06
C ALA D 450 4.53 4.54 4.31
N PRO D 451 3.46 4.03 3.69
CA PRO D 451 2.50 4.95 3.10
C PRO D 451 1.77 5.79 4.12
N PHE D 452 1.34 5.19 5.22
CA PHE D 452 0.58 5.85 6.25
C PHE D 452 1.49 6.24 7.41
N VAL D 453 1.28 7.44 7.94
CA VAL D 453 2.01 7.96 9.09
C VAL D 453 1.00 8.44 10.12
N CYS D 454 1.13 7.94 11.33
CA CYS D 454 0.13 8.16 12.37
C CYS D 454 0.53 9.34 13.22
N GLN D 455 -0.39 10.29 13.39
CA GLN D 455 -0.05 11.57 14.01
C GLN D 455 -0.04 11.52 15.53
N ASN D 456 -1.22 11.30 16.12
CA ASN D 456 -1.35 11.46 17.56
C ASN D 456 -0.65 10.35 18.31
N ASN D 457 -0.88 9.12 17.88
CA ASN D 457 -0.37 7.94 18.56
C ASN D 457 -0.41 6.83 17.53
N CYS D 458 0.34 5.77 17.79
CA CYS D 458 0.56 4.68 16.85
C CYS D 458 0.35 3.38 17.56
N PRO D 459 0.20 2.27 16.83
CA PRO D 459 -0.10 0.99 17.48
C PRO D 459 0.94 0.60 18.51
N GLY D 460 0.46 0.23 19.68
CA GLY D 460 1.33 -0.22 20.74
C GLY D 460 2.06 -1.47 20.32
N GLN D 461 3.38 -1.44 20.41
CA GLN D 461 4.15 -2.63 20.14
C GLN D 461 3.83 -3.71 21.15
N LEU D 462 4.18 -4.95 20.81
CA LEU D 462 3.95 -6.12 21.67
C LEU D 462 5.25 -6.90 21.83
N PHE D 463 5.68 -7.11 23.07
CA PHE D 463 6.93 -7.81 23.40
C PHE D 463 6.60 -9.08 24.17
N VAL D 464 7.45 -10.10 23.99
CA VAL D 464 7.25 -11.42 24.59
C VAL D 464 8.57 -11.92 25.16
N LYS D 465 8.48 -12.65 26.28
CA LYS D 465 9.64 -13.20 26.97
C LYS D 465 9.19 -14.44 27.74
N VAL D 466 10.14 -15.33 28.01
CA VAL D 466 9.90 -16.61 28.68
C VAL D 466 10.40 -16.49 30.13
N ALA D 467 9.57 -16.89 31.07
CA ALA D 467 9.95 -16.82 32.47
C ALA D 467 11.06 -17.83 32.77
N PRO D 468 12.02 -17.53 33.64
CA PRO D 468 13.08 -18.53 33.94
C PRO D 468 12.56 -19.75 34.68
N ASN D 469 12.86 -20.93 34.15
CA ASN D 469 12.85 -22.18 34.92
C ASN D 469 14.20 -22.31 35.60
N LEU D 470 14.33 -21.67 36.76
CA LEU D 470 15.57 -21.73 37.51
C LEU D 470 15.83 -23.15 38.00
N THR D 471 17.08 -23.57 37.90
CA THR D 471 17.50 -24.80 38.56
C THR D 471 17.49 -24.59 40.07
N ASN D 472 17.54 -25.69 40.80
CA ASN D 472 17.79 -25.61 42.24
C ASN D 472 19.14 -24.99 42.56
N GLU D 473 20.10 -25.08 41.64
CA GLU D 473 21.47 -24.60 41.85
C GLU D 473 21.62 -23.09 41.83
N TYR D 474 20.53 -22.34 41.57
CA TYR D 474 20.62 -20.89 41.54
C TYR D 474 21.00 -20.34 42.91
N ASP D 475 21.82 -19.29 42.92
CA ASP D 475 21.97 -18.44 44.10
C ASP D 475 22.31 -17.03 43.62
N PRO D 476 22.07 -16.00 44.46
CA PRO D 476 22.38 -14.63 44.01
C PRO D 476 23.86 -14.29 43.97
N ASP D 477 24.72 -15.06 44.64
CA ASP D 477 26.12 -14.69 44.73
C ASP D 477 26.91 -15.02 43.47
N ALA D 478 26.47 -16.00 42.68
CA ALA D 478 27.16 -16.33 41.45
C ALA D 478 27.11 -15.18 40.46
N SER D 479 28.27 -14.78 39.94
CA SER D 479 28.38 -13.68 39.00
C SER D 479 28.20 -14.07 37.54
N ALA D 480 28.09 -15.37 37.25
CA ALA D 480 27.73 -15.82 35.90
C ALA D 480 26.22 -15.68 35.70
N ASN D 481 25.76 -15.99 34.49
CA ASN D 481 24.33 -15.93 34.21
C ASN D 481 23.60 -17.01 35.00
N MET D 482 22.32 -16.77 35.28
CA MET D 482 21.54 -17.66 36.13
C MET D 482 21.33 -19.00 35.45
N SER D 483 21.57 -20.09 36.20
CA SER D 483 21.45 -21.45 35.67
C SER D 483 19.97 -21.80 35.53
N ARG D 484 19.56 -22.15 34.31
CA ARG D 484 18.17 -22.39 33.96
C ARG D 484 18.02 -23.74 33.28
N ILE D 485 16.83 -24.32 33.41
CA ILE D 485 16.45 -25.49 32.64
C ILE D 485 16.11 -25.02 31.23
N VAL D 486 16.54 -25.78 30.23
CA VAL D 486 16.28 -25.46 28.84
C VAL D 486 14.77 -25.44 28.63
N THR D 487 14.26 -24.27 28.25
CA THR D 487 12.83 -24.00 28.16
C THR D 487 12.54 -23.33 26.82
N TYR D 488 11.37 -23.63 26.26
CA TYR D 488 10.90 -22.93 25.07
C TYR D 488 9.38 -22.98 25.05
N SER D 489 8.80 -22.09 24.26
CA SER D 489 7.35 -21.91 24.18
C SER D 489 6.94 -21.84 22.73
N ASP D 490 5.67 -22.10 22.48
CA ASP D 490 5.03 -21.64 21.26
C ASP D 490 3.63 -21.19 21.59
N PHE D 491 3.12 -20.25 20.80
CA PHE D 491 1.81 -19.66 21.02
C PHE D 491 1.21 -19.24 19.70
N TRP D 492 -0.12 -19.24 19.64
CA TRP D 492 -0.86 -18.85 18.45
C TRP D 492 -1.27 -17.39 18.56
N TRP D 493 -1.13 -16.65 17.46
CA TRP D 493 -1.35 -15.22 17.40
C TRP D 493 -2.44 -14.91 16.37
N LYS D 494 -3.17 -13.82 16.60
CA LYS D 494 -4.30 -13.43 15.76
C LYS D 494 -4.37 -11.92 15.75
N GLY D 495 -4.02 -11.32 14.62
CA GLY D 495 -4.26 -9.91 14.39
C GLY D 495 -5.48 -9.69 13.51
N LYS D 496 -6.12 -8.54 13.69
CA LYS D 496 -7.25 -8.12 12.87
C LYS D 496 -7.05 -6.66 12.51
N LEU D 497 -6.99 -6.37 11.21
CA LEU D 497 -6.66 -5.05 10.70
C LEU D 497 -7.71 -4.67 9.68
N VAL D 498 -8.30 -3.50 9.85
CA VAL D 498 -9.48 -3.09 9.11
C VAL D 498 -9.12 -1.87 8.26
N PHE D 499 -9.46 -1.93 6.99
CA PHE D 499 -9.22 -0.87 6.03
C PHE D 499 -10.55 -0.41 5.47
N LYS D 500 -10.59 0.84 5.02
CA LYS D 500 -11.70 1.38 4.26
C LYS D 500 -11.15 1.87 2.92
N ALA D 501 -11.91 1.67 1.84
CA ALA D 501 -11.42 1.94 0.50
C ALA D 501 -12.54 2.34 -0.45
N LYS D 502 -12.17 3.07 -1.51
CA LYS D 502 -13.10 3.56 -2.51
C LYS D 502 -12.86 2.85 -3.84
N LEU D 503 -13.94 2.50 -4.53
CA LEU D 503 -13.84 1.82 -5.81
C LEU D 503 -13.65 2.81 -6.94
N ARG D 504 -12.89 2.41 -7.96
CA ARG D 504 -12.59 3.29 -9.07
C ARG D 504 -13.75 3.36 -10.04
N ALA D 505 -13.58 4.16 -11.09
CA ALA D 505 -14.59 4.29 -12.13
C ALA D 505 -13.92 4.55 -13.48
N SER D 506 -14.65 4.23 -14.54
CA SER D 506 -14.15 4.34 -15.91
C SER D 506 -14.20 5.80 -16.37
N HIS D 507 -13.22 6.56 -15.92
CA HIS D 507 -13.11 7.95 -16.32
C HIS D 507 -12.70 8.15 -17.77
N THR D 508 -12.25 7.11 -18.47
CA THR D 508 -11.57 7.28 -19.74
C THR D 508 -11.91 6.13 -20.66
N TRP D 509 -11.79 6.39 -21.96
CA TRP D 509 -12.20 5.42 -22.96
C TRP D 509 -11.27 4.22 -22.99
N ASN D 510 -10.00 4.39 -22.70
CA ASN D 510 -9.09 3.26 -22.76
C ASN D 510 -9.17 2.43 -21.48
N PRO D 511 -8.83 1.15 -21.52
CA PRO D 511 -8.64 0.41 -20.29
C PRO D 511 -7.33 0.74 -19.63
N ILE D 512 -7.30 0.71 -18.30
CA ILE D 512 -6.09 0.96 -17.55
C ILE D 512 -5.25 -0.31 -17.43
N GLN D 513 -4.02 -0.16 -16.94
CA GLN D 513 -3.20 -1.32 -16.62
C GLN D 513 -3.77 -2.03 -15.41
N GLN D 514 -3.57 -3.33 -15.36
CA GLN D 514 -4.04 -4.16 -14.26
C GLN D 514 -3.04 -5.26 -14.00
N MET D 515 -3.08 -5.79 -12.80
CA MET D 515 -2.30 -6.97 -12.46
C MET D 515 -2.99 -8.20 -13.00
N SER D 516 -2.20 -9.17 -13.46
CA SER D 516 -2.79 -10.36 -14.02
C SER D 516 -1.83 -11.53 -13.93
N ILE D 517 -2.38 -12.72 -13.86
CA ILE D 517 -1.62 -13.93 -14.06
C ILE D 517 -1.50 -14.18 -15.55
N ASN D 518 -0.30 -14.53 -15.98
CA ASN D 518 0.01 -14.73 -17.39
C ASN D 518 0.91 -15.93 -17.48
N VAL D 519 1.27 -16.28 -18.72
CA VAL D 519 2.03 -17.51 -18.97
C VAL D 519 3.36 -17.48 -18.25
N ASP D 520 3.96 -16.31 -18.10
CA ASP D 520 5.30 -16.22 -17.53
C ASP D 520 5.26 -16.30 -16.01
N ASN D 521 4.37 -15.55 -15.39
CA ASN D 521 4.39 -15.36 -13.94
C ASN D 521 3.54 -16.34 -13.16
N GLN D 522 2.91 -17.34 -13.81
CA GLN D 522 1.95 -18.19 -13.12
C GLN D 522 2.58 -19.01 -11.99
N PHE D 523 3.77 -19.55 -12.22
CA PHE D 523 4.35 -20.42 -11.22
C PHE D 523 4.90 -19.66 -10.02
N ASN D 524 4.95 -18.33 -10.07
CA ASN D 524 5.30 -17.60 -8.87
C ASN D 524 4.26 -17.80 -7.78
N TYR D 525 2.99 -17.98 -8.15
CA TYR D 525 1.90 -17.90 -7.19
C TYR D 525 1.39 -19.24 -6.72
N VAL D 526 1.93 -20.36 -7.20
CA VAL D 526 1.44 -21.69 -6.83
C VAL D 526 2.62 -22.55 -6.39
N PRO D 527 2.41 -23.58 -5.56
CA PRO D 527 3.54 -24.18 -4.85
C PRO D 527 4.48 -24.95 -5.75
N SER D 528 5.63 -25.29 -5.17
CA SER D 528 6.58 -26.19 -5.81
C SER D 528 6.17 -27.65 -5.57
N ASN D 529 6.99 -28.57 -6.12
CA ASN D 529 6.79 -30.00 -5.86
C ASN D 529 6.90 -30.31 -4.37
N ILE D 530 7.88 -29.68 -3.69
CA ILE D 530 8.04 -29.87 -2.24
C ILE D 530 6.97 -29.13 -1.45
N GLY D 531 6.15 -28.30 -2.09
CA GLY D 531 5.13 -27.52 -1.43
C GLY D 531 5.60 -26.21 -0.84
N GLY D 532 6.85 -25.81 -1.10
CA GLY D 532 7.26 -24.46 -0.80
C GLY D 532 6.57 -23.46 -1.70
N MET D 533 6.71 -22.18 -1.33
CA MET D 533 5.94 -21.09 -1.92
C MET D 533 6.85 -19.88 -2.08
N LYS D 534 6.41 -18.93 -2.89
CA LYS D 534 7.06 -17.65 -2.99
C LYS D 534 6.02 -16.55 -3.05
N ILE D 535 6.46 -15.34 -2.78
CA ILE D 535 5.64 -14.15 -2.90
C ILE D 535 6.50 -13.13 -3.62
N VAL D 536 5.93 -12.45 -4.60
CA VAL D 536 6.67 -11.65 -5.56
C VAL D 536 6.10 -10.24 -5.54
N TYR D 537 6.93 -9.27 -5.88
CA TYR D 537 6.55 -7.88 -5.72
C TYR D 537 5.46 -7.49 -6.69
N GLU D 538 4.42 -6.85 -6.17
CA GLU D 538 3.24 -6.43 -6.92
C GLU D 538 3.20 -4.91 -6.96
N LYS D 539 3.20 -4.34 -8.14
CA LYS D 539 3.26 -2.90 -8.25
C LYS D 539 1.90 -2.33 -7.89
N SER D 540 1.87 -1.48 -6.88
CA SER D 540 0.61 -1.07 -6.28
C SER D 540 -0.06 0.05 -7.05
N GLN D 541 0.58 1.21 -7.14
CA GLN D 541 -0.03 2.39 -7.75
C GLN D 541 -0.10 2.13 -9.25
N LEU D 542 -1.17 1.45 -9.64
CA LEU D 542 -1.26 0.80 -10.94
C LEU D 542 -2.22 1.43 -11.93
N ALA D 543 -3.06 2.39 -11.53
CA ALA D 543 -4.00 3.08 -12.42
C ALA D 543 -3.57 4.54 -12.63
N PRO D 544 -3.73 5.11 -13.82
CA PRO D 544 -3.31 6.51 -14.00
C PRO D 544 -4.31 7.49 -13.43
N ARG D 545 -3.80 8.65 -13.00
CA ARG D 545 -4.59 9.71 -12.41
C ARG D 545 -4.29 11.06 -13.05
N LYS D 546 -5.34 11.84 -13.23
CA LYS D 546 -5.23 13.22 -13.71
C LYS D 546 -4.64 14.08 -12.62
N LEU D 547 -3.48 14.68 -12.89
CA LEU D 547 -2.83 15.55 -11.90
C LEU D 547 -3.38 16.95 -11.90
N TYR D 548 -3.77 17.47 -13.05
CA TYR D 548 -4.07 18.88 -13.19
C TYR D 548 -5.12 19.13 -14.25
N SER E 5 -22.83 -37.83 31.46
CA SER E 5 -21.68 -37.17 30.76
C SER E 5 -22.07 -36.82 29.33
N THR E 6 -21.38 -35.81 28.78
CA THR E 6 -21.69 -35.33 27.44
C THR E 6 -21.20 -36.26 26.33
N GLY E 7 -20.16 -37.06 26.61
CA GLY E 7 -19.64 -37.98 25.62
C GLY E 7 -20.44 -39.27 25.54
N THR E 8 -21.13 -39.49 24.41
CA THR E 8 -21.97 -40.66 24.24
C THR E 8 -21.94 -41.11 22.78
N PHE E 9 -21.96 -42.43 22.59
CA PHE E 9 -21.73 -43.10 21.32
C PHE E 9 -23.00 -43.85 20.95
N ASN E 10 -23.51 -43.61 19.73
CA ASN E 10 -24.75 -44.20 19.25
C ASN E 10 -24.59 -44.74 17.85
N ASN E 11 -25.24 -45.88 17.59
CA ASN E 11 -25.42 -46.42 16.24
C ASN E 11 -26.83 -46.96 16.08
N GLN E 12 -27.80 -46.31 16.71
CA GLN E 12 -29.19 -46.76 16.69
C GLN E 12 -29.89 -46.22 15.44
N THR E 13 -30.56 -47.11 14.71
CA THR E 13 -31.60 -46.70 13.77
C THR E 13 -32.92 -46.64 14.51
N GLU E 14 -33.67 -45.56 14.28
CA GLU E 14 -34.91 -45.30 15.00
C GLU E 14 -35.95 -44.76 14.03
N PHE E 15 -37.22 -44.94 14.39
CA PHE E 15 -38.35 -44.66 13.51
C PHE E 15 -39.43 -43.91 14.28
N LYS E 16 -40.13 -43.00 13.59
CA LYS E 16 -41.25 -42.25 14.14
C LYS E 16 -42.35 -42.22 13.09
N PHE E 17 -43.46 -42.90 13.37
CA PHE E 17 -44.51 -43.10 12.37
C PHE E 17 -45.46 -41.92 12.32
N LEU E 18 -46.07 -41.73 11.15
CA LEU E 18 -46.83 -40.52 10.81
C LEU E 18 -48.10 -40.91 10.06
N GLU E 19 -48.89 -39.90 9.70
CA GLU E 19 -50.14 -40.10 8.98
C GLU E 19 -49.88 -40.60 7.56
N ASN E 20 -50.90 -41.26 7.00
CA ASN E 20 -50.93 -41.69 5.60
C ASN E 20 -49.75 -42.60 5.26
N GLY E 21 -49.31 -43.41 6.22
CA GLY E 21 -48.25 -44.36 5.99
C GLY E 21 -46.85 -43.80 5.98
N TRP E 22 -46.67 -42.51 6.25
CA TRP E 22 -45.33 -41.94 6.30
C TRP E 22 -44.67 -42.22 7.64
N VAL E 23 -43.34 -42.23 7.62
CA VAL E 23 -42.55 -42.51 8.82
C VAL E 23 -41.20 -41.81 8.72
N GLU E 24 -40.84 -41.07 9.77
CA GLU E 24 -39.53 -40.45 9.83
C GLU E 24 -38.50 -41.47 10.28
N ILE E 25 -37.38 -41.55 9.57
CA ILE E 25 -36.26 -42.41 9.90
C ILE E 25 -35.13 -41.50 10.38
N THR E 26 -34.55 -41.83 11.53
CA THR E 26 -33.38 -41.13 12.06
C THR E 26 -32.27 -42.15 12.28
N ALA E 27 -31.20 -42.06 11.50
CA ALA E 27 -30.03 -42.90 11.65
C ALA E 27 -28.99 -42.16 12.49
N ASN E 28 -28.69 -42.70 13.65
CA ASN E 28 -27.60 -42.22 14.51
C ASN E 28 -26.38 -43.08 14.24
N SER E 29 -25.20 -42.46 14.24
CA SER E 29 -23.95 -43.17 14.00
C SER E 29 -22.84 -42.51 14.79
N SER E 30 -21.85 -43.31 15.17
CA SER E 30 -20.70 -42.78 15.89
C SER E 30 -19.52 -43.71 15.67
N ARG E 31 -18.31 -43.15 15.78
CA ARG E 31 -17.08 -43.89 15.60
C ARG E 31 -16.00 -43.28 16.49
N LEU E 32 -15.04 -44.11 16.87
CA LEU E 32 -13.72 -43.63 17.22
C LEU E 32 -12.91 -43.58 15.95
N VAL E 33 -12.21 -42.45 15.73
CA VAL E 33 -11.42 -42.23 14.51
C VAL E 33 -10.05 -41.71 14.91
N HIS E 34 -9.03 -42.15 14.18
CA HIS E 34 -7.62 -42.06 14.57
C HIS E 34 -6.82 -41.31 13.52
N LEU E 35 -5.83 -40.54 13.98
CA LEU E 35 -5.08 -39.62 13.12
C LEU E 35 -3.63 -39.54 13.60
N ASN E 36 -2.69 -39.83 12.69
CA ASN E 36 -1.30 -39.47 12.86
C ASN E 36 -1.04 -38.10 12.24
N MET E 37 0.05 -37.46 12.64
CA MET E 37 0.31 -36.11 12.19
C MET E 37 0.64 -36.10 10.69
N PRO E 38 0.35 -35.01 9.97
CA PRO E 38 0.60 -34.99 8.52
C PRO E 38 2.07 -35.18 8.15
N GLU E 39 2.29 -35.59 6.90
CA GLU E 39 3.63 -35.84 6.41
C GLU E 39 4.46 -34.57 6.39
N SER E 40 3.82 -33.42 6.16
CA SER E 40 4.52 -32.14 6.19
C SER E 40 3.48 -31.04 6.38
N GLU E 41 3.96 -29.86 6.72
CA GLU E 41 3.14 -28.65 6.82
C GLU E 41 2.95 -27.96 5.45
N ASN E 42 3.40 -28.58 4.35
CA ASN E 42 3.47 -27.94 3.04
C ASN E 42 2.34 -28.41 2.14
N TYR E 43 1.74 -27.47 1.41
CA TYR E 43 0.80 -27.79 0.34
C TYR E 43 1.53 -28.24 -0.92
N ARG E 44 1.76 -29.55 -1.07
CA ARG E 44 2.53 -30.05 -2.19
C ARG E 44 1.70 -30.05 -3.47
N ARG E 45 2.16 -29.31 -4.48
CA ARG E 45 1.57 -29.37 -5.82
C ARG E 45 2.26 -30.50 -6.58
N VAL E 46 1.56 -31.61 -6.78
CA VAL E 46 2.13 -32.84 -7.30
C VAL E 46 1.50 -33.15 -8.64
N VAL E 47 2.35 -33.45 -9.63
CA VAL E 47 1.91 -33.99 -10.92
C VAL E 47 2.14 -35.49 -10.91
N VAL E 48 1.13 -36.24 -11.33
CA VAL E 48 1.07 -37.70 -11.20
C VAL E 48 1.10 -38.27 -12.61
N ASN E 49 1.96 -39.27 -12.83
CA ASN E 49 2.34 -39.67 -14.17
C ASN E 49 2.55 -41.18 -14.29
N ASN E 50 2.00 -41.74 -15.38
CA ASN E 50 2.32 -43.08 -15.87
C ASN E 50 2.42 -43.07 -17.38
N MET E 51 2.81 -41.93 -17.96
CA MET E 51 2.70 -41.70 -19.40
C MET E 51 3.54 -42.69 -20.21
N ASP E 52 4.65 -43.17 -19.64
CA ASP E 52 5.46 -44.16 -20.33
C ASP E 52 4.71 -45.48 -20.50
N LYS E 53 4.07 -45.98 -19.43
CA LYS E 53 3.28 -47.19 -19.53
C LYS E 53 2.10 -47.03 -20.48
N THR E 54 1.55 -45.82 -20.55
CA THR E 54 0.48 -45.52 -21.50
C THR E 54 0.98 -45.45 -22.94
N ALA E 55 2.30 -45.33 -23.16
CA ALA E 55 2.81 -44.92 -24.46
C ALA E 55 2.75 -46.02 -25.51
N VAL E 56 2.83 -47.29 -25.10
CA VAL E 56 2.87 -48.39 -26.06
C VAL E 56 1.55 -48.45 -26.81
N ASN E 57 1.65 -48.74 -28.12
CA ASN E 57 0.51 -48.68 -29.03
C ASN E 57 -0.64 -49.54 -28.55
N GLY E 58 -1.82 -48.93 -28.46
CA GLY E 58 -2.88 -49.41 -27.60
C GLY E 58 -2.67 -48.77 -26.25
N ASN E 59 -2.98 -49.45 -25.16
CA ASN E 59 -2.75 -48.99 -23.79
C ASN E 59 -3.52 -47.72 -23.43
N MET E 60 -4.55 -47.36 -24.21
CA MET E 60 -5.18 -46.05 -24.09
C MET E 60 -5.88 -45.88 -22.74
N ALA E 61 -6.57 -46.92 -22.28
CA ALA E 61 -7.34 -46.80 -21.04
C ALA E 61 -6.46 -46.72 -19.80
N LEU E 62 -5.17 -47.03 -19.91
CA LEU E 62 -4.28 -46.97 -18.75
C LEU E 62 -4.03 -45.55 -18.25
N ASP E 63 -4.39 -44.51 -19.03
CA ASP E 63 -4.04 -43.13 -18.74
C ASP E 63 -4.54 -42.63 -17.39
N ASP E 64 -3.61 -42.21 -16.54
CA ASP E 64 -3.90 -41.67 -15.21
C ASP E 64 -3.54 -40.20 -15.05
N ILE E 65 -2.83 -39.61 -16.00
CA ILE E 65 -1.90 -38.53 -15.62
C ILE E 65 -2.66 -37.23 -15.41
N HIS E 66 -2.31 -36.53 -14.34
CA HIS E 66 -3.02 -35.34 -13.89
C HIS E 66 -2.13 -34.65 -12.86
N ALA E 67 -2.68 -33.64 -12.19
CA ALA E 67 -2.02 -32.95 -11.09
C ALA E 67 -3.02 -32.77 -9.96
N GLN E 68 -2.48 -32.67 -8.75
CA GLN E 68 -3.31 -32.45 -7.56
C GLN E 68 -2.47 -31.80 -6.48
N ILE E 69 -3.14 -31.11 -5.57
CA ILE E 69 -2.52 -30.47 -4.43
C ILE E 69 -2.66 -31.43 -3.26
N VAL E 70 -1.55 -32.03 -2.81
CA VAL E 70 -1.60 -32.81 -1.58
C VAL E 70 -1.59 -31.84 -0.40
N THR E 71 -2.62 -31.94 0.43
CA THR E 71 -2.94 -30.93 1.43
C THR E 71 -2.54 -31.41 2.84
N PRO E 72 -2.09 -30.51 3.77
CA PRO E 72 -1.83 -30.96 5.15
C PRO E 72 -3.04 -31.27 6.03
N TRP E 73 -4.25 -31.36 5.48
CA TRP E 73 -5.47 -31.64 6.24
C TRP E 73 -6.06 -32.95 5.75
N SER E 74 -6.79 -33.62 6.66
CA SER E 74 -7.46 -34.88 6.38
C SER E 74 -8.97 -34.67 6.40
N LEU E 75 -9.65 -35.23 5.41
CA LEU E 75 -11.09 -35.09 5.26
C LEU E 75 -11.83 -36.15 6.07
N VAL E 76 -12.90 -35.73 6.74
CA VAL E 76 -13.87 -36.62 7.36
C VAL E 76 -15.11 -36.62 6.49
N ASP E 77 -15.60 -37.82 6.14
CA ASP E 77 -16.76 -37.96 5.25
C ASP E 77 -17.65 -39.09 5.76
N ALA E 78 -18.96 -38.81 5.82
CA ALA E 78 -19.97 -39.78 6.24
C ALA E 78 -20.92 -40.17 5.11
N ASN E 79 -20.64 -39.76 3.88
CA ASN E 79 -21.62 -39.79 2.78
C ASN E 79 -21.62 -41.14 2.07
N ALA E 80 -21.95 -42.19 2.82
CA ALA E 80 -22.18 -43.52 2.25
C ALA E 80 -23.12 -44.29 3.17
N TRP E 81 -23.86 -45.23 2.58
CA TRP E 81 -24.93 -45.92 3.31
C TRP E 81 -24.38 -46.72 4.48
N GLY E 82 -23.23 -47.37 4.28
CA GLY E 82 -22.67 -48.24 5.32
C GLY E 82 -22.25 -47.51 6.58
N VAL E 83 -22.14 -46.18 6.53
CA VAL E 83 -21.91 -45.42 7.74
C VAL E 83 -23.14 -45.46 8.66
N TRP E 84 -24.34 -45.64 8.10
CA TRP E 84 -25.58 -45.31 8.78
C TRP E 84 -26.44 -46.50 9.16
N PHE E 85 -26.44 -47.58 8.37
CA PHE E 85 -27.33 -48.72 8.58
C PHE E 85 -26.54 -50.02 8.61
N ASN E 86 -26.79 -50.83 9.64
CA ASN E 86 -26.38 -52.23 9.61
C ASN E 86 -27.28 -52.98 8.63
N PRO E 87 -26.87 -54.19 8.19
CA PRO E 87 -27.66 -54.88 7.16
C PRO E 87 -29.10 -55.18 7.58
N GLY E 88 -29.33 -55.47 8.86
CA GLY E 88 -30.68 -55.75 9.30
C GLY E 88 -31.59 -54.54 9.20
N ASP E 89 -31.09 -53.37 9.60
CA ASP E 89 -31.89 -52.15 9.47
C ASP E 89 -32.12 -51.81 8.01
N TRP E 90 -31.11 -52.02 7.15
CA TRP E 90 -31.32 -51.79 5.73
C TRP E 90 -32.35 -52.76 5.18
N GLN E 91 -32.27 -54.03 5.59
CA GLN E 91 -33.25 -55.02 5.17
C GLN E 91 -34.65 -54.61 5.59
N LEU E 92 -34.79 -54.10 6.82
CA LEU E 92 -36.07 -53.61 7.30
C LEU E 92 -36.60 -52.49 6.41
N ILE E 93 -35.73 -51.55 6.03
CA ILE E 93 -36.15 -50.41 5.24
C ILE E 93 -36.64 -50.84 3.86
N VAL E 94 -35.84 -51.63 3.15
CA VAL E 94 -36.25 -52.04 1.81
C VAL E 94 -37.41 -53.03 1.84
N ASN E 95 -37.59 -53.76 2.94
CA ASN E 95 -38.73 -54.65 3.07
C ASN E 95 -40.04 -53.92 3.36
N THR E 96 -39.99 -52.68 3.86
CA THR E 96 -41.17 -51.93 4.32
C THR E 96 -41.44 -50.65 3.55
N MET E 97 -40.41 -49.89 3.19
CA MET E 97 -40.62 -48.57 2.60
C MET E 97 -40.91 -48.69 1.12
N SER E 98 -41.40 -47.59 0.50
CA SER E 98 -41.60 -47.51 -0.93
C SER E 98 -41.01 -46.23 -1.53
N GLU E 99 -41.16 -45.11 -0.82
CA GLU E 99 -40.65 -43.80 -1.22
C GLU E 99 -39.84 -43.22 -0.07
N LEU E 100 -38.90 -42.33 -0.39
CA LEU E 100 -37.89 -41.93 0.58
C LEU E 100 -37.38 -40.52 0.28
N HIS E 101 -37.76 -39.56 1.14
CA HIS E 101 -37.14 -38.24 1.15
C HIS E 101 -35.92 -38.24 2.07
N LEU E 102 -34.81 -37.69 1.58
CA LEU E 102 -33.71 -37.31 2.46
C LEU E 102 -34.05 -35.96 3.09
N VAL E 103 -33.72 -35.80 4.38
CA VAL E 103 -34.26 -34.69 5.18
C VAL E 103 -33.19 -33.84 5.85
N SER E 104 -32.36 -34.42 6.71
CA SER E 104 -31.49 -33.61 7.57
C SER E 104 -30.23 -34.38 7.97
N PHE E 105 -29.22 -33.62 8.40
CA PHE E 105 -27.90 -34.16 8.68
C PHE E 105 -27.15 -33.25 9.66
N GLU E 106 -26.29 -33.84 10.49
CA GLU E 106 -25.42 -33.07 11.36
C GLU E 106 -24.30 -33.97 11.89
N GLN E 107 -23.27 -33.34 12.46
CA GLN E 107 -22.11 -34.04 13.00
C GLN E 107 -21.63 -33.37 14.27
N GLU E 108 -20.78 -34.08 15.01
CA GLU E 108 -20.10 -33.51 16.17
C GLU E 108 -18.87 -34.36 16.48
N ILE E 109 -17.97 -33.77 17.27
CA ILE E 109 -16.74 -34.43 17.69
C ILE E 109 -16.60 -34.24 19.20
N PHE E 110 -16.16 -35.29 19.89
CA PHE E 110 -15.95 -35.26 21.33
C PHE E 110 -14.83 -36.22 21.70
N ASN E 111 -14.28 -36.01 22.90
CA ASN E 111 -13.23 -36.85 23.49
C ASN E 111 -12.03 -36.99 22.56
N VAL E 112 -11.35 -35.87 22.34
CA VAL E 112 -10.14 -35.84 21.53
C VAL E 112 -8.99 -36.44 22.34
N VAL E 113 -8.59 -37.66 22.00
CA VAL E 113 -7.36 -38.23 22.54
C VAL E 113 -6.19 -37.63 21.78
N LEU E 114 -5.12 -37.33 22.50
CA LEU E 114 -3.97 -36.62 21.94
C LEU E 114 -2.73 -37.07 22.69
N LYS E 115 -1.77 -37.66 21.96
CA LYS E 115 -0.64 -38.35 22.55
C LYS E 115 0.63 -38.08 21.75
N THR E 116 1.76 -38.35 22.39
CA THR E 116 3.09 -38.16 21.82
C THR E 116 3.92 -39.42 22.03
N VAL E 117 4.97 -39.54 21.23
CA VAL E 117 5.76 -40.75 21.09
C VAL E 117 7.22 -40.44 21.42
N SER E 118 7.92 -41.44 21.95
CA SER E 118 9.36 -41.38 22.16
C SER E 118 9.94 -42.77 22.03
N GLU E 119 11.25 -42.83 21.79
CA GLU E 119 11.95 -44.12 21.70
C GLU E 119 12.04 -44.78 23.06
N THR E 126 12.37 -49.86 21.94
CA THR E 126 10.93 -49.86 21.54
C THR E 126 10.28 -48.51 21.88
N LYS E 127 9.10 -48.27 21.32
CA LYS E 127 8.42 -46.99 21.51
C LYS E 127 7.78 -46.89 22.88
N VAL E 128 7.63 -45.66 23.35
CA VAL E 128 6.89 -45.35 24.57
C VAL E 128 6.00 -44.15 24.28
N TYR E 129 4.93 -44.01 25.07
CA TYR E 129 3.82 -43.13 24.77
C TYR E 129 3.40 -42.33 25.99
N ASN E 130 2.93 -41.10 25.75
CA ASN E 130 2.43 -40.24 26.80
C ASN E 130 1.44 -39.24 26.20
N ASN E 131 0.60 -38.68 27.05
CA ASN E 131 -0.31 -37.64 26.63
C ASN E 131 0.43 -36.32 26.44
N ASP E 132 -0.22 -35.41 25.70
CA ASP E 132 0.27 -34.03 25.53
C ASP E 132 -0.96 -33.13 25.53
N LEU E 133 -1.27 -32.55 26.69
CA LEU E 133 -2.39 -31.63 26.77
C LEU E 133 -2.06 -30.24 26.25
N THR E 134 -0.77 -29.93 26.03
CA THR E 134 -0.41 -28.63 25.45
C THR E 134 -0.72 -28.58 23.97
N ALA E 135 -0.66 -29.72 23.29
CA ALA E 135 -0.98 -29.76 21.87
C ALA E 135 -2.47 -29.49 21.65
N SER E 136 -2.86 -29.40 20.38
CA SER E 136 -4.23 -29.10 20.01
C SER E 136 -4.55 -29.77 18.67
N LEU E 137 -5.82 -30.10 18.49
CA LEU E 137 -6.34 -30.63 17.24
C LEU E 137 -7.03 -29.49 16.51
N MET E 138 -6.58 -29.20 15.30
CA MET E 138 -7.25 -28.23 14.45
C MET E 138 -8.42 -28.92 13.77
N VAL E 139 -9.57 -28.26 13.76
CA VAL E 139 -10.76 -28.74 13.08
C VAL E 139 -11.38 -27.56 12.35
N ALA E 140 -11.77 -27.78 11.10
CA ALA E 140 -12.31 -26.72 10.25
C ALA E 140 -13.48 -27.28 9.44
N LEU E 141 -14.62 -26.60 9.53
CA LEU E 141 -15.84 -26.97 8.82
C LEU E 141 -16.07 -25.97 7.70
N ASP E 142 -16.14 -26.47 6.47
CA ASP E 142 -16.33 -25.62 5.29
C ASP E 142 -17.81 -25.46 4.99
N SER E 143 -18.50 -24.71 5.87
CA SER E 143 -19.95 -24.57 5.77
C SER E 143 -20.38 -23.88 4.48
N ASN E 144 -19.59 -22.94 3.98
CA ASN E 144 -19.89 -22.25 2.73
C ASN E 144 -19.38 -22.99 1.48
N ASN E 145 -18.71 -24.13 1.65
CA ASN E 145 -18.12 -24.89 0.54
C ASN E 145 -17.15 -24.02 -0.26
N THR E 146 -16.26 -23.34 0.45
CA THR E 146 -15.21 -22.58 -0.22
C THR E 146 -14.27 -23.49 -0.99
N MET E 147 -13.98 -24.71 -0.44
CA MET E 147 -13.10 -25.68 -1.09
C MET E 147 -13.89 -26.53 -2.09
N PRO E 148 -13.24 -27.16 -3.07
CA PRO E 148 -13.99 -28.01 -4.00
C PRO E 148 -14.57 -29.25 -3.32
N PHE E 149 -15.68 -29.73 -3.88
CA PHE E 149 -16.43 -30.85 -3.33
C PHE E 149 -15.82 -32.18 -3.78
N THR E 150 -15.53 -33.07 -2.82
CA THR E 150 -14.76 -34.27 -3.07
C THR E 150 -15.29 -35.42 -2.21
N PRO E 151 -16.24 -36.21 -2.73
CA PRO E 151 -16.71 -37.38 -1.98
C PRO E 151 -15.61 -38.42 -1.79
N ALA E 152 -15.48 -38.91 -0.56
CA ALA E 152 -14.59 -40.03 -0.28
C ALA E 152 -15.14 -41.37 -0.75
N ALA E 153 -16.44 -41.44 -1.07
CA ALA E 153 -17.04 -42.70 -1.50
C ALA E 153 -16.41 -43.21 -2.79
N MET E 154 -16.04 -42.29 -3.69
CA MET E 154 -15.54 -42.69 -5.00
C MET E 154 -14.22 -43.43 -4.92
N ARG E 155 -13.46 -43.30 -3.83
CA ARG E 155 -12.26 -44.08 -3.58
C ARG E 155 -12.44 -45.10 -2.47
N SER E 156 -13.64 -45.24 -1.91
CA SER E 156 -13.88 -46.09 -0.74
C SER E 156 -12.99 -45.70 0.42
N GLU E 157 -13.04 -44.42 0.77
CA GLU E 157 -12.32 -43.84 1.90
C GLU E 157 -13.25 -43.16 2.90
N THR E 158 -14.55 -43.46 2.86
CA THR E 158 -15.50 -42.93 3.81
C THR E 158 -15.23 -43.53 5.21
N LEU E 159 -15.89 -42.97 6.21
CA LEU E 159 -15.87 -43.53 7.55
C LEU E 159 -16.30 -44.99 7.55
N GLY E 160 -15.78 -45.75 8.50
CA GLY E 160 -15.88 -47.20 8.45
C GLY E 160 -17.29 -47.72 8.67
N PHE E 161 -17.54 -48.89 8.09
CA PHE E 161 -18.87 -49.51 8.07
C PHE E 161 -19.09 -50.51 9.21
N TYR E 162 -18.07 -50.80 10.02
CA TYR E 162 -18.16 -51.69 11.17
C TYR E 162 -17.99 -50.81 12.41
N PRO E 163 -19.07 -50.30 13.03
CA PRO E 163 -18.90 -49.29 14.10
C PRO E 163 -18.09 -49.73 15.31
N TRP E 164 -17.99 -51.03 15.56
CA TRP E 164 -17.24 -51.52 16.72
C TRP E 164 -15.72 -51.39 16.56
N LYS E 165 -15.20 -51.10 15.33
CA LYS E 165 -13.77 -50.95 15.07
C LYS E 165 -13.42 -49.49 14.76
N PRO E 166 -12.27 -48.95 15.23
CA PRO E 166 -11.92 -47.59 14.84
C PRO E 166 -11.60 -47.45 13.36
N THR E 167 -11.66 -46.21 12.89
CA THR E 167 -11.47 -45.82 11.48
C THR E 167 -10.45 -44.69 11.42
N ILE E 168 -10.22 -44.16 10.22
CA ILE E 168 -9.29 -43.05 10.01
C ILE E 168 -9.89 -42.05 9.03
N PRO E 169 -9.49 -40.77 9.04
CA PRO E 169 -9.83 -39.87 7.93
C PRO E 169 -8.84 -40.03 6.79
N THR E 170 -9.21 -39.50 5.62
CA THR E 170 -8.38 -39.60 4.41
C THR E 170 -7.58 -38.31 4.21
N PRO E 171 -6.27 -38.34 3.93
CA PRO E 171 -5.57 -37.08 3.62
C PRO E 171 -6.14 -36.44 2.36
N TRP E 172 -6.48 -35.16 2.46
CA TRP E 172 -7.24 -34.47 1.43
C TRP E 172 -6.37 -34.04 0.26
N ARG E 173 -6.98 -34.01 -0.92
CA ARG E 173 -6.34 -33.52 -2.13
C ARG E 173 -7.43 -33.14 -3.12
N TYR E 174 -7.07 -32.31 -4.10
CA TYR E 174 -8.04 -31.89 -5.11
C TYR E 174 -7.33 -31.63 -6.42
N TYR E 175 -8.12 -31.68 -7.50
CA TYR E 175 -7.56 -31.54 -8.83
C TYR E 175 -7.12 -30.11 -9.10
N PHE E 176 -5.93 -29.97 -9.67
CA PHE E 176 -5.34 -28.68 -10.04
C PHE E 176 -4.92 -28.79 -11.49
N GLN E 177 -5.17 -27.74 -12.27
CA GLN E 177 -5.31 -27.90 -13.72
C GLN E 177 -4.04 -28.39 -14.40
N TRP E 178 -4.23 -29.23 -15.42
CA TRP E 178 -3.20 -29.68 -16.34
C TRP E 178 -3.84 -29.74 -17.71
N ASP E 179 -3.00 -29.77 -18.74
CA ASP E 179 -3.43 -30.06 -20.10
C ASP E 179 -2.59 -31.20 -20.66
N ARG E 180 -3.23 -32.03 -21.49
CA ARG E 180 -2.68 -33.32 -21.85
C ARG E 180 -3.38 -33.83 -23.10
N THR E 181 -2.60 -34.43 -24.01
CA THR E 181 -3.11 -35.05 -25.22
C THR E 181 -2.62 -36.48 -25.32
N LEU E 182 -3.46 -37.34 -25.91
CA LEU E 182 -3.14 -38.76 -26.07
C LEU E 182 -3.94 -39.26 -27.28
N ILE E 183 -3.26 -39.39 -28.42
CA ILE E 183 -3.93 -39.80 -29.64
C ILE E 183 -4.17 -41.32 -29.56
N PRO E 184 -5.40 -41.82 -29.73
CA PRO E 184 -5.61 -43.25 -29.54
C PRO E 184 -5.05 -44.09 -30.68
N SER E 185 -4.81 -45.37 -30.40
CA SER E 185 -4.23 -46.29 -31.36
C SER E 185 -4.58 -47.72 -30.94
N HIS E 186 -4.47 -48.64 -31.90
CA HIS E 186 -4.52 -50.08 -31.64
C HIS E 186 -3.12 -50.68 -31.72
N THR E 187 -3.00 -51.88 -31.17
CA THR E 187 -1.74 -52.59 -31.19
C THR E 187 -1.31 -52.86 -32.63
N GLY E 188 0.00 -52.78 -32.87
CA GLY E 188 0.54 -52.98 -34.20
C GLY E 188 0.43 -51.79 -35.13
N THR E 189 -0.07 -50.65 -34.66
CA THR E 189 0.01 -49.42 -35.44
C THR E 189 1.47 -49.00 -35.58
N SER E 190 1.77 -48.36 -36.71
CA SER E 190 3.12 -47.89 -36.98
C SER E 190 3.44 -46.63 -36.18
N GLY E 191 4.72 -46.47 -35.83
CA GLY E 191 5.15 -45.31 -35.10
C GLY E 191 4.65 -45.29 -33.67
N THR E 192 4.96 -44.18 -32.98
CA THR E 192 4.58 -43.92 -31.60
C THR E 192 3.45 -42.88 -31.59
N PRO E 193 2.32 -43.07 -30.91
CA PRO E 193 1.30 -42.02 -30.91
C PRO E 193 1.74 -40.78 -30.15
N THR E 194 1.18 -39.65 -30.53
CA THR E 194 1.44 -38.39 -29.83
C THR E 194 0.85 -38.46 -28.42
N ASN E 195 1.69 -38.24 -27.42
CA ASN E 195 1.34 -38.55 -26.02
C ASN E 195 2.14 -37.60 -25.13
N ILE E 196 1.55 -36.45 -24.79
CA ILE E 196 2.27 -35.29 -24.26
C ILE E 196 1.46 -34.65 -23.13
N TYR E 197 2.17 -34.14 -22.12
CA TYR E 197 1.62 -33.34 -21.04
C TYR E 197 2.15 -31.91 -21.16
N HIS E 198 1.25 -30.92 -21.08
CA HIS E 198 1.51 -29.55 -21.52
C HIS E 198 1.77 -28.56 -20.38
N GLY E 199 1.86 -29.02 -19.12
CA GLY E 199 1.98 -28.12 -17.99
C GLY E 199 0.66 -27.61 -17.48
N THR E 200 0.59 -26.35 -17.04
CA THR E 200 -0.63 -25.72 -16.58
C THR E 200 -0.90 -24.46 -17.41
N ASP E 201 -2.17 -24.14 -17.61
CA ASP E 201 -2.59 -23.03 -18.45
C ASP E 201 -3.00 -21.85 -17.58
N PRO E 202 -2.60 -20.61 -17.89
CA PRO E 202 -2.65 -19.56 -16.87
C PRO E 202 -4.05 -19.15 -16.47
N ASP E 203 -5.03 -19.27 -17.35
CA ASP E 203 -6.38 -18.87 -16.96
C ASP E 203 -6.91 -19.78 -15.87
N ASP E 204 -6.45 -21.02 -15.83
CA ASP E 204 -7.11 -22.08 -15.10
C ASP E 204 -6.65 -22.22 -13.65
N VAL E 205 -5.66 -21.45 -13.22
CA VAL E 205 -4.98 -21.71 -11.97
C VAL E 205 -5.93 -21.42 -10.83
N GLN E 206 -6.15 -22.40 -9.96
CA GLN E 206 -6.99 -22.25 -8.78
C GLN E 206 -6.32 -22.93 -7.60
N PHE E 207 -5.49 -22.18 -6.87
CA PHE E 207 -4.77 -22.70 -5.71
C PHE E 207 -5.51 -22.29 -4.45
N TYR E 208 -5.77 -23.26 -3.58
CA TYR E 208 -6.59 -23.08 -2.40
C TYR E 208 -5.86 -23.58 -1.17
N THR E 209 -6.18 -22.98 -0.03
CA THR E 209 -5.69 -23.45 1.27
C THR E 209 -6.81 -23.33 2.30
N ILE E 210 -6.84 -24.29 3.23
CA ILE E 210 -7.87 -24.29 4.27
C ILE E 210 -7.76 -23.06 5.14
N GLU E 211 -6.53 -22.69 5.52
CA GLU E 211 -6.32 -21.63 6.49
C GLU E 211 -6.84 -20.29 5.98
N ASN E 212 -6.60 -19.98 4.71
CA ASN E 212 -6.98 -18.70 4.15
C ASN E 212 -8.46 -18.60 3.82
N SER E 213 -9.17 -19.72 3.71
CA SER E 213 -10.55 -19.77 3.24
C SER E 213 -11.57 -19.95 4.36
N VAL E 214 -11.27 -20.82 5.33
CA VAL E 214 -12.28 -21.39 6.23
C VAL E 214 -12.13 -20.73 7.59
N PRO E 215 -13.20 -20.61 8.40
CA PRO E 215 -12.97 -20.05 9.74
C PRO E 215 -12.10 -20.94 10.64
N LEU E 218 -10.07 -24.41 17.70
CA LEU E 218 -9.18 -25.55 18.06
C LEU E 218 -9.80 -26.38 19.15
N LEU E 219 -9.38 -27.65 19.23
CA LEU E 219 -9.89 -28.61 20.18
C LEU E 219 -8.77 -29.19 21.02
N ARG E 220 -9.14 -29.64 22.22
CA ARG E 220 -8.26 -30.34 23.13
C ARG E 220 -9.10 -31.40 23.87
N THR E 221 -8.40 -32.27 24.59
CA THR E 221 -9.06 -33.21 25.46
C THR E 221 -9.92 -32.47 26.47
N GLY E 222 -11.20 -32.85 26.53
CA GLY E 222 -12.15 -32.23 27.43
C GLY E 222 -13.01 -31.13 26.85
N ASP E 223 -12.97 -30.90 25.53
CA ASP E 223 -13.86 -29.96 24.87
C ASP E 223 -14.28 -30.54 23.52
N GLU E 224 -15.33 -29.94 22.93
CA GLU E 224 -16.14 -30.59 21.91
C GLU E 224 -16.49 -29.61 20.80
N PHE E 225 -16.92 -30.17 19.67
CA PHE E 225 -17.28 -29.44 18.47
C PHE E 225 -18.62 -29.98 17.97
N ALA E 226 -19.43 -29.11 17.36
CA ALA E 226 -20.65 -29.57 16.69
C ALA E 226 -20.98 -28.67 15.51
N THR E 227 -21.53 -29.30 14.46
CA THR E 227 -22.05 -28.57 13.32
C THR E 227 -23.42 -27.99 13.62
N GLY E 228 -23.84 -27.05 12.79
CA GLY E 228 -25.25 -26.74 12.69
C GLY E 228 -26.00 -27.87 12.02
N THR E 229 -27.32 -27.87 12.21
CA THR E 229 -28.16 -28.91 11.62
C THR E 229 -28.52 -28.52 10.19
N PHE E 230 -28.19 -29.41 9.25
CA PHE E 230 -28.42 -29.18 7.83
C PHE E 230 -29.79 -29.72 7.44
N PHE E 231 -30.36 -29.12 6.40
CA PHE E 231 -31.60 -29.61 5.79
C PHE E 231 -31.44 -29.69 4.28
N PHE E 232 -31.85 -30.81 3.72
CA PHE E 232 -31.85 -31.04 2.28
C PHE E 232 -33.19 -30.61 1.68
N ASP E 233 -33.21 -30.51 0.35
CA ASP E 233 -34.43 -30.25 -0.42
C ASP E 233 -34.55 -31.19 -1.61
N CYS E 234 -33.95 -32.38 -1.54
CA CYS E 234 -33.88 -33.27 -2.68
C CYS E 234 -35.23 -33.89 -3.00
N LYS E 235 -35.43 -34.27 -4.26
CA LYS E 235 -36.58 -35.05 -4.63
C LYS E 235 -36.45 -36.48 -4.06
N PRO E 236 -37.57 -37.17 -3.80
CA PRO E 236 -37.47 -38.45 -3.09
C PRO E 236 -36.88 -39.56 -3.93
N CYS E 237 -36.16 -40.47 -3.25
CA CYS E 237 -35.82 -41.75 -3.84
C CYS E 237 -36.99 -42.71 -3.73
N ARG E 238 -37.07 -43.65 -4.67
CA ARG E 238 -38.17 -44.61 -4.76
C ARG E 238 -37.63 -46.01 -5.07
N LEU E 239 -38.26 -47.01 -4.44
CA LEU E 239 -37.84 -48.41 -4.56
C LEU E 239 -38.63 -49.19 -5.61
N THR E 240 -39.34 -48.51 -6.50
CA THR E 240 -40.16 -49.22 -7.47
C THR E 240 -39.31 -49.76 -8.61
N HIS E 241 -39.84 -50.79 -9.29
CA HIS E 241 -39.18 -51.48 -10.38
C HIS E 241 -39.94 -51.23 -11.68
N THR E 242 -39.24 -50.68 -12.67
CA THR E 242 -39.81 -50.50 -14.00
C THR E 242 -39.66 -51.81 -14.76
N TRP E 243 -40.77 -52.32 -15.28
CA TRP E 243 -40.83 -53.66 -15.87
C TRP E 243 -40.78 -53.66 -17.40
N GLN E 244 -40.92 -52.51 -18.06
CA GLN E 244 -40.79 -52.46 -19.51
C GLN E 244 -39.33 -52.59 -19.93
N THR E 245 -39.11 -53.24 -21.07
CA THR E 245 -37.78 -53.64 -21.53
C THR E 245 -37.66 -53.37 -23.02
N ASN E 246 -36.52 -53.79 -23.58
CA ASN E 246 -36.29 -53.70 -25.02
C ASN E 246 -37.33 -54.50 -25.81
N ARG E 247 -37.84 -55.59 -25.25
CA ARG E 247 -38.87 -56.43 -25.87
C ARG E 247 -40.27 -56.05 -25.42
N ALA E 248 -40.47 -55.84 -24.12
CA ALA E 248 -41.79 -55.60 -23.54
C ALA E 248 -42.03 -54.09 -23.47
N LEU E 249 -43.07 -53.63 -24.17
CA LEU E 249 -43.47 -52.23 -24.17
C LEU E 249 -45.00 -52.15 -24.16
N GLY E 250 -45.51 -50.99 -23.76
CA GLY E 250 -46.95 -50.83 -23.65
C GLY E 250 -47.50 -51.55 -22.42
N LEU E 251 -48.77 -51.97 -22.54
CA LEU E 251 -49.54 -52.63 -21.50
C LEU E 251 -50.01 -54.00 -22.01
N PRO E 252 -50.22 -55.00 -21.15
CA PRO E 252 -50.63 -56.34 -21.65
C PRO E 252 -51.97 -56.31 -22.38
N PRO E 253 -52.22 -57.24 -23.30
CA PRO E 253 -53.40 -57.14 -24.16
C PRO E 253 -54.71 -57.38 -23.44
N PHE E 254 -55.77 -56.85 -24.04
CA PHE E 254 -57.15 -57.06 -23.60
C PHE E 254 -58.03 -56.99 -24.84
N LEU E 255 -59.13 -57.75 -24.83
CA LEU E 255 -60.11 -57.72 -25.91
C LEU E 255 -61.52 -57.60 -25.33
N ASP E 269 -55.11 -67.54 -29.77
CA ASP E 269 -54.09 -66.45 -29.81
C ASP E 269 -54.61 -65.24 -30.59
N ILE E 270 -54.47 -65.29 -31.91
CA ILE E 270 -54.71 -64.11 -32.75
C ILE E 270 -56.19 -63.82 -32.84
N GLY E 271 -56.55 -62.54 -32.75
CA GLY E 271 -57.88 -62.07 -33.05
C GLY E 271 -57.99 -61.76 -34.54
N VAL E 272 -58.29 -60.51 -34.87
CA VAL E 272 -58.23 -60.09 -36.27
C VAL E 272 -56.79 -60.15 -36.73
N GLN E 273 -56.57 -60.71 -37.91
CA GLN E 273 -55.21 -60.84 -38.43
C GLN E 273 -54.62 -59.45 -38.70
N GLN E 274 -53.29 -59.35 -38.55
CA GLN E 274 -52.65 -58.06 -38.30
C GLN E 274 -52.76 -57.10 -39.48
N ASP E 275 -52.86 -57.59 -40.71
CA ASP E 275 -53.02 -56.72 -41.88
C ASP E 275 -54.49 -56.43 -42.21
N LYS E 276 -55.42 -57.26 -41.73
CA LYS E 276 -56.83 -56.99 -41.92
C LYS E 276 -57.36 -55.89 -41.00
N ARG E 277 -56.60 -55.53 -39.96
CA ARG E 277 -56.98 -54.43 -39.09
C ARG E 277 -56.91 -53.10 -39.85
N ARG E 278 -57.72 -52.14 -39.41
CA ARG E 278 -57.81 -50.81 -40.03
C ARG E 278 -57.51 -49.74 -39.00
N GLY E 279 -56.81 -48.69 -39.43
CA GLY E 279 -56.35 -47.64 -38.54
C GLY E 279 -55.30 -46.78 -39.23
N VAL E 280 -54.52 -46.09 -38.41
CA VAL E 280 -53.47 -45.18 -38.87
C VAL E 280 -52.19 -45.46 -38.10
N THR E 281 -51.05 -45.39 -38.78
CA THR E 281 -49.75 -45.48 -38.14
C THR E 281 -48.73 -44.71 -38.98
N GLN E 282 -47.66 -44.27 -38.33
CA GLN E 282 -46.55 -43.63 -39.04
C GLN E 282 -45.80 -44.61 -39.95
N MET E 283 -45.91 -45.91 -39.68
CA MET E 283 -45.30 -46.96 -40.50
C MET E 283 -46.25 -47.44 -41.59
N GLY E 284 -47.09 -46.54 -42.11
CA GLY E 284 -48.16 -46.88 -43.04
C GLY E 284 -47.71 -47.52 -44.35
N ASN E 285 -46.42 -47.52 -44.66
CA ASN E 285 -45.92 -48.29 -45.80
C ASN E 285 -46.18 -49.79 -45.65
N THR E 286 -46.35 -50.30 -44.42
CA THR E 286 -46.55 -51.71 -44.14
C THR E 286 -47.99 -51.94 -43.69
N ASN E 287 -48.68 -52.85 -44.36
CA ASN E 287 -50.09 -53.12 -44.03
C ASN E 287 -50.23 -53.78 -42.67
N TYR E 288 -49.32 -54.70 -42.33
CA TYR E 288 -49.38 -55.40 -41.05
C TYR E 288 -49.17 -54.42 -39.91
N ILE E 289 -50.10 -54.40 -38.96
CA ILE E 289 -49.90 -53.65 -37.71
C ILE E 289 -49.20 -54.60 -36.77
N THR E 290 -47.88 -54.69 -36.91
CA THR E 290 -47.05 -55.53 -36.06
C THR E 290 -46.67 -54.77 -34.79
N GLU E 291 -45.95 -55.44 -33.90
CA GLU E 291 -45.34 -54.75 -32.79
C GLU E 291 -44.27 -53.76 -33.25
N ALA E 292 -43.64 -54.01 -34.40
CA ALA E 292 -42.62 -53.12 -34.93
C ALA E 292 -43.20 -51.93 -35.70
N THR E 293 -44.46 -52.02 -36.14
CA THR E 293 -45.10 -50.99 -36.95
C THR E 293 -46.29 -50.33 -36.27
N ILE E 294 -46.68 -50.76 -35.07
CA ILE E 294 -47.61 -49.99 -34.25
C ILE E 294 -46.85 -48.83 -33.60
N MET E 295 -47.55 -47.72 -33.39
CA MET E 295 -46.89 -46.50 -32.94
C MET E 295 -46.45 -46.60 -31.49
N ARG E 296 -45.46 -45.76 -31.15
CA ARG E 296 -44.81 -45.74 -29.83
C ARG E 296 -45.23 -44.48 -29.06
N PRO E 297 -45.82 -44.56 -27.86
CA PRO E 297 -46.04 -43.32 -27.10
C PRO E 297 -44.75 -42.68 -26.59
N ALA E 298 -43.77 -43.49 -26.19
CA ALA E 298 -42.56 -42.96 -25.58
C ALA E 298 -41.42 -43.96 -25.74
N GLU E 299 -40.20 -43.46 -25.55
CA GLU E 299 -38.97 -44.24 -25.59
C GLU E 299 -38.53 -44.48 -24.15
N VAL E 300 -38.38 -45.75 -23.78
CA VAL E 300 -37.95 -46.13 -22.44
C VAL E 300 -36.43 -46.04 -22.40
N GLY E 301 -35.90 -45.11 -21.59
CA GLY E 301 -34.46 -44.93 -21.54
C GLY E 301 -33.92 -44.39 -22.84
N TYR E 302 -32.69 -44.77 -23.17
CA TYR E 302 -32.10 -44.43 -24.47
C TYR E 302 -30.94 -45.37 -24.73
N SER E 303 -30.56 -45.48 -26.00
CA SER E 303 -29.45 -46.35 -26.39
C SER E 303 -28.14 -45.64 -26.16
N ALA E 304 -27.42 -46.03 -25.11
CA ALA E 304 -26.10 -45.46 -24.86
C ALA E 304 -25.10 -46.01 -25.88
N PRO E 305 -24.26 -45.16 -26.52
CA PRO E 305 -23.21 -45.73 -27.38
C PRO E 305 -22.10 -46.35 -26.54
N TYR E 306 -22.30 -47.60 -26.17
CA TYR E 306 -21.52 -48.25 -25.12
C TYR E 306 -20.05 -48.36 -25.45
N TYR E 307 -19.22 -48.30 -24.39
CA TYR E 307 -17.76 -48.40 -24.47
C TYR E 307 -17.19 -47.36 -25.44
N SER E 308 -17.67 -46.13 -25.28
CA SER E 308 -17.17 -44.96 -25.99
C SER E 308 -16.42 -44.06 -25.02
N PHE E 309 -15.24 -43.58 -25.43
CA PHE E 309 -14.50 -42.57 -24.71
C PHE E 309 -14.77 -41.19 -25.31
N GLU E 310 -14.48 -40.16 -24.52
CA GLU E 310 -14.47 -38.77 -24.99
C GLU E 310 -13.30 -38.04 -24.35
N ALA E 311 -12.85 -36.99 -25.02
CA ALA E 311 -11.62 -36.30 -24.66
C ALA E 311 -11.79 -34.80 -24.80
N SER E 312 -11.00 -34.06 -24.02
CA SER E 312 -10.90 -32.61 -24.09
C SER E 312 -9.43 -32.24 -23.91
N THR E 313 -9.16 -31.01 -23.45
CA THR E 313 -7.78 -30.56 -23.31
C THR E 313 -7.02 -31.34 -22.23
N GLN E 314 -7.72 -31.96 -21.28
CA GLN E 314 -7.09 -32.68 -20.19
C GLN E 314 -6.88 -34.17 -20.45
N GLY E 315 -7.36 -34.70 -21.58
CA GLY E 315 -7.20 -36.09 -21.95
C GLY E 315 -8.52 -36.83 -22.03
N PRO E 316 -8.47 -38.14 -22.30
CA PRO E 316 -9.70 -38.91 -22.51
C PRO E 316 -10.35 -39.38 -21.22
N PHE E 317 -11.61 -39.81 -21.36
CA PHE E 317 -12.39 -40.39 -20.27
C PHE E 317 -13.51 -41.25 -20.85
N LYS E 318 -13.94 -42.26 -20.08
CA LYS E 318 -15.12 -43.06 -20.45
C LYS E 318 -16.37 -42.20 -20.40
N THR E 319 -17.26 -42.39 -21.38
CA THR E 319 -18.56 -41.72 -21.37
C THR E 319 -19.51 -42.48 -20.44
N PRO E 320 -20.03 -41.85 -19.35
CA PRO E 320 -20.96 -42.64 -18.55
C PRO E 320 -22.30 -42.84 -19.25
N ASP E 337 -25.23 -52.06 -20.48
CA ASP E 337 -24.08 -51.67 -19.61
C ASP E 337 -24.57 -50.79 -18.45
N GLY E 338 -23.63 -50.26 -17.67
CA GLY E 338 -23.93 -49.41 -16.53
C GLY E 338 -23.92 -50.09 -15.18
N ASN E 339 -23.51 -51.36 -15.10
CA ASN E 339 -23.39 -52.04 -13.82
C ASN E 339 -22.02 -51.71 -13.21
N PRO E 340 -21.92 -50.96 -12.11
CA PRO E 340 -20.58 -50.60 -11.61
C PRO E 340 -19.96 -51.71 -10.77
N ARG E 341 -18.64 -51.85 -10.89
CA ARG E 341 -17.88 -52.54 -9.87
C ARG E 341 -17.59 -51.57 -8.74
N TYR E 342 -17.63 -52.08 -7.51
CA TYR E 342 -17.16 -51.37 -6.33
C TYR E 342 -16.02 -52.17 -5.73
N ALA E 343 -14.79 -51.65 -5.85
CA ALA E 343 -13.61 -52.33 -5.27
C ALA E 343 -13.50 -51.96 -3.79
N PHE E 344 -14.49 -52.42 -3.03
CA PHE E 344 -14.62 -52.09 -1.61
C PHE E 344 -13.48 -52.68 -0.78
N GLY E 345 -13.22 -52.04 0.36
CA GLY E 345 -12.07 -52.31 1.18
C GLY E 345 -12.38 -53.10 2.46
N ARG E 346 -11.31 -53.38 3.20
CA ARG E 346 -11.38 -54.21 4.40
C ARG E 346 -12.19 -53.58 5.53
N GLN E 347 -12.45 -52.28 5.48
CA GLN E 347 -13.30 -51.59 6.45
C GLN E 347 -14.62 -51.13 5.83
N HIS E 348 -14.93 -51.56 4.59
CA HIS E 348 -16.08 -51.07 3.83
C HIS E 348 -16.85 -52.21 3.18
N GLY E 349 -17.02 -53.32 3.89
CA GLY E 349 -17.90 -54.41 3.47
C GLY E 349 -17.21 -55.74 3.24
N GLN E 350 -15.89 -55.78 3.05
CA GLN E 350 -15.21 -57.05 2.86
C GLN E 350 -15.22 -57.88 4.14
N LYS E 351 -15.00 -59.18 3.98
CA LYS E 351 -14.76 -60.04 5.14
C LYS E 351 -13.43 -59.63 5.76
N THR E 352 -13.48 -58.94 6.90
CA THR E 352 -12.38 -58.08 7.32
C THR E 352 -11.14 -58.86 7.73
N THR E 353 -11.29 -60.12 8.15
CA THR E 353 -10.17 -60.92 8.63
C THR E 353 -9.45 -61.68 7.51
N THR E 354 -9.76 -61.40 6.25
CA THR E 354 -9.19 -62.17 5.16
C THR E 354 -7.70 -61.91 4.99
N THR E 355 -7.01 -62.89 4.41
CA THR E 355 -5.60 -62.78 4.11
C THR E 355 -5.38 -62.13 2.76
N GLY E 356 -4.22 -61.49 2.60
CA GLY E 356 -3.86 -60.88 1.35
C GLY E 356 -4.40 -59.47 1.21
N GLU E 357 -3.56 -58.56 0.72
CA GLU E 357 -3.92 -57.14 0.67
C GLU E 357 -4.80 -56.77 -0.51
N THR E 358 -4.93 -57.62 -1.51
CA THR E 358 -5.70 -57.25 -2.70
C THR E 358 -7.19 -57.17 -2.37
N PRO E 359 -7.90 -56.10 -2.73
CA PRO E 359 -9.35 -56.06 -2.50
C PRO E 359 -10.12 -56.81 -3.57
N GLU E 360 -11.42 -56.99 -3.30
CA GLU E 360 -12.33 -57.75 -4.14
C GLU E 360 -13.25 -56.80 -4.89
N ARG E 361 -13.25 -56.91 -6.22
CA ARG E 361 -13.99 -56.01 -7.11
C ARG E 361 -15.36 -56.60 -7.47
N PHE E 362 -16.27 -56.55 -6.50
CA PHE E 362 -17.62 -57.06 -6.72
C PHE E 362 -18.40 -56.12 -7.62
N THR E 363 -19.33 -56.70 -8.38
CA THR E 363 -20.25 -55.95 -9.24
C THR E 363 -21.59 -55.78 -8.54
N TYR E 364 -22.10 -54.55 -8.54
CA TYR E 364 -23.52 -54.32 -8.29
C TYR E 364 -24.27 -54.51 -9.59
N ILE E 365 -25.26 -55.39 -9.60
CA ILE E 365 -26.04 -55.72 -10.79
C ILE E 365 -27.42 -55.09 -10.63
N ALA E 366 -27.78 -54.24 -11.58
CA ALA E 366 -29.07 -53.55 -11.52
C ALA E 366 -30.21 -54.54 -11.77
N HIS E 367 -31.27 -54.41 -10.98
CA HIS E 367 -32.47 -55.22 -11.11
C HIS E 367 -33.56 -54.57 -11.96
N GLN E 368 -33.23 -53.51 -12.71
CA GLN E 368 -34.16 -52.82 -13.60
C GLN E 368 -33.81 -53.17 -15.05
N ASP E 369 -34.82 -53.57 -15.82
CA ASP E 369 -34.64 -54.12 -17.16
C ASP E 369 -34.88 -53.09 -18.27
N THR E 370 -34.69 -51.81 -17.99
CA THR E 370 -34.98 -50.75 -18.96
C THR E 370 -33.88 -50.55 -20.01
N GLY E 371 -32.80 -51.34 -19.97
CA GLY E 371 -31.66 -51.14 -20.86
C GLY E 371 -31.87 -51.68 -22.26
N ARG E 372 -30.76 -52.10 -22.87
CA ARG E 372 -30.73 -52.59 -24.24
C ARG E 372 -29.82 -53.81 -24.32
N TYR E 373 -30.05 -54.60 -25.38
CA TYR E 373 -29.22 -55.74 -25.74
C TYR E 373 -28.78 -55.54 -27.19
N PRO E 374 -27.46 -55.61 -27.52
CA PRO E 374 -27.05 -55.26 -28.91
C PRO E 374 -27.66 -56.14 -30.00
N GLU E 375 -27.63 -57.47 -29.84
CA GLU E 375 -28.22 -58.33 -30.84
C GLU E 375 -29.76 -58.29 -30.86
N GLY E 376 -30.39 -57.64 -29.87
CA GLY E 376 -31.83 -57.57 -29.74
C GLY E 376 -32.53 -56.41 -30.41
N ASP E 377 -31.83 -55.62 -31.23
CA ASP E 377 -32.45 -54.47 -31.88
C ASP E 377 -31.76 -54.23 -33.21
N TRP E 378 -32.47 -53.55 -34.11
CA TRP E 378 -31.96 -53.30 -35.46
C TRP E 378 -32.62 -52.04 -36.02
N ILE E 379 -32.03 -51.53 -37.09
CA ILE E 379 -32.49 -50.31 -37.76
C ILE E 379 -33.18 -50.72 -39.06
N GLN E 380 -34.35 -50.13 -39.29
CA GLN E 380 -35.34 -50.64 -40.22
C GLN E 380 -35.10 -50.08 -41.62
N ASN E 381 -35.80 -50.66 -42.59
CA ASN E 381 -35.95 -50.06 -43.90
C ASN E 381 -37.30 -50.49 -44.48
N ILE E 382 -37.72 -49.79 -45.54
CA ILE E 382 -39.12 -49.82 -45.98
C ILE E 382 -39.56 -51.20 -46.46
N ASN E 383 -38.64 -52.02 -46.96
CA ASN E 383 -39.05 -53.30 -47.56
C ASN E 383 -39.49 -54.33 -46.53
N PHE E 384 -38.96 -54.29 -45.32
CA PHE E 384 -39.46 -55.04 -44.18
C PHE E 384 -39.34 -56.56 -44.35
N ASN E 385 -38.35 -57.03 -45.12
CA ASN E 385 -38.13 -58.46 -45.28
C ASN E 385 -37.35 -59.03 -44.09
N LEU E 386 -37.59 -60.31 -43.80
CA LEU E 386 -36.92 -61.02 -42.70
C LEU E 386 -35.52 -61.54 -43.03
N PRO E 387 -35.28 -62.25 -44.12
CA PRO E 387 -33.94 -62.84 -44.34
C PRO E 387 -32.91 -61.89 -44.91
N VAL E 388 -33.31 -60.69 -45.35
CA VAL E 388 -32.35 -59.79 -45.98
C VAL E 388 -31.35 -59.27 -44.94
N THR E 389 -30.25 -58.72 -45.44
CA THR E 389 -29.09 -58.29 -44.65
C THR E 389 -28.79 -56.83 -44.99
N ASN E 390 -27.58 -56.35 -44.68
CA ASN E 390 -27.11 -54.99 -44.96
C ASN E 390 -27.36 -54.51 -46.39
N ASP E 391 -27.58 -55.40 -47.36
CA ASP E 391 -27.99 -54.95 -48.69
C ASP E 391 -29.31 -54.17 -48.68
N ASN E 392 -30.17 -54.36 -47.67
CA ASN E 392 -31.35 -53.51 -47.50
C ASN E 392 -31.59 -53.01 -46.08
N VAL E 393 -31.18 -53.78 -45.06
CA VAL E 393 -31.56 -53.53 -43.68
C VAL E 393 -30.33 -53.59 -42.78
N LEU E 394 -30.22 -52.62 -41.88
CA LEU E 394 -29.07 -52.48 -41.02
C LEU E 394 -29.29 -53.30 -39.75
N LEU E 395 -28.35 -54.19 -39.46
CA LEU E 395 -28.44 -55.21 -38.42
C LEU E 395 -27.21 -55.15 -37.51
N PRO E 396 -27.29 -55.75 -36.29
CA PRO E 396 -26.10 -55.80 -35.42
C PRO E 396 -24.89 -56.51 -36.02
N THR E 397 -25.10 -57.35 -37.04
CA THR E 397 -23.98 -58.01 -37.71
C THR E 397 -23.07 -57.05 -38.47
N ASP E 398 -23.51 -55.83 -38.73
CA ASP E 398 -22.90 -54.98 -39.76
C ASP E 398 -21.83 -54.09 -39.14
N PRO E 399 -20.56 -54.14 -39.54
CA PRO E 399 -19.54 -53.34 -38.87
C PRO E 399 -19.53 -51.88 -39.31
N ILE E 400 -18.87 -51.06 -38.49
CA ILE E 400 -18.64 -49.65 -38.75
C ILE E 400 -17.19 -49.47 -39.16
N GLY E 401 -16.95 -48.78 -40.27
CA GLY E 401 -15.60 -48.53 -40.74
C GLY E 401 -14.82 -49.78 -41.07
N GLY E 402 -15.49 -50.89 -41.33
CA GLY E 402 -14.83 -52.17 -41.50
C GLY E 402 -14.33 -52.82 -40.22
N LYS E 403 -14.50 -52.18 -39.06
CA LYS E 403 -14.05 -52.76 -37.80
C LYS E 403 -15.02 -53.87 -37.42
N THR E 404 -14.55 -55.11 -37.49
CA THR E 404 -15.41 -56.25 -37.27
C THR E 404 -15.96 -56.29 -35.84
N GLY E 405 -15.22 -55.76 -34.88
CA GLY E 405 -15.64 -55.69 -33.49
C GLY E 405 -16.50 -54.51 -33.13
N ILE E 406 -16.76 -53.60 -34.06
CA ILE E 406 -17.57 -52.40 -33.82
C ILE E 406 -18.69 -52.39 -34.86
N ASN E 407 -19.94 -52.43 -34.39
CA ASN E 407 -21.13 -52.38 -35.23
C ASN E 407 -21.95 -51.15 -34.86
N TYR E 408 -23.14 -51.05 -35.46
CA TYR E 408 -23.96 -49.84 -35.31
C TYR E 408 -24.37 -49.59 -33.86
N THR E 409 -24.56 -50.65 -33.07
CA THR E 409 -25.05 -50.46 -31.70
C THR E 409 -24.02 -49.74 -30.83
N ASN E 410 -22.75 -49.78 -31.21
CA ASN E 410 -21.73 -49.09 -30.43
C ASN E 410 -21.87 -47.58 -30.53
N ILE E 411 -22.43 -47.07 -31.63
CA ILE E 411 -22.46 -45.63 -31.91
C ILE E 411 -23.87 -45.03 -31.86
N PHE E 412 -24.92 -45.84 -32.02
CA PHE E 412 -26.27 -45.32 -32.19
C PHE E 412 -26.82 -44.76 -30.89
N ASN E 413 -27.62 -43.70 -30.99
CA ASN E 413 -28.06 -42.93 -29.82
C ASN E 413 -29.49 -42.47 -30.05
N THR E 414 -30.42 -43.00 -29.26
CA THR E 414 -31.84 -42.70 -29.38
C THR E 414 -32.31 -41.54 -28.50
N TYR E 415 -31.40 -40.84 -27.82
CA TYR E 415 -31.83 -39.78 -26.91
C TYR E 415 -32.53 -38.66 -27.66
N GLY E 416 -33.63 -38.19 -27.08
CA GLY E 416 -34.50 -37.25 -27.76
C GLY E 416 -35.73 -36.94 -26.92
N PRO E 417 -36.62 -36.07 -27.43
CA PRO E 417 -37.73 -35.60 -26.61
C PRO E 417 -38.72 -36.68 -26.21
N LEU E 418 -38.81 -37.77 -26.96
CA LEU E 418 -39.73 -38.85 -26.62
C LEU E 418 -39.25 -39.69 -25.44
N THR E 419 -38.02 -39.50 -24.98
CA THR E 419 -37.48 -40.37 -23.93
C THR E 419 -38.14 -40.12 -22.58
N ALA E 420 -38.10 -41.14 -21.74
CA ALA E 420 -38.48 -41.07 -20.33
C ALA E 420 -37.42 -41.80 -19.54
N LEU E 421 -37.00 -41.21 -18.42
CA LEU E 421 -35.86 -41.67 -17.64
C LEU E 421 -36.28 -41.93 -16.19
N ASN E 422 -35.53 -42.82 -15.53
CA ASN E 422 -35.74 -43.15 -14.13
C ASN E 422 -34.43 -43.00 -13.36
N ASN E 423 -34.57 -42.65 -12.08
CA ASN E 423 -33.42 -42.35 -11.23
C ASN E 423 -32.65 -43.64 -10.89
N VAL E 424 -31.37 -43.47 -10.59
CA VAL E 424 -30.51 -44.63 -10.32
C VAL E 424 -30.87 -45.25 -8.97
N PRO E 425 -30.75 -46.58 -8.79
CA PRO E 425 -31.10 -47.16 -7.49
C PRO E 425 -29.99 -46.94 -6.48
N PRO E 426 -30.30 -46.97 -5.18
CA PRO E 426 -29.22 -47.00 -4.17
C PRO E 426 -28.33 -48.24 -4.29
N VAL E 427 -27.10 -48.09 -3.82
CA VAL E 427 -26.16 -49.20 -3.71
C VAL E 427 -25.70 -49.32 -2.26
N TYR E 428 -26.40 -50.13 -1.47
CA TYR E 428 -25.95 -50.40 -0.11
C TYR E 428 -24.79 -51.41 -0.14
N PRO E 429 -23.76 -51.25 0.71
CA PRO E 429 -23.42 -50.19 1.67
C PRO E 429 -22.53 -49.08 1.09
N ASN E 430 -21.94 -49.31 -0.08
CA ASN E 430 -20.82 -48.49 -0.56
C ASN E 430 -21.25 -47.21 -1.28
N GLY E 431 -22.47 -47.13 -1.78
CA GLY E 431 -22.85 -46.03 -2.65
C GLY E 431 -22.92 -44.69 -1.93
N GLN E 432 -22.73 -43.63 -2.72
CA GLN E 432 -22.87 -42.27 -2.20
C GLN E 432 -24.34 -41.92 -2.00
N ILE E 433 -24.66 -41.28 -0.88
CA ILE E 433 -26.05 -40.96 -0.57
C ILE E 433 -26.48 -39.70 -1.30
N TRP E 434 -25.77 -38.59 -1.08
CA TRP E 434 -26.11 -37.28 -1.62
C TRP E 434 -24.93 -36.73 -2.41
N ASP E 435 -25.23 -35.84 -3.36
CA ASP E 435 -24.24 -35.37 -4.32
C ASP E 435 -24.50 -33.91 -4.70
N LYS E 436 -23.45 -33.23 -5.13
CA LYS E 436 -23.55 -31.86 -5.62
C LYS E 436 -24.28 -31.81 -6.96
N GLU E 437 -24.85 -30.63 -7.25
CA GLU E 437 -25.55 -30.36 -8.51
C GLU E 437 -24.69 -30.66 -9.73
N LYS E 443 -27.93 -27.60 -16.62
CA LYS E 443 -27.54 -28.62 -15.61
C LYS E 443 -27.99 -30.01 -16.07
N PRO E 444 -27.32 -31.08 -15.63
CA PRO E 444 -27.72 -32.42 -16.07
C PRO E 444 -29.03 -32.86 -15.44
N ARG E 445 -29.68 -33.82 -16.11
CA ARG E 445 -30.95 -34.34 -15.63
C ARG E 445 -30.80 -35.30 -14.45
N LEU E 446 -29.70 -36.05 -14.40
CA LEU E 446 -29.44 -36.91 -13.25
C LEU E 446 -27.96 -37.22 -13.18
N HIS E 447 -27.54 -37.71 -12.00
CA HIS E 447 -26.18 -38.13 -11.73
C HIS E 447 -26.14 -39.63 -11.48
N VAL E 448 -25.06 -40.26 -11.92
CA VAL E 448 -24.85 -41.68 -11.67
C VAL E 448 -24.34 -41.97 -10.27
N ASN E 449 -23.75 -40.98 -9.59
CA ASN E 449 -23.06 -41.25 -8.33
C ASN E 449 -24.04 -41.63 -7.22
N ALA E 450 -25.21 -40.98 -7.16
CA ALA E 450 -26.05 -41.03 -5.98
C ALA E 450 -27.50 -40.79 -6.40
N PRO E 451 -28.49 -41.19 -5.56
CA PRO E 451 -29.89 -40.93 -5.90
C PRO E 451 -30.33 -39.50 -5.58
N PHE E 452 -29.80 -38.95 -4.48
CA PHE E 452 -30.13 -37.60 -4.04
C PHE E 452 -29.08 -36.62 -4.55
N VAL E 453 -29.54 -35.49 -5.08
CA VAL E 453 -28.68 -34.43 -5.60
C VAL E 453 -29.06 -33.14 -4.89
N CYS E 454 -28.11 -32.57 -4.16
CA CYS E 454 -28.31 -31.38 -3.34
C CYS E 454 -27.54 -30.20 -3.94
N CYS E 458 -25.06 -28.59 -0.65
CA CYS E 458 -24.85 -29.85 0.13
C CYS E 458 -24.15 -29.51 1.45
N PRO E 459 -24.10 -30.47 2.40
CA PRO E 459 -23.42 -30.18 3.67
C PRO E 459 -21.95 -29.83 3.50
N GLY E 460 -21.47 -28.96 4.37
CA GLY E 460 -20.07 -28.55 4.31
C GLY E 460 -19.14 -29.69 4.68
N GLN E 461 -18.00 -29.75 4.00
CA GLN E 461 -16.99 -30.76 4.28
C GLN E 461 -16.21 -30.41 5.54
N LEU E 462 -15.82 -31.44 6.28
CA LEU E 462 -15.18 -31.32 7.60
C LEU E 462 -13.74 -31.78 7.50
N PHE E 463 -12.81 -30.95 7.98
CA PHE E 463 -11.38 -31.18 7.86
C PHE E 463 -10.73 -31.16 9.24
N VAL E 464 -9.74 -32.03 9.43
CA VAL E 464 -9.04 -32.19 10.70
C VAL E 464 -7.54 -32.23 10.46
N LYS E 465 -6.79 -31.78 11.45
CA LYS E 465 -5.34 -31.63 11.33
C LYS E 465 -4.81 -31.42 12.74
N VAL E 466 -4.01 -32.37 13.23
CA VAL E 466 -3.40 -32.18 14.55
C VAL E 466 -2.25 -31.20 14.42
N ALA E 467 -2.19 -30.24 15.33
CA ALA E 467 -1.35 -29.06 15.13
C ALA E 467 0.14 -29.44 15.19
N PRO E 468 1.03 -28.68 14.50
CA PRO E 468 2.47 -28.96 14.62
C PRO E 468 2.98 -28.81 16.04
N ASN E 469 3.47 -29.92 16.60
CA ASN E 469 4.02 -29.96 17.94
C ASN E 469 5.51 -29.68 17.81
N LEU E 470 5.92 -28.44 18.08
CA LEU E 470 7.25 -28.00 17.68
C LEU E 470 8.32 -28.45 18.65
N THR E 471 9.48 -28.78 18.11
CA THR E 471 10.67 -29.02 18.91
C THR E 471 11.29 -27.71 19.37
N ASN E 472 12.20 -27.82 20.34
CA ASN E 472 13.04 -26.70 20.73
C ASN E 472 13.91 -26.21 19.58
N GLU E 473 14.27 -27.08 18.65
CA GLU E 473 15.27 -26.79 17.64
C GLU E 473 14.72 -26.12 16.38
N TYR E 474 13.46 -25.65 16.39
CA TYR E 474 12.89 -25.06 15.20
C TYR E 474 13.59 -23.76 14.82
N ASP E 475 13.80 -23.57 13.53
CA ASP E 475 14.01 -22.25 12.95
C ASP E 475 13.63 -22.31 11.48
N PRO E 476 13.41 -21.16 10.82
CA PRO E 476 13.03 -21.19 9.40
C PRO E 476 14.13 -21.63 8.45
N ASP E 477 15.36 -21.87 8.92
CA ASP E 477 16.52 -22.05 8.03
C ASP E 477 16.78 -23.50 7.63
N ALA E 478 15.90 -24.44 8.00
CA ALA E 478 16.14 -25.84 7.64
C ALA E 478 16.05 -26.04 6.13
N SER E 479 16.99 -26.82 5.59
CA SER E 479 16.92 -27.19 4.18
C SER E 479 15.83 -28.22 3.93
N ALA E 480 15.70 -29.20 4.83
CA ALA E 480 14.62 -30.18 4.77
C ALA E 480 13.39 -29.65 5.48
N ASN E 481 12.32 -30.44 5.48
CA ASN E 481 11.11 -30.07 6.19
C ASN E 481 11.38 -29.99 7.70
N MET E 482 10.56 -29.21 8.39
CA MET E 482 10.82 -28.88 9.79
C MET E 482 10.64 -30.09 10.69
N SER E 483 11.42 -30.14 11.76
CA SER E 483 11.30 -31.19 12.76
C SER E 483 10.13 -30.92 13.69
N ARG E 484 9.54 -32.00 14.19
CA ARG E 484 8.38 -31.93 15.08
C ARG E 484 8.46 -33.04 16.13
N ILE E 485 7.75 -32.83 17.23
CA ILE E 485 7.51 -33.90 18.19
C ILE E 485 6.50 -34.84 17.57
N VAL E 486 6.82 -36.13 17.52
CA VAL E 486 5.93 -37.12 16.92
C VAL E 486 4.66 -37.21 17.74
N THR E 487 3.52 -36.94 17.09
CA THR E 487 2.24 -36.74 17.74
C THR E 487 1.16 -37.51 16.98
N TYR E 488 0.21 -38.07 17.72
CA TYR E 488 -0.95 -38.70 17.12
C TYR E 488 -2.15 -38.51 18.03
N SER E 489 -3.34 -38.70 17.46
CA SER E 489 -4.58 -38.33 18.10
C SER E 489 -5.71 -39.24 17.67
N ASP E 490 -6.68 -39.41 18.58
CA ASP E 490 -7.95 -40.04 18.27
C ASP E 490 -9.06 -39.14 18.79
N PHE E 491 -10.23 -39.22 18.16
CA PHE E 491 -11.39 -38.47 18.62
C PHE E 491 -12.66 -39.20 18.23
N TRP E 492 -13.69 -39.04 19.05
CA TRP E 492 -14.95 -39.76 18.87
C TRP E 492 -15.91 -38.92 18.04
N TRP E 493 -16.22 -39.39 16.85
CA TRP E 493 -17.16 -38.76 15.95
C TRP E 493 -18.57 -39.26 16.22
N LYS E 494 -19.56 -38.37 16.06
CA LYS E 494 -20.97 -38.74 15.95
C LYS E 494 -21.54 -38.06 14.73
N GLY E 495 -22.48 -38.75 14.07
CA GLY E 495 -23.33 -38.13 13.08
C GLY E 495 -24.75 -38.62 13.23
N LYS E 496 -25.67 -37.79 12.76
CA LYS E 496 -27.10 -38.07 12.78
C LYS E 496 -27.67 -37.72 11.41
N LEU E 497 -28.42 -38.64 10.82
CA LEU E 497 -28.97 -38.50 9.48
C LEU E 497 -30.45 -38.85 9.53
N VAL E 498 -31.24 -38.12 8.74
CA VAL E 498 -32.70 -38.18 8.82
C VAL E 498 -33.30 -38.39 7.44
N PHE E 499 -34.34 -39.22 7.38
CA PHE E 499 -35.16 -39.41 6.19
C PHE E 499 -36.62 -39.39 6.60
N LYS E 500 -37.49 -39.21 5.61
CA LYS E 500 -38.93 -39.42 5.75
C LYS E 500 -39.39 -40.36 4.64
N ALA E 501 -39.99 -41.48 5.03
CA ALA E 501 -40.29 -42.58 4.11
C ALA E 501 -41.74 -43.01 4.23
N LYS E 502 -42.27 -43.53 3.11
CA LYS E 502 -43.64 -44.02 3.02
C LYS E 502 -43.62 -45.55 3.00
N LEU E 503 -44.40 -46.16 3.88
CA LEU E 503 -44.53 -47.60 3.91
C LEU E 503 -45.28 -48.08 2.67
N ARG E 504 -44.92 -49.27 2.18
CA ARG E 504 -45.51 -49.79 0.96
C ARG E 504 -46.96 -50.19 1.17
N ALA E 505 -47.80 -49.91 0.18
CA ALA E 505 -49.21 -50.28 0.19
C ALA E 505 -49.40 -51.67 -0.40
N SER E 506 -50.66 -52.10 -0.49
CA SER E 506 -51.01 -53.39 -1.07
C SER E 506 -51.08 -53.33 -2.59
N HIS E 507 -49.96 -52.97 -3.23
CA HIS E 507 -49.92 -52.90 -4.69
C HIS E 507 -50.10 -54.27 -5.35
N THR E 508 -49.77 -55.34 -4.65
CA THR E 508 -49.85 -56.68 -5.23
C THR E 508 -51.31 -57.08 -5.49
N TRP E 509 -51.49 -57.91 -6.51
CA TRP E 509 -52.75 -58.62 -6.69
C TRP E 509 -52.99 -59.62 -5.57
N ASN E 510 -51.92 -60.15 -4.97
CA ASN E 510 -52.03 -60.99 -3.79
C ASN E 510 -52.31 -60.14 -2.55
N PRO E 511 -52.83 -60.75 -1.46
CA PRO E 511 -52.92 -60.02 -0.18
C PRO E 511 -51.59 -59.93 0.55
N ILE E 512 -51.60 -59.26 1.71
CA ILE E 512 -50.38 -58.95 2.45
C ILE E 512 -49.88 -60.14 3.24
N GLN E 513 -48.63 -60.05 3.72
CA GLN E 513 -47.97 -61.12 4.47
C GLN E 513 -47.08 -60.46 5.52
N GLN E 514 -46.22 -61.26 6.15
CA GLN E 514 -45.11 -60.79 6.97
C GLN E 514 -43.85 -61.50 6.50
N MET E 515 -42.71 -60.79 6.49
CA MET E 515 -41.46 -61.26 5.92
C MET E 515 -40.30 -60.99 6.85
N SER E 516 -39.22 -61.79 6.72
CA SER E 516 -38.09 -61.68 7.62
C SER E 516 -36.85 -62.33 7.02
N ILE E 517 -35.69 -61.89 7.52
CA ILE E 517 -34.45 -62.64 7.41
C ILE E 517 -34.70 -64.06 7.88
N ASN E 518 -34.08 -65.03 7.21
CA ASN E 518 -34.37 -66.44 7.45
C ASN E 518 -33.15 -67.27 7.03
N VAL E 519 -33.35 -68.60 6.90
CA VAL E 519 -32.27 -69.54 6.61
C VAL E 519 -31.58 -69.22 5.29
N ASP E 520 -32.34 -68.71 4.31
CA ASP E 520 -31.79 -68.51 2.97
C ASP E 520 -30.73 -67.42 2.90
N ASN E 521 -30.67 -66.51 3.88
CA ASN E 521 -29.81 -65.34 3.81
C ASN E 521 -29.06 -65.00 5.10
N GLN E 522 -29.19 -65.78 6.18
CA GLN E 522 -28.42 -65.52 7.40
C GLN E 522 -26.93 -65.79 7.23
N PHE E 523 -26.51 -66.46 6.14
CA PHE E 523 -25.11 -66.90 5.97
C PHE E 523 -24.12 -65.73 6.01
N ASN E 524 -24.51 -64.57 5.50
CA ASN E 524 -23.66 -63.38 5.41
C ASN E 524 -24.01 -62.35 6.49
N TYR E 525 -24.50 -62.81 7.65
CA TYR E 525 -25.19 -62.00 8.63
C TYR E 525 -24.61 -62.11 10.03
N VAL E 526 -23.49 -62.82 10.21
CA VAL E 526 -23.07 -63.36 11.50
C VAL E 526 -21.54 -63.36 11.57
N PRO E 527 -20.91 -63.15 12.73
CA PRO E 527 -19.45 -63.28 12.80
C PRO E 527 -18.96 -64.71 12.68
N SER E 528 -17.70 -64.83 12.25
CA SER E 528 -17.02 -66.11 12.20
C SER E 528 -16.47 -66.47 13.59
N ASN E 529 -15.78 -67.62 13.66
CA ASN E 529 -15.09 -68.01 14.89
C ASN E 529 -13.93 -67.07 15.19
N ILE E 530 -13.18 -66.64 14.16
CA ILE E 530 -12.17 -65.61 14.35
C ILE E 530 -12.83 -64.27 14.68
N GLY E 531 -14.09 -64.08 14.30
CA GLY E 531 -14.84 -62.88 14.59
C GLY E 531 -14.87 -61.85 13.47
N GLY E 532 -14.42 -62.22 12.27
CA GLY E 532 -14.59 -61.33 11.12
C GLY E 532 -16.02 -61.31 10.65
N MET E 533 -16.38 -60.21 9.98
CA MET E 533 -17.73 -60.00 9.46
C MET E 533 -17.64 -59.33 8.08
N LYS E 534 -18.73 -59.42 7.32
CA LYS E 534 -18.81 -58.93 5.95
C LYS E 534 -20.10 -58.15 5.77
N ILE E 535 -20.19 -57.45 4.64
CA ILE E 535 -21.45 -56.89 4.14
C ILE E 535 -21.51 -57.11 2.64
N VAL E 536 -22.26 -58.13 2.20
CA VAL E 536 -22.58 -58.29 0.80
C VAL E 536 -23.66 -57.29 0.41
N TYR E 537 -23.64 -56.85 -0.84
CA TYR E 537 -24.54 -55.77 -1.24
C TYR E 537 -25.99 -56.24 -1.28
N GLU E 538 -26.90 -55.27 -1.20
CA GLU E 538 -28.33 -55.51 -1.01
C GLU E 538 -29.14 -54.87 -2.15
N LYS E 539 -30.18 -55.59 -2.57
CA LYS E 539 -31.11 -55.10 -3.57
C LYS E 539 -31.88 -53.88 -3.05
N SER E 540 -32.24 -52.96 -3.97
CA SER E 540 -32.89 -51.72 -3.57
C SER E 540 -33.97 -51.23 -4.54
N GLN E 541 -34.50 -52.09 -5.40
CA GLN E 541 -35.74 -51.79 -6.13
C GLN E 541 -36.53 -53.09 -6.26
N LEU E 542 -37.76 -53.06 -5.75
CA LEU E 542 -38.58 -54.27 -5.64
C LEU E 542 -39.92 -54.19 -6.33
N ALA E 543 -40.77 -53.26 -5.93
CA ALA E 543 -42.18 -53.35 -6.30
C ALA E 543 -42.39 -52.87 -7.73
N PRO E 544 -43.26 -53.52 -8.53
CA PRO E 544 -43.41 -53.09 -9.92
C PRO E 544 -44.06 -51.72 -10.04
N ARG E 545 -43.73 -51.04 -11.13
CA ARG E 545 -44.34 -49.76 -11.48
C ARG E 545 -45.83 -49.94 -11.74
N THR F 8 -0.35 -9.59 38.37
CA THR F 8 0.77 -9.96 37.46
C THR F 8 1.96 -9.01 37.68
N PHE F 9 3.09 -9.32 37.03
CA PHE F 9 4.33 -8.58 37.23
C PHE F 9 4.16 -7.10 36.93
N ASN F 10 4.69 -6.25 37.81
CA ASN F 10 4.67 -4.81 37.62
C ASN F 10 5.87 -4.21 38.34
N ASN F 11 6.49 -3.20 37.72
CA ASN F 11 7.56 -2.44 38.37
C ASN F 11 7.51 -0.96 38.00
N GLN F 12 6.33 -0.43 37.71
CA GLN F 12 6.23 0.97 37.31
C GLN F 12 6.28 1.89 38.53
N THR F 13 6.42 3.18 38.25
CA THR F 13 6.38 4.24 39.24
C THR F 13 5.54 5.38 38.70
N GLU F 14 5.10 6.25 39.60
CA GLU F 14 4.28 7.40 39.24
C GLU F 14 4.73 8.61 40.04
N PHE F 15 4.80 9.76 39.38
CA PHE F 15 5.25 11.01 39.99
C PHE F 15 4.45 12.19 39.46
N GLU F 24 1.18 13.39 45.23
CA GLU F 24 1.20 11.95 45.48
C GLU F 24 2.24 11.26 44.61
N ILE F 25 2.89 10.26 45.19
CA ILE F 25 3.92 9.46 44.54
C ILE F 25 3.60 8.00 44.80
N THR F 26 3.94 7.15 43.83
CA THR F 26 3.64 5.72 43.94
C THR F 26 4.74 4.93 43.24
N ALA F 27 5.06 3.77 43.83
CA ALA F 27 5.94 2.79 43.21
C ALA F 27 5.36 1.40 43.43
N ASN F 28 5.68 0.50 42.52
CA ASN F 28 5.45 -0.93 42.72
C ASN F 28 6.68 -1.68 42.21
N SER F 29 6.78 -2.94 42.61
CA SER F 29 7.89 -3.78 42.20
C SER F 29 7.45 -5.23 42.22
N SER F 30 8.23 -6.07 41.54
CA SER F 30 7.95 -7.49 41.46
C SER F 30 9.28 -8.23 41.27
N ARG F 31 9.37 -9.41 41.87
CA ARG F 31 10.61 -10.20 41.88
C ARG F 31 10.28 -11.67 41.76
N LEU F 32 10.98 -12.36 40.87
CA LEU F 32 11.06 -13.81 40.98
C LEU F 32 11.96 -14.12 42.17
N VAL F 33 11.49 -14.98 43.07
CA VAL F 33 12.20 -15.30 44.31
C VAL F 33 12.16 -16.80 44.52
N HIS F 34 13.29 -17.35 44.93
CA HIS F 34 13.60 -18.77 44.85
C HIS F 34 13.90 -19.33 46.24
N LEU F 35 13.43 -20.55 46.48
CA LEU F 35 13.51 -21.18 47.80
C LEU F 35 13.77 -22.68 47.67
N ASN F 42 13.39 -28.49 64.90
CA ASN F 42 14.56 -27.99 64.17
C ASN F 42 14.99 -26.59 64.63
N TYR F 43 14.43 -26.11 65.73
CA TYR F 43 14.63 -24.74 66.19
C TYR F 43 15.92 -24.62 67.00
N ARG F 44 17.04 -24.99 66.37
CA ARG F 44 18.31 -25.17 67.06
C ARG F 44 18.87 -23.85 67.57
N ARG F 45 19.54 -23.91 68.73
CA ARG F 45 20.30 -22.78 69.25
C ARG F 45 21.74 -22.80 68.72
N VAL F 46 22.28 -21.61 68.50
CA VAL F 46 23.59 -21.46 67.87
C VAL F 46 24.67 -21.99 68.81
N VAL F 47 25.77 -22.47 68.22
CA VAL F 47 26.90 -23.12 68.88
C VAL F 47 28.01 -22.07 69.05
N VAL F 48 27.59 -20.83 69.32
CA VAL F 48 28.47 -19.64 69.28
C VAL F 48 29.71 -19.83 70.14
N ASN F 49 30.88 -19.56 69.55
CA ASN F 49 32.16 -19.64 70.24
C ASN F 49 33.11 -18.54 69.75
N ASN F 50 32.56 -17.41 69.30
CA ASN F 50 33.26 -16.51 68.38
C ASN F 50 34.24 -15.55 69.04
N MET F 51 34.37 -15.56 70.38
CA MET F 51 35.14 -14.50 71.03
C MET F 51 36.64 -14.58 70.77
N ASP F 52 37.17 -15.74 70.38
CA ASP F 52 38.62 -15.97 70.45
C ASP F 52 39.44 -15.12 69.47
N LYS F 53 38.81 -14.30 68.62
CA LYS F 53 39.51 -13.21 67.93
C LYS F 53 40.12 -12.20 68.90
N THR F 54 39.66 -12.17 70.15
CA THR F 54 40.25 -11.35 71.20
C THR F 54 41.74 -11.61 71.41
N ALA F 55 42.23 -12.80 71.07
CA ALA F 55 43.57 -13.26 71.47
C ALA F 55 44.70 -12.37 70.96
N VAL F 56 44.48 -11.59 69.92
CA VAL F 56 45.51 -10.71 69.39
C VAL F 56 45.66 -9.50 70.32
N ASN F 57 46.87 -8.93 70.35
CA ASN F 57 47.15 -7.75 71.15
C ASN F 57 46.23 -6.59 70.74
N GLY F 58 45.62 -5.95 71.73
CA GLY F 58 44.71 -4.84 71.50
C GLY F 58 43.29 -5.25 71.17
N ASN F 59 43.02 -6.54 70.92
CA ASN F 59 41.69 -7.00 70.52
C ASN F 59 40.76 -7.27 71.70
N MET F 60 41.02 -6.68 72.87
CA MET F 60 40.15 -6.87 74.04
C MET F 60 38.71 -6.42 73.81
N ALA F 61 38.47 -5.57 72.79
CA ALA F 61 37.10 -5.18 72.45
C ALA F 61 36.28 -6.33 71.88
N LEU F 62 36.89 -7.42 71.42
CA LEU F 62 36.20 -8.43 70.60
C LEU F 62 35.35 -9.40 71.43
N ASP F 63 34.42 -8.86 72.24
CA ASP F 63 33.47 -9.66 73.01
C ASP F 63 32.23 -9.98 72.17
N ASP F 64 32.40 -10.81 71.14
CA ASP F 64 31.40 -10.95 70.08
C ASP F 64 30.30 -11.96 70.40
N ILE F 65 30.33 -12.66 71.53
CA ILE F 65 29.39 -13.75 71.78
C ILE F 65 27.99 -13.21 71.97
N HIS F 66 27.04 -13.73 71.19
CA HIS F 66 25.62 -13.65 71.48
C HIS F 66 25.00 -14.95 71.01
N ALA F 67 23.82 -15.26 71.55
CA ALA F 67 23.13 -16.53 71.31
C ALA F 67 21.75 -16.29 70.76
N GLN F 68 21.29 -17.19 69.89
CA GLN F 68 20.00 -17.08 69.24
C GLN F 68 19.51 -18.46 68.85
N ILE F 69 18.22 -18.54 68.50
CA ILE F 69 17.61 -19.72 67.91
C ILE F 69 17.45 -19.47 66.41
N VAL F 70 17.78 -20.49 65.61
CA VAL F 70 17.63 -20.45 64.15
C VAL F 70 16.30 -21.08 63.80
N THR F 71 15.64 -20.55 62.76
CA THR F 71 14.28 -20.89 62.38
C THR F 71 14.25 -21.53 60.99
N PRO F 72 13.46 -22.59 60.76
CA PRO F 72 13.28 -23.05 59.37
C PRO F 72 12.63 -22.03 58.45
N TRP F 73 11.70 -21.23 58.97
CA TRP F 73 11.05 -20.21 58.14
C TRP F 73 12.05 -19.15 57.70
N SER F 74 11.87 -18.65 56.48
CA SER F 74 12.74 -17.66 55.86
C SER F 74 11.99 -16.35 55.65
N LEU F 75 12.64 -15.24 56.03
CA LEU F 75 12.01 -13.93 56.01
C LEU F 75 12.01 -13.34 54.61
N VAL F 76 10.91 -12.65 54.27
CA VAL F 76 10.80 -11.80 53.09
C VAL F 76 10.72 -10.36 53.56
N ASP F 77 11.55 -9.50 52.96
CA ASP F 77 11.64 -8.10 53.38
C ASP F 77 11.79 -7.20 52.15
N ALA F 78 11.02 -6.10 52.15
CA ALA F 78 11.09 -5.07 51.13
C ALA F 78 11.49 -3.71 51.70
N ASN F 79 12.01 -3.66 52.94
CA ASN F 79 12.25 -2.41 53.65
C ASN F 79 13.58 -1.75 53.28
N ALA F 80 13.82 -1.53 51.99
CA ALA F 80 15.02 -0.83 51.53
C ALA F 80 14.69 -0.13 50.21
N TRP F 81 15.27 1.06 50.01
CA TRP F 81 14.86 1.90 48.89
C TRP F 81 15.17 1.25 47.54
N GLY F 82 16.19 0.39 47.48
CA GLY F 82 16.62 -0.16 46.21
C GLY F 82 15.59 -1.02 45.51
N VAL F 83 14.70 -1.68 46.27
CA VAL F 83 13.72 -2.54 45.64
C VAL F 83 12.55 -1.77 45.03
N TRP F 84 12.41 -0.47 45.33
CA TRP F 84 11.32 0.36 44.84
C TRP F 84 11.73 1.33 43.74
N PHE F 85 12.78 2.11 43.95
CA PHE F 85 13.16 3.22 43.08
C PHE F 85 14.45 2.92 42.33
N ASN F 86 14.44 3.15 41.02
CA ASN F 86 15.65 3.11 40.21
C ASN F 86 16.35 4.46 40.31
N PRO F 87 17.53 4.63 39.69
CA PRO F 87 18.17 5.95 39.76
C PRO F 87 17.36 7.07 39.16
N GLY F 88 16.74 6.83 38.01
CA GLY F 88 15.87 7.84 37.41
C GLY F 88 14.70 8.22 38.30
N ASP F 89 14.18 7.25 39.05
CA ASP F 89 13.14 7.57 40.02
C ASP F 89 13.72 8.42 41.14
N TRP F 90 14.84 7.99 41.71
CA TRP F 90 15.36 8.67 42.89
C TRP F 90 15.84 10.07 42.57
N GLN F 91 16.53 10.23 41.44
CA GLN F 91 16.99 11.56 41.07
C GLN F 91 15.83 12.49 40.75
N LEU F 92 14.70 11.96 40.32
CA LEU F 92 13.52 12.80 40.17
C LEU F 92 13.00 13.26 41.51
N ILE F 93 13.01 12.38 42.51
CA ILE F 93 12.52 12.73 43.85
C ILE F 93 13.38 13.83 44.45
N VAL F 94 14.67 13.54 44.63
CA VAL F 94 15.52 14.37 45.46
C VAL F 94 15.79 15.72 44.83
N ASN F 95 15.83 15.81 43.51
CA ASN F 95 16.10 17.10 42.88
C ASN F 95 14.94 18.06 43.02
N THR F 96 13.71 17.55 43.12
CA THR F 96 12.50 18.37 42.97
C THR F 96 11.68 18.49 44.24
N MET F 97 11.57 17.43 45.04
CA MET F 97 10.71 17.44 46.22
C MET F 97 11.43 18.00 47.43
N SER F 98 10.68 18.68 48.30
CA SER F 98 11.20 19.25 49.53
C SER F 98 11.03 18.30 50.72
N GLU F 99 9.97 17.51 50.74
CA GLU F 99 9.74 16.50 51.78
C GLU F 99 9.11 15.27 51.15
N LEU F 100 9.25 14.14 51.85
CA LEU F 100 8.66 12.88 51.46
C LEU F 100 8.01 12.24 52.69
N HIS F 101 6.79 11.74 52.52
CA HIS F 101 6.00 11.14 53.59
C HIS F 101 5.46 9.80 53.12
N LEU F 102 5.66 8.75 53.92
CA LEU F 102 5.08 7.45 53.61
C LEU F 102 3.56 7.51 53.79
N VAL F 103 2.85 6.80 52.91
CA VAL F 103 1.39 6.79 52.88
C VAL F 103 0.82 5.37 52.96
N SER F 104 1.39 4.42 52.21
CA SER F 104 0.84 3.07 52.23
C SER F 104 1.86 2.05 51.72
N PHE F 105 1.63 0.79 52.07
CA PHE F 105 2.52 -0.32 51.77
C PHE F 105 1.74 -1.62 51.72
N GLU F 106 2.08 -2.51 50.78
CA GLU F 106 1.51 -3.85 50.75
C GLU F 106 2.39 -4.75 49.88
N GLN F 107 2.13 -6.05 49.98
CA GLN F 107 2.91 -7.09 49.30
C GLN F 107 1.97 -8.17 48.77
N GLU F 108 2.49 -9.00 47.87
CA GLU F 108 1.70 -10.04 47.24
C GLU F 108 2.63 -11.12 46.70
N ILE F 109 2.08 -12.34 46.55
CA ILE F 109 2.78 -13.49 45.99
C ILE F 109 1.86 -14.11 44.94
N PHE F 110 2.44 -14.56 43.82
CA PHE F 110 1.64 -15.14 42.76
C PHE F 110 2.48 -16.05 41.88
N ASN F 111 1.79 -16.94 41.16
CA ASN F 111 2.39 -17.89 40.21
C ASN F 111 3.53 -18.68 40.85
N VAL F 112 3.16 -19.47 41.86
CA VAL F 112 4.13 -20.31 42.55
C VAL F 112 4.52 -21.49 41.67
N VAL F 113 5.78 -21.91 41.78
CA VAL F 113 6.29 -23.13 41.16
C VAL F 113 6.89 -23.99 42.26
N LEU F 114 6.57 -25.28 42.25
CA LEU F 114 7.24 -26.30 43.04
C LEU F 114 7.70 -27.39 42.10
N LYS F 115 8.97 -27.77 42.20
CA LYS F 115 9.60 -28.65 41.23
C LYS F 115 10.57 -29.58 41.94
N THR F 116 10.70 -30.80 41.42
CA THR F 116 11.40 -31.90 42.08
C THR F 116 12.55 -32.41 41.23
N VAL F 117 13.52 -33.04 41.90
CA VAL F 117 14.75 -33.52 41.28
C VAL F 117 14.68 -35.04 41.13
N SER F 118 15.22 -35.55 40.02
CA SER F 118 15.35 -36.98 39.77
C SER F 118 16.79 -37.29 39.38
N GLU F 119 17.22 -38.51 39.69
CA GLU F 119 18.59 -38.95 39.41
C GLU F 119 18.72 -39.46 37.98
N THR F 126 23.79 -34.82 34.93
CA THR F 126 23.29 -33.77 35.82
C THR F 126 21.85 -34.09 36.25
N LYS F 127 21.27 -33.21 37.07
CA LYS F 127 19.96 -33.48 37.64
C LYS F 127 18.87 -33.46 36.58
N VAL F 128 17.95 -34.42 36.68
CA VAL F 128 16.69 -34.40 35.94
C VAL F 128 15.67 -33.71 36.83
N TYR F 129 14.69 -33.03 36.22
CA TYR F 129 13.70 -32.22 36.92
C TYR F 129 12.29 -32.63 36.52
N ASN F 130 11.39 -32.64 37.51
CA ASN F 130 10.00 -33.04 37.32
C ASN F 130 9.07 -32.17 38.15
N ASN F 131 7.84 -31.99 37.66
CA ASN F 131 6.84 -31.14 38.29
C ASN F 131 5.98 -31.89 39.31
N ASP F 132 6.50 -32.99 39.87
CA ASP F 132 5.76 -33.84 40.82
C ASP F 132 5.18 -33.09 42.01
N LEU F 137 4.40 -24.94 48.89
CA LEU F 137 4.89 -23.74 49.56
C LEU F 137 4.02 -23.38 50.75
N MET F 138 4.67 -23.04 51.87
CA MET F 138 4.03 -22.53 53.07
C MET F 138 4.36 -21.05 53.21
N VAL F 139 3.35 -20.26 53.55
CA VAL F 139 3.49 -18.82 53.75
C VAL F 139 2.93 -18.48 55.13
N ALA F 140 3.56 -17.52 55.79
CA ALA F 140 3.13 -17.06 57.11
C ALA F 140 3.35 -15.55 57.19
N LEU F 141 2.45 -14.88 57.90
CA LEU F 141 2.43 -13.41 57.99
C LEU F 141 2.17 -13.02 59.44
N ASP F 142 3.13 -12.33 60.06
CA ASP F 142 2.99 -11.78 61.41
C ASP F 142 2.39 -10.38 61.31
N SER F 143 1.07 -10.35 61.07
CA SER F 143 0.38 -9.08 60.81
C SER F 143 0.42 -8.14 62.00
N ASN F 144 0.42 -8.67 63.23
CA ASN F 144 0.43 -7.87 64.45
C ASN F 144 1.82 -7.68 65.04
N ASN F 145 2.88 -8.15 64.38
CA ASN F 145 4.26 -8.00 64.85
C ASN F 145 4.44 -8.63 66.23
N THR F 146 3.88 -9.84 66.40
CA THR F 146 4.09 -10.58 67.64
C THR F 146 5.54 -10.99 67.81
N MET F 147 6.23 -11.34 66.71
CA MET F 147 7.65 -11.68 66.72
C MET F 147 8.49 -10.40 66.68
N PRO F 148 9.75 -10.41 67.13
CA PRO F 148 10.52 -9.16 67.18
C PRO F 148 10.79 -8.59 65.79
N PHE F 149 10.65 -7.27 65.68
CA PHE F 149 10.88 -6.54 64.43
C PHE F 149 12.37 -6.60 64.08
N THR F 150 12.70 -7.39 63.05
CA THR F 150 14.09 -7.67 62.66
C THR F 150 14.20 -7.68 61.14
N PRO F 151 14.15 -6.49 60.50
CA PRO F 151 14.25 -6.45 59.04
C PRO F 151 15.56 -6.98 58.50
N ALA F 152 15.48 -7.65 57.35
CA ALA F 152 16.68 -8.00 56.59
C ALA F 152 17.38 -6.78 56.01
N ALA F 153 16.72 -5.63 55.95
CA ALA F 153 17.37 -4.39 55.53
C ALA F 153 18.53 -4.02 56.45
N MET F 154 18.48 -4.44 57.72
CA MET F 154 19.61 -4.23 58.61
C MET F 154 20.84 -4.98 58.14
N ARG F 155 20.66 -6.14 57.49
CA ARG F 155 21.75 -7.00 57.04
C ARG F 155 22.12 -6.81 55.57
N SER F 156 21.40 -5.97 54.82
CA SER F 156 21.47 -5.95 53.36
C SER F 156 21.16 -7.34 52.79
N GLU F 157 20.00 -7.86 53.19
CA GLU F 157 19.47 -9.14 52.72
C GLU F 157 18.00 -9.05 52.35
N THR F 158 17.55 -7.87 51.90
CA THR F 158 16.19 -7.69 51.39
C THR F 158 16.01 -8.41 50.05
N LEU F 159 14.80 -8.30 49.49
CA LEU F 159 14.60 -8.63 48.08
C LEU F 159 15.61 -7.89 47.22
N GLY F 160 16.08 -8.56 46.17
CA GLY F 160 17.12 -8.00 45.33
C GLY F 160 16.64 -6.77 44.56
N PHE F 161 17.62 -5.96 44.15
CA PHE F 161 17.36 -4.64 43.60
C PHE F 161 17.25 -4.60 42.08
N TYR F 162 17.93 -5.47 41.35
CA TYR F 162 17.73 -5.52 39.90
C TYR F 162 16.39 -6.19 39.61
N PRO F 163 15.41 -5.52 38.97
CA PRO F 163 14.16 -6.24 38.63
C PRO F 163 14.38 -7.40 37.68
N TRP F 164 15.34 -7.28 36.78
CA TRP F 164 15.62 -8.29 35.75
C TRP F 164 16.43 -9.48 36.29
N LYS F 165 16.55 -9.68 37.60
CA LYS F 165 17.23 -10.83 38.20
C LYS F 165 16.44 -11.39 39.37
N PRO F 166 16.58 -12.71 39.67
CA PRO F 166 15.83 -13.28 40.81
C PRO F 166 16.43 -12.97 42.18
N THR F 167 15.88 -13.63 43.21
CA THR F 167 16.08 -13.28 44.62
C THR F 167 15.91 -14.56 45.42
N ILE F 168 16.38 -14.58 46.67
CA ILE F 168 16.03 -15.61 47.65
C ILE F 168 15.61 -14.96 48.96
N PRO F 169 14.80 -15.61 49.81
CA PRO F 169 14.61 -15.12 51.18
C PRO F 169 15.75 -15.60 52.08
N THR F 170 15.84 -14.96 53.26
CA THR F 170 16.90 -15.24 54.24
C THR F 170 16.35 -16.07 55.40
N PRO F 171 17.00 -17.16 55.84
CA PRO F 171 16.51 -17.85 57.05
C PRO F 171 16.54 -16.96 58.29
N TRP F 172 15.44 -16.98 59.03
CA TRP F 172 15.24 -16.09 60.16
C TRP F 172 15.81 -16.68 61.45
N ARG F 173 16.21 -15.79 62.36
CA ARG F 173 16.74 -16.17 63.67
C ARG F 173 16.36 -15.11 64.68
N TYR F 174 16.28 -15.52 65.95
CA TYR F 174 15.83 -14.62 67.02
C TYR F 174 16.48 -15.01 68.35
N TYR F 175 16.52 -14.05 69.26
CA TYR F 175 17.04 -14.25 70.61
C TYR F 175 16.09 -15.15 71.40
N THR F 209 7.06 -23.88 66.38
CA THR F 209 6.21 -23.00 67.17
C THR F 209 5.70 -21.81 66.37
N ILE F 210 6.48 -21.39 65.36
CA ILE F 210 6.08 -20.26 64.54
C ILE F 210 4.80 -20.59 63.79
N GLU F 211 4.70 -21.80 63.25
CA GLU F 211 3.57 -22.24 62.44
C GLU F 211 2.25 -22.37 63.22
N ASN F 212 2.24 -22.19 64.55
CA ASN F 212 1.01 -22.06 65.32
C ASN F 212 0.92 -20.75 66.10
N SER F 213 2.06 -20.14 66.45
CA SER F 213 2.03 -18.83 67.08
C SER F 213 1.85 -17.68 66.09
N VAL F 214 2.00 -17.93 64.79
CA VAL F 214 1.82 -16.94 63.72
C VAL F 214 0.83 -17.52 62.71
N PRO F 215 -0.02 -16.73 62.03
CA PRO F 215 -0.88 -17.31 60.98
C PRO F 215 -0.08 -17.91 59.83
N VAL F 216 -0.70 -18.90 59.17
CA VAL F 216 -0.06 -19.70 58.12
C VAL F 216 -1.02 -19.85 56.94
N HIS F 217 -0.47 -19.90 55.73
CA HIS F 217 -1.22 -20.18 54.51
C HIS F 217 -0.42 -21.13 53.64
N LEU F 218 -1.11 -21.77 52.69
CA LEU F 218 -0.53 -22.79 51.81
C LEU F 218 -0.78 -22.43 50.34
N LEU F 219 0.20 -22.74 49.50
CA LEU F 219 0.13 -22.51 48.06
C LEU F 219 0.80 -23.67 47.33
N ARG F 220 0.14 -24.20 46.29
CA ARG F 220 0.71 -25.29 45.49
C ARG F 220 0.62 -25.09 43.98
N THR F 221 -0.51 -24.60 43.48
CA THR F 221 -0.72 -24.44 42.03
C THR F 221 -2.00 -23.65 41.82
N GLY F 222 -1.95 -22.70 40.89
CA GLY F 222 -3.14 -21.95 40.53
C GLY F 222 -3.71 -21.13 41.67
N ASP F 223 -2.85 -20.60 42.53
CA ASP F 223 -3.26 -19.96 43.77
C ASP F 223 -2.37 -18.76 44.05
N GLU F 224 -2.86 -17.86 44.91
CA GLU F 224 -2.24 -16.58 45.19
C GLU F 224 -2.40 -16.23 46.65
N PHE F 225 -1.54 -15.32 47.12
CA PHE F 225 -1.51 -14.84 48.50
C PHE F 225 -1.30 -13.33 48.47
N ALA F 226 -1.96 -12.63 49.40
CA ALA F 226 -1.80 -11.18 49.55
C ALA F 226 -1.81 -10.80 51.01
N THR F 227 -0.94 -9.86 51.37
CA THR F 227 -0.84 -9.35 52.74
C THR F 227 -1.87 -8.25 52.98
N GLY F 228 -2.15 -8.01 54.27
CA GLY F 228 -2.98 -6.90 54.67
C GLY F 228 -2.32 -5.55 54.41
N THR F 229 -3.05 -4.65 53.75
CA THR F 229 -2.47 -3.37 53.36
C THR F 229 -2.30 -2.44 54.55
N PHE F 230 -1.26 -1.61 54.49
CA PHE F 230 -0.88 -0.68 55.55
C PHE F 230 -1.23 0.74 55.13
N PHE F 231 -1.86 1.48 56.05
CA PHE F 231 -2.12 2.91 55.84
C PHE F 231 -1.85 3.69 57.13
N PRO F 236 7.71 12.58 56.97
CA PRO F 236 8.55 13.56 57.66
C PRO F 236 10.03 13.51 57.24
N CYS F 237 10.30 12.96 56.05
CA CYS F 237 11.66 12.92 55.52
C CYS F 237 12.02 14.29 54.99
N ARG F 238 12.91 14.99 55.69
CA ARG F 238 13.37 16.31 55.26
C ARG F 238 14.42 16.13 54.17
N LEU F 239 14.07 16.51 52.93
CA LEU F 239 14.97 16.44 51.80
C LEU F 239 15.86 17.67 51.66
N THR F 240 16.05 18.45 52.73
CA THR F 240 16.84 19.67 52.74
C THR F 240 17.74 19.65 53.96
N HIS F 241 18.97 20.11 53.80
CA HIS F 241 20.03 19.90 54.78
C HIS F 241 20.27 21.14 55.64
N THR F 242 20.55 20.91 56.91
CA THR F 242 20.87 21.97 57.88
C THR F 242 22.34 22.35 57.72
N TRP F 243 22.57 23.37 56.90
CA TRP F 243 23.94 23.73 56.53
C TRP F 243 24.67 24.49 57.63
N GLN F 244 23.94 25.20 58.51
CA GLN F 244 24.59 26.12 59.45
C GLN F 244 25.35 25.39 60.55
N THR F 245 26.55 25.88 60.84
CA THR F 245 27.22 25.54 62.08
C THR F 245 26.54 26.28 63.24
N ASN F 246 26.85 25.84 64.46
CA ASN F 246 26.29 26.50 65.63
C ASN F 246 26.80 27.93 65.78
N ARG F 247 28.00 28.22 65.27
CA ARG F 247 28.47 29.60 65.22
C ARG F 247 27.70 30.41 64.18
N ALA F 248 27.24 29.76 63.11
CA ALA F 248 26.52 30.44 62.04
C ALA F 248 25.06 30.72 62.37
N LEU F 249 24.52 30.19 63.47
CA LEU F 249 23.15 30.49 63.83
C LEU F 249 23.01 31.95 64.25
N GLY F 250 21.77 32.43 64.23
CA GLY F 250 21.51 33.80 64.64
C GLY F 250 21.89 34.81 63.57
N LEU F 251 21.95 36.08 64.01
CA LEU F 251 22.20 37.21 63.13
C LEU F 251 23.64 37.68 63.29
N PRO F 252 24.49 37.67 62.25
CA PRO F 252 25.85 38.18 62.43
C PRO F 252 25.84 39.68 62.66
N PRO F 253 26.92 40.23 63.23
CA PRO F 253 26.95 41.67 63.49
C PRO F 253 27.26 42.50 62.25
N PHE F 254 27.12 43.82 62.42
CA PHE F 254 27.47 44.79 61.40
C PHE F 254 29.00 44.96 61.32
N LEU F 255 29.45 45.52 60.18
CA LEU F 255 30.84 45.90 59.92
C LEU F 255 31.51 46.63 61.08
N PRO F 259 34.38 46.90 48.78
CA PRO F 259 35.65 47.39 49.32
C PRO F 259 35.78 47.24 50.84
N GLN F 260 34.78 46.66 51.51
CA GLN F 260 34.80 46.59 52.96
C GLN F 260 35.79 45.57 53.49
N SER F 261 36.26 44.64 52.65
CA SER F 261 37.23 43.63 53.08
C SER F 261 38.08 43.22 51.89
N GLU F 262 39.23 42.63 52.18
CA GLU F 262 40.14 42.14 51.16
C GLU F 262 40.89 40.93 51.67
N THR F 290 39.42 33.79 69.08
CA THR F 290 38.85 32.47 69.33
C THR F 290 37.33 32.49 69.12
N GLU F 291 36.77 31.34 68.74
CA GLU F 291 35.34 31.22 68.50
C GLU F 291 34.50 31.28 69.78
N ALA F 292 35.14 31.28 70.97
CA ALA F 292 34.41 31.52 72.21
C ALA F 292 33.80 32.92 72.29
N THR F 293 34.23 33.86 71.43
CA THR F 293 33.60 35.17 71.35
C THR F 293 32.13 35.11 70.94
N ILE F 294 31.69 34.02 70.33
CA ILE F 294 30.33 33.90 69.84
C ILE F 294 29.40 33.51 70.99
N MET F 295 28.42 34.37 71.27
CA MET F 295 27.26 33.98 72.06
C MET F 295 26.24 33.31 71.16
N ARG F 296 25.43 32.43 71.75
CA ARG F 296 24.49 31.57 71.05
C ARG F 296 23.11 31.65 71.70
N PRO F 297 22.01 31.76 70.93
CA PRO F 297 20.68 31.59 71.56
C PRO F 297 20.26 30.13 71.71
N ALA F 298 20.87 29.21 70.96
CA ALA F 298 20.53 27.80 71.05
C ALA F 298 21.68 27.00 70.45
N GLU F 299 21.63 25.69 70.65
CA GLU F 299 22.65 24.78 70.14
C GLU F 299 22.00 23.46 69.72
N VAL F 300 22.71 22.74 68.86
CA VAL F 300 22.26 21.48 68.27
C VAL F 300 23.18 20.38 68.77
N GLY F 301 22.62 19.36 69.41
CA GLY F 301 23.39 18.21 69.87
C GLY F 301 24.30 18.53 71.04
N TYR F 302 25.06 17.53 71.49
CA TYR F 302 25.92 17.67 72.67
C TYR F 302 27.10 16.72 72.57
N SER F 303 28.07 16.93 73.47
CA SER F 303 29.39 16.29 73.37
C SER F 303 29.31 14.81 73.68
N ALA F 304 30.41 14.11 73.38
CA ALA F 304 30.50 12.66 73.35
C ALA F 304 31.88 12.21 73.81
N PRO F 305 32.04 10.93 74.18
CA PRO F 305 33.36 10.43 74.60
C PRO F 305 34.30 10.10 73.44
N TYR F 306 35.56 9.79 73.78
CA TYR F 306 36.51 9.34 72.76
C TYR F 306 37.70 8.58 73.36
N TYR F 307 38.52 8.01 72.45
CA TYR F 307 39.66 7.13 72.72
C TYR F 307 39.28 5.84 73.46
N SER F 308 38.63 4.91 72.75
CA SER F 308 38.49 3.52 73.20
C SER F 308 39.34 2.55 72.38
N PHE F 317 35.15 -2.35 73.18
CA PHE F 317 33.83 -2.82 72.75
C PHE F 317 32.93 -1.61 72.45
N LYS F 318 33.10 -0.55 73.24
CA LYS F 318 32.38 0.70 73.02
C LYS F 318 33.26 1.85 73.47
N THR F 319 32.82 3.06 73.13
CA THR F 319 33.48 4.27 73.61
C THR F 319 33.01 4.63 75.00
N ALA F 336 38.66 4.47 60.57
CA ALA F 336 37.69 5.25 59.80
C ALA F 336 37.67 6.70 60.28
N ASP F 337 37.16 7.59 59.42
CA ASP F 337 37.07 9.01 59.74
C ASP F 337 35.88 9.37 60.63
N GLY F 338 35.05 8.39 61.02
CA GLY F 338 33.92 8.61 61.91
C GLY F 338 32.57 8.76 61.24
N ASN F 339 32.52 8.82 59.91
CA ASN F 339 31.25 8.93 59.21
C ASN F 339 30.50 7.59 59.21
N PRO F 340 29.19 7.59 58.94
CA PRO F 340 28.49 6.31 58.74
C PRO F 340 28.94 5.61 57.47
N ARG F 341 28.92 4.27 57.50
CA ARG F 341 29.52 3.44 56.46
C ARG F 341 28.64 2.22 56.21
N TYR F 342 28.68 1.73 54.96
CA TYR F 342 27.81 0.63 54.54
C TYR F 342 28.55 -0.24 53.54
N ALA F 343 28.06 -1.47 53.37
CA ALA F 343 28.54 -2.37 52.34
C ALA F 343 27.39 -3.24 51.85
N PHE F 344 27.51 -3.74 50.62
CA PHE F 344 26.43 -4.50 50.00
C PHE F 344 26.99 -5.57 49.06
N GLY F 345 26.17 -6.60 48.83
CA GLY F 345 26.47 -7.66 47.90
C GLY F 345 26.02 -7.36 46.48
N ARG F 346 26.13 -8.39 45.64
CA ARG F 346 25.89 -8.22 44.20
C ARG F 346 24.44 -7.86 43.90
N GLN F 347 23.49 -8.64 44.41
CA GLN F 347 22.09 -8.33 44.14
C GLN F 347 21.56 -7.12 44.92
N HIS F 348 22.39 -6.47 45.75
CA HIS F 348 22.03 -5.24 46.44
C HIS F 348 22.97 -4.08 46.12
N GLY F 349 23.75 -4.15 45.03
CA GLY F 349 24.50 -3.00 44.53
C GLY F 349 25.88 -3.23 43.96
N GLN F 350 26.59 -4.27 44.39
CA GLN F 350 27.95 -4.48 43.90
C GLN F 350 27.92 -4.85 42.43
N LYS F 351 29.01 -4.51 41.73
CA LYS F 351 29.23 -4.90 40.33
C LYS F 351 28.99 -6.40 40.18
N THR F 352 27.95 -6.76 39.42
CA THR F 352 27.42 -8.12 39.48
C THR F 352 28.35 -9.13 38.81
N THR F 353 29.19 -8.69 37.87
CA THR F 353 30.10 -9.58 37.17
C THR F 353 31.40 -9.86 37.92
N THR F 354 31.57 -9.35 39.14
CA THR F 354 32.85 -9.46 39.84
C THR F 354 33.17 -10.90 40.22
N THR F 355 34.46 -11.19 40.30
CA THR F 355 34.96 -12.43 40.85
C THR F 355 34.99 -12.37 42.38
N GLY F 356 35.22 -13.52 43.00
CA GLY F 356 35.38 -13.57 44.44
C GLY F 356 34.08 -13.37 45.19
N GLU F 357 34.23 -13.06 46.48
CA GLU F 357 33.12 -12.98 47.43
C GLU F 357 33.17 -11.76 48.36
N THR F 358 34.15 -10.88 48.20
CA THR F 358 34.24 -9.70 49.06
C THR F 358 33.19 -8.68 48.64
N PRO F 359 32.42 -8.07 49.57
CA PRO F 359 31.42 -7.08 49.14
C PRO F 359 32.04 -5.74 48.80
N GLU F 360 31.18 -4.87 48.27
CA GLU F 360 31.54 -3.51 47.87
C GLU F 360 31.02 -2.54 48.94
N ARG F 361 31.82 -1.51 49.23
CA ARG F 361 31.71 -0.74 50.46
C ARG F 361 31.77 0.75 50.16
N PHE F 362 31.12 1.56 51.01
CA PHE F 362 31.20 3.01 50.88
C PHE F 362 30.93 3.69 52.21
N THR F 363 31.26 4.99 52.25
CA THR F 363 31.01 5.87 53.38
C THR F 363 30.04 6.96 52.95
N TYR F 364 28.98 7.17 53.73
CA TYR F 364 28.00 8.20 53.45
C TYR F 364 28.49 9.55 53.95
N ILE F 365 28.22 10.60 53.17
CA ILE F 365 28.59 11.97 53.48
C ILE F 365 27.30 12.79 53.56
N ALA F 366 27.07 13.44 54.70
CA ALA F 366 25.95 14.35 54.89
C ALA F 366 26.41 15.81 54.78
N HIS F 367 25.51 16.66 54.32
CA HIS F 367 25.75 18.10 54.28
C HIS F 367 25.42 18.75 55.62
N GLN F 368 26.05 18.28 56.70
CA GLN F 368 25.79 18.76 58.05
C GLN F 368 27.10 18.86 58.82
N ASP F 369 27.26 19.94 59.59
CA ASP F 369 28.50 20.26 60.31
C ASP F 369 28.18 20.74 61.73
N THR F 370 27.32 20.02 62.44
CA THR F 370 26.87 20.46 63.76
C THR F 370 27.89 20.20 64.87
N GLY F 371 28.92 19.39 64.61
CA GLY F 371 29.93 19.15 65.65
C GLY F 371 30.73 20.41 65.94
N ARG F 372 31.06 20.59 67.22
CA ARG F 372 31.77 21.79 67.64
C ARG F 372 33.21 21.75 67.13
N TYR F 373 33.68 22.88 66.65
CA TYR F 373 35.04 23.03 66.12
C TYR F 373 36.08 22.82 67.23
N PRO F 374 36.88 21.74 67.22
CA PRO F 374 37.82 21.54 68.35
C PRO F 374 38.91 22.60 68.47
N GLU F 375 39.47 23.08 67.36
CA GLU F 375 40.56 24.05 67.41
C GLU F 375 40.09 25.49 67.57
N GLY F 376 38.77 25.72 67.72
CA GLY F 376 38.25 27.08 67.71
C GLY F 376 38.52 27.88 68.97
N ASP F 377 38.69 27.23 70.10
CA ASP F 377 38.95 27.93 71.36
C ASP F 377 39.78 27.06 72.30
N THR F 419 18.88 21.33 73.80
CA THR F 419 19.54 21.34 72.50
C THR F 419 18.64 20.72 71.43
N ALA F 420 18.68 21.30 70.23
CA ALA F 420 17.81 20.85 69.15
C ALA F 420 18.41 19.62 68.45
N LEU F 421 17.55 18.92 67.71
CA LEU F 421 17.95 17.77 66.91
C LEU F 421 17.00 17.65 65.73
N ASN F 422 17.43 16.89 64.71
CA ASN F 422 16.69 16.76 63.46
C ASN F 422 16.70 15.31 62.98
N ASN F 423 15.72 15.02 62.13
CA ASN F 423 15.53 13.66 61.62
C ASN F 423 16.66 13.27 60.66
N VAL F 424 16.90 11.97 60.56
CA VAL F 424 17.98 11.43 59.74
C VAL F 424 17.58 11.40 58.26
N PRO F 425 18.49 11.58 57.31
CA PRO F 425 18.15 11.35 55.89
C PRO F 425 18.30 9.87 55.51
N PRO F 426 17.54 9.36 54.54
CA PRO F 426 17.85 8.03 54.02
C PRO F 426 19.03 8.06 53.07
N VAL F 427 19.62 6.88 52.85
CA VAL F 427 20.73 6.68 51.94
C VAL F 427 20.25 5.71 50.86
N TYR F 428 20.24 6.17 49.61
CA TYR F 428 19.85 5.32 48.49
C TYR F 428 21.01 4.39 48.12
N PRO F 429 20.76 3.11 47.76
CA PRO F 429 19.51 2.31 47.77
C PRO F 429 19.38 1.42 49.00
N ASN F 430 20.46 1.19 49.75
CA ASN F 430 20.46 0.19 50.82
C ASN F 430 19.88 0.69 52.14
N GLY F 431 19.58 2.00 52.27
CA GLY F 431 19.04 2.50 53.51
C GLY F 431 17.66 1.93 53.81
N GLN F 432 17.33 1.88 55.10
CA GLN F 432 16.03 1.38 55.52
C GLN F 432 14.95 2.44 55.31
N ILE F 433 13.74 1.99 55.01
CA ILE F 433 12.62 2.90 54.71
C ILE F 433 11.88 3.28 55.98
N TRP F 434 11.53 2.29 56.82
CA TRP F 434 10.88 2.52 58.11
C TRP F 434 11.55 1.65 59.16
N ASP F 435 11.61 2.16 60.38
CA ASP F 435 12.29 1.47 61.48
C ASP F 435 11.50 1.67 62.77
N ALA F 450 16.18 4.87 59.73
CA ALA F 450 15.22 5.22 58.68
C ALA F 450 14.58 6.58 58.98
N PRO F 451 14.06 7.27 57.95
CA PRO F 451 13.36 8.54 58.22
C PRO F 451 11.98 8.35 58.85
N PHE F 452 11.39 7.17 58.75
CA PHE F 452 10.02 6.91 59.18
C PHE F 452 9.99 5.89 60.31
N VAL F 453 8.99 6.04 61.17
CA VAL F 453 8.74 5.11 62.28
C VAL F 453 7.24 4.82 62.31
N PRO F 459 3.96 -3.37 57.68
CA PRO F 459 5.12 -3.69 58.53
C PRO F 459 5.04 -5.06 59.21
N GLY F 460 3.95 -5.80 59.00
CA GLY F 460 3.89 -7.18 59.48
C GLY F 460 4.88 -8.04 58.73
N GLN F 461 5.64 -8.85 59.47
CA GLN F 461 6.74 -9.61 58.89
C GLN F 461 6.24 -10.86 58.17
N LEU F 462 6.72 -11.06 56.94
CA LEU F 462 6.27 -12.11 56.05
C LEU F 462 7.33 -13.20 55.96
N PHE F 463 6.90 -14.46 56.07
CA PHE F 463 7.80 -15.61 56.08
C PHE F 463 7.30 -16.70 55.15
N VAL F 464 8.25 -17.50 54.65
CA VAL F 464 7.96 -18.60 53.73
C VAL F 464 8.76 -19.82 54.14
N LYS F 465 8.26 -21.00 53.76
CA LYS F 465 8.90 -22.27 54.10
C LYS F 465 8.49 -23.31 53.07
N VAL F 466 9.42 -24.21 52.78
CA VAL F 466 9.17 -25.38 51.94
C VAL F 466 9.78 -26.59 52.64
N ASN F 472 6.27 -42.09 51.67
CA ASN F 472 6.25 -41.84 53.11
C ASN F 472 7.10 -40.61 53.45
N GLU F 473 6.77 -39.98 54.59
CA GLU F 473 7.32 -38.69 54.96
C GLU F 473 7.91 -38.69 56.37
N TYR F 474 7.35 -39.48 57.27
CA TYR F 474 7.63 -39.37 58.70
C TYR F 474 7.43 -40.71 59.39
N THR F 487 11.14 -30.63 45.64
CA THR F 487 12.51 -30.48 46.11
C THR F 487 12.86 -29.02 46.31
N TYR F 488 12.41 -28.16 45.40
CA TYR F 488 12.69 -26.73 45.46
C TYR F 488 11.59 -25.97 44.77
N SER F 489 11.52 -24.67 45.07
CA SER F 489 10.38 -23.84 44.70
C SER F 489 10.86 -22.44 44.31
N ASP F 490 10.01 -21.76 43.56
CA ASP F 490 10.16 -20.33 43.31
C ASP F 490 8.77 -19.74 43.12
N PHE F 491 8.67 -18.44 43.34
CA PHE F 491 7.41 -17.73 43.19
C PHE F 491 7.70 -16.27 42.87
N TRP F 492 6.71 -15.60 42.31
CA TRP F 492 6.80 -14.19 41.97
C TRP F 492 6.23 -13.36 43.11
N TRP F 493 7.08 -12.59 43.77
CA TRP F 493 6.65 -11.59 44.72
C TRP F 493 6.21 -10.34 43.98
N LYS F 494 5.29 -9.58 44.58
CA LYS F 494 4.93 -8.26 44.09
C LYS F 494 4.54 -7.39 45.27
N GLY F 495 4.81 -6.09 45.16
CA GLY F 495 4.48 -5.15 46.21
C GLY F 495 4.30 -3.74 45.68
N LYS F 496 3.65 -2.91 46.50
CA LYS F 496 3.31 -1.54 46.17
C LYS F 496 3.62 -0.64 47.36
N LEU F 497 4.13 0.57 47.06
CA LEU F 497 4.51 1.54 48.07
C LEU F 497 4.09 2.91 47.58
N VAL F 498 3.53 3.72 48.48
CA VAL F 498 2.86 4.98 48.14
C VAL F 498 3.37 6.07 49.08
N PHE F 499 3.51 7.29 48.55
CA PHE F 499 4.04 8.41 49.30
C PHE F 499 3.26 9.68 48.99
N LYS F 500 3.55 10.72 49.77
CA LYS F 500 3.09 12.08 49.54
C LYS F 500 4.29 13.02 49.63
N ALA F 501 4.33 14.03 48.77
CA ALA F 501 5.48 14.93 48.69
C ALA F 501 5.06 16.28 48.15
N LYS F 502 5.93 17.28 48.35
CA LYS F 502 5.71 18.66 47.95
C LYS F 502 6.91 19.16 47.15
N LEU F 503 6.63 19.77 45.99
CA LEU F 503 7.69 20.30 45.13
C LEU F 503 8.31 21.56 45.74
N ARG F 504 9.60 21.77 45.46
CA ARG F 504 10.31 22.92 46.00
C ARG F 504 9.96 24.19 45.23
N ALA F 505 10.45 25.32 45.75
CA ALA F 505 10.26 26.63 45.15
C ALA F 505 11.58 27.39 45.12
N SER F 506 11.67 28.35 44.20
CA SER F 506 12.90 29.09 43.93
C SER F 506 13.06 30.30 44.86
N HIS F 507 13.24 29.99 46.15
CA HIS F 507 13.46 31.05 47.13
C HIS F 507 14.80 31.72 46.91
N THR F 508 15.82 30.95 46.57
CA THR F 508 17.15 31.50 46.33
C THR F 508 17.25 32.16 44.96
N TRP F 509 17.98 33.27 44.89
CA TRP F 509 18.40 33.78 43.59
C TRP F 509 19.29 32.76 42.90
N ASN F 510 20.25 32.21 43.63
CA ASN F 510 21.19 31.28 43.04
C ASN F 510 20.52 29.93 42.75
N PRO F 511 21.07 29.13 41.82
CA PRO F 511 20.64 27.73 41.71
C PRO F 511 21.13 26.93 42.90
N ILE F 512 20.45 25.81 43.17
CA ILE F 512 20.86 24.89 44.24
C ILE F 512 21.60 23.70 43.64
N GLN F 513 22.25 22.92 44.49
CA GLN F 513 22.85 21.66 44.05
C GLN F 513 21.76 20.72 43.55
N GLN F 514 22.04 20.08 42.41
CA GLN F 514 21.14 19.12 41.79
C GLN F 514 21.95 17.95 41.28
N MET F 515 21.53 16.73 41.57
CA MET F 515 22.23 15.55 41.08
C MET F 515 21.96 15.38 39.59
N SER F 516 22.98 14.95 38.85
CA SER F 516 22.80 14.72 37.43
C SER F 516 23.93 13.87 36.89
N ILE F 517 23.68 13.26 35.73
CA ILE F 517 24.69 12.49 35.03
C ILE F 517 25.76 13.44 34.49
N ASN F 518 27.02 13.00 34.53
CA ASN F 518 28.15 13.77 34.05
C ASN F 518 29.13 12.82 33.40
N VAL F 519 30.23 13.40 32.90
CA VAL F 519 31.22 12.64 32.13
C VAL F 519 31.86 11.56 32.99
N ASP F 520 32.09 11.85 34.27
CA ASP F 520 32.72 10.86 35.15
C ASP F 520 31.76 9.72 35.48
N ASN F 521 30.57 10.05 35.99
CA ASN F 521 29.66 9.05 36.51
C ASN F 521 28.78 8.39 35.45
N GLN F 522 29.03 8.67 34.17
CA GLN F 522 28.15 8.27 33.08
C GLN F 522 27.89 6.76 33.04
N PHE F 523 28.96 5.98 32.99
CA PHE F 523 28.86 4.60 32.56
C PHE F 523 28.44 3.64 33.67
N ASN F 524 28.24 4.11 34.90
CA ASN F 524 27.80 3.23 35.98
C ASN F 524 26.29 3.05 36.03
N TYR F 525 25.52 3.96 35.45
CA TYR F 525 24.06 3.87 35.42
C TYR F 525 23.52 3.07 34.24
N VAL F 526 24.35 2.30 33.55
CA VAL F 526 23.98 1.64 32.30
C VAL F 526 24.65 0.27 32.25
N PRO F 527 24.12 -0.67 31.45
CA PRO F 527 24.78 -1.98 31.34
C PRO F 527 26.13 -1.87 30.65
N SER F 528 26.85 -2.96 30.69
CA SER F 528 28.17 -3.12 30.10
C SER F 528 28.10 -4.11 28.95
N ASN F 529 29.28 -4.56 28.48
CA ASN F 529 29.34 -5.52 27.39
C ASN F 529 28.61 -6.80 27.73
N ILE F 530 28.75 -7.27 28.98
CA ILE F 530 28.15 -8.52 29.45
C ILE F 530 27.09 -8.28 30.51
N GLY F 531 26.55 -7.07 30.60
CA GLY F 531 25.54 -6.76 31.61
C GLY F 531 26.07 -6.65 33.01
N GLY F 532 27.25 -6.04 33.18
CA GLY F 532 27.84 -5.81 34.48
C GLY F 532 27.19 -4.68 35.25
N MET F 533 25.96 -4.91 35.71
CA MET F 533 25.21 -3.86 36.40
C MET F 533 25.82 -3.53 37.74
N LYS F 534 25.63 -2.29 38.17
CA LYS F 534 25.74 -1.91 39.57
C LYS F 534 24.67 -0.86 39.86
N ILE F 535 24.44 -0.62 41.15
CA ILE F 535 23.67 0.53 41.64
C ILE F 535 24.58 1.32 42.56
N VAL F 536 24.71 2.61 42.30
CA VAL F 536 25.61 3.48 43.05
C VAL F 536 24.88 4.10 44.24
N TYR F 537 25.62 4.31 45.32
CA TYR F 537 25.12 4.99 46.50
C TYR F 537 24.92 6.49 46.22
N GLU F 538 23.79 7.04 46.67
CA GLU F 538 23.39 8.41 46.33
C GLU F 538 22.72 9.09 47.51
N LYS F 539 22.70 10.42 47.46
CA LYS F 539 22.26 11.26 48.57
C LYS F 539 20.74 11.43 48.59
N SER F 540 20.25 12.14 49.63
CA SER F 540 18.83 12.44 49.78
C SER F 540 18.54 13.88 50.25
N GLN F 541 19.55 14.74 50.40
CA GLN F 541 19.36 16.15 50.76
C GLN F 541 20.25 17.00 49.88
N LEU F 542 19.65 17.97 49.20
CA LEU F 542 20.36 18.82 48.23
C LEU F 542 20.12 20.31 48.46
N ALA F 543 18.93 20.67 48.91
CA ALA F 543 18.58 22.09 49.06
C ALA F 543 19.00 22.58 50.44
N PRO F 544 19.62 23.78 50.56
CA PRO F 544 19.80 24.27 51.93
C PRO F 544 18.48 24.59 52.64
N GLY G 1 -42.90 24.82 -30.12
CA GLY G 1 -42.55 25.38 -31.45
C GLY G 1 -41.25 24.79 -32.00
N VAL G 2 -40.84 25.26 -33.17
CA VAL G 2 -39.67 24.71 -33.84
C VAL G 2 -38.38 25.03 -33.09
N GLY G 3 -38.37 26.08 -32.29
CA GLY G 3 -37.11 26.64 -31.85
C GLY G 3 -36.46 26.03 -30.65
N ILE G 4 -37.02 24.98 -30.04
CA ILE G 4 -36.60 24.51 -28.72
C ILE G 4 -35.98 23.14 -28.81
N SER G 5 -35.03 22.89 -27.92
CA SER G 5 -34.52 21.56 -27.68
C SER G 5 -35.58 20.72 -26.97
N THR G 6 -35.47 19.40 -27.10
CA THR G 6 -36.37 18.47 -26.43
C THR G 6 -35.64 17.58 -25.45
N GLY G 7 -34.68 16.80 -25.95
CA GLY G 7 -33.93 15.87 -25.14
C GLY G 7 -32.54 16.40 -24.83
N THR G 8 -31.70 15.51 -24.33
CA THR G 8 -30.30 15.81 -24.09
C THR G 8 -29.46 14.62 -24.46
N PHE G 9 -28.29 14.89 -25.02
CA PHE G 9 -27.36 13.87 -25.46
C PHE G 9 -26.61 13.39 -24.24
N ASN G 10 -26.57 12.09 -24.05
CA ASN G 10 -25.91 11.50 -22.90
C ASN G 10 -25.29 10.19 -23.33
N ASN G 11 -24.03 9.98 -22.98
CA ASN G 11 -23.37 8.70 -23.15
C ASN G 11 -22.54 8.35 -21.93
N GLN G 12 -22.93 8.82 -20.76
CA GLN G 12 -22.27 8.42 -19.54
C GLN G 12 -22.69 7.01 -19.16
N THR G 13 -21.83 6.30 -18.46
CA THR G 13 -22.16 5.03 -17.84
C THR G 13 -21.89 5.16 -16.35
N GLU G 14 -22.86 4.78 -15.54
CA GLU G 14 -22.91 5.15 -14.13
C GLU G 14 -23.10 3.91 -13.27
N PHE G 15 -22.24 3.76 -12.26
CA PHE G 15 -22.24 2.61 -11.37
C PHE G 15 -22.70 3.06 -10.00
N LYS G 16 -23.84 2.56 -9.55
CA LYS G 16 -24.39 2.86 -8.23
C LYS G 16 -24.32 1.61 -7.37
N PHE G 17 -23.68 1.71 -6.21
CA PHE G 17 -23.46 0.58 -5.33
C PHE G 17 -24.55 0.51 -4.29
N LEU G 18 -25.17 -0.65 -4.17
CA LEU G 18 -26.40 -0.87 -3.43
C LEU G 18 -26.10 -1.53 -2.09
N GLU G 19 -27.14 -2.03 -1.42
CA GLU G 19 -26.96 -2.86 -0.25
C GLU G 19 -26.36 -4.21 -0.61
N ASN G 20 -25.52 -4.72 0.28
CA ASN G 20 -25.04 -6.11 0.34
C ASN G 20 -24.47 -6.62 -0.99
N GLY G 21 -23.59 -5.83 -1.59
CA GLY G 21 -22.69 -6.32 -2.61
C GLY G 21 -23.16 -6.21 -4.04
N TRP G 22 -24.40 -5.82 -4.27
CA TRP G 22 -24.88 -5.60 -5.62
C TRP G 22 -24.61 -4.17 -6.06
N VAL G 23 -24.33 -4.01 -7.35
CA VAL G 23 -24.05 -2.70 -7.95
C VAL G 23 -24.88 -2.57 -9.21
N GLU G 24 -25.56 -1.44 -9.34
CA GLU G 24 -26.41 -1.16 -10.49
C GLU G 24 -25.61 -0.36 -11.49
N ILE G 25 -25.63 -0.81 -12.74
CA ILE G 25 -24.84 -0.22 -13.81
C ILE G 25 -25.83 0.35 -14.81
N THR G 26 -25.81 1.67 -14.97
CA THR G 26 -26.76 2.40 -15.79
C THR G 26 -26.01 2.95 -16.99
N ALA G 27 -26.34 2.46 -18.17
CA ALA G 27 -25.59 2.73 -19.39
C ALA G 27 -26.41 3.62 -20.30
N ASN G 28 -26.13 4.91 -20.29
CA ASN G 28 -26.75 5.83 -21.23
C ASN G 28 -25.98 5.82 -22.54
N SER G 29 -26.70 5.79 -23.64
CA SER G 29 -26.11 5.81 -24.97
C SER G 29 -26.94 6.73 -25.83
N SER G 30 -26.29 7.51 -26.69
CA SER G 30 -26.99 8.43 -27.56
C SER G 30 -26.24 8.57 -28.88
N ARG G 31 -26.97 8.74 -29.96
CA ARG G 31 -26.36 8.85 -31.27
C ARG G 31 -27.22 9.69 -32.19
N LEU G 32 -26.57 10.40 -33.09
CA LEU G 32 -27.23 11.05 -34.20
C LEU G 32 -27.46 10.03 -35.29
N VAL G 33 -28.68 9.95 -35.78
CA VAL G 33 -29.09 8.97 -36.76
C VAL G 33 -29.45 9.73 -38.02
N HIS G 34 -29.05 9.19 -39.17
CA HIS G 34 -29.36 9.75 -40.47
C HIS G 34 -30.30 8.79 -41.16
N LEU G 35 -31.40 9.31 -41.71
CA LEU G 35 -32.41 8.48 -42.36
C LEU G 35 -32.83 9.11 -43.68
N ASN G 36 -32.48 8.46 -44.79
CA ASN G 36 -33.01 8.83 -46.11
C ASN G 36 -34.42 8.27 -46.29
N MET G 37 -35.15 8.85 -47.24
CA MET G 37 -36.46 8.31 -47.57
C MET G 37 -36.31 6.97 -48.31
N PRO G 38 -37.32 6.09 -48.27
CA PRO G 38 -37.17 4.79 -48.94
C PRO G 38 -37.03 4.90 -50.45
N GLU G 39 -36.42 3.89 -51.04
CA GLU G 39 -36.25 3.83 -52.49
C GLU G 39 -37.59 3.73 -53.21
N SER G 40 -38.56 3.04 -52.61
CA SER G 40 -39.92 2.99 -53.13
C SER G 40 -40.87 2.88 -51.94
N GLU G 41 -42.03 3.51 -52.08
CA GLU G 41 -43.01 3.56 -51.00
C GLU G 41 -43.78 2.24 -50.87
N ASN G 42 -43.82 1.42 -51.92
CA ASN G 42 -44.52 0.15 -51.88
C ASN G 42 -43.65 -0.96 -51.29
N TYR G 43 -44.28 -1.86 -50.56
CA TYR G 43 -43.64 -3.13 -50.22
C TYR G 43 -43.35 -3.90 -51.50
N ARG G 44 -42.42 -4.85 -51.41
CA ARG G 44 -42.23 -5.76 -52.53
C ARG G 44 -41.68 -7.10 -52.03
N ARG G 45 -42.01 -8.15 -52.77
CA ARG G 45 -41.52 -9.50 -52.51
C ARG G 45 -40.43 -9.83 -53.51
N VAL G 46 -39.31 -10.36 -53.01
CA VAL G 46 -38.12 -10.65 -53.81
C VAL G 46 -37.68 -12.07 -53.49
N VAL G 47 -37.21 -12.78 -54.51
CA VAL G 47 -36.61 -14.10 -54.38
C VAL G 47 -35.16 -14.00 -54.83
N VAL G 48 -34.25 -14.51 -54.01
CA VAL G 48 -32.84 -14.63 -54.35
C VAL G 48 -32.60 -16.09 -54.74
N ASN G 49 -32.00 -16.29 -55.92
CA ASN G 49 -31.79 -17.63 -56.48
C ASN G 49 -30.42 -17.67 -57.18
N ASN G 50 -29.38 -18.03 -56.42
CA ASN G 50 -28.05 -18.27 -57.00
C ASN G 50 -27.93 -19.72 -57.45
N MET G 51 -28.86 -20.17 -58.29
CA MET G 51 -29.02 -21.60 -58.58
C MET G 51 -27.79 -22.18 -59.28
N ASP G 52 -27.20 -21.42 -60.21
CA ASP G 52 -26.08 -21.96 -60.98
C ASP G 52 -24.85 -22.18 -60.10
N LYS G 53 -24.52 -21.20 -59.26
CA LYS G 53 -23.39 -21.35 -58.35
C LYS G 53 -23.61 -22.50 -57.38
N THR G 54 -24.86 -22.72 -56.98
CA THR G 54 -25.19 -23.86 -56.13
C THR G 54 -25.15 -25.17 -56.91
N ALA G 55 -25.36 -25.13 -58.23
CA ALA G 55 -25.46 -26.36 -59.00
C ALA G 55 -24.12 -27.08 -59.16
N VAL G 56 -23.01 -26.34 -59.11
CA VAL G 56 -21.69 -26.96 -59.26
C VAL G 56 -21.46 -27.92 -58.12
N ASN G 57 -20.98 -29.12 -58.45
CA ASN G 57 -20.90 -30.21 -57.47
C ASN G 57 -19.93 -29.88 -56.35
N GLY G 58 -20.39 -30.11 -55.11
CA GLY G 58 -19.66 -29.76 -53.90
C GLY G 58 -20.08 -28.46 -53.25
N ASN G 59 -20.86 -27.63 -53.95
CA ASN G 59 -21.25 -26.30 -53.46
C ASN G 59 -22.55 -26.32 -52.67
N MET G 60 -22.84 -27.43 -51.97
CA MET G 60 -24.06 -27.48 -51.16
C MET G 60 -24.08 -26.40 -50.08
N ALA G 61 -22.93 -25.99 -49.57
CA ALA G 61 -22.88 -24.97 -48.53
C ALA G 61 -23.18 -23.57 -49.04
N LEU G 62 -23.05 -23.33 -50.35
CA LEU G 62 -23.26 -22.00 -50.92
C LEU G 62 -24.72 -21.73 -51.29
N ASP G 63 -25.67 -22.48 -50.72
CA ASP G 63 -27.08 -22.35 -51.08
C ASP G 63 -27.69 -21.09 -50.45
N ASP G 64 -27.42 -19.93 -51.04
CA ASP G 64 -27.87 -18.65 -50.49
C ASP G 64 -29.28 -18.26 -50.90
N ILE G 65 -30.06 -19.18 -51.48
CA ILE G 65 -31.38 -18.79 -51.99
C ILE G 65 -32.33 -18.47 -50.85
N HIS G 66 -33.20 -17.50 -51.06
CA HIS G 66 -34.24 -17.19 -50.09
C HIS G 66 -35.27 -16.27 -50.74
N ALA G 67 -36.38 -16.08 -50.03
CA ALA G 67 -37.43 -15.13 -50.37
C ALA G 67 -37.61 -14.18 -49.19
N GLN G 68 -37.90 -12.91 -49.49
CA GLN G 68 -37.97 -11.88 -48.46
C GLN G 68 -38.96 -10.80 -48.87
N ILE G 69 -39.50 -10.10 -47.86
CA ILE G 69 -40.41 -8.98 -48.06
C ILE G 69 -39.61 -7.72 -47.79
N VAL G 70 -39.23 -7.01 -48.86
CA VAL G 70 -38.62 -5.70 -48.72
C VAL G 70 -39.68 -4.71 -48.26
N THR G 71 -39.36 -3.95 -47.23
CA THR G 71 -40.29 -3.08 -46.51
C THR G 71 -39.86 -1.63 -46.64
N PRO G 72 -40.79 -0.65 -46.80
CA PRO G 72 -40.38 0.76 -46.77
C PRO G 72 -40.19 1.34 -45.36
N TRP G 73 -39.46 0.64 -44.49
CA TRP G 73 -39.14 1.14 -43.15
C TRP G 73 -37.71 0.71 -42.82
N SER G 74 -37.13 1.37 -41.82
CA SER G 74 -35.80 1.05 -41.31
C SER G 74 -35.87 0.84 -39.81
N LEU G 75 -35.02 -0.06 -39.31
CA LEU G 75 -35.03 -0.49 -37.92
C LEU G 75 -33.93 0.21 -37.13
N VAL G 76 -34.30 0.78 -35.98
CA VAL G 76 -33.35 1.43 -35.06
C VAL G 76 -33.06 0.41 -33.97
N ASP G 77 -32.00 -0.39 -34.19
CA ASP G 77 -31.64 -1.52 -33.33
C ASP G 77 -30.39 -1.18 -32.53
N ALA G 78 -30.46 -1.36 -31.21
CA ALA G 78 -29.37 -1.10 -30.29
C ALA G 78 -28.96 -2.34 -29.52
N ASN G 79 -29.24 -3.53 -30.03
CA ASN G 79 -29.04 -4.75 -29.28
C ASN G 79 -27.59 -5.07 -29.00
N ALA G 80 -26.67 -4.56 -29.83
CA ALA G 80 -25.27 -4.94 -29.69
C ALA G 80 -24.66 -4.34 -28.44
N TRP G 81 -23.65 -5.03 -27.90
CA TRP G 81 -22.96 -4.55 -26.72
C TRP G 81 -22.29 -3.20 -26.97
N GLY G 82 -21.68 -3.05 -28.14
CA GLY G 82 -20.85 -1.88 -28.40
C GLY G 82 -21.59 -0.56 -28.34
N VAL G 83 -22.91 -0.58 -28.46
CA VAL G 83 -23.68 0.65 -28.42
C VAL G 83 -23.68 1.26 -27.03
N TRP G 84 -23.39 0.48 -25.99
CA TRP G 84 -23.68 0.86 -24.62
C TRP G 84 -22.49 0.97 -23.71
N PHE G 85 -21.31 0.50 -24.10
CA PHE G 85 -20.13 0.57 -23.27
C PHE G 85 -18.93 0.91 -24.13
N ASN G 86 -18.07 1.78 -23.65
CA ASN G 86 -16.74 1.94 -24.21
C ASN G 86 -15.84 0.85 -23.64
N PRO G 87 -14.64 0.65 -24.19
CA PRO G 87 -13.76 -0.37 -23.62
C PRO G 87 -13.37 -0.10 -22.18
N GLY G 88 -13.21 1.15 -21.81
CA GLY G 88 -12.90 1.46 -20.43
C GLY G 88 -14.00 1.05 -19.50
N ASP G 89 -15.25 1.16 -19.95
CA ASP G 89 -16.36 0.71 -19.14
C ASP G 89 -16.33 -0.79 -19.01
N TRP G 90 -16.08 -1.49 -20.10
CA TRP G 90 -16.14 -2.94 -20.12
C TRP G 90 -15.08 -3.56 -19.23
N GLN G 91 -13.99 -2.83 -18.98
CA GLN G 91 -12.97 -3.34 -18.08
C GLN G 91 -13.50 -3.49 -16.67
N LEU G 92 -14.31 -2.54 -16.22
CA LEU G 92 -14.91 -2.69 -14.90
C LEU G 92 -15.92 -3.82 -14.88
N ILE G 93 -16.68 -4.00 -15.97
CA ILE G 93 -17.68 -5.05 -15.98
C ILE G 93 -17.01 -6.41 -15.87
N VAL G 94 -15.93 -6.60 -16.59
CA VAL G 94 -15.27 -7.90 -16.61
C VAL G 94 -14.51 -8.13 -15.32
N ASN G 95 -13.64 -7.21 -14.97
CA ASN G 95 -12.68 -7.48 -13.91
C ASN G 95 -13.31 -7.51 -12.54
N THR G 96 -14.30 -6.66 -12.29
CA THR G 96 -14.86 -6.52 -10.95
C THR G 96 -16.10 -7.37 -10.71
N MET G 97 -16.96 -7.54 -11.70
CA MET G 97 -18.26 -8.15 -11.51
C MET G 97 -18.19 -9.64 -11.76
N SER G 98 -18.82 -10.41 -10.87
CA SER G 98 -18.92 -11.85 -11.03
C SER G 98 -20.10 -12.24 -11.91
N GLU G 99 -21.24 -11.59 -11.72
CA GLU G 99 -22.50 -11.98 -12.35
C GLU G 99 -23.23 -10.74 -12.80
N LEU G 100 -24.20 -10.93 -13.69
CA LEU G 100 -24.84 -9.80 -14.37
C LEU G 100 -26.27 -10.12 -14.74
N HIS G 101 -27.15 -9.14 -14.56
CA HIS G 101 -28.57 -9.21 -14.90
C HIS G 101 -28.93 -8.06 -15.82
N LEU G 102 -29.99 -8.24 -16.60
CA LEU G 102 -30.69 -7.14 -17.23
C LEU G 102 -31.82 -6.69 -16.32
N VAL G 103 -32.07 -5.38 -16.28
CA VAL G 103 -33.04 -4.81 -15.36
C VAL G 103 -34.04 -3.96 -16.10
N SER G 104 -33.57 -2.94 -16.80
CA SER G 104 -34.46 -1.98 -17.43
C SER G 104 -33.88 -1.53 -18.75
N PHE G 105 -34.77 -1.00 -19.58
CA PHE G 105 -34.42 -0.51 -20.90
C PHE G 105 -35.39 0.60 -21.26
N GLU G 106 -34.90 1.62 -21.95
CA GLU G 106 -35.80 2.61 -22.50
C GLU G 106 -35.13 3.23 -23.71
N GLN G 107 -35.94 3.91 -24.51
CA GLN G 107 -35.47 4.67 -25.65
C GLN G 107 -36.21 5.98 -25.70
N GLU G 108 -35.59 6.94 -26.35
CA GLU G 108 -36.34 8.07 -26.86
C GLU G 108 -35.65 8.56 -28.11
N ILE G 109 -36.44 9.17 -28.98
CA ILE G 109 -35.99 9.82 -30.18
C ILE G 109 -36.36 11.28 -30.01
N PHE G 110 -35.46 12.19 -30.33
CA PHE G 110 -35.65 13.59 -29.98
C PHE G 110 -34.87 14.47 -30.94
N ASN G 111 -35.29 15.73 -30.98
CA ASN G 111 -34.59 16.77 -31.74
C ASN G 111 -34.58 16.42 -33.22
N VAL G 112 -35.76 16.06 -33.73
CA VAL G 112 -35.92 15.63 -35.10
C VAL G 112 -35.73 16.80 -36.04
N VAL G 113 -35.15 16.53 -37.21
CA VAL G 113 -35.20 17.46 -38.33
C VAL G 113 -35.39 16.68 -39.61
N LEU G 114 -36.29 17.17 -40.45
CA LEU G 114 -36.49 16.71 -41.81
C LEU G 114 -36.02 17.80 -42.77
N LYS G 115 -35.35 17.40 -43.85
CA LYS G 115 -34.78 18.33 -44.83
C LYS G 115 -35.00 17.83 -46.25
N THR G 116 -34.89 18.76 -47.21
CA THR G 116 -34.99 18.47 -48.64
C THR G 116 -33.79 19.06 -49.37
N VAL G 117 -33.50 18.47 -50.53
CA VAL G 117 -32.36 18.85 -51.38
C VAL G 117 -32.90 19.53 -52.63
N SER G 118 -32.33 20.69 -52.97
CA SER G 118 -32.63 21.40 -54.22
C SER G 118 -31.42 21.32 -55.13
N GLU G 119 -31.64 20.93 -56.37
CA GLU G 119 -30.56 20.82 -57.35
C GLU G 119 -30.07 22.18 -57.81
N THR G 126 -25.11 21.71 -58.92
CA THR G 126 -24.88 22.00 -57.48
C THR G 126 -26.11 21.58 -56.67
N LYS G 127 -25.95 21.51 -55.35
CA LYS G 127 -27.00 21.10 -54.42
C LYS G 127 -27.14 22.13 -53.31
N VAL G 128 -28.39 22.37 -52.90
CA VAL G 128 -28.73 23.31 -51.84
C VAL G 128 -29.69 22.60 -50.89
N TYR G 129 -29.52 22.85 -49.59
CA TYR G 129 -30.15 22.08 -48.52
C TYR G 129 -31.16 22.94 -47.77
N ASN G 130 -32.40 22.44 -47.68
CA ASN G 130 -33.53 23.19 -47.16
C ASN G 130 -34.27 22.38 -46.10
N ASN G 131 -34.99 23.10 -45.24
CA ASN G 131 -35.73 22.49 -44.14
C ASN G 131 -37.16 22.11 -44.56
N ASP G 132 -37.73 21.17 -43.81
CA ASP G 132 -39.12 20.76 -43.94
C ASP G 132 -39.75 20.77 -42.56
N LEU G 133 -41.00 21.22 -42.47
CA LEU G 133 -41.70 21.32 -41.18
C LEU G 133 -43.11 20.74 -41.24
N THR G 134 -43.75 20.77 -42.41
CA THR G 134 -45.09 20.20 -42.54
C THR G 134 -45.06 18.67 -42.61
N ALA G 135 -44.09 18.11 -43.32
CA ALA G 135 -43.93 16.66 -43.39
C ALA G 135 -43.28 16.13 -42.12
N SER G 136 -43.39 14.82 -41.92
CA SER G 136 -43.15 14.17 -40.64
C SER G 136 -42.16 13.02 -40.76
N LEU G 137 -41.44 12.78 -39.66
CA LEU G 137 -40.70 11.54 -39.47
C LEU G 137 -41.65 10.51 -38.86
N MET G 138 -41.97 9.48 -39.62
CA MET G 138 -42.85 8.43 -39.15
C MET G 138 -42.08 7.50 -38.23
N VAL G 139 -42.67 7.19 -37.08
CA VAL G 139 -42.05 6.33 -36.07
C VAL G 139 -43.09 5.35 -35.56
N ALA G 140 -42.69 4.09 -35.41
CA ALA G 140 -43.57 3.04 -34.90
C ALA G 140 -42.76 2.09 -34.02
N LEU G 141 -43.32 1.72 -32.87
CA LEU G 141 -42.70 0.82 -31.89
C LEU G 141 -43.53 -0.45 -31.80
N ASP G 142 -42.93 -1.58 -32.16
CA ASP G 142 -43.59 -2.88 -32.08
C ASP G 142 -43.67 -3.35 -30.63
N SER G 143 -44.57 -2.76 -29.86
CA SER G 143 -44.55 -2.91 -28.41
C SER G 143 -44.96 -4.29 -27.92
N ASN G 144 -45.62 -5.12 -28.75
CA ASN G 144 -46.04 -6.47 -28.37
C ASN G 144 -45.34 -7.55 -29.19
N ASN G 145 -44.23 -7.21 -29.86
CA ASN G 145 -43.46 -8.16 -30.67
C ASN G 145 -44.34 -8.80 -31.75
N THR G 146 -45.22 -7.99 -32.33
CA THR G 146 -46.16 -8.49 -33.32
C THR G 146 -45.48 -8.80 -34.65
N MET G 147 -44.57 -7.94 -35.09
CA MET G 147 -43.81 -8.17 -36.29
C MET G 147 -42.80 -9.30 -36.06
N PRO G 148 -42.31 -9.96 -37.12
CA PRO G 148 -41.30 -11.00 -36.91
C PRO G 148 -40.03 -10.43 -36.27
N PHE G 149 -39.62 -11.06 -35.17
CA PHE G 149 -38.50 -10.56 -34.37
C PHE G 149 -37.19 -10.80 -35.10
N THR G 150 -36.57 -9.71 -35.57
CA THR G 150 -35.45 -9.77 -36.50
C THR G 150 -34.40 -8.71 -36.13
N PRO G 151 -33.54 -9.01 -35.15
CA PRO G 151 -32.47 -8.06 -34.80
C PRO G 151 -31.48 -7.83 -35.93
N ALA G 152 -30.79 -6.69 -35.87
CA ALA G 152 -29.88 -6.25 -36.92
C ALA G 152 -28.51 -6.90 -36.87
N ALA G 153 -28.12 -7.53 -35.77
CA ALA G 153 -26.83 -8.21 -35.70
C ALA G 153 -26.73 -9.39 -36.66
N MET G 154 -27.87 -9.94 -37.11
CA MET G 154 -27.82 -11.03 -38.09
C MET G 154 -27.22 -10.56 -39.42
N ARG G 155 -27.59 -9.37 -39.89
CA ARG G 155 -26.96 -8.73 -41.04
C ARG G 155 -25.82 -7.79 -40.64
N SER G 156 -25.56 -7.62 -39.34
CA SER G 156 -24.41 -6.86 -38.83
C SER G 156 -24.55 -5.38 -39.15
N GLU G 157 -25.66 -4.78 -38.70
CA GLU G 157 -26.00 -3.40 -39.04
C GLU G 157 -26.67 -2.67 -37.86
N THR G 158 -26.29 -2.99 -36.63
CA THR G 158 -26.77 -2.21 -35.51
C THR G 158 -26.19 -0.79 -35.58
N LEU G 159 -26.71 0.08 -34.72
CA LEU G 159 -26.23 1.45 -34.65
C LEU G 159 -24.76 1.49 -34.30
N GLY G 160 -24.05 2.45 -34.88
CA GLY G 160 -22.62 2.50 -34.75
C GLY G 160 -22.14 2.75 -33.33
N PHE G 161 -20.94 2.26 -33.05
CA PHE G 161 -20.45 2.14 -31.70
C PHE G 161 -19.73 3.37 -31.18
N TYR G 162 -19.25 4.23 -32.04
CA TYR G 162 -18.59 5.44 -31.54
C TYR G 162 -19.64 6.52 -31.28
N PRO G 163 -19.63 7.18 -30.11
CA PRO G 163 -20.63 8.26 -29.89
C PRO G 163 -20.51 9.43 -30.85
N TRP G 164 -19.30 9.80 -31.20
CA TRP G 164 -19.03 11.00 -31.99
C TRP G 164 -19.07 10.73 -33.48
N LYS G 165 -20.12 10.09 -33.97
CA LYS G 165 -20.27 9.84 -35.39
C LYS G 165 -21.75 9.64 -35.67
N PRO G 166 -22.23 10.04 -36.84
CA PRO G 166 -23.60 9.66 -37.18
C PRO G 166 -23.68 8.17 -37.40
N THR G 167 -24.91 7.68 -37.48
CA THR G 167 -25.18 6.27 -37.69
C THR G 167 -26.37 6.18 -38.64
N ILE G 168 -26.51 5.03 -39.29
CA ILE G 168 -27.63 4.77 -40.19
C ILE G 168 -28.47 3.64 -39.60
N PRO G 169 -29.80 3.65 -39.72
CA PRO G 169 -30.56 2.45 -39.35
C PRO G 169 -30.63 1.48 -40.51
N THR G 170 -30.70 0.19 -40.19
CA THR G 170 -30.72 -0.84 -41.23
C THR G 170 -32.04 -0.78 -42.02
N PRO G 171 -32.02 -0.78 -43.36
CA PRO G 171 -33.29 -0.95 -44.09
C PRO G 171 -33.88 -2.33 -43.85
N TRP G 172 -35.13 -2.36 -43.40
CA TRP G 172 -35.71 -3.57 -42.84
C TRP G 172 -36.34 -4.45 -43.90
N ARG G 173 -36.21 -5.76 -43.69
CA ARG G 173 -36.91 -6.79 -44.46
C ARG G 173 -37.02 -8.01 -43.56
N TYR G 174 -38.02 -8.85 -43.84
CA TYR G 174 -38.22 -10.10 -43.12
C TYR G 174 -38.27 -11.27 -44.10
N TYR G 175 -37.86 -12.43 -43.61
CA TYR G 175 -37.57 -13.58 -44.45
C TYR G 175 -38.82 -14.44 -44.56
N PHE G 176 -39.26 -14.67 -45.80
CA PHE G 176 -40.59 -15.19 -46.11
C PHE G 176 -40.62 -16.72 -45.99
N GLN G 177 -41.79 -17.30 -46.26
CA GLN G 177 -41.92 -18.73 -46.47
C GLN G 177 -41.55 -19.06 -47.90
N TRP G 178 -40.88 -20.20 -48.10
CA TRP G 178 -40.61 -20.66 -49.46
C TRP G 178 -40.33 -22.15 -49.45
N ASP G 179 -40.38 -22.73 -50.65
CA ASP G 179 -40.20 -24.15 -50.90
C ASP G 179 -38.99 -24.34 -51.80
N ARG G 180 -38.07 -25.21 -51.38
CA ARG G 180 -36.87 -25.46 -52.17
C ARG G 180 -36.26 -26.80 -51.77
N THR G 181 -35.63 -27.45 -52.74
CA THR G 181 -34.96 -28.73 -52.54
C THR G 181 -33.58 -28.71 -53.17
N LEU G 182 -32.63 -29.41 -52.54
CA LEU G 182 -31.26 -29.47 -53.04
C LEU G 182 -30.66 -30.78 -52.55
N ILE G 183 -30.43 -31.71 -53.47
CA ILE G 183 -29.78 -32.98 -53.13
C ILE G 183 -28.28 -32.76 -53.03
N PRO G 184 -27.59 -33.22 -51.99
CA PRO G 184 -26.14 -32.97 -51.92
C PRO G 184 -25.36 -33.78 -52.95
N SER G 185 -24.20 -33.23 -53.31
CA SER G 185 -23.22 -33.91 -54.16
C SER G 185 -21.86 -33.35 -53.81
N HIS G 186 -20.80 -34.08 -54.17
CA HIS G 186 -19.43 -33.65 -53.95
C HIS G 186 -18.70 -33.53 -55.29
N THR G 187 -17.67 -32.69 -55.30
CA THR G 187 -16.86 -32.49 -56.49
C THR G 187 -16.26 -33.80 -56.96
N GLY G 188 -16.20 -33.97 -58.28
CA GLY G 188 -15.80 -35.21 -58.90
C GLY G 188 -16.94 -36.14 -59.24
N THR G 189 -18.14 -35.94 -58.67
CA THR G 189 -19.30 -36.71 -59.09
C THR G 189 -19.78 -36.23 -60.46
N SER G 190 -20.35 -37.16 -61.22
CA SER G 190 -20.90 -36.86 -62.53
C SER G 190 -22.30 -36.27 -62.41
N GLY G 191 -22.74 -35.61 -63.49
CA GLY G 191 -24.08 -35.07 -63.53
C GLY G 191 -24.27 -33.86 -62.64
N THR G 192 -25.54 -33.54 -62.40
CA THR G 192 -25.98 -32.41 -61.59
C THR G 192 -27.07 -32.90 -60.65
N PRO G 193 -27.08 -32.52 -59.37
CA PRO G 193 -28.17 -32.97 -58.50
C PRO G 193 -29.47 -32.23 -58.77
N THR G 194 -30.55 -32.75 -58.19
CA THR G 194 -31.84 -32.06 -58.22
C THR G 194 -31.74 -30.78 -57.40
N ASN G 195 -31.88 -29.63 -58.07
CA ASN G 195 -31.65 -28.31 -57.46
C ASN G 195 -32.73 -27.38 -58.00
N ILE G 196 -33.87 -27.32 -57.28
CA ILE G 196 -35.11 -26.73 -57.77
C ILE G 196 -35.77 -25.92 -56.67
N TYR G 197 -36.36 -24.78 -57.07
CA TYR G 197 -37.19 -23.94 -56.21
C TYR G 197 -38.65 -24.11 -56.63
N HIS G 198 -39.54 -24.31 -55.66
CA HIS G 198 -40.93 -24.69 -55.91
C HIS G 198 -41.95 -23.63 -55.55
N GLY G 199 -41.55 -22.48 -55.02
CA GLY G 199 -42.48 -21.42 -54.64
C GLY G 199 -42.79 -21.47 -53.14
N THR G 200 -44.08 -21.67 -52.81
CA THR G 200 -44.55 -21.49 -51.43
C THR G 200 -45.66 -22.48 -51.10
N ASP G 201 -45.78 -22.78 -49.81
CA ASP G 201 -46.97 -23.40 -49.23
C ASP G 201 -47.95 -22.28 -48.90
N PRO G 202 -49.05 -22.08 -49.64
CA PRO G 202 -49.88 -20.90 -49.39
C PRO G 202 -50.61 -20.93 -48.05
N ASP G 203 -50.78 -22.09 -47.43
CA ASP G 203 -51.41 -22.16 -46.12
C ASP G 203 -50.45 -21.84 -44.98
N ASP G 204 -49.13 -21.87 -45.23
CA ASP G 204 -48.13 -21.40 -44.27
C ASP G 204 -47.68 -19.96 -44.52
N VAL G 205 -47.97 -19.41 -45.70
CA VAL G 205 -47.59 -18.03 -46.02
C VAL G 205 -48.32 -17.07 -45.10
N GLN G 206 -47.60 -16.03 -44.66
CA GLN G 206 -48.17 -14.92 -43.90
C GLN G 206 -47.53 -13.62 -44.36
N PHE G 207 -48.35 -12.58 -44.50
CA PHE G 207 -47.90 -11.24 -44.87
C PHE G 207 -48.09 -10.30 -43.69
N TYR G 208 -47.03 -9.56 -43.35
CA TYR G 208 -47.03 -8.60 -42.25
C TYR G 208 -46.79 -7.21 -42.82
N THR G 209 -47.53 -6.23 -42.31
CA THR G 209 -47.32 -4.83 -42.66
C THR G 209 -47.38 -3.98 -41.39
N ILE G 210 -46.49 -2.99 -41.32
CA ILE G 210 -46.43 -2.10 -40.16
C ILE G 210 -47.76 -1.38 -39.99
N GLU G 211 -48.33 -0.91 -41.10
CA GLU G 211 -49.40 0.07 -41.03
C GLU G 211 -50.68 -0.48 -40.43
N ASN G 212 -50.86 -1.80 -40.40
CA ASN G 212 -51.99 -2.46 -39.77
C ASN G 212 -51.61 -3.25 -38.53
N SER G 213 -50.32 -3.31 -38.17
CA SER G 213 -49.85 -4.08 -37.03
C SER G 213 -49.49 -3.22 -35.82
N VAL G 214 -48.98 -2.02 -36.05
CA VAL G 214 -48.34 -1.20 -35.02
C VAL G 214 -48.91 0.22 -35.11
N PRO G 215 -49.12 0.94 -33.98
CA PRO G 215 -49.44 2.38 -34.10
C PRO G 215 -48.25 3.17 -34.63
N VAL G 216 -48.57 4.25 -35.34
CA VAL G 216 -47.58 5.13 -35.97
C VAL G 216 -47.69 6.51 -35.35
N HIS G 217 -46.55 7.10 -35.00
CA HIS G 217 -46.45 8.49 -34.59
C HIS G 217 -45.82 9.29 -35.72
N LEU G 218 -46.45 10.40 -36.10
CA LEU G 218 -45.95 11.27 -37.15
C LEU G 218 -45.18 12.41 -36.50
N LEU G 219 -43.94 12.10 -36.11
CA LEU G 219 -43.12 13.08 -35.44
C LEU G 219 -42.74 14.21 -36.36
N ARG G 220 -42.49 15.38 -35.77
CA ARG G 220 -42.11 16.58 -36.50
C ARG G 220 -41.00 17.27 -35.74
N THR G 221 -40.49 18.34 -36.34
CA THR G 221 -39.39 19.11 -35.78
C THR G 221 -39.93 19.85 -34.57
N GLY G 222 -39.97 19.14 -33.44
CA GLY G 222 -40.56 19.70 -32.26
C GLY G 222 -41.14 18.75 -31.24
N ASP G 223 -41.17 17.44 -31.50
CA ASP G 223 -41.75 16.52 -30.53
C ASP G 223 -40.94 15.23 -30.45
N GLU G 224 -41.07 14.57 -29.31
CA GLU G 224 -40.35 13.37 -28.95
C GLU G 224 -41.23 12.15 -29.14
N PHE G 225 -40.60 10.99 -29.08
CA PHE G 225 -41.28 9.73 -28.81
C PHE G 225 -40.41 8.97 -27.83
N ALA G 226 -41.02 8.43 -26.79
CA ALA G 226 -40.32 7.76 -25.70
C ALA G 226 -40.86 6.37 -25.53
N THR G 227 -40.03 5.37 -25.80
CA THR G 227 -40.36 4.00 -25.45
C THR G 227 -40.48 3.89 -23.95
N GLY G 228 -41.55 3.26 -23.49
CA GLY G 228 -41.73 3.10 -22.06
C GLY G 228 -40.63 2.27 -21.46
N THR G 229 -40.41 2.46 -20.16
CA THR G 229 -39.39 1.69 -19.46
C THR G 229 -39.75 0.21 -19.45
N PHE G 230 -39.08 -0.57 -20.28
CA PHE G 230 -39.27 -2.01 -20.30
C PHE G 230 -38.52 -2.65 -19.14
N PHE G 231 -38.87 -3.88 -18.83
CA PHE G 231 -38.20 -4.66 -17.79
C PHE G 231 -38.00 -6.08 -18.26
N PHE G 232 -37.03 -6.76 -17.67
CA PHE G 232 -36.57 -8.06 -18.10
C PHE G 232 -36.76 -9.10 -17.00
N ASP G 233 -36.81 -10.35 -17.43
CA ASP G 233 -36.96 -11.51 -16.57
C ASP G 233 -35.75 -12.42 -16.63
N CYS G 234 -34.61 -11.91 -17.09
CA CYS G 234 -33.47 -12.74 -17.42
C CYS G 234 -32.73 -13.21 -16.18
N LYS G 235 -32.20 -14.42 -16.27
CA LYS G 235 -31.45 -15.07 -15.22
C LYS G 235 -30.06 -14.47 -15.11
N PRO G 236 -29.32 -14.78 -14.05
CA PRO G 236 -27.95 -14.28 -13.95
C PRO G 236 -27.06 -14.83 -15.05
N CYS G 237 -26.52 -13.94 -15.86
CA CYS G 237 -25.25 -14.25 -16.51
C CYS G 237 -24.18 -14.29 -15.44
N ARG G 238 -23.11 -15.03 -15.71
CA ARG G 238 -22.05 -15.25 -14.75
C ARG G 238 -20.73 -15.18 -15.50
N LEU G 239 -19.98 -14.11 -15.29
CA LEU G 239 -18.82 -13.83 -16.12
C LEU G 239 -17.58 -14.58 -15.66
N THR G 240 -17.67 -15.89 -15.48
CA THR G 240 -16.55 -16.72 -15.05
C THR G 240 -16.58 -17.99 -15.89
N HIS G 241 -15.52 -18.80 -15.79
CA HIS G 241 -15.41 -20.00 -16.61
C HIS G 241 -14.81 -21.14 -15.80
N THR G 242 -15.15 -22.36 -16.22
CA THR G 242 -14.77 -23.61 -15.57
C THR G 242 -13.80 -24.38 -16.46
N TRP G 243 -12.70 -24.86 -15.87
CA TRP G 243 -11.72 -25.66 -16.58
C TRP G 243 -11.90 -27.18 -16.42
N GLN G 244 -12.62 -27.61 -15.38
CA GLN G 244 -12.63 -29.01 -14.97
C GLN G 244 -13.35 -29.88 -16.01
N THR G 245 -12.59 -30.79 -16.62
CA THR G 245 -13.16 -31.85 -17.44
C THR G 245 -13.70 -32.96 -16.53
N ASN G 246 -14.23 -34.02 -17.14
CA ASN G 246 -14.66 -35.18 -16.38
C ASN G 246 -13.51 -35.81 -15.59
N ARG G 247 -12.29 -35.72 -16.11
CA ARG G 247 -11.14 -36.24 -15.38
C ARG G 247 -10.90 -35.53 -14.05
N ALA G 248 -11.37 -34.29 -13.92
CA ALA G 248 -11.10 -33.45 -12.77
C ALA G 248 -12.27 -33.37 -11.79
N LEU G 249 -13.21 -34.31 -11.84
CA LEU G 249 -14.35 -34.35 -10.94
C LEU G 249 -14.14 -35.40 -9.85
N GLY G 250 -14.49 -35.05 -8.62
CA GLY G 250 -14.43 -35.96 -7.50
C GLY G 250 -13.11 -35.91 -6.76
N LEU G 251 -12.97 -36.82 -5.81
CA LEU G 251 -11.75 -36.88 -5.01
C LEU G 251 -10.62 -37.51 -5.83
N PRO G 252 -9.44 -36.89 -5.93
CA PRO G 252 -8.32 -37.58 -6.61
C PRO G 252 -7.80 -38.73 -5.78
N PRO G 253 -6.95 -39.59 -6.36
CA PRO G 253 -6.34 -40.65 -5.56
C PRO G 253 -5.27 -40.11 -4.62
N PHE G 254 -5.00 -40.88 -3.57
CA PHE G 254 -3.85 -40.64 -2.73
C PHE G 254 -2.62 -41.32 -3.35
N LEU G 255 -1.43 -40.89 -2.92
CA LEU G 255 -0.16 -41.32 -3.49
C LEU G 255 0.65 -42.06 -2.43
N ASN G 256 1.46 -43.01 -2.88
CA ASN G 256 2.38 -43.74 -2.02
C ASN G 256 3.79 -43.17 -2.05
N SER G 257 4.15 -42.46 -3.12
CA SER G 257 5.42 -41.76 -3.23
C SER G 257 5.15 -40.36 -3.71
N LEU G 258 5.98 -39.41 -3.28
CA LEU G 258 5.87 -38.00 -3.60
C LEU G 258 7.18 -37.48 -4.18
N PRO G 259 7.16 -36.47 -5.06
CA PRO G 259 8.43 -36.00 -5.65
C PRO G 259 9.28 -35.30 -4.62
N GLN G 260 10.56 -35.68 -4.55
CA GLN G 260 11.54 -35.08 -3.66
C GLN G 260 12.53 -34.18 -4.41
N SER G 261 12.11 -33.63 -5.56
CA SER G 261 12.94 -32.68 -6.31
C SER G 261 12.00 -31.73 -7.04
N GLU G 262 12.49 -30.51 -7.26
CA GLU G 262 11.65 -29.43 -7.79
C GLU G 262 11.47 -29.46 -9.29
N GLY G 263 12.23 -30.28 -10.03
CA GLY G 263 12.15 -30.26 -11.48
C GLY G 263 10.84 -30.81 -12.00
N ALA G 264 10.49 -30.40 -13.22
CA ALA G 264 9.30 -30.93 -13.88
C ALA G 264 9.41 -32.42 -14.21
N THR G 265 10.62 -32.97 -14.25
CA THR G 265 10.82 -34.39 -14.53
C THR G 265 10.51 -35.31 -13.36
N ASN G 266 10.20 -34.77 -12.18
CA ASN G 266 9.90 -35.55 -10.99
C ASN G 266 8.39 -35.59 -10.76
N PHE G 267 7.88 -36.76 -10.36
CA PHE G 267 6.45 -37.03 -10.30
C PHE G 267 6.10 -37.80 -9.04
N GLY G 268 4.82 -37.70 -8.66
CA GLY G 268 4.27 -38.57 -7.63
C GLY G 268 3.70 -39.84 -8.24
N ASP G 269 3.52 -40.86 -7.40
CA ASP G 269 3.17 -42.21 -7.86
C ASP G 269 2.08 -42.81 -7.00
N ILE G 270 1.08 -43.40 -7.65
CA ILE G 270 0.12 -44.28 -6.98
C ILE G 270 0.81 -45.63 -6.87
N GLY G 271 0.92 -46.16 -5.65
CA GLY G 271 1.66 -47.39 -5.44
C GLY G 271 0.93 -48.68 -5.79
N VAL G 272 -0.38 -48.62 -6.00
CA VAL G 272 -1.23 -49.80 -6.18
C VAL G 272 -1.54 -49.98 -7.66
N GLN G 273 -1.35 -51.19 -8.17
CA GLN G 273 -1.64 -51.49 -9.56
C GLN G 273 -3.13 -51.31 -9.84
N GLN G 274 -3.44 -50.99 -11.11
CA GLN G 274 -4.74 -50.41 -11.46
C GLN G 274 -5.90 -51.37 -11.19
N ASP G 275 -5.69 -52.67 -11.29
CA ASP G 275 -6.73 -53.63 -10.92
C ASP G 275 -6.83 -53.84 -9.41
N LYS G 276 -5.77 -53.57 -8.66
CA LYS G 276 -5.78 -53.70 -7.22
C LYS G 276 -6.30 -52.45 -6.49
N ARG G 277 -6.53 -51.35 -7.21
CA ARG G 277 -6.99 -50.12 -6.57
C ARG G 277 -8.44 -50.23 -6.11
N ARG G 278 -8.79 -49.39 -5.14
CA ARG G 278 -10.16 -49.21 -4.70
C ARG G 278 -10.83 -48.10 -5.51
N GLY G 279 -12.16 -48.19 -5.63
CA GLY G 279 -12.98 -47.20 -6.30
C GLY G 279 -14.10 -47.83 -7.10
N VAL G 280 -14.72 -47.01 -7.94
CA VAL G 280 -15.94 -47.37 -8.68
C VAL G 280 -15.67 -47.27 -10.17
N THR G 281 -16.00 -48.33 -10.91
CA THR G 281 -15.93 -48.34 -12.36
C THR G 281 -17.26 -47.93 -12.96
N GLN G 282 -17.24 -47.62 -14.25
CA GLN G 282 -18.46 -47.30 -14.99
C GLN G 282 -19.18 -48.53 -15.52
N MET G 283 -18.48 -49.65 -15.69
CA MET G 283 -19.12 -50.90 -16.11
C MET G 283 -18.34 -52.07 -15.52
N GLY G 284 -19.01 -53.21 -15.42
CA GLY G 284 -18.57 -54.29 -14.56
C GLY G 284 -17.51 -55.26 -15.05
N ASN G 285 -17.47 -55.56 -16.35
CA ASN G 285 -16.60 -56.65 -16.81
C ASN G 285 -15.11 -56.27 -16.86
N THR G 286 -14.76 -55.02 -16.60
CA THR G 286 -13.39 -54.52 -16.74
C THR G 286 -12.76 -54.39 -15.36
N ASN G 287 -11.52 -54.85 -15.23
CA ASN G 287 -10.87 -55.00 -13.92
C ASN G 287 -10.23 -53.72 -13.39
N TYR G 288 -9.90 -52.78 -14.27
CA TYR G 288 -8.94 -51.73 -13.97
C TYR G 288 -9.63 -50.41 -13.68
N ILE G 289 -9.24 -49.77 -12.58
CA ILE G 289 -9.67 -48.42 -12.23
C ILE G 289 -8.53 -47.47 -12.61
N THR G 290 -8.81 -46.54 -13.52
CA THR G 290 -7.89 -45.50 -13.92
C THR G 290 -8.67 -44.19 -13.94
N GLU G 291 -7.94 -43.08 -13.98
CA GLU G 291 -8.60 -41.78 -14.08
C GLU G 291 -9.42 -41.64 -15.37
N ALA G 292 -9.07 -42.39 -16.41
CA ALA G 292 -9.88 -42.41 -17.62
C ALA G 292 -11.15 -43.25 -17.45
N THR G 293 -11.06 -44.33 -16.66
CA THR G 293 -12.13 -45.31 -16.54
C THR G 293 -13.01 -45.12 -15.32
N ILE G 294 -12.56 -44.38 -14.32
CA ILE G 294 -13.28 -44.30 -13.06
C ILE G 294 -14.61 -43.58 -13.26
N MET G 295 -15.59 -43.91 -12.40
CA MET G 295 -16.89 -43.25 -12.43
C MET G 295 -16.74 -41.79 -12.07
N ARG G 296 -17.57 -40.95 -12.69
CA ARG G 296 -17.66 -39.51 -12.42
C ARG G 296 -19.14 -39.15 -12.27
N PRO G 297 -19.47 -38.04 -11.56
CA PRO G 297 -20.89 -37.75 -11.33
C PRO G 297 -21.72 -37.51 -12.58
N ALA G 298 -21.18 -36.84 -13.59
CA ALA G 298 -21.94 -36.44 -14.78
C ALA G 298 -20.99 -36.40 -15.97
N GLU G 299 -21.45 -35.79 -17.07
CA GLU G 299 -20.73 -35.77 -18.35
C GLU G 299 -20.63 -34.33 -18.84
N VAL G 300 -19.50 -33.68 -18.58
CA VAL G 300 -19.34 -32.29 -18.99
C VAL G 300 -19.17 -32.23 -20.50
N GLY G 301 -20.05 -31.49 -21.17
CA GLY G 301 -19.96 -31.32 -22.61
C GLY G 301 -20.33 -32.56 -23.39
N TYR G 302 -20.41 -32.45 -24.72
CA TYR G 302 -20.73 -33.59 -25.56
C TYR G 302 -20.26 -33.34 -26.97
N SER G 303 -19.92 -34.43 -27.67
CA SER G 303 -19.63 -34.35 -29.09
C SER G 303 -20.92 -34.20 -29.89
N ALA G 304 -20.80 -33.60 -31.06
CA ALA G 304 -21.89 -33.42 -32.01
C ALA G 304 -21.28 -33.50 -33.40
N PRO G 305 -22.08 -33.82 -34.43
CA PRO G 305 -21.49 -33.95 -35.76
C PRO G 305 -20.96 -32.61 -36.27
N TYR G 306 -19.83 -32.66 -36.96
CA TYR G 306 -19.15 -31.49 -37.49
C TYR G 306 -18.76 -31.75 -38.93
N TYR G 307 -18.48 -30.67 -39.68
CA TYR G 307 -18.59 -30.68 -41.15
C TYR G 307 -19.97 -31.20 -41.52
N SER G 308 -20.99 -30.64 -40.88
CA SER G 308 -22.32 -31.24 -40.81
C SER G 308 -23.41 -30.25 -41.21
N PHE G 309 -24.35 -30.72 -42.02
CA PHE G 309 -25.50 -29.96 -42.49
C PHE G 309 -26.71 -30.88 -42.47
N GLU G 310 -27.91 -30.27 -42.45
CA GLU G 310 -29.17 -30.99 -42.46
C GLU G 310 -30.16 -30.33 -43.41
N ALA G 311 -31.07 -31.14 -43.93
CA ALA G 311 -32.03 -30.68 -44.95
C ALA G 311 -33.19 -29.93 -44.33
N SER G 312 -33.85 -29.12 -45.15
CA SER G 312 -35.05 -28.40 -44.74
C SER G 312 -35.84 -28.04 -46.00
N THR G 313 -37.12 -27.72 -45.80
CA THR G 313 -37.94 -27.28 -46.92
C THR G 313 -37.46 -25.97 -47.52
N GLN G 314 -36.75 -25.15 -46.75
CA GLN G 314 -36.14 -23.92 -47.24
C GLN G 314 -34.77 -24.14 -47.88
N GLY G 315 -34.24 -25.36 -47.84
CA GLY G 315 -32.89 -25.66 -48.28
C GLY G 315 -32.01 -25.98 -47.08
N PRO G 316 -30.90 -26.69 -47.29
CA PRO G 316 -30.14 -27.20 -46.15
C PRO G 316 -29.48 -26.09 -45.33
N PHE G 317 -29.16 -26.43 -44.09
CA PHE G 317 -28.60 -25.50 -43.11
C PHE G 317 -27.52 -26.21 -42.30
N LYS G 318 -26.56 -25.43 -41.81
CA LYS G 318 -25.48 -25.97 -41.00
C LYS G 318 -25.97 -26.32 -39.60
N THR G 319 -25.59 -27.48 -39.12
CA THR G 319 -26.05 -27.94 -37.81
C THR G 319 -25.31 -27.16 -36.71
N PRO G 320 -26.00 -26.62 -35.71
CA PRO G 320 -25.28 -25.94 -34.62
C PRO G 320 -24.56 -26.93 -33.71
N ILE G 321 -23.42 -26.51 -33.19
CA ILE G 321 -22.66 -27.29 -32.22
C ILE G 321 -23.14 -26.87 -30.83
N PRO G 340 -17.31 -19.35 -32.40
CA PRO G 340 -18.04 -18.45 -33.28
C PRO G 340 -17.10 -17.48 -33.93
N ARG G 341 -17.49 -16.92 -35.07
CA ARG G 341 -16.76 -15.86 -35.74
C ARG G 341 -17.72 -14.74 -36.04
N TYR G 342 -17.21 -13.53 -36.02
CA TYR G 342 -17.97 -12.34 -36.39
C TYR G 342 -17.21 -11.61 -37.47
N ALA G 343 -17.96 -10.86 -38.28
CA ALA G 343 -17.42 -9.99 -39.31
C ALA G 343 -18.17 -8.68 -39.23
N PHE G 344 -17.44 -7.58 -39.34
CA PHE G 344 -18.05 -6.27 -39.17
C PHE G 344 -17.34 -5.24 -40.03
N GLY G 345 -17.98 -4.08 -40.16
CA GLY G 345 -17.46 -2.97 -40.93
C GLY G 345 -17.05 -1.80 -40.05
N ARG G 346 -16.86 -0.66 -40.70
CA ARG G 346 -16.25 0.48 -40.04
C ARG G 346 -17.17 1.22 -39.09
N GLN G 347 -18.47 1.01 -39.17
CA GLN G 347 -19.35 1.52 -38.12
C GLN G 347 -19.20 0.73 -36.84
N HIS G 348 -18.58 -0.44 -36.87
CA HIS G 348 -18.72 -1.43 -35.82
C HIS G 348 -17.41 -1.95 -35.25
N GLY G 349 -16.27 -1.41 -35.67
CA GLY G 349 -15.03 -1.70 -35.00
C GLY G 349 -13.79 -1.71 -35.87
N GLN G 350 -13.98 -1.85 -37.17
CA GLN G 350 -12.85 -1.72 -38.08
C GLN G 350 -12.33 -0.31 -38.02
N LYS G 351 -11.06 -0.13 -38.36
CA LYS G 351 -10.44 1.18 -38.47
C LYS G 351 -11.30 2.06 -39.35
N THR G 352 -11.78 3.17 -38.81
CA THR G 352 -12.74 3.98 -39.56
C THR G 352 -12.13 4.58 -40.81
N THR G 353 -10.80 4.69 -40.88
CA THR G 353 -10.13 5.37 -41.97
C THR G 353 -9.56 4.46 -43.02
N THR G 354 -9.63 3.14 -42.87
CA THR G 354 -9.17 2.30 -43.95
C THR G 354 -10.13 2.40 -45.11
N THR G 355 -9.60 2.29 -46.32
CA THR G 355 -10.43 2.08 -47.48
C THR G 355 -10.86 0.62 -47.53
N GLY G 356 -11.61 0.27 -48.56
CA GLY G 356 -11.73 -1.10 -48.97
C GLY G 356 -13.04 -1.73 -48.54
N GLU G 357 -13.38 -2.82 -49.24
CA GLU G 357 -14.61 -3.57 -49.02
C GLU G 357 -14.43 -4.80 -48.15
N THR G 358 -13.21 -5.16 -47.79
CA THR G 358 -13.00 -6.37 -47.03
C THR G 358 -13.39 -6.15 -45.57
N PRO G 359 -14.27 -6.93 -44.98
CA PRO G 359 -14.56 -6.74 -43.56
C PRO G 359 -13.44 -7.27 -42.69
N GLU G 360 -13.36 -6.74 -41.47
CA GLU G 360 -12.51 -7.32 -40.45
C GLU G 360 -13.22 -8.49 -39.81
N ARG G 361 -12.46 -9.54 -39.51
CA ARG G 361 -12.98 -10.80 -39.00
C ARG G 361 -12.26 -11.19 -37.73
N PHE G 362 -12.94 -11.92 -36.87
CA PHE G 362 -12.29 -12.52 -35.73
C PHE G 362 -13.15 -13.64 -35.20
N THR G 363 -12.56 -14.47 -34.34
CA THR G 363 -13.25 -15.58 -33.70
C THR G 363 -12.98 -15.54 -32.21
N TYR G 364 -14.01 -15.83 -31.44
CA TYR G 364 -13.98 -15.69 -30.00
C TYR G 364 -13.49 -17.00 -29.41
N ILE G 365 -12.23 -17.03 -29.03
CA ILE G 365 -11.70 -18.20 -28.35
C ILE G 365 -12.13 -18.03 -26.91
N ALA G 366 -13.34 -18.49 -26.60
CA ALA G 366 -13.92 -18.25 -25.29
C ALA G 366 -13.17 -19.02 -24.23
N HIS G 367 -12.99 -18.41 -23.07
CA HIS G 367 -12.44 -19.12 -21.93
C HIS G 367 -13.44 -20.16 -21.45
N GLN G 368 -12.98 -21.40 -21.31
CA GLN G 368 -13.87 -22.50 -20.95
C GLN G 368 -13.05 -23.67 -20.38
N ARG G 372 -14.71 -29.65 -27.51
CA ARG G 372 -14.25 -31.08 -27.53
C ARG G 372 -12.99 -31.23 -28.38
N TYR G 373 -12.37 -32.39 -28.25
CA TYR G 373 -11.10 -32.71 -28.90
C TYR G 373 -11.31 -34.01 -29.68
N PRO G 374 -11.88 -33.93 -30.90
CA PRO G 374 -12.20 -35.18 -31.63
C PRO G 374 -11.00 -36.08 -31.93
N GLU G 375 -9.79 -35.52 -32.01
CA GLU G 375 -8.62 -36.33 -32.31
C GLU G 375 -8.25 -37.29 -31.20
N GLY G 376 -8.79 -37.13 -29.98
CA GLY G 376 -8.29 -37.79 -28.79
C GLY G 376 -9.14 -38.86 -28.15
N ASP G 377 -10.16 -39.38 -28.82
CA ASP G 377 -11.10 -40.32 -28.20
C ASP G 377 -11.47 -41.43 -29.19
N TRP G 378 -11.97 -42.54 -28.63
CA TRP G 378 -12.18 -43.77 -29.37
C TRP G 378 -13.37 -44.54 -28.82
N ILE G 379 -13.85 -45.50 -29.62
CA ILE G 379 -14.91 -46.44 -29.27
C ILE G 379 -14.35 -47.84 -29.48
N GLN G 380 -14.57 -48.73 -28.50
CA GLN G 380 -13.99 -50.08 -28.55
C GLN G 380 -15.01 -51.13 -28.14
N ASN G 381 -14.65 -52.38 -28.45
CA ASN G 381 -15.53 -53.52 -28.25
C ASN G 381 -15.75 -53.81 -26.77
N ILE G 382 -16.95 -54.28 -26.43
CA ILE G 382 -17.35 -54.48 -25.05
C ILE G 382 -16.46 -55.48 -24.32
N ASN G 383 -15.89 -56.45 -25.03
CA ASN G 383 -15.13 -57.50 -24.35
C ASN G 383 -13.84 -56.98 -23.72
N PHE G 384 -13.34 -55.83 -24.17
CA PHE G 384 -12.21 -55.15 -23.56
C PHE G 384 -10.94 -56.03 -23.54
N ASN G 385 -10.40 -56.23 -24.74
CA ASN G 385 -9.03 -56.70 -24.87
C ASN G 385 -8.10 -55.51 -24.65
N LEU G 386 -7.38 -55.51 -23.52
CA LEU G 386 -6.67 -54.30 -23.09
C LEU G 386 -5.57 -53.87 -24.06
N PRO G 387 -4.62 -54.73 -24.48
CA PRO G 387 -3.88 -54.40 -25.73
C PRO G 387 -4.78 -54.70 -26.92
N VAL G 388 -5.57 -53.70 -27.29
CA VAL G 388 -6.71 -53.91 -28.19
C VAL G 388 -6.25 -54.26 -29.60
N THR G 389 -6.94 -55.23 -30.20
CA THR G 389 -6.73 -55.63 -31.58
C THR G 389 -7.48 -54.68 -32.52
N ASN G 390 -6.96 -54.54 -33.74
CA ASN G 390 -7.43 -53.60 -34.76
C ASN G 390 -8.95 -53.59 -34.95
N ASP G 391 -9.56 -54.76 -35.15
CA ASP G 391 -10.98 -54.81 -35.43
C ASP G 391 -11.85 -54.43 -34.22
N ASN G 392 -11.29 -54.41 -33.01
CA ASN G 392 -12.04 -54.17 -31.79
C ASN G 392 -11.99 -52.73 -31.30
N VAL G 393 -11.50 -51.79 -32.11
CA VAL G 393 -11.53 -50.37 -31.76
C VAL G 393 -11.76 -49.54 -33.01
N LEU G 394 -12.58 -48.50 -32.87
CA LEU G 394 -12.85 -47.51 -33.90
C LEU G 394 -12.22 -46.20 -33.45
N LEU G 395 -11.45 -45.59 -34.33
CA LEU G 395 -10.56 -44.49 -34.03
C LEU G 395 -10.89 -43.29 -34.90
N PRO G 396 -10.45 -42.08 -34.52
CA PRO G 396 -10.62 -40.93 -35.43
C PRO G 396 -9.84 -41.06 -36.73
N THR G 397 -8.84 -41.93 -36.80
CA THR G 397 -8.09 -42.11 -38.04
C THR G 397 -8.88 -42.83 -39.13
N ASP G 398 -10.01 -43.44 -38.79
CA ASP G 398 -10.56 -44.51 -39.62
C ASP G 398 -11.58 -43.98 -40.62
N PRO G 399 -11.59 -44.43 -41.89
CA PRO G 399 -12.55 -43.88 -42.86
C PRO G 399 -13.97 -44.32 -42.60
N ILE G 400 -14.91 -43.51 -43.07
CA ILE G 400 -16.34 -43.78 -43.05
C ILE G 400 -16.79 -43.94 -44.49
N GLY G 401 -17.49 -45.02 -44.79
CA GLY G 401 -17.93 -45.29 -46.15
C GLY G 401 -16.82 -45.39 -47.16
N GLY G 402 -15.61 -45.75 -46.72
CA GLY G 402 -14.43 -45.72 -47.56
C GLY G 402 -13.82 -44.36 -47.78
N LYS G 403 -14.48 -43.29 -47.33
CA LYS G 403 -13.93 -41.94 -47.50
C LYS G 403 -12.93 -41.66 -46.39
N THR G 404 -11.70 -41.33 -46.78
CA THR G 404 -10.68 -40.94 -45.81
C THR G 404 -10.94 -39.55 -45.25
N GLY G 405 -11.63 -38.69 -45.99
CA GLY G 405 -11.92 -37.33 -45.53
C GLY G 405 -12.94 -37.24 -44.42
N ILE G 406 -13.55 -38.34 -44.01
CA ILE G 406 -14.55 -38.39 -42.95
C ILE G 406 -14.17 -39.51 -42.00
N ASN G 407 -14.34 -39.28 -40.71
CA ASN G 407 -14.14 -40.29 -39.68
C ASN G 407 -15.34 -40.26 -38.73
N TYR G 408 -15.33 -41.20 -37.78
CA TYR G 408 -16.54 -41.45 -36.98
C TYR G 408 -16.94 -40.24 -36.14
N THR G 409 -15.97 -39.43 -35.72
CA THR G 409 -16.30 -38.28 -34.89
C THR G 409 -17.07 -37.22 -35.67
N ASN G 410 -16.96 -37.21 -37.00
CA ASN G 410 -17.77 -36.30 -37.80
C ASN G 410 -19.25 -36.59 -37.69
N ILE G 411 -19.62 -37.85 -37.37
CA ILE G 411 -21.01 -38.28 -37.33
C ILE G 411 -21.48 -38.63 -35.92
N PHE G 412 -20.57 -38.76 -34.95
CA PHE G 412 -20.91 -39.28 -33.64
C PHE G 412 -21.60 -38.21 -32.80
N ASN G 413 -22.38 -38.65 -31.80
CA ASN G 413 -23.15 -37.76 -30.95
C ASN G 413 -23.31 -38.42 -29.59
N THR G 414 -22.88 -37.72 -28.54
CA THR G 414 -22.95 -38.22 -27.17
C THR G 414 -23.94 -37.46 -26.31
N TYR G 415 -24.87 -36.72 -26.91
CA TYR G 415 -25.83 -35.98 -26.12
C TYR G 415 -26.74 -36.93 -25.37
N GLY G 416 -26.98 -36.62 -24.08
CA GLY G 416 -27.69 -37.54 -23.21
C GLY G 416 -28.15 -36.88 -21.92
N PRO G 417 -28.93 -37.62 -21.13
CA PRO G 417 -29.49 -37.01 -19.91
C PRO G 417 -28.46 -36.71 -18.85
N LEU G 418 -27.30 -37.35 -18.89
CA LEU G 418 -26.22 -37.04 -17.95
C LEU G 418 -25.41 -35.81 -18.33
N THR G 419 -25.66 -35.22 -19.50
CA THR G 419 -24.76 -34.17 -19.98
C THR G 419 -24.93 -32.88 -19.19
N ALA G 420 -23.79 -32.26 -18.87
CA ALA G 420 -23.75 -31.02 -18.10
C ALA G 420 -23.10 -29.91 -18.93
N PRO G 425 -21.29 -17.34 -24.62
CA PRO G 425 -20.57 -16.26 -23.95
C PRO G 425 -20.95 -14.88 -24.48
N PRO G 426 -20.74 -13.80 -23.71
CA PRO G 426 -20.90 -12.47 -24.27
C PRO G 426 -19.76 -12.17 -25.21
N VAL G 427 -19.99 -11.25 -26.12
CA VAL G 427 -18.96 -10.84 -27.07
C VAL G 427 -18.98 -9.33 -27.23
N TYR G 428 -18.09 -8.64 -26.53
CA TYR G 428 -17.94 -7.22 -26.79
C TYR G 428 -17.10 -7.03 -28.04
N PRO G 429 -17.36 -6.07 -28.91
CA PRO G 429 -18.49 -5.16 -29.02
C PRO G 429 -19.60 -5.67 -29.89
N ASN G 430 -19.41 -6.70 -30.67
CA ASN G 430 -20.33 -6.98 -31.77
C ASN G 430 -21.53 -7.86 -31.39
N GLY G 431 -21.56 -8.45 -30.21
CA GLY G 431 -22.52 -9.51 -29.94
C GLY G 431 -23.87 -9.01 -29.42
N GLN G 432 -24.88 -9.85 -29.62
CA GLN G 432 -26.23 -9.55 -29.15
C GLN G 432 -26.32 -9.58 -27.63
N ILE G 433 -26.92 -8.56 -27.04
CA ILE G 433 -27.14 -8.57 -25.61
C ILE G 433 -28.28 -9.54 -25.26
N TRP G 434 -29.41 -9.45 -25.99
CA TRP G 434 -30.63 -10.19 -25.63
C TRP G 434 -31.37 -10.64 -26.89
N ASP G 435 -32.23 -11.65 -26.71
CA ASP G 435 -33.04 -12.23 -27.78
C ASP G 435 -34.36 -12.72 -27.17
N LYS G 436 -35.31 -13.10 -28.02
CA LYS G 436 -36.61 -13.61 -27.60
C LYS G 436 -36.64 -15.14 -27.65
N GLU G 437 -37.33 -15.74 -26.68
CA GLU G 437 -37.59 -17.17 -26.73
C GLU G 437 -38.50 -17.52 -27.90
N PHE G 438 -38.44 -18.77 -28.32
CA PHE G 438 -39.27 -19.26 -29.42
C PHE G 438 -40.71 -19.46 -28.96
N ASP G 439 -41.62 -19.46 -29.93
CA ASP G 439 -43.03 -19.75 -29.72
C ASP G 439 -43.31 -21.25 -29.53
N THR G 440 -42.34 -22.12 -29.82
CA THR G 440 -42.57 -23.56 -29.77
C THR G 440 -42.81 -24.02 -28.34
N ASP G 441 -43.54 -25.13 -28.21
CA ASP G 441 -43.69 -25.77 -26.90
C ASP G 441 -42.38 -26.42 -26.45
N LEU G 442 -41.73 -27.14 -27.36
CA LEU G 442 -40.47 -27.82 -27.09
C LEU G 442 -39.32 -26.82 -27.29
N LYS G 443 -39.23 -25.87 -26.37
CA LYS G 443 -38.24 -24.81 -26.50
C LYS G 443 -36.83 -25.37 -26.33
N PRO G 444 -35.82 -24.80 -26.99
CA PRO G 444 -34.45 -25.30 -26.78
C PRO G 444 -33.93 -24.91 -25.40
N ARG G 445 -32.92 -25.65 -24.97
CA ARG G 445 -32.35 -25.41 -23.65
C ARG G 445 -31.50 -24.14 -23.59
N LEU G 446 -30.96 -23.69 -24.72
CA LEU G 446 -30.16 -22.48 -24.75
C LEU G 446 -30.15 -21.93 -26.17
N HIS G 447 -29.71 -20.69 -26.30
CA HIS G 447 -29.55 -20.01 -27.59
C HIS G 447 -28.10 -19.59 -27.76
N VAL G 448 -27.64 -19.60 -29.01
CA VAL G 448 -26.22 -19.40 -29.30
C VAL G 448 -25.80 -17.94 -29.35
N ASN G 449 -26.73 -17.01 -29.57
CA ASN G 449 -26.35 -15.68 -30.06
C ASN G 449 -26.19 -14.62 -28.96
N ALA G 450 -26.64 -14.87 -27.73
CA ALA G 450 -26.63 -13.85 -26.69
C ALA G 450 -26.48 -14.50 -25.32
N PRO G 451 -26.04 -13.77 -24.29
CA PRO G 451 -26.05 -14.33 -22.94
C PRO G 451 -27.42 -14.29 -22.27
N PHE G 452 -28.31 -13.38 -22.68
CA PHE G 452 -29.63 -13.22 -22.10
C PHE G 452 -30.68 -13.53 -23.15
N VAL G 453 -31.83 -14.05 -22.70
CA VAL G 453 -32.99 -14.27 -23.56
C VAL G 453 -34.23 -13.91 -22.74
N CYS G 454 -35.08 -13.02 -23.29
CA CYS G 454 -36.32 -12.68 -22.62
C CYS G 454 -37.29 -13.85 -22.72
N GLN G 455 -37.85 -14.26 -21.59
CA GLN G 455 -38.73 -15.43 -21.58
C GLN G 455 -40.14 -15.06 -22.00
N ASN G 456 -40.72 -14.01 -21.44
CA ASN G 456 -42.08 -13.58 -21.80
C ASN G 456 -42.05 -12.75 -23.08
N ASN G 457 -41.41 -11.58 -23.02
CA ASN G 457 -41.34 -10.66 -24.15
C ASN G 457 -40.10 -9.80 -24.01
N CYS G 458 -39.65 -9.24 -25.13
CA CYS G 458 -38.49 -8.36 -25.22
C CYS G 458 -38.93 -6.92 -25.47
N PRO G 459 -38.02 -5.94 -25.34
CA PRO G 459 -38.36 -4.56 -25.75
C PRO G 459 -38.75 -4.46 -27.22
N GLY G 460 -39.64 -3.51 -27.51
CA GLY G 460 -40.25 -3.44 -28.83
C GLY G 460 -39.27 -3.04 -29.92
N GLN G 461 -39.54 -3.53 -31.13
CA GLN G 461 -38.74 -3.18 -32.31
C GLN G 461 -39.15 -1.81 -32.81
N LEU G 462 -38.18 -0.90 -32.92
CA LEU G 462 -38.43 0.50 -33.27
C LEU G 462 -38.16 0.72 -34.75
N PHE G 463 -39.19 1.12 -35.49
CA PHE G 463 -39.14 1.35 -36.92
C PHE G 463 -39.34 2.82 -37.23
N VAL G 464 -38.68 3.31 -38.28
CA VAL G 464 -38.76 4.71 -38.70
C VAL G 464 -38.91 4.78 -40.22
N LYS G 465 -39.60 5.83 -40.67
CA LYS G 465 -39.88 6.05 -42.08
C LYS G 465 -40.11 7.54 -42.28
N VAL G 466 -39.83 8.01 -43.49
CA VAL G 466 -40.05 9.40 -43.88
C VAL G 466 -41.36 9.49 -44.65
N ALA G 467 -42.22 10.41 -44.25
CA ALA G 467 -43.49 10.61 -44.96
C ALA G 467 -43.19 11.16 -46.36
N PRO G 468 -43.87 10.69 -47.42
CA PRO G 468 -43.56 11.19 -48.77
C PRO G 468 -43.83 12.68 -48.95
N ASN G 469 -42.83 13.38 -49.49
CA ASN G 469 -43.01 14.74 -50.02
C ASN G 469 -43.47 14.61 -51.47
N LEU G 470 -44.77 14.37 -51.65
CA LEU G 470 -45.32 14.20 -52.98
C LEU G 470 -45.24 15.50 -53.78
N THR G 471 -44.82 15.38 -55.04
CA THR G 471 -44.82 16.53 -55.94
C THR G 471 -46.25 16.85 -56.37
N ASN G 472 -46.46 18.08 -56.84
CA ASN G 472 -47.77 18.48 -57.34
C ASN G 472 -48.18 17.72 -58.57
N GLU G 473 -47.23 17.20 -59.36
CA GLU G 473 -47.56 16.51 -60.59
C GLU G 473 -48.16 15.12 -60.38
N TYR G 474 -47.99 14.53 -59.20
CA TYR G 474 -48.46 13.18 -58.92
C TYR G 474 -49.94 13.19 -58.50
N ASP G 475 -50.66 12.15 -58.89
CA ASP G 475 -51.95 11.84 -58.29
C ASP G 475 -52.12 10.33 -58.29
N PRO G 476 -53.00 9.78 -57.42
CA PRO G 476 -53.06 8.31 -57.25
C PRO G 476 -53.45 7.53 -58.51
N ASP G 477 -54.05 8.14 -59.52
CA ASP G 477 -54.40 7.40 -60.73
C ASP G 477 -53.18 6.98 -61.56
N ALA G 478 -52.00 7.50 -61.26
CA ALA G 478 -50.80 7.11 -61.98
C ALA G 478 -50.47 5.63 -61.74
N SER G 479 -50.06 4.95 -62.81
CA SER G 479 -49.58 3.57 -62.69
C SER G 479 -48.16 3.49 -62.15
N ALA G 480 -47.35 4.51 -62.37
CA ALA G 480 -45.95 4.50 -61.96
C ALA G 480 -45.81 4.77 -60.46
N ASN G 481 -44.59 4.57 -59.96
CA ASN G 481 -44.30 4.88 -58.56
C ASN G 481 -44.36 6.39 -58.33
N MET G 482 -44.65 6.77 -57.09
CA MET G 482 -44.94 8.16 -56.75
C MET G 482 -43.71 9.05 -56.96
N SER G 483 -43.94 10.24 -57.52
CA SER G 483 -42.90 11.23 -57.76
C SER G 483 -42.75 12.10 -56.52
N ARG G 484 -41.55 12.11 -55.93
CA ARG G 484 -41.28 12.75 -54.65
C ARG G 484 -40.14 13.74 -54.76
N ILE G 485 -40.16 14.73 -53.87
CA ILE G 485 -39.01 15.61 -53.68
C ILE G 485 -37.95 14.84 -52.92
N VAL G 486 -36.69 15.06 -53.27
CA VAL G 486 -35.56 14.41 -52.61
C VAL G 486 -35.52 14.90 -51.17
N THR G 487 -35.71 13.97 -50.23
CA THR G 487 -35.95 14.28 -48.82
C THR G 487 -35.10 13.36 -47.94
N TYR G 488 -34.61 13.89 -46.82
CA TYR G 488 -33.93 13.08 -45.82
C TYR G 488 -34.14 13.70 -44.44
N SER G 489 -34.04 12.86 -43.41
CA SER G 489 -34.26 13.26 -42.02
C SER G 489 -33.13 12.77 -41.17
N ASP G 490 -32.80 13.54 -40.15
CA ASP G 490 -31.81 13.13 -39.17
C ASP G 490 -32.32 13.47 -37.79
N PHE G 491 -31.97 12.61 -36.83
CA PHE G 491 -32.52 12.74 -35.48
C PHE G 491 -31.55 12.17 -34.47
N TRP G 492 -31.78 12.53 -33.23
CA TRP G 492 -30.98 12.09 -32.10
C TRP G 492 -31.74 11.05 -31.29
N TRP G 493 -31.06 9.97 -30.94
CA TRP G 493 -31.61 8.85 -30.19
C TRP G 493 -30.95 8.80 -28.83
N LYS G 494 -31.66 8.31 -27.84
CA LYS G 494 -31.10 8.11 -26.51
C LYS G 494 -31.80 6.94 -25.85
N GLY G 495 -31.04 6.16 -25.08
CA GLY G 495 -31.60 5.07 -24.34
C GLY G 495 -30.78 4.75 -23.11
N LYS G 496 -31.36 3.96 -22.22
CA LYS G 496 -30.80 3.68 -20.92
C LYS G 496 -31.07 2.23 -20.59
N LEU G 497 -30.09 1.36 -20.82
CA LEU G 497 -30.10 0.03 -20.26
C LEU G 497 -29.67 0.11 -18.81
N VAL G 498 -30.23 -0.77 -17.99
CA VAL G 498 -29.88 -0.87 -16.58
C VAL G 498 -29.54 -2.32 -16.29
N PHE G 499 -28.40 -2.53 -15.68
CA PHE G 499 -27.91 -3.85 -15.29
C PHE G 499 -27.70 -3.85 -13.79
N LYS G 500 -27.85 -5.03 -13.19
CA LYS G 500 -27.47 -5.29 -11.82
C LYS G 500 -26.35 -6.31 -11.85
N ALA G 501 -25.32 -6.10 -11.02
CA ALA G 501 -24.13 -6.92 -11.05
C ALA G 501 -23.63 -7.15 -9.63
N LYS G 502 -22.95 -8.29 -9.44
CA LYS G 502 -22.40 -8.69 -8.15
C LYS G 502 -20.89 -8.63 -8.21
N LEU G 503 -20.29 -7.84 -7.34
CA LEU G 503 -18.85 -7.71 -7.29
C LEU G 503 -18.22 -9.02 -6.84
N ARG G 504 -17.14 -9.41 -7.49
CA ARG G 504 -16.51 -10.67 -7.13
C ARG G 504 -15.76 -10.53 -5.81
N ALA G 505 -15.30 -11.68 -5.31
CA ALA G 505 -14.46 -11.74 -4.14
C ALA G 505 -13.39 -12.79 -4.35
N SER G 506 -12.24 -12.58 -3.72
CA SER G 506 -11.07 -13.43 -3.95
C SER G 506 -11.11 -14.62 -3.01
N HIS G 507 -11.12 -15.82 -3.59
CA HIS G 507 -11.18 -17.08 -2.86
C HIS G 507 -9.97 -17.97 -3.10
N THR G 508 -9.37 -17.88 -4.26
CA THR G 508 -8.08 -18.50 -4.47
C THR G 508 -7.01 -17.68 -3.76
N TRP G 509 -5.88 -18.33 -3.55
CA TRP G 509 -4.67 -17.61 -3.17
C TRP G 509 -4.07 -16.91 -4.37
N ASN G 510 -4.16 -17.51 -5.55
CA ASN G 510 -3.49 -16.95 -6.71
C ASN G 510 -4.30 -15.81 -7.33
N PRO G 511 -3.65 -14.82 -7.94
CA PRO G 511 -4.41 -13.82 -8.68
C PRO G 511 -5.00 -14.40 -9.94
N ILE G 512 -6.17 -13.88 -10.32
CA ILE G 512 -6.87 -14.33 -11.52
C ILE G 512 -6.38 -13.56 -12.74
N GLN G 513 -6.72 -14.04 -13.92
CA GLN G 513 -6.46 -13.29 -15.13
C GLN G 513 -7.39 -12.09 -15.18
N GLN G 514 -6.94 -11.00 -15.78
CA GLN G 514 -7.75 -9.79 -15.88
C GLN G 514 -7.42 -9.06 -17.17
N MET G 515 -8.35 -8.21 -17.58
CA MET G 515 -8.19 -7.47 -18.82
C MET G 515 -7.30 -6.28 -18.57
N SER G 516 -6.32 -6.06 -19.44
CA SER G 516 -5.32 -5.04 -19.17
C SER G 516 -4.71 -4.50 -20.45
N ILE G 517 -4.40 -3.21 -20.44
CA ILE G 517 -3.58 -2.63 -21.50
C ILE G 517 -2.13 -3.07 -21.29
N ASN G 518 -1.45 -3.33 -22.39
CA ASN G 518 -0.05 -3.69 -22.38
C ASN G 518 0.62 -2.96 -23.52
N VAL G 519 1.92 -3.20 -23.69
CA VAL G 519 2.67 -2.50 -24.73
C VAL G 519 2.16 -2.89 -26.10
N ASP G 520 1.74 -4.13 -26.26
CA ASP G 520 1.32 -4.60 -27.57
C ASP G 520 0.00 -3.98 -28.00
N ASN G 521 -1.02 -4.13 -27.17
CA ASN G 521 -2.38 -3.72 -27.54
C ASN G 521 -2.64 -2.23 -27.35
N GLN G 522 -1.64 -1.45 -26.97
CA GLN G 522 -1.86 -0.09 -26.48
C GLN G 522 -2.54 0.79 -27.50
N PHE G 523 -2.05 0.80 -28.72
CA PHE G 523 -2.55 1.73 -29.71
C PHE G 523 -3.90 1.33 -30.27
N ASN G 524 -4.43 0.16 -29.93
CA ASN G 524 -5.78 -0.14 -30.35
C ASN G 524 -6.81 0.78 -29.71
N TYR G 525 -6.52 1.35 -28.55
CA TYR G 525 -7.49 2.07 -27.73
C TYR G 525 -7.26 3.57 -27.70
N VAL G 526 -6.69 4.16 -28.75
CA VAL G 526 -6.48 5.60 -28.82
C VAL G 526 -6.58 5.96 -30.30
N PRO G 527 -7.06 7.13 -30.70
CA PRO G 527 -7.20 7.40 -32.13
C PRO G 527 -5.89 7.64 -32.82
N SER G 528 -5.92 7.56 -34.13
CA SER G 528 -4.76 7.77 -34.98
C SER G 528 -4.66 9.22 -35.40
N ASN G 529 -3.64 9.52 -36.22
CA ASN G 529 -3.38 10.90 -36.63
C ASN G 529 -4.52 11.47 -37.44
N ILE G 530 -5.07 10.69 -38.36
CA ILE G 530 -6.12 11.15 -39.26
C ILE G 530 -7.49 10.81 -38.67
N GLY G 531 -7.56 10.64 -37.35
CA GLY G 531 -8.84 10.53 -36.69
C GLY G 531 -9.45 9.16 -36.73
N GLY G 532 -8.67 8.14 -37.08
CA GLY G 532 -9.20 6.79 -37.05
C GLY G 532 -9.53 6.37 -35.64
N MET G 533 -10.49 5.47 -35.52
CA MET G 533 -10.69 4.72 -34.30
C MET G 533 -10.95 3.26 -34.64
N LYS G 534 -10.65 2.39 -33.70
CA LYS G 534 -11.02 0.98 -33.77
C LYS G 534 -11.56 0.56 -32.42
N ILE G 535 -12.23 -0.59 -32.39
CA ILE G 535 -12.67 -1.21 -31.14
C ILE G 535 -12.30 -2.69 -31.26
N VAL G 536 -11.11 -3.06 -30.79
CA VAL G 536 -10.69 -4.44 -30.80
C VAL G 536 -11.55 -5.24 -29.85
N TYR G 537 -11.73 -6.53 -30.15
CA TYR G 537 -12.57 -7.35 -29.29
C TYR G 537 -11.90 -7.59 -27.95
N GLU G 538 -12.73 -7.97 -26.97
CA GLU G 538 -12.28 -8.16 -25.61
C GLU G 538 -12.98 -9.35 -24.98
N LYS G 539 -12.22 -10.19 -24.30
CA LYS G 539 -12.78 -11.43 -23.78
C LYS G 539 -13.64 -11.14 -22.56
N SER G 540 -14.55 -12.07 -22.23
CA SER G 540 -15.67 -11.73 -21.35
C SER G 540 -16.10 -12.77 -20.33
N GLN G 541 -15.30 -13.79 -20.04
CA GLN G 541 -15.53 -14.66 -18.88
C GLN G 541 -14.20 -14.98 -18.23
N LEU G 542 -13.51 -13.94 -17.80
CA LEU G 542 -12.11 -14.07 -17.41
C LEU G 542 -11.91 -14.95 -16.19
N ALA G 543 -12.67 -14.70 -15.14
CA ALA G 543 -12.27 -15.23 -13.85
C ALA G 543 -12.55 -16.73 -13.75
N PRO G 544 -11.68 -17.52 -13.12
CA PRO G 544 -11.94 -18.96 -13.02
C PRO G 544 -12.98 -19.23 -11.95
N ARG G 545 -13.99 -19.99 -12.31
CA ARG G 545 -15.14 -20.21 -11.45
C ARG G 545 -14.84 -21.28 -10.43
N ILE H 4 1.96 56.52 45.09
CA ILE H 4 2.63 56.87 46.38
C ILE H 4 3.42 55.64 46.82
N SER H 5 4.61 55.87 47.37
CA SER H 5 5.54 54.80 47.66
C SER H 5 5.01 53.88 48.75
N THR H 6 5.31 52.59 48.62
CA THR H 6 4.87 51.57 49.57
C THR H 6 5.82 51.39 50.75
N GLY H 7 7.07 51.83 50.62
CA GLY H 7 8.09 51.49 51.62
C GLY H 7 8.62 50.10 51.34
N THR H 8 8.15 49.12 52.10
CA THR H 8 8.44 47.73 51.80
C THR H 8 7.73 47.29 50.53
N PHE H 9 8.32 46.32 49.83
CA PHE H 9 7.86 45.90 48.52
C PHE H 9 8.34 44.47 48.28
N ASN H 10 7.63 43.76 47.40
CA ASN H 10 7.96 42.36 47.11
C ASN H 10 7.62 42.05 45.65
N ASN H 11 8.36 41.10 45.09
CA ASN H 11 8.20 40.69 43.68
C ASN H 11 8.82 39.32 43.50
N GLN H 12 8.04 38.35 43.04
CA GLN H 12 8.49 36.96 42.94
C GLN H 12 7.84 36.26 41.75
N THR H 13 8.42 35.11 41.40
CA THR H 13 7.88 34.21 40.38
C THR H 13 7.02 33.14 41.06
N GLU H 14 5.77 33.03 40.61
CA GLU H 14 4.80 32.09 41.16
C GLU H 14 4.70 30.83 40.28
N PHE H 15 4.31 29.73 40.91
CA PHE H 15 4.32 28.40 40.30
C PHE H 15 3.06 27.62 40.65
N LYS H 16 1.88 28.22 40.45
CA LYS H 16 0.60 27.62 40.85
C LYS H 16 0.37 26.32 40.11
N PHE H 17 0.61 25.21 40.79
CA PHE H 17 0.40 23.91 40.18
C PHE H 17 -1.07 23.69 39.98
N LEU H 18 -1.47 23.51 38.72
CA LEU H 18 -2.87 23.34 38.36
C LEU H 18 -3.23 21.87 38.51
N GLU H 19 -4.37 21.49 37.98
CA GLU H 19 -4.73 20.10 37.91
C GLU H 19 -3.84 19.39 36.91
N ASN H 20 -3.70 18.08 37.10
CA ASN H 20 -3.20 17.17 36.08
C ASN H 20 -1.77 17.49 35.66
N GLY H 21 -0.95 17.92 36.60
CA GLY H 21 0.45 18.09 36.28
C GLY H 21 0.76 19.24 35.37
N TRP H 22 -0.19 20.10 35.09
CA TRP H 22 0.10 21.41 34.54
C TRP H 22 0.49 22.34 35.67
N VAL H 23 1.09 23.47 35.33
CA VAL H 23 1.53 24.41 36.36
C VAL H 23 1.68 25.79 35.77
N GLU H 24 1.04 26.76 36.40
CA GLU H 24 1.06 28.13 35.92
C GLU H 24 2.30 28.81 36.46
N ILE H 25 3.41 28.65 35.75
CA ILE H 25 4.53 29.54 35.99
C ILE H 25 4.09 30.93 35.62
N THR H 26 4.28 31.89 36.52
CA THR H 26 4.05 33.28 36.17
C THR H 26 5.01 34.17 36.94
N ALA H 27 5.76 34.97 36.20
CA ALA H 27 6.77 35.85 36.77
C ALA H 27 6.21 37.25 36.92
N ASN H 28 6.15 37.74 38.14
CA ASN H 28 6.02 39.17 38.39
C ASN H 28 7.40 39.81 38.25
N SER H 29 7.44 40.98 37.61
CA SER H 29 8.69 41.71 37.42
C SER H 29 8.43 43.20 37.54
N SER H 30 9.40 43.91 38.12
CA SER H 30 9.32 45.35 38.32
C SER H 30 10.71 45.95 38.19
N ARG H 31 10.79 47.13 37.56
CA ARG H 31 12.06 47.82 37.36
C ARG H 31 11.82 49.33 37.44
N LEU H 32 12.83 50.05 37.94
CA LEU H 32 12.79 51.51 37.93
C LEU H 32 13.36 52.01 36.62
N VAL H 33 12.54 52.70 35.84
CA VAL H 33 12.89 53.16 34.50
C VAL H 33 13.22 54.64 34.59
N HIS H 34 14.34 55.04 33.97
CA HIS H 34 14.82 56.42 33.94
C HIS H 34 14.89 56.90 32.50
N LEU H 35 14.53 58.16 32.24
CA LEU H 35 14.46 58.67 30.87
C LEU H 35 14.77 60.16 30.83
N ASN H 36 15.85 60.52 30.15
CA ASN H 36 16.14 61.90 29.82
C ASN H 36 15.28 62.35 28.64
N MET H 37 15.12 63.67 28.49
CA MET H 37 14.33 64.18 27.38
C MET H 37 15.06 63.94 26.05
N PRO H 38 14.34 63.95 24.92
CA PRO H 38 15.02 63.75 23.64
C PRO H 38 15.99 64.87 23.29
N GLU H 39 16.94 64.56 22.41
CA GLU H 39 17.87 65.55 21.91
C GLU H 39 17.15 66.65 21.15
N SER H 40 16.17 66.28 20.34
CA SER H 40 15.39 67.24 19.56
C SER H 40 13.99 66.67 19.35
N GLU H 41 13.02 67.58 19.23
CA GLU H 41 11.64 67.18 19.00
C GLU H 41 11.43 66.63 17.58
N ASN H 42 12.33 66.95 16.64
CA ASN H 42 12.15 66.55 15.26
C ASN H 42 12.55 65.09 15.03
N TYR H 43 11.79 64.41 14.17
CA TYR H 43 12.28 63.20 13.54
C TYR H 43 13.38 63.55 12.55
N ARG H 44 14.22 62.57 12.24
CA ARG H 44 15.27 62.74 11.24
C ARG H 44 15.41 61.47 10.40
N ARG H 45 15.44 61.64 9.08
CA ARG H 45 15.69 60.53 8.15
C ARG H 45 17.20 60.46 7.87
N VAL H 46 17.93 59.95 8.87
CA VAL H 46 19.38 59.87 8.78
C VAL H 46 19.79 58.72 7.88
N VAL H 47 20.77 58.97 7.01
CA VAL H 47 21.45 57.92 6.26
C VAL H 47 22.74 57.60 6.99
N VAL H 48 22.98 56.31 7.22
CA VAL H 48 24.10 55.82 8.01
C VAL H 48 25.05 55.14 7.04
N ASN H 49 26.34 55.50 7.11
CA ASN H 49 27.32 55.13 6.09
C ASN H 49 28.62 54.66 6.74
N ASN H 50 29.22 53.62 6.17
CA ASN H 50 30.60 53.22 6.47
C ASN H 50 31.29 52.79 5.19
N MET H 51 31.03 53.53 4.10
CA MET H 51 31.61 53.24 2.79
C MET H 51 33.13 53.20 2.85
N ASP H 52 33.74 54.07 3.64
CA ASP H 52 35.20 54.09 3.74
C ASP H 52 35.73 52.77 4.32
N LYS H 53 35.17 52.32 5.45
CA LYS H 53 35.66 51.08 6.03
C LYS H 53 35.33 49.87 5.17
N THR H 54 34.28 49.94 4.37
CA THR H 54 33.98 48.89 3.40
C THR H 54 34.82 49.01 2.12
N ALA H 55 35.50 50.13 1.91
CA ALA H 55 36.18 50.37 0.63
C ALA H 55 37.46 49.57 0.51
N VAL H 56 38.09 49.19 1.62
CA VAL H 56 39.26 48.32 1.56
C VAL H 56 38.84 47.01 0.94
N ASN H 57 39.64 46.53 -0.02
CA ASN H 57 39.30 45.35 -0.80
C ASN H 57 39.10 44.13 0.10
N GLY H 58 37.92 43.52 -0.04
CA GLY H 58 37.59 42.32 0.71
C GLY H 58 36.75 42.54 1.93
N ASN H 59 36.42 43.78 2.28
CA ASN H 59 35.77 44.09 3.54
C ASN H 59 34.25 43.95 3.48
N MET H 60 33.72 43.25 2.47
CA MET H 60 32.29 43.25 2.15
C MET H 60 31.41 42.95 3.34
N ALA H 61 31.83 42.03 4.19
CA ALA H 61 31.00 41.64 5.30
C ALA H 61 30.83 42.75 6.33
N LEU H 62 31.64 43.80 6.29
CA LEU H 62 31.60 44.82 7.32
C LEU H 62 30.53 45.87 7.09
N ASP H 63 29.71 45.73 6.05
CA ASP H 63 28.79 46.77 5.63
C ASP H 63 27.78 47.11 6.73
N ASP H 64 27.60 48.41 6.96
CA ASP H 64 26.64 48.93 7.92
C ASP H 64 25.62 49.88 7.29
N ILE H 65 25.59 50.01 5.96
CA ILE H 65 24.84 51.10 5.35
C ILE H 65 23.35 50.86 5.53
N HIS H 66 22.64 51.87 6.00
CA HIS H 66 21.20 51.84 6.05
C HIS H 66 20.69 53.24 6.27
N ALA H 67 19.41 53.42 6.00
CA ALA H 67 18.69 54.63 6.36
C ALA H 67 17.66 54.26 7.42
N GLN H 68 17.50 55.13 8.41
CA GLN H 68 16.58 54.91 9.50
C GLN H 68 15.95 56.23 9.89
N ILE H 69 14.75 56.15 10.47
CA ILE H 69 14.05 57.31 11.02
C ILE H 69 14.46 57.43 12.48
N VAL H 70 15.39 58.34 12.78
CA VAL H 70 15.70 58.67 14.16
C VAL H 70 14.49 59.37 14.76
N THR H 71 14.02 58.85 15.91
CA THR H 71 12.69 59.12 16.43
C THR H 71 12.81 59.72 17.83
N PRO H 72 12.04 60.79 18.19
CA PRO H 72 12.14 61.31 19.55
C PRO H 72 11.31 60.54 20.58
N TRP H 73 11.42 59.21 20.61
CA TRP H 73 10.73 58.38 21.60
C TRP H 73 11.68 57.29 22.07
N SER H 74 11.29 56.62 23.16
CA SER H 74 12.00 55.47 23.71
C SER H 74 11.05 54.30 23.85
N LEU H 75 11.62 53.10 23.80
CA LEU H 75 10.87 51.85 23.81
C LEU H 75 11.05 51.14 25.14
N VAL H 76 9.93 50.75 25.76
CA VAL H 76 9.93 49.82 26.88
C VAL H 76 9.66 48.44 26.30
N ASP H 77 10.56 47.50 26.55
CA ASP H 77 10.46 46.15 26.03
C ASP H 77 10.90 45.16 27.10
N ALA H 78 10.03 44.19 27.38
CA ALA H 78 10.30 43.14 28.35
C ALA H 78 10.46 41.78 27.68
N ASN H 79 10.69 41.74 26.38
CA ASN H 79 10.69 40.50 25.63
C ASN H 79 12.01 39.75 25.75
N ALA H 80 12.42 39.41 26.97
CA ALA H 80 13.68 38.70 27.16
C ALA H 80 13.66 37.98 28.50
N TRP H 81 14.35 36.85 28.56
CA TRP H 81 14.21 35.94 29.70
C TRP H 81 14.84 36.52 30.96
N GLY H 82 15.91 37.30 30.82
CA GLY H 82 16.54 37.91 31.98
C GLY H 82 15.67 38.93 32.69
N VAL H 83 14.67 39.48 31.99
CA VAL H 83 13.79 40.47 32.60
C VAL H 83 12.87 39.84 33.64
N TRP H 84 12.66 38.52 33.60
CA TRP H 84 11.59 37.86 34.34
C TRP H 84 12.07 36.88 35.40
N PHE H 85 13.09 36.08 35.11
CA PHE H 85 13.46 34.93 35.93
C PHE H 85 14.85 35.11 36.51
N ASN H 86 14.99 34.88 37.82
CA ASN H 86 16.32 34.75 38.41
C ASN H 86 16.88 33.36 38.10
N PRO H 87 18.18 33.15 38.31
CA PRO H 87 18.73 31.80 38.06
C PRO H 87 18.08 30.70 38.88
N GLY H 88 17.61 31.02 40.09
CA GLY H 88 16.87 30.03 40.86
C GLY H 88 15.55 29.69 40.20
N ASP H 89 14.85 30.68 39.68
CA ASP H 89 13.62 30.42 38.93
C ASP H 89 13.93 29.62 37.69
N TRP H 90 15.00 30.00 36.98
CA TRP H 90 15.28 29.35 35.70
C TRP H 90 15.74 27.92 35.90
N GLN H 91 16.52 27.66 36.96
CA GLN H 91 16.84 26.27 37.29
C GLN H 91 15.58 25.47 37.53
N LEU H 92 14.65 26.04 38.29
CA LEU H 92 13.43 25.30 38.62
C LEU H 92 12.62 25.00 37.37
N ILE H 93 12.46 25.99 36.48
CA ILE H 93 11.63 25.82 35.28
C ILE H 93 12.20 24.72 34.37
N VAL H 94 13.51 24.77 34.10
CA VAL H 94 14.11 23.79 33.21
C VAL H 94 14.15 22.40 33.86
N ASN H 95 14.49 22.33 35.14
CA ASN H 95 14.52 21.04 35.83
C ASN H 95 13.14 20.47 36.09
N THR H 96 12.10 21.30 36.07
CA THR H 96 10.71 20.88 36.27
C THR H 96 9.98 20.60 34.99
N MET H 97 10.06 21.49 34.02
CA MET H 97 9.11 21.51 32.93
C MET H 97 9.63 20.77 31.72
N SER H 98 8.81 19.87 31.20
CA SER H 98 9.10 19.27 29.91
C SER H 98 8.74 20.21 28.78
N GLU H 99 7.46 20.55 28.66
CA GLU H 99 6.96 21.46 27.65
C GLU H 99 6.60 22.78 28.31
N LEU H 100 6.88 23.87 27.62
CA LEU H 100 6.63 25.22 28.11
C LEU H 100 5.71 25.95 27.16
N HIS H 101 4.92 26.86 27.70
CA HIS H 101 3.75 27.37 27.01
C HIS H 101 3.50 28.78 27.52
N LEU H 102 3.02 29.64 26.62
CA LEU H 102 2.82 31.05 26.90
C LEU H 102 1.32 31.31 27.06
N VAL H 103 0.96 32.02 28.12
CA VAL H 103 -0.44 32.33 28.43
C VAL H 103 -0.74 33.79 28.18
N SER H 104 -0.09 34.70 28.91
CA SER H 104 -0.53 36.08 28.90
C SER H 104 0.59 37.01 29.35
N PHE H 105 0.39 38.29 29.06
CA PHE H 105 1.34 39.33 29.43
C PHE H 105 0.61 40.63 29.70
N GLU H 106 1.01 41.30 30.77
CA GLU H 106 0.40 42.57 31.17
C GLU H 106 1.46 43.43 31.81
N GLN H 107 1.26 44.75 31.73
CA GLN H 107 2.21 45.75 32.20
C GLN H 107 1.48 46.83 32.97
N GLU H 108 2.25 47.62 33.72
CA GLU H 108 1.80 48.94 34.12
C GLU H 108 3.00 49.86 34.34
N ILE H 109 2.74 51.17 34.17
CA ILE H 109 3.67 52.24 34.51
C ILE H 109 3.08 52.97 35.70
N PHE H 110 3.86 53.08 36.78
CA PHE H 110 3.36 53.62 38.03
C PHE H 110 4.46 54.36 38.78
N ASN H 111 4.03 55.28 39.66
CA ASN H 111 4.91 56.16 40.41
C ASN H 111 5.80 56.96 39.46
N VAL H 112 5.16 57.72 38.58
CA VAL H 112 5.87 58.62 37.67
C VAL H 112 6.36 59.84 38.44
N VAL H 113 7.60 60.23 38.20
CA VAL H 113 8.19 61.44 38.77
C VAL H 113 9.00 62.13 37.67
N LEU H 114 9.01 63.46 37.70
CA LEU H 114 9.65 64.28 36.69
C LEU H 114 10.45 65.38 37.36
N LYS H 115 11.66 65.63 36.88
CA LYS H 115 12.62 66.53 37.50
C LYS H 115 13.36 67.31 36.42
N THR H 116 14.06 68.35 36.87
CA THR H 116 14.89 69.18 35.99
C THR H 116 16.25 69.46 36.64
N VAL H 128 22.09 71.23 41.66
CA VAL H 128 21.02 70.58 42.48
C VAL H 128 19.72 70.60 41.68
N TYR H 129 19.00 69.48 41.70
CA TYR H 129 17.82 69.32 40.87
C TYR H 129 16.63 70.10 41.45
N ASN H 130 15.64 70.34 40.58
CA ASN H 130 14.36 70.93 40.95
C ASN H 130 13.23 70.13 40.32
N ASN H 131 12.14 69.97 41.07
CA ASN H 131 11.03 69.12 40.64
C ASN H 131 10.05 69.89 39.77
N ASP H 132 9.60 69.24 38.69
CA ASP H 132 8.58 69.75 37.77
C ASP H 132 7.44 68.75 37.70
N LEU H 133 6.91 68.35 38.86
CA LEU H 133 6.00 67.21 38.98
C LEU H 133 4.73 67.36 38.15
N THR H 134 4.32 68.57 37.79
CA THR H 134 3.13 68.77 36.97
C THR H 134 3.36 68.51 35.48
N ALA H 135 4.61 68.39 35.03
CA ALA H 135 4.88 68.13 33.61
C ALA H 135 4.58 66.66 33.28
N SER H 136 4.47 66.39 31.99
CA SER H 136 3.85 65.16 31.49
C SER H 136 4.88 64.16 30.99
N LEU H 137 4.75 62.91 31.45
CA LEU H 137 5.30 61.77 30.73
C LEU H 137 4.33 61.37 29.64
N MET H 138 4.85 61.02 28.48
CA MET H 138 4.08 60.62 27.32
C MET H 138 4.22 59.12 27.12
N VAL H 139 3.10 58.43 26.91
CA VAL H 139 3.06 56.99 26.76
C VAL H 139 2.12 56.64 25.60
N ALA H 140 2.51 55.62 24.83
CA ALA H 140 1.70 55.15 23.70
C ALA H 140 1.88 53.65 23.58
N LEU H 141 0.75 52.92 23.62
CA LEU H 141 0.72 51.47 23.51
C LEU H 141 0.13 51.11 22.16
N ASP H 142 0.94 50.49 21.32
CA ASP H 142 0.52 50.12 19.96
C ASP H 142 -0.17 48.77 19.98
N SER H 143 -1.38 48.76 20.54
CA SER H 143 -2.14 47.53 20.64
C SER H 143 -2.47 46.96 19.26
N ASN H 144 -2.69 47.83 18.29
CA ASN H 144 -3.01 47.41 16.93
C ASN H 144 -1.78 47.08 16.10
N ASN H 145 -0.57 47.28 16.63
CA ASN H 145 0.68 46.99 15.94
C ASN H 145 0.79 47.78 14.63
N THR H 146 0.37 49.05 14.68
CA THR H 146 0.52 49.93 13.52
C THR H 146 1.99 50.16 13.20
N MET H 147 2.83 50.28 14.22
CA MET H 147 4.21 50.71 14.04
C MET H 147 5.10 49.56 13.60
N PRO H 148 6.26 49.85 13.03
CA PRO H 148 7.20 48.77 12.73
C PRO H 148 7.68 48.11 13.99
N PHE H 149 7.71 46.78 13.96
CA PHE H 149 8.14 46.04 15.14
C PHE H 149 9.63 46.18 15.31
N THR H 150 10.06 46.17 16.56
CA THR H 150 11.47 46.35 16.91
C THR H 150 11.72 45.65 18.22
N PRO H 151 12.19 44.40 18.19
CA PRO H 151 12.54 43.75 19.46
C PRO H 151 13.81 44.36 20.00
N ALA H 152 13.77 44.83 21.24
CA ALA H 152 15.00 45.28 21.87
C ALA H 152 15.90 44.11 22.27
N ALA H 153 15.40 42.87 22.19
CA ALA H 153 16.18 41.71 22.60
C ALA H 153 17.41 41.51 21.72
N MET H 154 17.24 41.57 20.41
CA MET H 154 18.31 41.11 19.53
C MET H 154 19.45 42.12 19.40
N ARG H 155 19.22 43.40 19.72
CA ARG H 155 20.30 44.35 19.94
C ARG H 155 20.77 44.39 21.39
N SER H 156 20.13 43.65 22.29
CA SER H 156 20.47 43.61 23.71
C SER H 156 20.30 44.98 24.35
N GLU H 157 19.04 45.47 24.31
CA GLU H 157 18.67 46.79 24.79
C GLU H 157 17.34 46.78 25.56
N THR H 158 16.95 45.63 26.12
CA THR H 158 15.71 45.51 26.86
C THR H 158 15.82 46.24 28.19
N LEU H 159 14.73 46.20 28.97
CA LEU H 159 14.78 46.52 30.39
C LEU H 159 15.89 45.74 31.07
N GLY H 160 16.54 46.37 32.05
CA GLY H 160 17.66 45.73 32.71
C GLY H 160 17.24 44.49 33.48
N PHE H 161 18.18 43.53 33.56
CA PHE H 161 17.87 42.22 34.11
C PHE H 161 17.90 42.19 35.64
N TYR H 162 18.77 42.97 36.27
CA TYR H 162 18.86 42.93 37.73
C TYR H 162 17.62 43.63 38.32
N PRO H 163 16.91 43.02 39.27
CA PRO H 163 15.83 43.77 39.95
C PRO H 163 16.30 45.01 40.70
N TRP H 164 17.53 45.01 41.19
CA TRP H 164 17.98 45.95 42.21
C TRP H 164 18.69 47.17 41.62
N LYS H 165 18.57 47.43 40.32
CA LYS H 165 19.19 48.56 39.64
C LYS H 165 18.16 49.31 38.80
N PRO H 166 18.35 50.62 38.55
CA PRO H 166 17.52 51.27 37.53
C PRO H 166 17.89 50.80 36.13
N THR H 167 17.07 51.22 35.17
CA THR H 167 17.26 50.92 33.76
C THR H 167 16.76 52.11 32.97
N ILE H 168 17.19 52.19 31.70
CA ILE H 168 16.74 53.23 30.76
C ILE H 168 16.02 52.56 29.60
N PRO H 169 14.95 53.13 29.04
CA PRO H 169 14.36 52.55 27.82
C PRO H 169 15.09 53.07 26.60
N THR H 170 15.46 52.17 25.70
CA THR H 170 16.39 52.52 24.62
C THR H 170 15.75 53.53 23.65
N PRO H 171 16.50 54.48 23.10
CA PRO H 171 15.91 55.38 22.08
C PRO H 171 15.48 54.63 20.84
N TRP H 172 14.25 54.89 20.42
CA TRP H 172 13.64 54.09 19.35
C TRP H 172 14.04 54.62 17.97
N ARG H 173 14.05 53.71 16.99
CA ARG H 173 14.34 54.04 15.60
C ARG H 173 13.87 52.90 14.72
N TYR H 174 13.65 53.19 13.44
CA TYR H 174 13.21 52.17 12.49
C TYR H 174 13.66 52.51 11.07
N TYR H 175 13.72 51.49 10.24
CA TYR H 175 14.38 51.58 8.95
C TYR H 175 13.54 52.31 7.93
N PHE H 176 14.22 53.10 7.09
CA PHE H 176 13.65 53.80 5.95
C PHE H 176 14.33 53.24 4.72
N GLN H 177 13.59 53.00 3.64
CA GLN H 177 14.09 52.21 2.53
C GLN H 177 15.29 52.85 1.88
N TRP H 178 16.25 52.03 1.49
CA TRP H 178 17.38 52.46 0.70
C TRP H 178 17.74 51.41 -0.31
N ASP H 179 18.50 51.82 -1.32
CA ASP H 179 19.12 50.93 -2.28
C ASP H 179 20.63 51.04 -2.12
N ARG H 180 21.31 49.91 -2.23
CA ARG H 180 22.72 49.84 -1.87
C ARG H 180 23.31 48.64 -2.58
N THR H 181 24.35 48.85 -3.37
CA THR H 181 24.98 47.78 -4.13
C THR H 181 26.47 47.76 -3.81
N LEU H 182 26.92 46.66 -3.24
CA LEU H 182 28.30 46.25 -3.34
C LEU H 182 28.43 45.33 -4.53
N ILE H 183 29.65 45.22 -5.01
CA ILE H 183 30.09 44.08 -5.79
C ILE H 183 31.31 43.60 -5.02
N PRO H 184 31.37 42.35 -4.54
CA PRO H 184 32.51 41.96 -3.70
C PRO H 184 33.87 42.02 -4.39
N SER H 185 34.89 41.77 -3.58
CA SER H 185 36.29 41.91 -3.99
C SER H 185 37.16 41.00 -3.13
N HIS H 186 38.45 40.96 -3.46
CA HIS H 186 39.42 40.21 -2.68
C HIS H 186 40.73 40.94 -2.62
N THR H 187 41.56 40.56 -1.65
CA THR H 187 42.86 41.20 -1.48
C THR H 187 43.74 40.95 -2.69
N GLY H 188 44.29 42.02 -3.25
CA GLY H 188 45.05 41.93 -4.48
C GLY H 188 44.22 41.88 -5.74
N THR H 189 42.91 42.12 -5.66
CA THR H 189 42.05 42.08 -6.83
C THR H 189 42.44 43.16 -7.84
N SER H 190 42.28 42.83 -9.12
CA SER H 190 42.34 43.84 -10.17
C SER H 190 41.08 44.71 -10.13
N GLY H 191 41.17 45.87 -10.78
CA GLY H 191 40.05 46.79 -10.78
C GLY H 191 39.78 47.34 -9.38
N THR H 192 38.50 47.63 -9.11
CA THR H 192 38.06 48.14 -7.81
C THR H 192 36.58 47.76 -7.68
N PRO H 193 36.13 47.22 -6.54
CA PRO H 193 34.71 46.84 -6.44
C PRO H 193 33.81 48.06 -6.38
N THR H 194 32.55 47.85 -6.76
CA THR H 194 31.51 48.84 -6.52
C THR H 194 31.09 48.79 -5.06
N ASN H 195 30.87 49.97 -4.49
CA ASN H 195 30.62 50.15 -3.07
C ASN H 195 29.57 51.25 -2.84
N ILE H 196 28.42 51.17 -3.52
CA ILE H 196 27.54 52.32 -3.74
C ILE H 196 26.28 52.23 -2.88
N TYR H 197 26.00 53.32 -2.15
CA TYR H 197 24.67 53.63 -1.65
C TYR H 197 23.91 54.39 -2.74
N HIS H 198 22.63 54.05 -2.91
CA HIS H 198 21.89 54.41 -4.11
C HIS H 198 20.55 55.07 -3.80
N GLY H 199 20.45 55.75 -2.67
CA GLY H 199 19.31 56.62 -2.43
C GLY H 199 18.08 55.87 -1.99
N THR H 200 16.93 56.52 -2.14
CA THR H 200 15.64 55.99 -1.74
C THR H 200 14.67 56.18 -2.90
N ASP H 201 13.57 55.44 -2.86
CA ASP H 201 12.68 55.23 -4.00
C ASP H 201 11.25 55.52 -3.59
N PRO H 202 10.38 55.88 -4.53
CA PRO H 202 9.07 56.36 -4.13
C PRO H 202 8.09 55.27 -3.76
N ASP H 203 8.26 54.05 -4.25
CA ASP H 203 7.29 53.01 -3.96
C ASP H 203 7.34 52.61 -2.49
N ASP H 204 8.49 52.74 -1.86
CA ASP H 204 8.76 52.22 -0.53
C ASP H 204 9.03 53.33 0.46
N VAL H 205 8.34 54.45 0.33
CA VAL H 205 8.71 55.70 0.97
C VAL H 205 8.13 55.85 2.37
N GLN H 206 7.78 54.74 3.01
CA GLN H 206 7.06 54.76 4.28
C GLN H 206 7.76 55.56 5.37
N PHE H 207 6.96 56.33 6.10
CA PHE H 207 7.38 57.05 7.30
C PHE H 207 6.21 57.00 8.27
N TYR H 208 6.49 56.58 9.49
CA TYR H 208 5.48 56.24 10.50
C TYR H 208 5.60 57.13 11.72
N THR H 209 5.01 58.30 11.70
CA THR H 209 5.08 59.15 12.87
C THR H 209 4.08 58.61 13.89
N ILE H 210 4.55 58.35 15.10
CA ILE H 210 3.70 57.69 16.08
C ILE H 210 2.52 58.56 16.49
N GLU H 211 2.68 59.88 16.42
CA GLU H 211 1.62 60.74 16.90
C GLU H 211 0.39 60.65 16.02
N ASN H 212 0.55 60.35 14.74
CA ASN H 212 -0.56 60.09 13.85
C ASN H 212 -0.99 58.63 13.85
N SER H 213 -0.09 57.72 14.20
CA SER H 213 -0.35 56.31 13.99
C SER H 213 -1.22 55.70 15.07
N VAL H 214 -1.02 56.09 16.33
CA VAL H 214 -1.65 55.44 17.48
C VAL H 214 -2.20 56.51 18.43
N PRO H 215 -3.33 56.24 19.10
CA PRO H 215 -3.73 57.12 20.19
C PRO H 215 -2.70 57.14 21.29
N VAL H 216 -2.68 58.24 22.03
CA VAL H 216 -1.60 58.57 22.96
C VAL H 216 -2.22 58.90 24.31
N HIS H 217 -1.46 58.64 25.38
CA HIS H 217 -1.80 59.00 26.75
C HIS H 217 -0.74 59.94 27.30
N LEU H 218 -1.17 60.87 28.15
CA LEU H 218 -0.28 61.80 28.85
C LEU H 218 -0.45 61.58 30.35
N LEU H 219 0.66 61.36 31.05
CA LEU H 219 0.67 60.98 32.45
C LEU H 219 1.48 61.99 33.25
N ARG H 220 1.01 62.25 34.48
CA ARG H 220 1.64 63.22 35.39
C ARG H 220 1.78 62.57 36.76
N THR H 221 2.52 63.25 37.64
CA THR H 221 2.76 62.75 38.98
C THR H 221 1.45 62.58 39.72
N GLY H 222 1.18 61.35 40.17
CA GLY H 222 -0.05 61.00 40.85
C GLY H 222 -1.08 60.29 39.99
N ASP H 223 -0.81 60.06 38.70
CA ASP H 223 -1.70 59.29 37.84
C ASP H 223 -0.85 58.39 36.96
N GLU H 224 -1.46 57.26 36.57
CA GLU H 224 -0.72 56.07 36.14
C GLU H 224 -1.45 55.39 35.00
N PHE H 225 -0.75 54.46 34.35
CA PHE H 225 -1.22 53.77 33.15
C PHE H 225 -1.00 52.26 33.31
N ALA H 226 -1.95 51.47 32.81
CA ALA H 226 -1.86 50.01 32.84
C ALA H 226 -2.46 49.42 31.58
N THR H 227 -1.78 48.42 31.04
CA THR H 227 -2.23 47.73 29.84
C THR H 227 -3.28 46.69 30.19
N GLY H 228 -3.94 46.18 29.17
CA GLY H 228 -4.75 44.98 29.33
C GLY H 228 -3.92 43.72 29.29
N THR H 229 -4.53 42.62 29.71
CA THR H 229 -3.90 41.32 29.59
C THR H 229 -3.95 40.84 28.15
N PHE H 230 -2.81 40.80 27.49
CA PHE H 230 -2.71 40.14 26.20
C PHE H 230 -2.76 38.63 26.44
N PHE H 231 -3.29 37.90 25.46
CA PHE H 231 -3.37 36.44 25.51
C PHE H 231 -2.67 35.85 24.30
N PHE H 232 -1.65 35.03 24.54
CA PHE H 232 -0.90 34.45 23.45
C PHE H 232 -1.70 33.32 22.82
N ASP H 233 -1.33 32.98 21.59
CA ASP H 233 -1.88 31.85 20.85
C ASP H 233 -0.83 30.81 20.53
N CYS H 234 0.34 30.88 21.15
CA CYS H 234 1.52 30.19 20.64
C CYS H 234 1.43 28.69 20.86
N LYS H 235 2.12 27.96 20.01
CA LYS H 235 2.34 26.54 20.19
C LYS H 235 3.37 26.32 21.29
N PRO H 236 3.43 25.14 21.89
CA PRO H 236 4.42 24.91 22.95
C PRO H 236 5.84 24.85 22.43
N CYS H 237 6.77 25.14 23.34
CA CYS H 237 8.19 24.89 23.16
C CYS H 237 8.60 23.78 24.10
N ARG H 238 9.48 22.89 23.64
CA ARG H 238 9.89 21.71 24.38
C ARG H 238 11.28 21.93 24.94
N LEU H 239 11.44 21.68 26.24
CA LEU H 239 12.68 21.91 26.95
C LEU H 239 13.56 20.66 27.01
N THR H 240 13.52 19.80 25.99
CA THR H 240 14.15 18.48 26.02
C THR H 240 14.73 18.15 24.67
N HIS H 241 16.02 17.84 24.64
CA HIS H 241 16.78 17.80 23.39
C HIS H 241 16.62 16.47 22.71
N THR H 242 16.94 16.48 21.42
CA THR H 242 16.95 15.29 20.60
C THR H 242 18.40 14.94 20.32
N TRP H 243 18.83 13.78 20.79
CA TRP H 243 20.17 13.28 20.48
C TRP H 243 20.16 12.46 19.21
N GLN H 244 19.05 11.80 18.96
CA GLN H 244 18.89 10.95 17.79
C GLN H 244 19.20 11.72 16.52
N THR H 245 19.98 11.08 15.65
CA THR H 245 20.23 11.55 14.32
C THR H 245 19.98 10.36 13.42
N ASN H 246 20.21 10.56 12.12
CA ASN H 246 19.83 9.56 11.15
C ASN H 246 20.52 8.23 11.40
N ARG H 247 21.77 8.24 11.86
CA ARG H 247 22.45 6.98 12.03
C ARG H 247 21.90 6.12 13.17
N ALA H 248 20.94 6.61 13.96
CA ALA H 248 20.46 5.92 15.15
C ALA H 248 18.94 5.82 15.23
N LEU H 249 18.19 6.20 14.21
CA LEU H 249 16.75 5.98 14.20
C LEU H 249 16.42 4.55 13.82
N GLY H 250 15.72 3.83 14.69
CA GLY H 250 15.10 2.56 14.33
C GLY H 250 15.63 1.32 15.03
N LEU H 251 15.56 0.19 14.33
CA LEU H 251 15.94 -1.10 14.89
C LEU H 251 17.37 -1.43 14.50
N PRO H 252 18.33 -1.57 15.42
CA PRO H 252 19.71 -1.90 15.02
C PRO H 252 19.80 -3.27 14.37
N PRO H 253 20.93 -3.61 13.77
CA PRO H 253 21.09 -4.97 13.23
C PRO H 253 21.21 -5.98 14.36
N PHE H 254 20.86 -7.23 14.06
CA PHE H 254 21.05 -8.31 15.01
C PHE H 254 22.52 -8.73 15.05
N LEU H 255 22.99 -9.08 16.25
CA LEU H 255 24.39 -9.45 16.49
C LEU H 255 24.49 -10.94 16.70
N ASN H 256 25.38 -11.59 15.95
CA ASN H 256 25.56 -13.03 16.00
C ASN H 256 26.62 -13.47 17.00
N SER H 257 27.54 -12.58 17.40
CA SER H 257 28.60 -12.89 18.34
C SER H 257 28.70 -11.73 19.33
N LEU H 258 28.09 -11.89 20.51
CA LEU H 258 28.15 -10.85 21.51
C LEU H 258 29.53 -10.85 22.20
N PRO H 259 29.99 -9.70 22.69
CA PRO H 259 31.25 -9.70 23.44
C PRO H 259 31.08 -10.39 24.78
N GLN H 260 32.17 -11.01 25.26
CA GLN H 260 32.18 -11.79 26.50
C GLN H 260 33.27 -11.32 27.46
N SER H 261 33.59 -10.04 27.45
CA SER H 261 34.52 -9.46 28.42
C SER H 261 34.23 -7.98 28.57
N GLU H 262 34.70 -7.41 29.68
CA GLU H 262 34.29 -6.07 30.11
C GLU H 262 35.06 -4.94 29.44
N GLY H 263 36.08 -5.22 28.64
CA GLY H 263 36.97 -4.17 28.18
C GLY H 263 36.29 -3.23 27.20
N ALA H 264 36.66 -1.95 27.26
CA ALA H 264 36.17 -0.98 26.29
C ALA H 264 36.74 -1.24 24.91
N THR H 265 37.89 -1.91 24.79
CA THR H 265 38.44 -2.28 23.49
C THR H 265 37.73 -3.45 22.83
N ASN H 266 36.81 -4.13 23.54
CA ASN H 266 36.06 -5.24 22.97
C ASN H 266 34.81 -4.72 22.27
N PHE H 267 34.37 -5.46 21.24
CA PHE H 267 33.24 -5.08 20.40
C PHE H 267 32.44 -6.32 20.02
N GLY H 268 31.15 -6.11 19.76
CA GLY H 268 30.32 -7.15 19.17
C GLY H 268 30.37 -7.12 17.66
N ASP H 269 29.99 -8.24 17.05
CA ASP H 269 30.09 -8.44 15.61
C ASP H 269 28.71 -8.71 15.02
N ILE H 270 28.39 -8.01 13.93
CA ILE H 270 27.32 -8.45 13.05
C ILE H 270 27.84 -9.64 12.27
N GLY H 271 27.07 -10.72 12.23
CA GLY H 271 27.60 -11.95 11.66
C GLY H 271 27.67 -11.98 10.16
N VAL H 272 26.70 -11.39 9.49
CA VAL H 272 26.50 -11.63 8.06
C VAL H 272 27.48 -10.79 7.27
N GLN H 273 28.03 -11.37 6.20
CA GLN H 273 28.91 -10.62 5.32
C GLN H 273 28.15 -9.44 4.71
N GLN H 274 28.84 -8.33 4.55
CA GLN H 274 28.14 -7.06 4.38
C GLN H 274 27.40 -6.95 3.06
N ASP H 275 27.73 -7.77 2.06
CA ASP H 275 26.99 -7.75 0.81
C ASP H 275 25.69 -8.54 0.88
N LYS H 276 25.37 -9.22 2.00
CA LYS H 276 24.22 -10.11 2.04
C LYS H 276 23.46 -10.09 3.37
N ARG H 277 23.49 -8.99 4.10
CA ARG H 277 22.51 -8.78 5.16
C ARG H 277 21.15 -8.55 4.54
N ARG H 278 20.10 -9.03 5.21
CA ARG H 278 18.75 -8.73 4.80
C ARG H 278 18.33 -7.37 5.33
N GLY H 279 17.49 -6.68 4.57
CA GLY H 279 17.06 -5.34 4.95
C GLY H 279 16.63 -4.55 3.73
N VAL H 280 16.37 -3.25 3.97
CA VAL H 280 15.80 -2.35 2.98
C VAL H 280 16.68 -1.13 2.84
N THR H 281 16.96 -0.75 1.61
CA THR H 281 17.80 0.40 1.33
C THR H 281 17.24 1.15 0.13
N GLN H 282 17.57 2.44 0.08
CA GLN H 282 17.20 3.28 -1.04
C GLN H 282 18.26 3.35 -2.12
N MET H 283 19.45 2.78 -1.88
CA MET H 283 20.53 2.81 -2.86
C MET H 283 20.25 1.77 -3.92
N GLY H 284 19.40 2.15 -4.87
CA GLY H 284 18.73 1.25 -5.78
C GLY H 284 19.56 0.32 -6.64
N ASN H 285 20.86 0.56 -6.76
CA ASN H 285 21.75 -0.25 -7.59
C ASN H 285 22.81 -0.98 -6.79
N THR H 286 22.81 -0.89 -5.47
CA THR H 286 23.90 -1.30 -4.62
C THR H 286 23.39 -2.30 -3.59
N ASN H 287 24.01 -3.47 -3.53
CA ASN H 287 23.55 -4.52 -2.64
C ASN H 287 23.92 -4.30 -1.18
N TYR H 288 24.90 -3.47 -0.88
CA TYR H 288 25.46 -3.42 0.46
C TYR H 288 24.50 -2.75 1.41
N ILE H 289 23.75 -3.53 2.16
CA ILE H 289 23.04 -2.98 3.30
C ILE H 289 24.09 -2.69 4.37
N THR H 290 24.16 -1.45 4.80
CA THR H 290 25.11 -0.98 5.81
C THR H 290 24.35 -0.09 6.75
N GLU H 291 24.92 0.17 7.92
CA GLU H 291 24.25 1.10 8.82
C GLU H 291 24.22 2.51 8.28
N ALA H 292 25.10 2.86 7.36
CA ALA H 292 25.00 4.14 6.68
C ALA H 292 23.96 4.12 5.59
N THR H 293 23.73 2.98 4.97
CA THR H 293 22.95 2.86 3.76
C THR H 293 21.49 2.49 3.99
N ILE H 294 21.14 1.94 5.15
CA ILE H 294 19.78 1.44 5.35
C ILE H 294 18.79 2.57 5.27
N MET H 295 17.67 2.31 4.62
CA MET H 295 16.60 3.29 4.49
C MET H 295 16.14 3.66 5.88
N ARG H 296 15.95 4.94 6.09
CA ARG H 296 15.44 5.43 7.35
C ARG H 296 14.39 6.50 7.10
N PRO H 297 13.41 6.64 8.00
CA PRO H 297 12.13 7.22 7.60
C PRO H 297 12.21 8.65 7.10
N ALA H 298 13.12 9.46 7.62
CA ALA H 298 13.22 10.83 7.15
C ALA H 298 14.53 11.41 7.65
N GLU H 299 14.84 12.59 7.14
CA GLU H 299 16.12 13.25 7.36
C GLU H 299 15.94 14.25 8.48
N VAL H 300 16.88 14.25 9.43
CA VAL H 300 16.86 15.19 10.55
C VAL H 300 18.04 16.13 10.41
N GLY H 301 17.76 17.41 10.45
CA GLY H 301 18.78 18.42 10.20
C GLY H 301 19.05 18.53 8.72
N TYR H 302 19.84 19.52 8.37
CA TYR H 302 20.14 19.78 6.97
C TYR H 302 21.39 20.63 6.84
N SER H 303 22.07 20.47 5.73
CA SER H 303 23.18 21.33 5.37
C SER H 303 22.63 22.60 4.76
N ALA H 304 23.16 23.73 5.19
CA ALA H 304 22.89 25.05 4.64
C ALA H 304 24.19 25.65 4.16
N PRO H 305 24.18 26.51 3.18
CA PRO H 305 25.46 27.03 2.69
C PRO H 305 26.05 27.99 3.69
N TYR H 306 27.12 27.58 4.38
CA TYR H 306 27.53 28.28 5.57
C TYR H 306 28.50 29.41 5.28
N TYR H 307 28.30 30.50 5.99
CA TYR H 307 28.92 31.79 5.73
C TYR H 307 28.80 32.16 4.26
N SER H 308 27.55 32.14 3.80
CA SER H 308 27.17 32.70 2.52
C SER H 308 26.41 34.00 2.76
N PHE H 309 26.91 35.08 2.17
CA PHE H 309 26.33 36.41 2.32
C PHE H 309 25.54 36.70 1.06
N GLU H 310 24.25 36.41 1.12
CA GLU H 310 23.34 36.72 0.04
C GLU H 310 23.01 38.22 0.06
N ALA H 311 22.57 38.73 -1.08
CA ALA H 311 22.44 40.17 -1.30
C ALA H 311 21.16 40.46 -2.08
N SER H 312 20.65 41.67 -1.89
CA SER H 312 19.41 42.09 -2.53
C SER H 312 19.44 43.62 -2.60
N THR H 313 18.26 44.24 -2.67
CA THR H 313 18.20 45.68 -2.88
C THR H 313 18.91 46.47 -1.78
N GLN H 314 18.74 46.07 -0.54
CA GLN H 314 19.25 46.85 0.58
C GLN H 314 20.69 46.51 0.93
N GLY H 315 21.37 45.62 0.21
CA GLY H 315 22.74 45.26 0.47
C GLY H 315 22.88 43.91 1.14
N PRO H 316 24.12 43.48 1.40
CA PRO H 316 24.35 42.09 1.79
C PRO H 316 23.83 41.72 3.18
N PHE H 317 23.49 40.44 3.33
CA PHE H 317 23.12 39.85 4.61
C PHE H 317 23.48 38.38 4.63
N LYS H 318 23.76 37.86 5.81
CA LYS H 318 24.10 36.45 5.91
C LYS H 318 22.84 35.61 5.91
N THR H 319 22.94 34.42 5.35
CA THR H 319 21.81 33.51 5.37
C THR H 319 21.64 33.01 6.80
N PRO H 320 20.46 33.05 7.40
CA PRO H 320 20.31 32.44 8.71
C PRO H 320 20.43 30.94 8.59
N ILE H 321 20.98 30.30 9.63
CA ILE H 321 21.23 28.87 9.65
C ILE H 321 20.49 28.30 10.85
N ALA H 322 19.65 27.29 10.60
CA ALA H 322 18.72 26.84 11.63
C ALA H 322 19.34 25.89 12.65
N ALA H 323 20.47 25.27 12.34
CA ALA H 323 21.10 24.28 13.21
C ALA H 323 22.60 24.49 13.20
N GLY H 324 23.24 24.16 14.31
CA GLY H 324 24.65 24.35 14.52
C GLY H 324 25.46 23.10 14.30
N ARG H 325 26.52 22.97 15.07
CA ARG H 325 27.30 21.73 15.12
C ARG H 325 26.47 20.71 15.89
N ALA H 336 32.89 26.32 16.15
CA ALA H 336 31.63 25.83 15.52
C ALA H 336 30.89 26.96 14.80
N ASP H 337 30.46 26.68 13.57
CA ASP H 337 29.59 27.57 12.83
C ASP H 337 28.13 27.31 13.21
N GLY H 338 27.26 28.23 12.83
CA GLY H 338 25.82 28.06 13.01
C GLY H 338 25.29 28.38 14.40
N ASN H 339 25.98 27.96 15.45
CA ASN H 339 25.50 28.21 16.80
C ASN H 339 25.48 29.71 17.08
N PRO H 340 24.41 30.27 17.67
CA PRO H 340 24.36 31.72 17.85
C PRO H 340 25.34 32.20 18.92
N ARG H 341 25.79 33.45 18.75
CA ARG H 341 26.74 34.09 19.64
C ARG H 341 26.17 35.44 20.06
N TYR H 342 26.27 35.76 21.35
CA TYR H 342 25.56 36.87 21.98
C TYR H 342 26.58 37.79 22.62
N ALA H 343 26.50 39.08 22.29
CA ALA H 343 27.33 40.13 22.90
C ALA H 343 26.43 41.03 23.73
N PHE H 344 26.82 41.26 24.99
CA PHE H 344 25.94 41.88 25.99
C PHE H 344 26.74 42.71 26.98
N GLY H 345 26.06 43.69 27.58
CA GLY H 345 26.68 44.66 28.48
C GLY H 345 26.31 44.46 29.94
N ARG H 346 26.71 45.45 30.75
CA ARG H 346 26.54 45.38 32.20
C ARG H 346 25.07 45.29 32.58
N GLN H 347 24.25 46.11 31.96
CA GLN H 347 22.82 46.15 32.29
C GLN H 347 22.11 44.84 31.97
N HIS H 348 22.71 43.96 31.14
CA HIS H 348 22.09 42.71 30.72
C HIS H 348 23.00 41.51 30.97
N GLY H 349 23.81 41.54 32.04
CA GLY H 349 24.40 40.35 32.63
C GLY H 349 25.91 40.38 32.83
N GLN H 350 26.63 41.26 32.15
CA GLN H 350 28.07 41.33 32.34
C GLN H 350 28.37 41.80 33.77
N LYS H 351 29.51 41.36 34.31
CA LYS H 351 29.87 41.71 35.67
C LYS H 351 30.01 43.22 35.82
N THR H 352 29.19 43.80 36.69
CA THR H 352 29.03 45.25 36.76
C THR H 352 30.28 45.96 37.24
N THR H 353 31.14 45.30 38.00
CA THR H 353 32.36 45.93 38.48
C THR H 353 33.37 46.19 37.39
N THR H 354 33.25 45.54 36.23
CA THR H 354 34.31 45.57 35.24
C THR H 354 34.46 46.96 34.63
N THR H 355 35.71 47.32 34.33
CA THR H 355 36.05 48.57 33.69
C THR H 355 36.10 48.40 32.17
N GLY H 356 36.10 49.52 31.46
CA GLY H 356 36.31 49.52 30.04
C GLY H 356 35.03 49.38 29.23
N GLU H 357 35.19 49.50 27.92
CA GLU H 357 34.10 49.53 26.97
C GLU H 357 33.69 48.17 26.42
N THR H 358 34.56 47.16 26.52
CA THR H 358 34.34 45.91 25.81
C THR H 358 33.14 45.15 26.40
N PRO H 359 32.30 44.51 25.59
CA PRO H 359 31.24 43.66 26.14
C PRO H 359 31.71 42.25 26.43
N GLU H 360 30.86 41.53 27.17
CA GLU H 360 31.03 40.11 27.41
C GLU H 360 30.33 39.33 26.31
N ARG H 361 30.77 38.08 26.10
CA ARG H 361 30.30 37.26 25.00
C ARG H 361 30.25 35.78 25.36
N PHE H 362 29.30 35.07 24.76
CA PHE H 362 29.24 33.62 24.84
C PHE H 362 28.68 33.08 23.52
N THR H 363 28.98 31.81 23.25
CA THR H 363 28.41 31.05 22.14
C THR H 363 27.57 29.91 22.71
N TYR H 364 26.35 29.77 22.21
CA TYR H 364 25.37 28.83 22.75
C TYR H 364 25.59 27.44 22.14
N ILE H 365 26.52 26.70 22.74
CA ILE H 365 26.77 25.30 22.37
C ILE H 365 25.84 24.44 23.21
N ALA H 366 24.61 24.24 22.72
CA ALA H 366 23.58 23.56 23.49
C ALA H 366 23.86 22.06 23.59
N HIS H 367 22.96 21.37 24.30
CA HIS H 367 23.04 19.92 24.48
C HIS H 367 22.39 19.14 23.34
N GLN H 368 22.15 19.80 22.21
CA GLN H 368 21.27 19.31 21.16
C GLN H 368 22.06 19.04 19.89
N ASP H 369 21.70 17.96 19.18
CA ASP H 369 22.54 17.36 18.15
C ASP H 369 21.79 17.15 16.83
N THR H 370 20.87 18.04 16.49
CA THR H 370 20.23 17.97 15.18
C THR H 370 21.15 18.37 14.05
N GLY H 371 22.34 18.90 14.33
CA GLY H 371 23.10 19.66 13.37
C GLY H 371 23.90 18.82 12.41
N ARG H 372 25.02 19.40 11.97
CA ARG H 372 25.85 18.82 10.94
C ARG H 372 27.30 19.14 11.21
N TYR H 373 28.16 18.44 10.49
CA TYR H 373 29.60 18.44 10.71
C TYR H 373 30.21 18.43 9.32
N PRO H 374 30.41 19.61 8.71
CA PRO H 374 30.83 19.64 7.30
C PRO H 374 32.16 18.98 7.01
N GLU H 375 33.01 18.77 8.01
CA GLU H 375 34.29 18.13 7.78
C GLU H 375 34.17 16.70 7.27
N GLY H 376 33.02 16.04 7.48
CA GLY H 376 32.89 14.62 7.23
C GLY H 376 32.03 14.19 6.06
N ASP H 377 31.35 15.11 5.41
CA ASP H 377 30.39 14.74 4.37
C ASP H 377 31.09 14.58 3.04
N TRP H 378 30.44 13.87 2.13
CA TRP H 378 31.01 13.65 0.81
C TRP H 378 29.90 13.32 -0.16
N ILE H 379 30.27 13.30 -1.44
CA ILE H 379 29.39 12.95 -2.55
C ILE H 379 30.15 11.97 -3.41
N GLN H 380 29.46 10.97 -3.96
CA GLN H 380 30.12 9.98 -4.80
C GLN H 380 29.21 9.55 -5.94
N ASN H 381 29.85 9.08 -7.01
CA ASN H 381 29.19 8.93 -8.29
C ASN H 381 28.16 7.82 -8.23
N ILE H 382 27.13 7.96 -9.07
CA ILE H 382 25.97 7.07 -9.06
C ILE H 382 26.36 5.62 -9.25
N ASN H 383 27.39 5.35 -10.04
CA ASN H 383 27.69 3.97 -10.40
C ASN H 383 28.23 3.17 -9.22
N PHE H 384 28.68 3.82 -8.17
CA PHE H 384 29.04 3.21 -6.89
C PHE H 384 30.05 2.05 -7.04
N ASN H 385 31.27 2.44 -7.39
CA ASN H 385 32.38 1.50 -7.22
C ASN H 385 32.53 1.19 -5.74
N LEU H 386 33.16 0.07 -5.43
CA LEU H 386 33.13 -0.36 -4.04
C LEU H 386 34.01 0.55 -3.17
N PRO H 387 35.36 0.59 -3.29
CA PRO H 387 36.07 1.76 -2.74
C PRO H 387 36.05 2.91 -3.73
N VAL H 388 35.86 4.11 -3.22
CA VAL H 388 35.78 5.27 -4.11
C VAL H 388 37.15 5.56 -4.71
N THR H 389 37.17 5.68 -6.04
CA THR H 389 38.34 6.19 -6.75
C THR H 389 38.23 7.70 -6.82
N ASN H 390 39.38 8.36 -7.02
CA ASN H 390 39.44 9.81 -6.81
C ASN H 390 38.56 10.57 -7.79
N ASP H 391 38.45 10.10 -9.01
CA ASP H 391 37.58 10.80 -9.96
C ASP H 391 36.11 10.72 -9.57
N ASN H 392 35.71 9.68 -8.83
CA ASN H 392 34.31 9.44 -8.51
C ASN H 392 33.96 9.79 -7.08
N VAL H 393 34.69 10.67 -6.42
CA VAL H 393 34.29 11.17 -5.11
C VAL H 393 34.71 12.62 -4.98
N LEU H 394 33.76 13.44 -4.51
CA LEU H 394 33.98 14.82 -4.20
C LEU H 394 34.00 14.92 -2.68
N LEU H 395 35.05 15.53 -2.15
CA LEU H 395 35.39 15.47 -0.74
C LEU H 395 35.41 16.87 -0.16
N PRO H 396 35.36 17.02 1.16
CA PRO H 396 35.53 18.35 1.76
C PRO H 396 36.87 19.00 1.47
N THR H 397 37.94 18.24 1.30
CA THR H 397 39.22 18.85 1.01
C THR H 397 39.27 19.46 -0.39
N ASP H 398 38.38 19.06 -1.29
CA ASP H 398 38.51 19.46 -2.69
C ASP H 398 38.22 20.94 -2.89
N PRO H 399 39.00 21.66 -3.72
CA PRO H 399 38.59 23.01 -4.11
C PRO H 399 37.39 23.00 -5.04
N ILE H 400 36.63 24.10 -4.99
CA ILE H 400 35.64 24.42 -6.01
C ILE H 400 35.95 25.82 -6.50
N GLY H 401 35.76 26.04 -7.79
CA GLY H 401 36.05 27.33 -8.39
C GLY H 401 37.49 27.76 -8.25
N GLY H 402 38.40 26.81 -8.13
CA GLY H 402 39.81 27.10 -7.98
C GLY H 402 40.24 27.58 -6.62
N LYS H 403 39.34 28.01 -5.77
CA LYS H 403 39.74 28.57 -4.48
C LYS H 403 40.10 27.44 -3.53
N THR H 404 41.32 27.50 -2.99
CA THR H 404 41.83 26.45 -2.12
C THR H 404 41.00 26.26 -0.87
N GLY H 405 40.31 27.30 -0.41
CA GLY H 405 39.69 27.29 0.91
C GLY H 405 38.18 27.16 0.95
N ILE H 406 37.52 27.07 -0.19
CA ILE H 406 36.06 26.99 -0.27
C ILE H 406 35.74 25.62 -0.81
N ASN H 407 34.99 24.84 -0.05
CA ASN H 407 34.71 23.46 -0.36
C ASN H 407 33.33 23.33 -0.97
N TYR H 408 33.00 22.13 -1.43
CA TYR H 408 31.64 21.87 -1.87
C TYR H 408 30.64 22.02 -0.74
N THR H 409 31.08 21.85 0.51
CA THR H 409 30.17 21.98 1.64
C THR H 409 29.52 23.34 1.70
N ASN H 410 30.17 24.37 1.17
CA ASN H 410 29.68 25.73 1.32
C ASN H 410 28.67 26.13 0.27
N ILE H 411 28.56 25.41 -0.84
CA ILE H 411 27.48 25.61 -1.81
C ILE H 411 26.25 24.78 -1.47
N PHE H 412 26.38 23.79 -0.61
CA PHE H 412 25.48 22.65 -0.57
C PHE H 412 24.25 22.92 0.28
N ASN H 413 23.06 22.78 -0.32
CA ASN H 413 21.78 22.86 0.39
C ASN H 413 21.09 21.52 0.22
N THR H 414 20.68 20.92 1.34
CA THR H 414 19.99 19.63 1.34
C THR H 414 18.61 19.69 1.96
N TYR H 415 18.04 20.87 2.12
CA TYR H 415 16.70 20.94 2.63
C TYR H 415 15.75 20.31 1.63
N GLY H 416 14.86 19.49 2.13
CA GLY H 416 13.97 18.72 1.30
C GLY H 416 12.67 18.46 2.00
N PRO H 417 11.72 17.83 1.31
CA PRO H 417 10.46 17.50 1.96
C PRO H 417 10.61 16.47 3.05
N LEU H 418 11.70 15.72 3.07
CA LEU H 418 11.96 14.78 4.16
C LEU H 418 12.64 15.40 5.36
N THR H 419 12.94 16.69 5.37
CA THR H 419 13.71 17.27 6.45
C THR H 419 12.86 17.47 7.70
N ALA H 420 13.49 17.32 8.87
CA ALA H 420 12.85 17.48 10.17
C ALA H 420 13.77 18.25 11.10
N LEU H 421 13.20 19.13 11.93
CA LEU H 421 13.98 20.11 12.67
C LEU H 421 13.28 20.45 13.98
N ASN H 422 14.06 20.99 14.92
CA ASN H 422 13.57 21.42 16.22
C ASN H 422 13.76 22.92 16.39
N ASN H 423 12.85 23.51 17.15
CA ASN H 423 12.76 24.94 17.30
C ASN H 423 13.87 25.46 18.20
N VAL H 424 14.14 26.76 18.11
CA VAL H 424 15.14 27.37 18.96
C VAL H 424 14.60 27.37 20.39
N PRO H 425 15.29 26.77 21.38
CA PRO H 425 14.75 26.79 22.73
C PRO H 425 15.00 28.12 23.40
N PRO H 426 14.64 28.27 24.65
CA PRO H 426 15.04 29.47 25.40
C PRO H 426 16.55 29.59 25.49
N VAL H 427 17.01 30.83 25.62
CA VAL H 427 18.43 31.15 25.84
C VAL H 427 18.47 32.13 27.02
N TYR H 428 18.66 31.60 28.23
CA TYR H 428 18.71 32.45 29.41
C TYR H 428 20.08 33.11 29.52
N PRO H 429 20.17 34.40 29.92
CA PRO H 429 19.15 35.43 30.13
C PRO H 429 18.88 36.30 28.90
N ASN H 430 19.76 36.25 27.90
CA ASN H 430 19.79 37.29 26.86
C ASN H 430 18.85 37.03 25.69
N GLY H 431 18.29 35.84 25.55
CA GLY H 431 17.45 35.54 24.39
C GLY H 431 16.11 36.24 24.43
N GLN H 432 15.46 36.27 23.28
CA GLN H 432 14.13 36.83 23.14
C GLN H 432 13.09 35.79 23.51
N ILE H 433 11.97 36.23 24.08
CA ILE H 433 10.92 35.30 24.51
C ILE H 433 9.94 35.05 23.37
N TRP H 434 9.44 36.10 22.73
CA TRP H 434 8.39 35.98 21.71
C TRP H 434 8.73 36.81 20.49
N ASP H 435 8.04 36.55 19.38
CA ASP H 435 8.31 37.26 18.14
C ASP H 435 7.06 37.27 17.26
N LYS H 436 7.03 38.20 16.30
CA LYS H 436 5.92 38.33 15.37
C LYS H 436 6.14 37.53 14.10
N GLU H 437 5.10 36.83 13.66
CA GLU H 437 5.14 36.19 12.37
C GLU H 437 5.16 37.23 11.27
N PHE H 438 5.92 36.94 10.22
CA PHE H 438 5.98 37.84 9.09
C PHE H 438 4.65 37.91 8.38
N ASP H 439 4.28 39.10 7.92
CA ASP H 439 3.04 39.32 7.19
C ASP H 439 3.26 39.08 5.70
N THR H 440 3.56 37.83 5.37
CA THR H 440 3.72 37.35 4.01
C THR H 440 2.76 36.19 3.80
N ASP H 441 2.39 35.94 2.55
CA ASP H 441 1.41 34.90 2.28
C ASP H 441 1.93 33.52 2.69
N LEU H 442 3.19 33.24 2.39
CA LEU H 442 3.88 32.02 2.81
C LEU H 442 4.84 32.38 3.92
N LYS H 443 4.73 31.71 5.05
CA LYS H 443 5.37 32.16 6.28
C LYS H 443 6.51 31.22 6.68
N PRO H 444 7.52 31.69 7.39
CA PRO H 444 8.65 30.83 7.70
C PRO H 444 8.28 29.81 8.77
N ARG H 445 8.85 28.61 8.65
CA ARG H 445 8.49 27.53 9.55
C ARG H 445 9.08 27.70 10.93
N LEU H 446 10.17 28.44 11.07
CA LEU H 446 10.65 28.79 12.40
C LEU H 446 11.40 30.11 12.33
N HIS H 447 11.56 30.71 13.50
CA HIS H 447 12.33 31.93 13.70
C HIS H 447 13.51 31.62 14.57
N VAL H 448 14.65 32.23 14.26
CA VAL H 448 15.90 31.92 14.94
C VAL H 448 16.22 32.88 16.06
N ASN H 449 15.30 33.77 16.45
CA ASN H 449 15.54 34.64 17.58
C ASN H 449 14.87 34.14 18.85
N ALA H 450 13.65 33.64 18.76
CA ALA H 450 12.80 33.43 19.92
C ALA H 450 12.09 32.09 19.80
N PRO H 451 11.76 31.41 20.91
CA PRO H 451 11.00 30.17 20.77
C PRO H 451 9.60 30.39 20.23
N PHE H 452 8.82 31.25 20.85
CA PHE H 452 7.39 31.32 20.59
C PHE H 452 7.09 32.40 19.56
N VAL H 453 6.25 32.07 18.58
CA VAL H 453 5.95 32.96 17.47
C VAL H 453 4.45 33.22 17.45
N CYS H 454 4.07 34.48 17.60
CA CYS H 454 2.67 34.83 17.71
C CYS H 454 2.03 34.81 16.33
N GLN H 455 0.84 34.23 16.23
CA GLN H 455 0.20 34.02 14.95
C GLN H 455 -0.70 35.20 14.55
N ASN H 456 -1.70 35.51 15.36
CA ASN H 456 -2.64 36.57 15.00
C ASN H 456 -2.00 37.95 15.16
N ASN H 457 -1.73 38.34 16.40
CA ASN H 457 -1.05 39.60 16.70
C ASN H 457 -0.11 39.35 17.86
N CYS H 458 0.92 40.19 17.95
CA CYS H 458 1.87 40.15 19.05
C CYS H 458 1.56 41.22 20.07
N PRO H 459 2.12 41.15 21.28
CA PRO H 459 1.84 42.17 22.29
C PRO H 459 2.24 43.56 21.82
N GLY H 460 1.41 44.54 22.14
CA GLY H 460 1.67 45.91 21.74
C GLY H 460 2.95 46.46 22.33
N GLN H 461 3.78 47.05 21.48
CA GLN H 461 4.96 47.73 21.98
C GLN H 461 4.55 48.93 22.81
N LEU H 462 5.22 49.11 23.94
CA LEU H 462 4.91 50.19 24.88
C LEU H 462 5.88 51.33 24.65
N PHE H 463 5.45 52.36 23.91
CA PHE H 463 6.30 53.51 23.65
C PHE H 463 6.18 54.54 24.75
N VAL H 464 7.29 55.26 25.03
CA VAL H 464 7.37 56.26 26.09
C VAL H 464 8.21 57.45 25.64
N LYS H 465 7.93 58.61 26.25
CA LYS H 465 8.61 59.86 25.92
C LYS H 465 8.33 60.86 27.05
N VAL H 466 9.23 61.84 27.18
CA VAL H 466 9.06 62.97 28.11
C VAL H 466 8.66 64.19 27.28
N ALA H 467 7.63 64.90 27.74
CA ALA H 467 7.08 66.01 26.96
C ALA H 467 8.06 67.19 26.95
N PRO H 468 8.04 68.03 25.90
CA PRO H 468 8.94 69.20 25.89
C PRO H 468 8.64 70.20 26.99
N ASN H 469 9.69 70.55 27.75
CA ASN H 469 9.62 71.58 28.80
C ASN H 469 10.07 72.92 28.21
N LEU H 470 9.17 73.51 27.42
CA LEU H 470 9.52 74.69 26.62
C LEU H 470 9.82 75.90 27.49
N THR H 471 10.80 76.68 27.05
CA THR H 471 11.12 77.95 27.68
C THR H 471 10.14 79.03 27.24
N ASN H 472 10.13 80.14 27.99
CA ASN H 472 9.43 81.33 27.55
C ASN H 472 10.09 81.98 26.32
N GLU H 473 11.39 81.72 26.09
CA GLU H 473 12.11 82.35 25.00
C GLU H 473 11.73 81.79 23.64
N TYR H 474 11.34 80.51 23.59
CA TYR H 474 10.98 79.85 22.34
C TYR H 474 9.60 80.32 21.86
N ASP H 475 9.45 80.41 20.54
CA ASP H 475 8.13 80.47 19.92
C ASP H 475 8.19 79.75 18.58
N PRO H 476 7.05 79.25 18.07
CA PRO H 476 7.10 78.36 16.89
C PRO H 476 7.66 78.99 15.62
N ASP H 477 7.75 80.31 15.51
CA ASP H 477 8.32 80.92 14.31
C ASP H 477 9.83 80.80 14.24
N ALA H 478 10.49 80.36 15.30
CA ALA H 478 11.95 80.32 15.33
C ALA H 478 12.48 79.30 14.32
N SER H 479 13.57 79.67 13.65
CA SER H 479 14.28 78.74 12.76
C SER H 479 15.12 77.73 13.51
N ALA H 480 15.53 78.04 14.74
CA ALA H 480 16.37 77.15 15.53
C ALA H 480 15.53 76.06 16.20
N ASN H 481 16.22 75.08 16.77
CA ASN H 481 15.54 74.04 17.52
C ASN H 481 14.89 74.64 18.77
N MET H 482 13.87 73.95 19.27
CA MET H 482 13.08 74.49 20.38
C MET H 482 13.91 74.51 21.67
N SER H 483 14.00 75.70 22.27
CA SER H 483 14.73 75.87 23.52
C SER H 483 13.90 75.33 24.68
N ARG H 484 14.49 74.43 25.48
CA ARG H 484 13.79 73.70 26.51
C ARG H 484 14.58 73.69 27.81
N ILE H 485 13.84 73.67 28.92
CA ILE H 485 14.47 73.43 30.21
C ILE H 485 14.98 71.99 30.21
N VAL H 486 16.20 71.80 30.71
CA VAL H 486 16.77 70.46 30.80
C VAL H 486 15.93 69.66 31.78
N THR H 487 15.41 68.53 31.32
CA THR H 487 14.34 67.80 31.99
C THR H 487 14.59 66.31 31.88
N TYR H 488 14.18 65.57 32.92
CA TYR H 488 14.20 64.13 32.88
C TYR H 488 13.08 63.61 33.77
N SER H 489 12.79 62.32 33.60
CA SER H 489 11.73 61.65 34.36
C SER H 489 12.17 60.24 34.69
N ASP H 490 11.53 59.66 35.70
CA ASP H 490 11.69 58.25 36.00
C ASP H 490 10.35 57.70 36.44
N PHE H 491 10.13 56.41 36.18
CA PHE H 491 8.91 55.74 36.55
C PHE H 491 9.20 54.27 36.77
N TRP H 492 8.48 53.69 37.72
CA TRP H 492 8.56 52.25 37.92
C TRP H 492 7.69 51.54 36.89
N TRP H 493 8.31 50.63 36.15
CA TRP H 493 7.60 49.69 35.30
C TRP H 493 7.29 48.44 36.11
N LYS H 494 6.12 47.84 35.84
CA LYS H 494 5.77 46.53 36.36
C LYS H 494 5.05 45.76 35.27
N GLY H 495 5.18 44.44 35.33
CA GLY H 495 4.34 43.58 34.52
C GLY H 495 4.29 42.18 35.10
N LYS H 496 3.51 41.33 34.45
CA LYS H 496 3.43 39.93 34.83
C LYS H 496 3.32 39.11 33.57
N LEU H 497 4.14 38.08 33.44
CA LEU H 497 4.18 37.22 32.27
C LEU H 497 3.80 35.82 32.71
N VAL H 498 2.72 35.29 32.15
CA VAL H 498 2.09 34.06 32.61
C VAL H 498 2.46 32.94 31.65
N PHE H 499 3.14 31.93 32.16
CA PHE H 499 3.48 30.72 31.43
C PHE H 499 2.63 29.57 31.94
N LYS H 500 2.70 28.46 31.22
CA LYS H 500 2.06 27.22 31.59
C LYS H 500 2.97 26.10 31.14
N ALA H 501 2.98 25.00 31.89
CA ALA H 501 4.03 24.01 31.65
C ALA H 501 3.66 22.67 32.25
N LYS H 502 4.38 21.63 31.82
CA LYS H 502 4.10 20.23 32.14
C LYS H 502 5.34 19.56 32.70
N LEU H 503 5.18 18.88 33.84
CA LEU H 503 6.31 18.30 34.53
C LEU H 503 6.86 17.10 33.79
N ARG H 504 8.12 16.78 34.07
CA ARG H 504 8.76 15.60 33.53
C ARG H 504 8.45 14.36 34.39
N ALA H 505 8.98 13.21 33.96
CA ALA H 505 8.75 11.95 34.64
C ALA H 505 9.97 11.05 34.51
N SER H 506 10.04 10.03 35.39
CA SER H 506 11.19 9.14 35.52
C SER H 506 11.18 7.97 34.54
N HIS H 507 11.12 8.23 33.23
CA HIS H 507 11.04 7.12 32.27
C HIS H 507 12.36 6.37 32.15
N THR H 508 13.48 7.08 32.10
CA THR H 508 14.77 6.42 32.01
C THR H 508 15.13 5.71 33.32
N TRP H 509 15.89 4.64 33.20
CA TRP H 509 16.57 4.09 34.37
C TRP H 509 17.64 5.04 34.86
N ASN H 510 18.46 5.56 33.94
CA ASN H 510 19.57 6.42 34.31
C ASN H 510 19.06 7.82 34.69
N PRO H 511 19.85 8.61 35.41
CA PRO H 511 19.50 10.02 35.59
C PRO H 511 19.83 10.85 34.36
N ILE H 512 19.22 12.04 34.30
CA ILE H 512 19.38 12.98 33.18
C ILE H 512 20.25 14.16 33.59
N GLN H 513 20.63 14.99 32.63
CA GLN H 513 21.34 16.22 32.97
C GLN H 513 20.40 17.20 33.65
N GLN H 514 20.93 17.96 34.60
CA GLN H 514 20.17 19.00 35.30
C GLN H 514 21.02 20.24 35.47
N MET H 515 20.36 21.40 35.42
CA MET H 515 21.03 22.65 35.76
C MET H 515 21.35 22.62 37.25
N SER H 516 22.59 22.94 37.59
CA SER H 516 23.09 22.75 38.94
C SER H 516 24.15 23.78 39.28
N ILE H 517 24.23 24.13 40.56
CA ILE H 517 25.38 24.83 41.10
C ILE H 517 26.40 23.79 41.56
N ASN H 518 27.67 24.16 41.51
CA ASN H 518 28.74 23.28 41.95
C ASN H 518 29.91 24.14 42.39
N VAL H 519 30.90 23.48 42.99
CA VAL H 519 32.05 24.20 43.56
C VAL H 519 32.81 24.96 42.49
N ASP H 520 32.81 24.47 41.26
CA ASP H 520 33.54 25.13 40.19
C ASP H 520 32.86 26.42 39.74
N ASN H 521 31.52 26.44 39.72
CA ASN H 521 30.74 27.56 39.18
C ASN H 521 30.01 28.40 40.23
N GLN H 522 30.12 28.05 41.52
CA GLN H 522 29.30 28.67 42.57
C GLN H 522 29.46 30.19 42.63
N PHE H 523 30.68 30.68 42.40
CA PHE H 523 30.97 32.10 42.60
C PHE H 523 30.25 32.99 41.60
N ASN H 524 29.75 32.44 40.49
CA ASN H 524 29.04 33.26 39.50
C ASN H 524 27.65 33.69 39.97
N TYR H 525 27.07 33.00 40.96
CA TYR H 525 25.67 33.18 41.32
C TYR H 525 25.45 33.91 42.64
N VAL H 526 26.49 34.49 43.25
CA VAL H 526 26.40 35.17 44.55
C VAL H 526 27.03 36.56 44.43
N PRO H 527 26.56 37.58 45.15
CA PRO H 527 27.10 38.93 44.95
C PRO H 527 28.55 39.06 45.40
N SER H 528 29.26 39.98 44.77
CA SER H 528 30.64 40.27 45.12
C SER H 528 30.71 41.05 46.44
N ASN H 529 31.90 41.07 47.02
CA ASN H 529 32.13 41.88 48.21
C ASN H 529 31.93 43.36 47.93
N ILE H 530 32.27 43.81 46.72
CA ILE H 530 32.01 45.19 46.32
C ILE H 530 30.51 45.47 46.15
N GLY H 531 29.69 44.42 46.00
CA GLY H 531 28.26 44.56 45.78
C GLY H 531 27.82 44.34 44.35
N GLY H 532 28.77 44.24 43.40
CA GLY H 532 28.42 43.99 42.02
C GLY H 532 28.01 42.55 41.78
N MET H 533 27.43 42.33 40.59
CA MET H 533 26.80 41.04 40.26
C MET H 533 26.93 40.77 38.77
N LYS H 534 26.68 39.52 38.40
CA LYS H 534 26.66 39.06 37.03
C LYS H 534 25.48 38.12 36.82
N ILE H 535 25.21 37.80 35.56
CA ILE H 535 24.37 36.65 35.19
C ILE H 535 25.10 35.91 34.09
N VAL H 536 25.32 34.62 34.29
CA VAL H 536 25.93 33.73 33.31
C VAL H 536 24.83 33.05 32.51
N TYR H 537 25.11 32.77 31.24
CA TYR H 537 24.13 32.12 30.39
C TYR H 537 23.95 30.66 30.80
N GLU H 538 22.76 30.13 30.51
CA GLU H 538 22.36 28.79 30.91
C GLU H 538 21.70 28.08 29.74
N LYS H 539 22.00 26.79 29.59
CA LYS H 539 21.44 25.98 28.52
C LYS H 539 20.06 25.48 28.92
N SER H 540 19.07 25.68 28.04
CA SER H 540 17.68 25.45 28.41
C SER H 540 17.30 23.97 28.36
N GLN H 541 17.54 23.32 27.22
CA GLN H 541 17.09 21.94 27.04
C GLN H 541 17.99 20.98 27.81
N LEU H 542 17.39 20.12 28.63
CA LEU H 542 18.13 19.16 29.46
C LEU H 542 17.84 17.71 29.11
N ALA H 543 16.58 17.27 29.18
CA ALA H 543 16.31 15.85 29.11
C ALA H 543 16.41 15.35 27.67
N PRO H 544 16.91 14.12 27.43
CA PRO H 544 16.85 13.57 26.07
C PRO H 544 15.44 13.19 25.68
N ARG H 545 15.15 13.27 24.38
CA ARG H 545 13.80 13.10 23.83
C ARG H 545 13.77 12.01 22.77
N LYS H 546 12.59 11.38 22.66
CA LYS H 546 12.39 10.16 21.90
C LYS H 546 11.89 10.54 20.50
N LEU H 547 12.85 10.76 19.62
CA LEU H 547 12.54 11.18 18.26
C LEU H 547 11.69 10.16 17.52
N TYR H 548 11.89 8.88 17.82
CA TYR H 548 11.25 7.83 17.04
C TYR H 548 11.23 6.49 17.77
N LEU I 32 -14.72 -52.79 45.47
CA LEU I 32 -14.09 -52.28 44.21
C LEU I 32 -14.37 -53.22 43.05
N VAL I 33 -14.64 -52.63 41.88
CA VAL I 33 -14.83 -53.36 40.63
C VAL I 33 -13.62 -53.09 39.75
N HIS I 34 -13.21 -54.10 39.00
CA HIS I 34 -11.99 -54.06 38.19
C HIS I 34 -12.28 -54.59 36.79
N LEU I 35 -11.58 -54.04 35.80
CA LEU I 35 -11.85 -54.36 34.40
C LEU I 35 -10.57 -54.23 33.59
N ASN I 36 -10.51 -54.95 32.46
CA ASN I 36 -9.37 -54.95 31.55
C ASN I 36 -9.86 -54.89 30.11
N MET I 37 -8.91 -54.68 29.20
CA MET I 37 -9.23 -54.70 27.78
C MET I 37 -9.71 -56.09 27.38
N PRO I 38 -10.69 -56.22 26.46
CA PRO I 38 -11.06 -57.56 25.98
C PRO I 38 -9.92 -58.23 25.22
N GLU I 39 -9.98 -59.56 25.15
CA GLU I 39 -8.96 -60.32 24.45
C GLU I 39 -8.94 -59.99 22.96
N SER I 40 -10.09 -59.66 22.38
CA SER I 40 -10.15 -59.14 21.03
C SER I 40 -11.40 -58.27 20.91
N GLU I 41 -11.36 -57.34 19.96
CA GLU I 41 -12.47 -56.42 19.74
C GLU I 41 -13.66 -57.06 19.03
N ASN I 42 -13.54 -58.30 18.56
CA ASN I 42 -14.56 -58.90 17.71
C ASN I 42 -15.68 -59.56 18.51
N TYR I 43 -16.87 -59.55 17.92
CA TYR I 43 -17.89 -60.52 18.28
C TYR I 43 -17.57 -61.84 17.58
N ARG I 44 -17.82 -62.96 18.26
CA ARG I 44 -17.27 -64.26 17.86
C ARG I 44 -18.29 -65.36 18.05
N ARG I 45 -18.00 -66.50 17.40
CA ARG I 45 -18.80 -67.71 17.44
C ARG I 45 -17.93 -68.87 17.91
N VAL I 46 -18.56 -69.87 18.55
CA VAL I 46 -17.89 -71.11 18.94
C VAL I 46 -18.73 -72.28 18.44
N VAL I 47 -18.05 -73.30 17.93
CA VAL I 47 -18.69 -74.51 17.40
C VAL I 47 -17.94 -75.73 17.92
N GLN I 68 -21.70 -69.59 23.80
CA GLN I 68 -21.49 -70.23 22.46
C GLN I 68 -21.21 -69.13 21.45
N ILE I 69 -22.15 -68.21 21.31
CA ILE I 69 -21.86 -66.88 20.78
C ILE I 69 -21.32 -66.05 21.93
N VAL I 70 -20.31 -65.22 21.65
CA VAL I 70 -19.60 -64.46 22.69
C VAL I 70 -19.35 -63.04 22.20
N THR I 71 -19.34 -62.11 23.17
CA THR I 71 -19.34 -60.67 22.97
C THR I 71 -18.13 -60.03 23.65
N PRO I 72 -17.50 -58.98 23.08
CA PRO I 72 -16.36 -58.38 23.77
C PRO I 72 -16.74 -57.56 25.00
N TRP I 73 -17.94 -56.98 25.04
CA TRP I 73 -18.38 -56.26 26.22
C TRP I 73 -18.56 -57.22 27.39
N SER I 74 -18.40 -56.68 28.61
CA SER I 74 -18.51 -57.46 29.83
C SER I 74 -19.78 -57.10 30.58
N LEU I 75 -20.60 -58.12 30.88
CA LEU I 75 -21.78 -57.94 31.70
C LEU I 75 -21.38 -57.63 33.13
N VAL I 76 -22.09 -56.69 33.75
CA VAL I 76 -21.90 -56.36 35.17
C VAL I 76 -22.83 -57.22 36.00
N ILE I 109 -22.30 -46.24 38.62
CA ILE I 109 -20.81 -46.34 38.66
C ILE I 109 -20.28 -44.97 39.08
N PHE I 110 -19.28 -44.96 39.96
CA PHE I 110 -18.67 -43.72 40.41
C PHE I 110 -17.23 -43.96 40.80
N ASN I 111 -16.44 -42.88 40.82
CA ASN I 111 -15.03 -42.90 41.18
C ASN I 111 -14.24 -43.85 40.27
N VAL I 112 -14.33 -43.60 38.97
CA VAL I 112 -13.63 -44.42 37.98
C VAL I 112 -12.16 -44.03 37.96
N VAL I 113 -11.29 -45.03 37.74
CA VAL I 113 -9.85 -44.84 37.59
C VAL I 113 -9.39 -45.67 36.40
N LEU I 114 -8.38 -45.15 35.70
CA LEU I 114 -7.81 -45.77 34.51
C LEU I 114 -6.29 -45.72 34.62
N LYS I 115 -5.62 -46.80 34.18
CA LYS I 115 -4.18 -46.91 34.25
C LYS I 115 -3.65 -47.72 33.08
N THR I 116 -2.35 -47.59 32.84
CA THR I 116 -1.67 -48.26 31.74
C THR I 116 -0.31 -48.74 32.21
N VAL I 117 0.25 -49.69 31.47
CA VAL I 117 1.50 -50.38 31.82
C VAL I 117 2.59 -49.94 30.85
N SER I 118 3.79 -49.73 31.39
CA SER I 118 4.99 -49.48 30.59
C SER I 118 6.12 -50.41 31.05
N GLU I 119 7.07 -50.64 30.14
CA GLU I 119 8.24 -51.47 30.42
C GLU I 119 9.48 -50.84 29.80
N THR I 126 11.74 -53.68 34.50
CA THR I 126 10.49 -54.13 35.19
C THR I 126 9.34 -53.21 34.83
N LYS I 127 8.12 -53.62 35.17
CA LYS I 127 6.93 -52.88 34.77
C LYS I 127 6.81 -51.58 35.55
N VAL I 128 6.23 -50.57 34.89
CA VAL I 128 5.87 -49.30 35.49
C VAL I 128 4.45 -48.97 35.07
N TYR I 129 3.67 -48.45 36.01
CA TYR I 129 2.25 -48.15 35.81
C TYR I 129 2.06 -46.64 35.73
N ASN I 130 1.36 -46.19 34.68
CA ASN I 130 1.15 -44.78 34.38
C ASN I 130 -0.33 -44.45 34.28
N LEU I 137 -13.53 -45.15 30.56
CA LEU I 137 -14.43 -46.33 30.70
C LEU I 137 -15.67 -46.17 29.82
N MET I 138 -16.05 -47.26 29.17
CA MET I 138 -17.25 -47.33 28.33
C MET I 138 -18.33 -48.05 29.12
N VAL I 139 -19.55 -47.48 29.12
CA VAL I 139 -20.68 -48.00 29.86
C VAL I 139 -21.88 -48.05 28.93
N ALA I 140 -22.67 -49.12 29.04
CA ALA I 140 -23.86 -49.33 28.22
C ALA I 140 -24.95 -49.93 29.10
N LEU I 141 -25.84 -49.08 29.61
CA LEU I 141 -26.99 -49.53 30.38
C LEU I 141 -28.07 -49.98 29.41
N ASP I 142 -28.34 -51.28 29.39
CA ASP I 142 -29.40 -51.86 28.55
C ASP I 142 -30.71 -51.85 29.33
N SER I 143 -31.32 -50.66 29.38
CA SER I 143 -32.48 -50.45 30.23
C SER I 143 -33.68 -51.31 29.82
N ASN I 144 -33.89 -51.49 28.52
CA ASN I 144 -34.99 -52.32 28.02
C ASN I 144 -34.62 -53.80 27.91
N ASN I 145 -33.41 -54.20 28.31
CA ASN I 145 -32.98 -55.59 28.26
C ASN I 145 -33.05 -56.15 26.85
N THR I 146 -32.66 -55.31 25.88
CA THR I 146 -32.69 -55.72 24.47
C THR I 146 -31.78 -56.90 24.21
N MET I 147 -30.63 -56.95 24.88
CA MET I 147 -29.63 -57.97 24.61
C MET I 147 -30.12 -59.31 25.16
N PRO I 148 -30.25 -60.37 24.32
CA PRO I 148 -30.96 -61.55 24.82
C PRO I 148 -30.15 -62.37 25.82
N ILE I 168 -17.15 -59.79 39.98
CA ILE I 168 -16.59 -58.83 39.00
C ILE I 168 -17.28 -59.06 37.64
N PRO I 169 -17.28 -58.08 36.73
CA PRO I 169 -17.90 -58.32 35.42
C PRO I 169 -17.12 -59.34 34.62
N THR I 170 -17.78 -59.92 33.62
CA THR I 170 -17.21 -60.96 32.77
C THR I 170 -17.75 -60.82 31.35
N PRO I 171 -17.01 -61.26 30.32
CA PRO I 171 -17.55 -61.18 28.94
C PRO I 171 -18.86 -61.94 28.76
N TRP I 172 -19.78 -61.32 28.04
CA TRP I 172 -21.13 -61.85 27.86
C TRP I 172 -21.19 -62.82 26.67
N ARG I 173 -22.17 -63.73 26.71
CA ARG I 173 -22.29 -64.79 25.73
C ARG I 173 -23.75 -65.21 25.59
N TYR I 174 -24.10 -65.75 24.41
CA TYR I 174 -25.40 -66.38 24.18
C TYR I 174 -25.23 -67.45 23.10
N TYR I 175 -26.35 -67.90 22.52
CA TYR I 175 -26.40 -69.11 21.70
C TYR I 175 -27.01 -68.85 20.34
N PHE I 176 -26.54 -69.62 19.36
CA PHE I 176 -27.08 -69.60 18.01
C PHE I 176 -28.53 -70.07 18.00
N GLN I 177 -29.39 -69.29 17.36
CA GLN I 177 -30.74 -69.76 17.04
C GLN I 177 -30.68 -70.56 15.74
N THR I 200 -31.79 -68.83 12.53
CA THR I 200 -32.30 -69.60 11.36
C THR I 200 -33.70 -69.18 10.94
N ASP I 201 -34.64 -69.22 11.88
CA ASP I 201 -36.03 -69.13 11.53
C ASP I 201 -36.48 -67.67 11.36
N PRO I 202 -37.48 -67.38 10.51
CA PRO I 202 -38.00 -66.02 10.43
C PRO I 202 -38.62 -65.58 11.75
N ASP I 203 -38.46 -64.29 12.06
CA ASP I 203 -38.88 -63.67 13.32
C ASP I 203 -38.17 -64.23 14.55
N ASP I 204 -37.09 -64.99 14.37
CA ASP I 204 -36.35 -65.62 15.45
C ASP I 204 -34.84 -65.46 15.32
N VAL I 205 -34.35 -64.72 14.32
CA VAL I 205 -32.92 -64.47 14.16
C VAL I 205 -32.49 -63.47 15.22
N GLN I 206 -31.58 -63.88 16.11
CA GLN I 206 -31.14 -63.07 17.24
C GLN I 206 -29.91 -62.25 16.87
N PHE I 207 -30.13 -61.35 15.91
CA PHE I 207 -29.08 -60.50 15.35
C PHE I 207 -28.90 -59.26 16.24
N TYR I 208 -27.81 -59.21 17.00
CA TYR I 208 -27.58 -58.13 17.96
C TYR I 208 -26.10 -57.82 18.12
N THR I 209 -25.81 -56.55 18.40
CA THR I 209 -24.55 -56.09 18.97
C THR I 209 -24.87 -54.99 19.98
N ILE I 210 -23.97 -54.79 20.94
CA ILE I 210 -24.17 -53.73 21.93
C ILE I 210 -24.24 -52.36 21.25
N GLU I 211 -23.37 -52.14 20.25
CA GLU I 211 -23.28 -50.81 19.63
C GLU I 211 -24.58 -50.45 18.92
N ASN I 212 -25.18 -51.42 18.23
CA ASN I 212 -26.46 -51.17 17.57
C ASN I 212 -27.61 -51.18 18.56
N SER I 213 -27.53 -52.02 19.60
CA SER I 213 -28.68 -52.23 20.47
C SER I 213 -28.84 -51.16 21.55
N VAL I 214 -27.72 -50.63 22.07
CA VAL I 214 -27.72 -49.84 23.30
C VAL I 214 -26.98 -48.52 23.08
N PRO I 215 -27.45 -47.38 23.61
CA PRO I 215 -26.56 -46.22 23.73
C PRO I 215 -25.39 -46.50 24.65
N VAL I 216 -24.24 -45.92 24.30
CA VAL I 216 -23.00 -46.04 25.08
C VAL I 216 -22.67 -44.68 25.67
N HIS I 217 -22.24 -44.67 26.93
CA HIS I 217 -21.75 -43.47 27.61
C HIS I 217 -20.29 -43.67 28.00
N LEU I 218 -19.50 -42.61 27.84
CA LEU I 218 -18.10 -42.60 28.21
C LEU I 218 -17.92 -41.77 29.47
N LEU I 219 -17.21 -42.35 30.45
CA LEU I 219 -16.91 -41.68 31.71
C LEU I 219 -15.45 -41.25 31.70
N ARG I 220 -15.21 -39.97 31.97
CA ARG I 220 -13.88 -39.37 31.83
C ARG I 220 -13.07 -39.50 33.12
N GLY I 460 -32.03 -53.96 35.60
CA GLY I 460 -31.76 -53.88 34.14
C GLY I 460 -30.36 -54.34 33.77
N GLN I 461 -30.22 -54.90 32.57
CA GLN I 461 -28.93 -55.36 32.09
C GLN I 461 -27.96 -54.20 31.90
N LEU I 462 -26.70 -54.43 32.26
CA LEU I 462 -25.66 -53.40 32.21
C LEU I 462 -24.36 -54.02 31.71
N PHE I 463 -23.66 -53.30 30.84
CA PHE I 463 -22.42 -53.77 30.22
C PHE I 463 -21.36 -52.67 30.28
N VAL I 464 -20.09 -53.09 30.26
CA VAL I 464 -18.94 -52.19 30.34
C VAL I 464 -17.84 -52.67 29.40
N LYS I 465 -16.96 -51.72 29.05
CA LYS I 465 -15.83 -52.00 28.17
C LYS I 465 -14.76 -50.93 28.41
N VAL I 466 -13.51 -51.29 28.11
CA VAL I 466 -12.38 -50.36 28.12
C VAL I 466 -12.11 -49.92 26.69
N ALA I 467 -11.94 -48.62 26.49
CA ALA I 467 -11.79 -48.10 25.13
C ALA I 467 -10.45 -48.52 24.52
N PRO I 468 -10.36 -48.58 23.15
CA PRO I 468 -9.05 -48.86 22.54
C PRO I 468 -8.06 -47.71 22.64
N ASN I 469 -7.01 -47.89 23.46
CA ASN I 469 -5.88 -46.96 23.50
C ASN I 469 -4.89 -47.34 22.39
N LEU I 470 -5.24 -46.94 21.17
CA LEU I 470 -4.41 -47.25 20.01
C LEU I 470 -3.05 -46.56 20.10
N THR I 471 -2.03 -47.23 19.58
CA THR I 471 -0.74 -46.63 19.34
C THR I 471 -0.80 -45.82 18.04
N ASN I 472 0.34 -45.26 17.65
CA ASN I 472 0.49 -44.67 16.32
C ASN I 472 0.41 -45.69 15.18
N GLU I 473 0.52 -46.99 15.48
CA GLU I 473 0.73 -48.01 14.46
C GLU I 473 -0.55 -48.52 13.80
N TYR I 474 -1.73 -48.16 14.31
CA TYR I 474 -2.97 -48.74 13.81
C TYR I 474 -3.28 -48.28 12.39
N ASP I 475 -3.88 -49.19 11.61
CA ASP I 475 -4.60 -48.81 10.41
C ASP I 475 -5.78 -49.76 10.25
N PRO I 476 -6.85 -49.36 9.55
CA PRO I 476 -7.96 -50.31 9.32
C PRO I 476 -7.77 -51.23 8.12
N ASP I 477 -6.78 -50.98 7.26
CA ASP I 477 -6.65 -51.79 6.05
C ASP I 477 -6.08 -53.16 6.33
N ALA I 478 -5.17 -53.27 7.30
CA ALA I 478 -4.64 -54.58 7.68
C ALA I 478 -5.71 -55.41 8.36
N SER I 479 -5.72 -56.71 8.07
CA SER I 479 -6.64 -57.66 8.70
C SER I 479 -6.11 -58.21 10.03
N ALA I 480 -4.88 -57.89 10.42
CA ALA I 480 -4.34 -58.36 11.69
C ALA I 480 -4.95 -57.56 12.85
N ASN I 481 -4.71 -58.06 14.07
CA ASN I 481 -5.24 -57.42 15.26
C ASN I 481 -4.58 -56.06 15.49
N MET I 482 -5.29 -55.19 16.22
CA MET I 482 -4.87 -53.82 16.43
C MET I 482 -3.78 -53.73 17.51
N SER I 483 -2.99 -52.65 17.42
CA SER I 483 -1.94 -52.35 18.38
C SER I 483 -2.51 -51.46 19.48
N ARG I 484 -2.74 -52.04 20.66
CA ARG I 484 -3.29 -51.34 21.82
C ARG I 484 -2.23 -51.17 22.90
N ILE I 485 -2.24 -50.01 23.56
CA ILE I 485 -1.46 -49.82 24.77
C ILE I 485 -2.13 -50.61 25.88
N VAL I 486 -1.31 -51.31 26.67
CA VAL I 486 -1.83 -52.15 27.76
C VAL I 486 -2.51 -51.26 28.79
N THR I 487 -3.77 -51.57 29.09
CA THR I 487 -4.65 -50.68 29.83
C THR I 487 -5.50 -51.50 30.81
N TYR I 488 -5.80 -50.90 31.97
CA TYR I 488 -6.72 -51.49 32.92
C TYR I 488 -7.40 -50.39 33.72
N SER I 489 -8.51 -50.74 34.36
CA SER I 489 -9.39 -49.76 35.01
C SER I 489 -10.06 -50.39 36.22
N ASP I 490 -10.55 -49.52 37.11
CA ASP I 490 -11.33 -49.95 38.26
C ASP I 490 -12.32 -48.85 38.64
N PHE I 491 -13.38 -49.23 39.34
CA PHE I 491 -14.41 -48.27 39.73
C PHE I 491 -15.23 -48.86 40.87
N TRP I 492 -16.14 -48.04 41.39
CA TRP I 492 -16.99 -48.37 42.52
C TRP I 492 -18.46 -48.38 42.10
N TRP I 493 -19.27 -49.11 42.88
CA TRP I 493 -20.59 -49.56 42.46
C TRP I 493 -21.67 -49.04 43.39
N LYS I 494 -22.84 -48.77 42.81
CA LYS I 494 -24.05 -48.42 43.56
C LYS I 494 -25.27 -49.01 42.86
N SER J 30 -3.94 -25.90 63.98
CA SER J 30 -3.91 -27.36 63.71
C SER J 30 -2.48 -27.84 63.57
N ARG J 31 -2.30 -29.10 63.19
CA ARG J 31 -0.97 -29.69 63.07
C ARG J 31 -0.98 -30.76 62.00
N LEU J 32 0.17 -30.87 61.32
CA LEU J 32 0.34 -31.79 60.20
C LEU J 32 0.34 -33.24 60.69
N VAL J 33 -0.33 -34.09 59.90
CA VAL J 33 -0.45 -35.52 60.16
C VAL J 33 -0.08 -36.24 58.88
N HIS J 34 0.52 -37.43 59.02
CA HIS J 34 0.98 -38.25 57.92
C HIS J 34 0.44 -39.66 58.04
N LEU J 35 0.04 -40.24 56.90
CA LEU J 35 -0.56 -41.57 56.84
C LEU J 35 0.05 -42.35 55.69
N ASN J 36 0.28 -43.65 55.91
CA ASN J 36 0.60 -44.61 54.87
C ASN J 36 -0.55 -45.60 54.75
N MET J 37 -1.04 -45.79 53.53
CA MET J 37 -2.22 -46.62 53.32
C MET J 37 -1.85 -48.10 53.24
N LEU J 114 -3.31 -39.78 47.45
CA LEU J 114 -2.77 -38.40 47.31
C LEU J 114 -1.38 -38.41 46.68
N LYS J 115 -0.48 -39.18 47.28
CA LYS J 115 0.92 -39.23 46.89
C LYS J 115 1.39 -40.69 46.82
N THR J 116 2.49 -40.90 46.10
CA THR J 116 2.99 -42.23 45.81
C THR J 116 4.51 -42.24 45.76
N VAL J 117 5.07 -43.43 45.92
CA VAL J 117 6.49 -43.71 45.71
C VAL J 117 6.60 -44.96 44.87
N SER J 118 7.58 -45.01 43.97
CA SER J 118 7.82 -46.15 43.11
C SER J 118 9.31 -46.41 42.99
N GLU J 119 9.64 -47.58 42.45
CA GLU J 119 11.03 -47.96 42.19
C GLU J 119 11.12 -48.70 40.85
N THR J 126 16.65 -46.86 41.96
CA THR J 126 16.39 -45.65 42.80
C THR J 126 14.90 -45.33 42.82
N LYS J 127 14.48 -44.50 43.77
CA LYS J 127 13.06 -44.24 43.98
C LYS J 127 12.54 -43.19 43.01
N VAL J 128 11.24 -43.26 42.74
CA VAL J 128 10.52 -42.31 41.89
C VAL J 128 9.24 -41.91 42.61
N TYR J 129 8.84 -40.66 42.44
CA TYR J 129 7.73 -40.06 43.20
C TYR J 129 6.69 -39.48 42.25
N TRP J 164 6.66 -31.16 66.54
CA TRP J 164 6.43 -30.19 65.41
C TRP J 164 6.30 -30.95 64.08
N LYS J 165 6.97 -32.10 63.97
CA LYS J 165 6.95 -32.97 62.80
C LYS J 165 5.53 -33.49 62.53
N PRO J 166 5.27 -34.11 61.35
CA PRO J 166 3.93 -34.65 61.08
C PRO J 166 3.46 -35.70 62.07
N VAL J 466 -13.04 -43.22 52.47
CA VAL J 466 -11.61 -43.62 52.27
C VAL J 466 -11.56 -45.12 51.99
N ALA J 467 -10.80 -45.50 50.97
CA ALA J 467 -10.61 -46.91 50.63
C ALA J 467 -9.27 -47.07 49.91
N PRO J 468 -8.68 -48.27 49.92
CA PRO J 468 -7.36 -48.43 49.29
C PRO J 468 -7.39 -48.26 47.76
N ASN J 469 -6.21 -48.03 47.22
CA ASN J 469 -5.95 -48.03 45.78
C ASN J 469 -5.18 -49.29 45.42
N LEU J 470 -5.53 -49.91 44.29
CA LEU J 470 -4.98 -51.21 43.87
C LEU J 470 -4.60 -51.19 42.40
N THR J 471 -3.54 -51.93 42.07
CA THR J 471 -3.03 -52.05 40.71
C THR J 471 -3.66 -53.27 40.03
N ASN J 472 -3.27 -53.50 38.78
CA ASN J 472 -3.53 -54.75 38.09
C ASN J 472 -2.95 -55.92 38.89
N ILE J 485 3.91 -50.30 44.60
CA ILE J 485 3.81 -48.82 44.70
C ILE J 485 3.28 -48.47 46.08
N VAL J 486 4.06 -47.68 46.82
CA VAL J 486 3.61 -47.14 48.09
C VAL J 486 2.56 -46.07 47.81
N THR J 487 1.49 -46.09 48.61
CA THR J 487 0.45 -45.07 48.58
C THR J 487 0.41 -44.41 49.94
N TYR J 488 0.45 -43.08 49.97
CA TYR J 488 0.54 -42.36 51.23
C TYR J 488 -0.08 -40.97 51.09
N SER J 489 -0.20 -40.30 52.24
CA SER J 489 -0.82 -38.98 52.32
C SER J 489 -0.24 -38.23 53.51
N ASP J 490 -0.39 -36.91 53.48
CA ASP J 490 -0.17 -36.09 54.66
C ASP J 490 -1.06 -34.85 54.56
N PHE J 491 -1.48 -34.34 55.72
CA PHE J 491 -2.50 -33.30 55.76
C PHE J 491 -2.45 -32.58 57.10
N TRP J 492 -2.77 -31.29 57.07
CA TRP J 492 -3.03 -30.56 58.29
C TRP J 492 -4.39 -30.95 58.83
N TRP J 493 -4.45 -31.31 60.12
CA TRP J 493 -5.58 -32.01 60.69
C TRP J 493 -6.86 -31.18 60.58
N LYS J 494 -7.92 -31.82 60.07
CA LYS J 494 -9.18 -31.16 59.73
C LYS J 494 -9.82 -30.47 60.94
#